data_7O9U
#
_entry.id   7O9U
#
loop_
_entity.id
_entity.type
_entity.pdbx_description
1 polymer 'Cytochrome c552'
2 non-polymer 'HEME C'
#
_entity_poly.entity_id   1
_entity_poly.type   'polypeptide(L)'
_entity_poly.pdbx_seq_one_letter_code
;MDIGINSDPHPPHHHDHHGHGSGWEVPEAEIHRENPIPPDARSLDQGGVLYAEHCVRCHGETLRGDGPDAHDLDPPVADL
VEHAPHHSDGDLAYRVRIGRGPMPGFGDALDERDIWDLVNFMRDRAQGAALAGTNGHSPDHAAGDHHHGDHHH
;
_entity_poly.pdbx_strand_id   A
#
loop_
_chem_comp.id
_chem_comp.type
_chem_comp.name
_chem_comp.formula
HEC non-polymer 'HEME C' 'C34 H34 Fe N4 O4'
#
# COMPACT_ATOMS: atom_id res chain seq x y z
N MET A 1 7.11 -18.43 56.10
CA MET A 1 7.95 -17.87 57.18
C MET A 1 8.56 -16.55 56.73
N ASP A 2 9.26 -16.59 55.60
CA ASP A 2 9.89 -15.39 55.06
C ASP A 2 9.77 -15.36 53.54
N ILE A 3 9.17 -14.29 53.01
CA ILE A 3 9.00 -14.16 51.57
C ILE A 3 10.12 -13.32 50.98
N GLY A 4 10.56 -13.68 49.77
CA GLY A 4 11.63 -12.95 49.11
C GLY A 4 11.07 -11.82 48.26
N ILE A 5 9.91 -12.06 47.67
CA ILE A 5 9.26 -11.05 46.82
C ILE A 5 7.75 -11.16 46.91
N ASN A 6 7.13 -10.23 47.64
CA ASN A 6 5.69 -10.23 47.80
C ASN A 6 5.01 -9.78 46.51
N SER A 7 3.89 -10.42 46.19
CA SER A 7 3.14 -10.07 44.98
C SER A 7 1.94 -9.19 45.32
N ASP A 8 1.98 -7.95 44.86
CA ASP A 8 0.87 -7.02 45.12
C ASP A 8 1.16 -5.64 44.53
N PRO A 9 2.27 -5.02 44.87
CA PRO A 9 2.62 -3.67 44.34
C PRO A 9 2.38 -3.55 42.84
N HIS A 10 2.57 -4.66 42.12
CA HIS A 10 2.38 -4.67 40.68
C HIS A 10 0.95 -5.13 40.35
N PRO A 11 0.52 -4.87 39.14
CA PRO A 11 -0.85 -5.26 38.68
C PRO A 11 -0.92 -6.73 38.27
N PRO A 12 -2.11 -7.24 38.08
CA PRO A 12 -2.32 -8.66 37.66
C PRO A 12 -1.51 -9.02 36.42
N HIS A 13 -1.80 -8.34 35.32
CA HIS A 13 -1.09 -8.59 34.06
C HIS A 13 -1.59 -7.66 32.97
N HIS A 14 -0.66 -7.09 32.21
CA HIS A 14 -1.02 -6.19 31.12
C HIS A 14 0.05 -6.21 30.03
N HIS A 15 0.43 -7.41 29.62
CA HIS A 15 1.44 -7.56 28.57
C HIS A 15 0.79 -7.59 27.20
N ASP A 16 1.30 -6.78 26.28
CA ASP A 16 0.75 -6.74 24.93
C ASP A 16 1.83 -7.08 23.91
N HIS A 17 1.41 -7.35 22.68
CA HIS A 17 2.35 -7.70 21.61
C HIS A 17 2.48 -6.54 20.61
N HIS A 18 2.16 -5.33 21.07
CA HIS A 18 2.25 -4.16 20.20
C HIS A 18 1.54 -4.41 18.87
N GLY A 19 1.82 -3.56 17.88
CA GLY A 19 1.20 -3.71 16.57
C GLY A 19 2.23 -4.12 15.53
N HIS A 20 1.89 -5.12 14.73
CA HIS A 20 2.79 -5.60 13.69
C HIS A 20 2.16 -5.40 12.31
N GLY A 21 2.97 -4.91 11.37
CA GLY A 21 2.50 -4.67 10.01
C GLY A 21 2.71 -3.22 9.61
N SER A 22 1.62 -2.53 9.27
CA SER A 22 1.71 -1.13 8.87
C SER A 22 2.04 -0.25 10.07
N GLY A 23 1.03 0.05 10.86
CA GLY A 23 1.23 0.89 12.05
C GLY A 23 0.68 2.31 11.84
N TRP A 24 0.44 2.68 10.59
CA TRP A 24 -0.08 4.01 10.29
C TRP A 24 -1.37 4.26 11.06
N GLU A 25 -1.55 5.49 11.52
CA GLU A 25 -2.74 5.85 12.26
C GLU A 25 -3.94 6.01 11.32
N VAL A 26 -4.84 5.04 11.38
CA VAL A 26 -6.03 5.06 10.53
C VAL A 26 -7.20 4.37 11.24
N PRO A 27 -8.14 5.10 11.80
CA PRO A 27 -9.30 4.48 12.50
C PRO A 27 -9.97 3.42 11.63
N GLU A 28 -10.21 2.25 12.22
CA GLU A 28 -10.86 1.17 11.48
C GLU A 28 -12.16 1.64 10.86
N ALA A 29 -12.74 2.68 11.45
CA ALA A 29 -13.98 3.22 10.96
C ALA A 29 -13.82 3.98 9.65
N GLU A 30 -12.65 4.56 9.41
CA GLU A 30 -12.44 5.30 8.16
C GLU A 30 -12.06 4.35 7.04
N ILE A 31 -11.51 3.24 7.45
CA ILE A 31 -11.04 2.23 6.56
C ILE A 31 -12.17 1.44 5.94
N HIS A 32 -13.22 1.28 6.71
CA HIS A 32 -14.37 0.49 6.29
C HIS A 32 -15.64 1.32 6.12
N ARG A 33 -15.60 2.65 6.12
CA ARG A 33 -16.87 3.37 6.04
C ARG A 33 -17.28 3.79 4.63
N GLU A 34 -16.47 4.58 3.93
CA GLU A 34 -16.85 4.99 2.59
C GLU A 34 -15.70 4.84 1.62
N ASN A 35 -15.97 4.16 0.54
CA ASN A 35 -14.98 4.04 -0.47
C ASN A 35 -15.64 3.79 -1.82
N PRO A 36 -15.80 4.80 -2.64
CA PRO A 36 -16.40 4.64 -3.96
C PRO A 36 -15.31 4.36 -4.97
N ILE A 37 -15.25 3.13 -5.46
CA ILE A 37 -14.22 2.76 -6.41
C ILE A 37 -14.82 2.14 -7.70
N PRO A 38 -14.63 2.75 -8.85
CA PRO A 38 -15.12 2.16 -10.12
C PRO A 38 -14.07 1.15 -10.62
N PRO A 39 -14.41 -0.10 -10.81
CA PRO A 39 -13.43 -1.12 -11.26
C PRO A 39 -13.25 -1.16 -12.78
N ASP A 40 -12.20 -0.52 -13.26
CA ASP A 40 -11.93 -0.51 -14.70
C ASP A 40 -10.43 -0.42 -14.96
N ALA A 41 -10.08 -0.40 -16.22
CA ALA A 41 -8.68 -0.32 -16.65
C ALA A 41 -8.18 1.11 -16.57
N ARG A 42 -9.10 2.03 -16.74
CA ARG A 42 -8.76 3.43 -16.72
C ARG A 42 -8.48 3.90 -15.30
N SER A 43 -9.13 3.27 -14.34
CA SER A 43 -8.91 3.61 -12.96
C SER A 43 -7.55 3.11 -12.54
N LEU A 44 -7.18 2.01 -13.16
CA LEU A 44 -5.93 1.34 -12.94
C LEU A 44 -4.81 2.09 -13.63
N ASP A 45 -5.06 2.43 -14.87
CA ASP A 45 -4.09 3.15 -15.68
C ASP A 45 -3.94 4.58 -15.23
N GLN A 46 -5.06 5.30 -15.18
CA GLN A 46 -5.01 6.68 -14.78
C GLN A 46 -4.66 6.78 -13.32
N GLY A 47 -5.11 5.82 -12.55
CA GLY A 47 -4.80 5.82 -11.15
C GLY A 47 -3.34 5.49 -10.99
N GLY A 48 -2.82 4.86 -12.02
CA GLY A 48 -1.42 4.49 -12.04
C GLY A 48 -0.53 5.71 -12.24
N VAL A 49 -1.08 6.77 -12.85
CA VAL A 49 -0.28 7.96 -13.10
C VAL A 49 -0.20 8.85 -11.87
N LEU A 50 -1.29 8.87 -11.12
CA LEU A 50 -1.38 9.69 -9.91
C LEU A 50 -0.14 9.59 -9.04
N TYR A 51 0.15 8.37 -8.67
CA TYR A 51 1.27 8.03 -7.83
C TYR A 51 2.57 8.13 -8.62
N ALA A 52 2.47 7.91 -9.92
CA ALA A 52 3.62 7.91 -10.79
C ALA A 52 4.11 9.31 -11.12
N GLU A 53 3.24 10.27 -10.91
CA GLU A 53 3.56 11.64 -11.20
C GLU A 53 4.67 12.10 -10.30
N HIS A 54 4.57 11.75 -9.04
CA HIS A 54 5.55 12.20 -8.07
C HIS A 54 6.04 11.10 -7.10
N CYS A 55 5.18 10.15 -6.79
CA CYS A 55 5.53 9.12 -5.82
C CYS A 55 6.43 7.99 -6.38
N VAL A 56 6.32 7.67 -7.68
CA VAL A 56 7.15 6.59 -8.24
C VAL A 56 8.58 6.98 -8.33
N ARG A 57 8.81 8.25 -8.57
CA ARG A 57 10.15 8.75 -8.67
C ARG A 57 10.94 8.38 -7.42
N CYS A 58 10.24 7.96 -6.36
CA CYS A 58 10.93 7.56 -5.14
C CYS A 58 10.66 6.09 -4.84
N HIS A 59 9.40 5.62 -4.96
CA HIS A 59 9.18 4.19 -4.72
C HIS A 59 8.13 3.54 -5.62
N GLY A 60 8.56 3.16 -6.81
CA GLY A 60 7.74 2.41 -7.76
C GLY A 60 6.42 3.05 -8.09
N GLU A 61 5.85 2.66 -9.23
CA GLU A 61 4.59 3.20 -9.66
C GLU A 61 3.65 3.25 -8.47
N THR A 62 3.29 2.09 -7.93
CA THR A 62 2.47 2.09 -6.75
C THR A 62 2.83 0.98 -5.77
N LEU A 63 3.02 -0.23 -6.29
CA LEU A 63 3.29 -1.37 -5.45
C LEU A 63 4.70 -1.93 -5.57
N ARG A 64 5.24 -1.87 -6.77
CA ARG A 64 6.54 -2.47 -7.04
C ARG A 64 7.63 -1.88 -6.17
N GLY A 65 7.57 -0.59 -5.99
CA GLY A 65 8.57 0.08 -5.20
C GLY A 65 9.95 -0.12 -5.81
N ASP A 66 10.00 -0.15 -7.14
CA ASP A 66 11.29 -0.34 -7.82
C ASP A 66 12.05 0.97 -7.97
N GLY A 67 11.32 2.08 -7.75
CA GLY A 67 11.87 3.45 -7.80
C GLY A 67 12.89 3.69 -8.93
N PRO A 68 12.64 4.60 -9.85
CA PRO A 68 13.59 4.92 -10.94
C PRO A 68 14.63 5.96 -10.52
N ASP A 69 14.21 6.97 -9.73
CA ASP A 69 15.16 8.00 -9.30
C ASP A 69 15.41 7.92 -7.81
N ALA A 70 15.23 6.74 -7.23
CA ALA A 70 15.45 6.58 -5.80
C ALA A 70 16.91 6.29 -5.47
N HIS A 71 17.72 6.04 -6.50
CA HIS A 71 19.12 5.73 -6.28
C HIS A 71 19.81 6.84 -5.48
N ASP A 72 19.43 8.08 -5.73
CA ASP A 72 20.02 9.21 -5.01
C ASP A 72 19.22 9.48 -3.74
N LEU A 73 17.95 9.11 -3.79
CA LEU A 73 17.03 9.29 -2.66
C LEU A 73 17.37 8.33 -1.54
N ASP A 74 16.68 8.52 -0.43
CA ASP A 74 16.86 7.71 0.77
C ASP A 74 17.05 6.22 0.42
N PRO A 75 17.59 5.45 1.34
CA PRO A 75 17.85 3.99 1.15
C PRO A 75 16.71 3.27 0.43
N PRO A 76 16.95 2.06 0.00
CA PRO A 76 15.94 1.25 -0.75
C PRO A 76 14.55 1.35 -0.12
N VAL A 77 13.56 1.35 -1.00
CA VAL A 77 12.17 1.46 -0.61
C VAL A 77 11.51 0.08 -0.48
N ALA A 78 10.40 0.03 0.23
CA ALA A 78 9.68 -1.23 0.46
C ALA A 78 8.78 -1.58 -0.73
N ASP A 79 8.32 -2.84 -0.73
CA ASP A 79 7.43 -3.33 -1.78
C ASP A 79 6.00 -3.29 -1.26
N LEU A 80 5.20 -2.41 -1.83
CA LEU A 80 3.82 -2.25 -1.40
C LEU A 80 2.91 -3.37 -1.89
N VAL A 81 3.33 -4.11 -2.91
CA VAL A 81 2.50 -5.19 -3.43
C VAL A 81 2.32 -6.28 -2.38
N GLU A 82 3.34 -6.43 -1.57
CA GLU A 82 3.34 -7.43 -0.51
C GLU A 82 2.52 -6.95 0.69
N HIS A 83 2.52 -5.64 0.89
CA HIS A 83 1.80 -5.04 2.02
C HIS A 83 0.42 -4.54 1.60
N ALA A 84 0.16 -4.53 0.30
CA ALA A 84 -1.11 -4.06 -0.21
C ALA A 84 -2.28 -4.87 0.35
N PRO A 85 -2.27 -6.18 0.21
CA PRO A 85 -3.38 -7.02 0.75
C PRO A 85 -3.54 -6.80 2.26
N HIS A 86 -2.52 -6.20 2.89
CA HIS A 86 -2.56 -5.93 4.31
C HIS A 86 -3.27 -4.60 4.57
N HIS A 87 -3.28 -3.73 3.55
CA HIS A 87 -3.93 -2.42 3.67
C HIS A 87 -5.31 -2.46 3.01
N SER A 88 -6.28 -1.84 3.66
CA SER A 88 -7.64 -1.81 3.14
C SER A 88 -7.84 -0.62 2.20
N ASP A 89 -9.04 -0.54 1.61
CA ASP A 89 -9.36 0.53 0.69
C ASP A 89 -9.56 1.88 1.40
N GLY A 90 -10.36 1.88 2.48
CA GLY A 90 -10.62 3.10 3.21
C GLY A 90 -9.35 3.73 3.75
N ASP A 91 -8.40 2.88 4.13
CA ASP A 91 -7.13 3.36 4.69
C ASP A 91 -6.31 4.14 3.67
N LEU A 92 -6.18 3.58 2.48
CA LEU A 92 -5.41 4.24 1.43
C LEU A 92 -6.16 5.46 0.92
N ALA A 93 -7.48 5.37 0.90
CA ALA A 93 -8.30 6.48 0.46
C ALA A 93 -8.29 7.56 1.52
N TYR A 94 -8.18 7.12 2.78
CA TYR A 94 -8.14 8.03 3.91
C TYR A 94 -6.81 8.77 3.99
N ARG A 95 -5.73 8.06 3.71
CA ARG A 95 -4.39 8.64 3.78
C ARG A 95 -4.13 9.55 2.59
N VAL A 96 -4.67 9.22 1.43
CA VAL A 96 -4.45 10.04 0.25
C VAL A 96 -5.24 11.32 0.36
N ARG A 97 -6.36 11.25 1.04
CA ARG A 97 -7.22 12.42 1.15
C ARG A 97 -6.88 13.32 2.35
N ILE A 98 -6.74 12.75 3.53
CA ILE A 98 -6.44 13.58 4.71
C ILE A 98 -4.97 13.54 5.06
N GLY A 99 -4.34 12.38 4.87
CA GLY A 99 -2.93 12.21 5.17
C GLY A 99 -2.55 12.89 6.48
N ARG A 100 -1.26 13.17 6.63
CA ARG A 100 -0.76 13.82 7.84
C ARG A 100 -0.08 15.14 7.48
N GLY A 101 0.54 15.17 6.30
CA GLY A 101 1.24 16.37 5.85
C GLY A 101 2.52 16.04 5.11
N PRO A 102 3.46 15.44 5.78
CA PRO A 102 4.77 15.06 5.20
C PRO A 102 4.66 14.45 3.81
N MET A 103 4.06 13.27 3.72
CA MET A 103 3.91 12.59 2.44
C MET A 103 2.45 12.51 1.98
N PRO A 104 1.57 11.94 2.77
CA PRO A 104 0.14 11.81 2.37
C PRO A 104 -0.62 13.10 2.55
N GLY A 105 -1.84 13.12 2.04
CA GLY A 105 -2.66 14.30 2.14
C GLY A 105 -2.90 14.91 0.78
N PHE A 106 -2.90 14.05 -0.25
CA PHE A 106 -3.10 14.49 -1.62
C PHE A 106 -4.59 14.69 -1.95
N GLY A 107 -5.40 14.95 -0.93
CA GLY A 107 -6.82 15.18 -1.16
C GLY A 107 -7.02 16.52 -1.85
N ASP A 108 -6.06 17.42 -1.65
CA ASP A 108 -6.11 18.73 -2.27
C ASP A 108 -5.32 18.71 -3.58
N ALA A 109 -4.36 17.79 -3.65
CA ALA A 109 -3.55 17.64 -4.85
C ALA A 109 -4.30 16.81 -5.88
N LEU A 110 -5.14 15.92 -5.40
CA LEU A 110 -5.93 15.07 -6.27
C LEU A 110 -7.38 15.19 -5.89
N ASP A 111 -8.24 14.68 -6.74
CA ASP A 111 -9.65 14.69 -6.45
C ASP A 111 -10.07 13.33 -5.97
N GLU A 112 -11.30 13.23 -5.50
CA GLU A 112 -11.79 11.97 -5.02
C GLU A 112 -11.76 10.95 -6.14
N ARG A 113 -12.07 11.43 -7.32
CA ARG A 113 -12.09 10.61 -8.51
C ARG A 113 -10.73 9.96 -8.74
N ASP A 114 -9.71 10.69 -8.36
CA ASP A 114 -8.34 10.24 -8.50
C ASP A 114 -8.01 9.32 -7.36
N ILE A 115 -8.49 9.71 -6.20
CA ILE A 115 -8.27 8.96 -4.99
C ILE A 115 -8.77 7.54 -5.13
N TRP A 116 -9.92 7.36 -5.78
CA TRP A 116 -10.42 6.02 -5.94
C TRP A 116 -9.59 5.31 -6.99
N ASP A 117 -9.04 6.08 -7.93
CA ASP A 117 -8.21 5.49 -8.96
C ASP A 117 -6.92 4.99 -8.30
N LEU A 118 -6.35 5.81 -7.42
CA LEU A 118 -5.15 5.41 -6.69
C LEU A 118 -5.44 4.12 -5.93
N VAL A 119 -6.68 4.02 -5.46
CA VAL A 119 -7.14 2.86 -4.70
C VAL A 119 -7.42 1.69 -5.62
N ASN A 120 -7.82 2.01 -6.85
CA ASN A 120 -8.14 0.99 -7.82
C ASN A 120 -6.90 0.29 -8.38
N PHE A 121 -5.94 1.08 -8.84
CA PHE A 121 -4.73 0.54 -9.43
C PHE A 121 -3.92 -0.29 -8.42
N MET A 122 -3.90 0.16 -7.16
CA MET A 122 -3.16 -0.56 -6.12
C MET A 122 -3.89 -1.82 -5.72
N ARG A 123 -5.20 -1.72 -5.75
CA ARG A 123 -6.07 -2.82 -5.39
C ARG A 123 -6.08 -3.89 -6.47
N ASP A 124 -5.96 -3.45 -7.70
CA ASP A 124 -5.98 -4.37 -8.82
C ASP A 124 -4.63 -5.05 -8.93
N ARG A 125 -3.61 -4.23 -8.93
CA ARG A 125 -2.25 -4.69 -9.04
C ARG A 125 -1.91 -5.67 -7.93
N ALA A 126 -2.21 -5.27 -6.70
CA ALA A 126 -1.92 -6.13 -5.55
C ALA A 126 -2.58 -7.48 -5.70
N GLN A 127 -3.77 -7.47 -6.30
CA GLN A 127 -4.52 -8.71 -6.51
C GLN A 127 -3.86 -9.55 -7.60
N GLY A 128 -3.51 -8.90 -8.71
CA GLY A 128 -2.87 -9.59 -9.82
C GLY A 128 -1.59 -10.29 -9.37
N ALA A 129 -0.98 -9.75 -8.33
CA ALA A 129 0.24 -10.32 -7.78
C ALA A 129 -0.05 -11.55 -6.93
N ALA A 130 -1.30 -11.65 -6.49
CA ALA A 130 -1.72 -12.76 -5.66
C ALA A 130 -1.95 -14.00 -6.52
N LEU A 131 -2.32 -13.75 -7.76
CA LEU A 131 -2.56 -14.82 -8.72
C LEU A 131 -1.34 -15.71 -8.82
N ALA A 132 -0.17 -15.09 -8.81
CA ALA A 132 1.09 -15.83 -8.90
C ALA A 132 1.22 -16.81 -7.73
N GLY A 133 0.50 -16.55 -6.65
CA GLY A 133 0.55 -17.42 -5.48
C GLY A 133 1.64 -16.96 -4.52
N THR A 134 1.63 -15.68 -4.19
CA THR A 134 2.64 -15.13 -3.28
C THR A 134 1.98 -14.50 -2.05
N ASN A 135 0.69 -14.19 -2.15
CA ASN A 135 -0.04 -13.59 -1.04
C ASN A 135 0.23 -14.34 0.26
N GLY A 136 0.84 -13.64 1.22
CA GLY A 136 1.15 -14.26 2.51
C GLY A 136 2.66 -14.48 2.68
N HIS A 137 3.42 -14.24 1.61
CA HIS A 137 4.86 -14.42 1.66
C HIS A 137 5.49 -14.04 0.31
N SER A 138 6.71 -14.52 0.06
CA SER A 138 7.37 -14.21 -1.20
C SER A 138 6.78 -15.04 -2.34
N PRO A 139 7.02 -14.65 -3.56
CA PRO A 139 6.49 -15.38 -4.74
C PRO A 139 7.36 -16.58 -5.12
N ASP A 140 6.72 -17.72 -5.32
CA ASP A 140 7.44 -18.94 -5.68
C ASP A 140 7.55 -19.07 -7.20
N HIS A 141 8.76 -19.32 -7.69
CA HIS A 141 8.99 -19.47 -9.11
C HIS A 141 9.40 -20.90 -9.46
N ALA A 142 9.13 -21.83 -8.55
CA ALA A 142 9.48 -23.23 -8.79
C ALA A 142 8.50 -23.88 -9.76
N ALA A 143 9.03 -24.47 -10.82
CA ALA A 143 8.19 -25.13 -11.82
C ALA A 143 7.79 -26.51 -11.34
N GLY A 144 6.49 -26.83 -11.48
CA GLY A 144 5.99 -28.13 -11.06
C GLY A 144 5.75 -28.15 -9.55
N ASP A 145 5.48 -26.99 -8.98
CA ASP A 145 5.23 -26.89 -7.55
C ASP A 145 3.77 -26.55 -7.28
N HIS A 146 3.13 -25.89 -8.24
CA HIS A 146 1.74 -25.50 -8.10
C HIS A 146 0.87 -26.72 -7.79
N HIS A 147 -0.29 -26.48 -7.18
CA HIS A 147 -1.19 -27.57 -6.83
C HIS A 147 -2.11 -27.90 -8.00
N HIS A 148 -3.06 -28.79 -7.77
CA HIS A 148 -4.00 -29.19 -8.82
C HIS A 148 -4.62 -27.96 -9.47
N GLY A 149 -4.28 -27.73 -10.73
CA GLY A 149 -4.81 -26.58 -11.46
C GLY A 149 -3.77 -26.01 -12.42
N ASP A 150 -3.81 -26.44 -13.68
CA ASP A 150 -2.87 -25.96 -14.67
C ASP A 150 -3.53 -24.95 -15.59
N HIS A 151 -4.34 -25.44 -16.52
CA HIS A 151 -5.03 -24.56 -17.47
C HIS A 151 -4.02 -23.79 -18.31
N HIS A 152 -3.83 -24.23 -19.55
CA HIS A 152 -2.89 -23.57 -20.45
C HIS A 152 -1.51 -23.49 -19.82
N HIS A 153 -0.82 -24.64 -19.76
CA HIS A 153 0.51 -24.68 -19.18
C HIS A 153 1.57 -24.77 -20.27
FE HEC B . 6.46 7.78 -0.06
CHA HEC B . 6.69 5.30 2.25
CHB HEC B . 3.09 7.43 -0.08
CHC HEC B . 6.23 10.21 -2.38
CHD HEC B . 9.82 8.10 -0.02
NA HEC B . 5.17 6.62 0.88
C1A HEC B . 5.44 5.64 1.82
C2A HEC B . 4.23 5.02 2.28
C3A HEC B . 3.21 5.62 1.62
C4A HEC B . 3.81 6.61 0.75
CMA HEC B . 1.75 5.32 1.76
CAA HEC B . 4.12 3.93 3.29
CBA HEC B . 4.22 2.54 2.66
CGA HEC B . 3.82 1.48 3.68
O1A HEC B . 4.56 0.52 3.83
O2A HEC B . 2.78 1.65 4.31
NB HEC B . 4.98 8.64 -1.01
C1B HEC B . 3.63 8.38 -0.91
C2B HEC B . 2.86 9.19 -1.81
C3B HEC B . 3.75 9.94 -2.50
C4B HEC B . 5.05 9.61 -1.98
CMB HEC B . 1.37 9.25 -1.92
CAB HEC B . 3.45 10.81 -3.69
CBB HEC B . 2.34 11.82 -3.39
NC HEC B . 7.74 8.92 -0.97
C1C HEC B . 7.49 9.90 -1.91
C2C HEC B . 8.70 10.55 -2.35
C3C HEC B . 9.74 9.91 -1.69
C4C HEC B . 9.11 8.94 -0.85
CMC HEC B . 8.80 11.72 -3.28
CAC HEC B . 11.23 10.06 -1.84
CBC HEC B . 11.72 11.31 -2.56
ND HEC B . 7.92 6.89 0.88
C1D HEC B . 9.28 7.15 0.79
C2D HEC B . 10.04 6.30 1.66
C3D HEC B . 9.15 5.50 2.31
C4D HEC B . 7.85 5.87 1.82
CMD HEC B . 11.53 6.29 1.82
CAD HEC B . 9.47 4.46 3.31
CBD HEC B . 9.35 3.04 2.74
CGD HEC B . 10.27 2.09 3.50
O1D HEC B . 10.20 2.08 4.71
O2D HEC B . 11.02 1.39 2.86
HHA HEC B . 6.77 4.51 2.99
HHB HEC B . 2.01 7.32 -0.08
HHC HEC B . 6.16 10.99 -3.13
HHD HEC B . 10.91 8.20 0.00
HMA1 HEC B . 1.33 5.95 2.53
HMA2 HEC B . 1.62 4.28 2.04
HMA3 HEC B . 1.25 5.51 0.82
HAA1 HEC B . 3.16 4.02 3.79
HAA2 HEC B . 4.90 4.05 4.02
HBA1 HEC B . 5.23 2.36 2.35
HBA2 HEC B . 3.56 2.48 1.81
HMB1 HEC B . 0.94 8.32 -1.55
HMB2 HEC B . 1.09 9.38 -2.95
HMB3 HEC B . 1.01 10.07 -1.33
HAB HEC B . 4.35 11.35 -3.98
HBB1 HEC B . 1.47 11.62 -4.03
HBB2 HEC B . 2.68 12.82 -3.59
HBB3 HEC B . 2.03 11.74 -2.35
HMC1 HEC B . 9.42 12.49 -2.86
HMC2 HEC B . 7.82 12.12 -3.48
HMC3 HEC B . 9.23 11.39 -4.22
HAC HEC B . 11.67 10.04 -0.86
HBC1 HEC B . 12.81 11.33 -2.55
HBC2 HEC B . 11.34 12.19 -2.06
HBC3 HEC B . 11.38 11.31 -3.58
HMD1 HEC B . 11.99 6.55 0.88
HMD2 HEC B . 11.84 5.30 2.12
HMD3 HEC B . 11.80 7.00 2.59
HAD1 HEC B . 8.79 4.55 4.14
HAD2 HEC B . 10.48 4.60 3.66
HBD1 HEC B . 9.62 3.05 1.70
HBD2 HEC B . 8.33 2.70 2.83
N MET A 1 1.27 -6.27 62.68
CA MET A 1 1.45 -5.82 61.26
C MET A 1 1.84 -7.01 60.40
N ASP A 2 1.57 -6.90 59.10
CA ASP A 2 1.89 -7.97 58.17
C ASP A 2 2.11 -7.42 56.76
N ILE A 3 1.05 -6.85 56.19
CA ILE A 3 1.14 -6.28 54.86
C ILE A 3 2.03 -5.05 54.84
N GLY A 4 3.02 -5.05 53.95
CA GLY A 4 3.95 -3.93 53.85
C GLY A 4 3.42 -2.88 52.87
N ILE A 5 2.76 -3.34 51.81
CA ILE A 5 2.22 -2.45 50.80
C ILE A 5 0.78 -2.82 50.47
N ASN A 6 -0.16 -2.10 51.06
CA ASN A 6 -1.57 -2.37 50.82
C ASN A 6 -1.94 -2.11 49.36
N SER A 7 -2.60 -3.07 48.74
CA SER A 7 -3.00 -2.93 47.34
C SER A 7 -4.48 -2.54 47.24
N ASP A 8 -4.78 -1.29 47.56
CA ASP A 8 -6.15 -0.80 47.50
C ASP A 8 -6.60 -0.58 46.05
N PRO A 9 -5.89 0.21 45.27
CA PRO A 9 -6.25 0.47 43.85
C PRO A 9 -6.65 -0.80 43.10
N HIS A 10 -7.75 -0.72 42.35
CA HIS A 10 -8.23 -1.88 41.59
C HIS A 10 -8.52 -1.47 40.15
N PRO A 11 -7.50 -1.22 39.37
CA PRO A 11 -7.65 -0.82 37.94
C PRO A 11 -8.09 -2.00 37.07
N PRO A 12 -8.48 -1.71 35.86
CA PRO A 12 -8.94 -2.75 34.89
C PRO A 12 -7.78 -3.57 34.34
N HIS A 13 -8.09 -4.54 33.49
CA HIS A 13 -7.06 -5.40 32.91
C HIS A 13 -6.24 -4.63 31.87
N HIS A 14 -4.92 -4.60 32.06
CA HIS A 14 -4.05 -3.90 31.14
C HIS A 14 -4.33 -4.32 29.70
N HIS A 15 -4.88 -3.40 28.91
CA HIS A 15 -5.19 -3.68 27.52
C HIS A 15 -4.50 -2.69 26.59
N ASP A 16 -3.80 -3.21 25.59
CA ASP A 16 -3.08 -2.37 24.65
C ASP A 16 -3.47 -2.71 23.22
N HIS A 17 -3.15 -3.94 22.80
CA HIS A 17 -3.47 -4.39 21.45
C HIS A 17 -2.72 -3.56 20.41
N HIS A 18 -1.64 -4.13 19.88
CA HIS A 18 -0.83 -3.44 18.89
C HIS A 18 -0.26 -4.43 17.88
N GLY A 19 -0.69 -4.32 16.63
CA GLY A 19 -0.21 -5.21 15.58
C GLY A 19 0.45 -4.42 14.46
N HIS A 20 0.32 -4.93 13.23
CA HIS A 20 0.91 -4.26 12.07
C HIS A 20 -0.15 -3.49 11.31
N GLY A 21 -0.97 -4.21 10.54
CA GLY A 21 -2.02 -3.58 9.76
C GLY A 21 -1.43 -2.74 8.62
N SER A 22 -1.29 -1.45 8.87
CA SER A 22 -0.73 -0.54 7.87
C SER A 22 0.47 0.21 8.43
N GLY A 23 0.50 0.39 9.75
CA GLY A 23 1.59 1.08 10.40
C GLY A 23 1.17 2.51 10.78
N TRP A 24 0.38 3.13 9.93
CA TRP A 24 -0.09 4.48 10.19
C TRP A 24 -1.38 4.47 11.00
N GLU A 25 -1.64 5.56 11.71
CA GLU A 25 -2.85 5.66 12.52
C GLU A 25 -4.07 5.87 11.62
N VAL A 26 -4.91 4.85 11.55
CA VAL A 26 -6.11 4.93 10.72
C VAL A 26 -7.26 4.16 11.38
N PRO A 27 -8.20 4.84 12.01
CA PRO A 27 -9.36 4.17 12.66
C PRO A 27 -10.04 3.19 11.72
N GLU A 28 -10.32 1.98 12.21
CA GLU A 28 -10.98 0.97 11.41
C GLU A 28 -12.26 1.53 10.80
N ALA A 29 -12.81 2.54 11.46
CA ALA A 29 -14.03 3.14 11.01
C ALA A 29 -13.84 3.93 9.72
N GLU A 30 -12.65 4.50 9.50
CA GLU A 30 -12.41 5.27 8.28
C GLU A 30 -12.05 4.34 7.15
N ILE A 31 -11.51 3.21 7.53
CA ILE A 31 -11.04 2.22 6.62
C ILE A 31 -12.19 1.47 5.97
N HIS A 32 -13.24 1.29 6.73
CA HIS A 32 -14.39 0.54 6.26
C HIS A 32 -15.66 1.37 6.12
N ARG A 33 -15.59 2.71 6.15
CA ARG A 33 -16.85 3.45 6.09
C ARG A 33 -17.26 3.89 4.68
N GLU A 34 -16.42 4.67 3.99
CA GLU A 34 -16.78 5.09 2.66
C GLU A 34 -15.63 4.92 1.70
N ASN A 35 -15.91 4.22 0.62
CA ASN A 35 -14.93 4.08 -0.39
C ASN A 35 -15.62 3.80 -1.72
N PRO A 36 -15.82 4.79 -2.53
CA PRO A 36 -16.46 4.60 -3.84
C PRO A 36 -15.39 4.31 -4.87
N ILE A 37 -15.34 3.09 -5.34
CA ILE A 37 -14.33 2.72 -6.32
C ILE A 37 -14.97 2.11 -7.60
N PRO A 38 -14.77 2.71 -8.76
CA PRO A 38 -15.30 2.12 -10.01
C PRO A 38 -14.29 1.08 -10.53
N PRO A 39 -14.67 -0.15 -10.72
CA PRO A 39 -13.73 -1.20 -11.21
C PRO A 39 -13.58 -1.20 -12.73
N ASP A 40 -12.55 -0.54 -13.22
CA ASP A 40 -12.31 -0.49 -14.65
C ASP A 40 -10.82 -0.37 -14.94
N ALA A 41 -10.50 -0.25 -16.21
CA ALA A 41 -9.13 -0.13 -16.66
C ALA A 41 -8.63 1.29 -16.49
N ARG A 42 -9.56 2.22 -16.57
CA ARG A 42 -9.23 3.63 -16.46
C ARG A 42 -8.91 3.98 -15.02
N SER A 43 -9.53 3.28 -14.10
CA SER A 43 -9.29 3.49 -12.69
C SER A 43 -7.90 3.00 -12.36
N LEU A 44 -7.53 1.97 -13.09
CA LEU A 44 -6.25 1.32 -12.97
C LEU A 44 -5.16 2.11 -13.67
N ASP A 45 -5.47 2.50 -14.88
CA ASP A 45 -4.52 3.24 -15.69
C ASP A 45 -4.32 4.64 -15.16
N GLN A 46 -5.41 5.38 -15.04
CA GLN A 46 -5.28 6.72 -14.55
C GLN A 46 -4.88 6.71 -13.10
N GLY A 47 -5.44 5.77 -12.35
CA GLY A 47 -5.10 5.60 -10.94
C GLY A 47 -3.62 5.29 -10.81
N GLY A 48 -3.09 4.84 -11.93
CA GLY A 48 -1.69 4.45 -12.01
C GLY A 48 -0.74 5.62 -12.27
N VAL A 49 -1.22 6.69 -12.90
CA VAL A 49 -0.34 7.81 -13.26
C VAL A 49 -0.07 8.73 -12.08
N LEU A 50 -1.09 8.98 -11.29
CA LEU A 50 -0.97 9.88 -10.15
C LEU A 50 0.25 9.55 -9.30
N TYR A 51 0.32 8.29 -8.92
CA TYR A 51 1.40 7.78 -8.11
C TYR A 51 2.72 7.81 -8.88
N ALA A 52 2.62 7.64 -10.18
CA ALA A 52 3.79 7.59 -11.04
C ALA A 52 4.29 8.98 -11.41
N GLU A 53 3.47 9.98 -11.19
CA GLU A 53 3.83 11.32 -11.52
C GLU A 53 4.88 11.88 -10.58
N HIS A 54 4.68 11.62 -9.31
CA HIS A 54 5.59 12.15 -8.31
C HIS A 54 6.05 11.12 -7.26
N CYS A 55 5.22 10.14 -6.99
CA CYS A 55 5.54 9.14 -5.96
C CYS A 55 6.49 8.03 -6.43
N VAL A 56 6.52 7.73 -7.73
CA VAL A 56 7.39 6.65 -8.23
C VAL A 56 8.80 7.10 -8.28
N ARG A 57 8.97 8.38 -8.48
CA ARG A 57 10.28 8.95 -8.51
C ARG A 57 11.05 8.61 -7.24
N CYS A 58 10.34 8.11 -6.22
CA CYS A 58 10.98 7.75 -4.97
C CYS A 58 10.70 6.28 -4.63
N HIS A 59 9.44 5.82 -4.79
CA HIS A 59 9.19 4.40 -4.51
C HIS A 59 8.20 3.71 -5.45
N GLY A 60 8.73 3.26 -6.58
CA GLY A 60 7.97 2.46 -7.56
C GLY A 60 6.68 3.10 -8.03
N GLU A 61 6.21 2.65 -9.20
CA GLU A 61 4.99 3.18 -9.76
C GLU A 61 3.96 3.29 -8.66
N THR A 62 3.56 2.15 -8.10
CA THR A 62 2.64 2.21 -6.99
C THR A 62 2.92 1.12 -5.94
N LEU A 63 3.14 -0.10 -6.39
CA LEU A 63 3.37 -1.21 -5.47
C LEU A 63 4.79 -1.76 -5.46
N ARG A 64 5.40 -1.78 -6.62
CA ARG A 64 6.71 -2.37 -6.77
C ARG A 64 7.71 -1.75 -5.82
N GLY A 65 7.63 -0.46 -5.69
CA GLY A 65 8.55 0.23 -4.81
C GLY A 65 9.97 0.00 -5.29
N ASP A 66 10.15 -0.11 -6.60
CA ASP A 66 11.48 -0.34 -7.15
C ASP A 66 12.26 0.96 -7.31
N GLY A 67 11.54 2.08 -7.20
CA GLY A 67 12.10 3.44 -7.28
C GLY A 67 13.21 3.60 -8.34
N PRO A 68 13.01 4.42 -9.36
CA PRO A 68 14.04 4.66 -10.40
C PRO A 68 15.02 5.76 -9.99
N ASP A 69 14.53 6.80 -9.30
CA ASP A 69 15.39 7.90 -8.88
C ASP A 69 15.56 7.93 -7.36
N ALA A 70 15.36 6.80 -6.71
CA ALA A 70 15.49 6.74 -5.26
C ALA A 70 16.93 6.48 -4.84
N HIS A 71 17.79 6.14 -5.79
CA HIS A 71 19.18 5.84 -5.46
C HIS A 71 19.82 7.02 -4.73
N ASP A 72 19.31 8.22 -4.98
CA ASP A 72 19.83 9.42 -4.32
C ASP A 72 18.93 9.80 -3.15
N LEU A 73 17.67 9.40 -3.23
CA LEU A 73 16.69 9.67 -2.20
C LEU A 73 16.92 8.81 -0.98
N ASP A 74 16.13 9.10 0.04
CA ASP A 74 16.19 8.39 1.32
C ASP A 74 16.44 6.89 1.15
N PRO A 75 16.88 6.23 2.19
CA PRO A 75 17.19 4.77 2.18
C PRO A 75 16.17 3.95 1.39
N PRO A 76 16.48 2.71 1.09
CA PRO A 76 15.60 1.82 0.30
C PRO A 76 14.15 1.91 0.74
N VAL A 77 13.28 1.82 -0.24
CA VAL A 77 11.84 1.91 -0.02
C VAL A 77 11.21 0.53 0.10
N ALA A 78 10.02 0.47 0.68
CA ALA A 78 9.32 -0.80 0.88
C ALA A 78 8.51 -1.22 -0.34
N ASP A 79 8.10 -2.48 -0.34
CA ASP A 79 7.30 -3.05 -1.43
C ASP A 79 5.84 -3.02 -1.02
N LEU A 80 5.06 -2.17 -1.67
CA LEU A 80 3.64 -2.03 -1.33
C LEU A 80 2.79 -3.18 -1.86
N VAL A 81 3.29 -3.93 -2.83
CA VAL A 81 2.51 -5.05 -3.36
C VAL A 81 2.40 -6.15 -2.34
N GLU A 82 3.43 -6.27 -1.52
CA GLU A 82 3.47 -7.28 -0.47
C GLU A 82 2.67 -6.83 0.73
N HIS A 83 2.68 -5.53 0.97
CA HIS A 83 1.96 -4.94 2.10
C HIS A 83 0.55 -4.49 1.71
N ALA A 84 0.25 -4.55 0.42
CA ALA A 84 -1.07 -4.15 -0.06
C ALA A 84 -2.16 -4.96 0.62
N PRO A 85 -2.09 -6.28 0.59
CA PRO A 85 -3.10 -7.11 1.28
C PRO A 85 -3.28 -6.69 2.75
N HIS A 86 -2.29 -5.97 3.28
CA HIS A 86 -2.35 -5.52 4.67
C HIS A 86 -3.07 -4.17 4.77
N HIS A 87 -3.06 -3.42 3.67
CA HIS A 87 -3.70 -2.12 3.62
C HIS A 87 -5.08 -2.22 2.97
N SER A 88 -6.08 -1.69 3.64
CA SER A 88 -7.45 -1.73 3.14
C SER A 88 -7.73 -0.52 2.23
N ASP A 89 -8.94 -0.50 1.66
CA ASP A 89 -9.33 0.58 0.76
C ASP A 89 -9.53 1.92 1.49
N GLY A 90 -10.34 1.93 2.54
CA GLY A 90 -10.60 3.17 3.27
C GLY A 90 -9.31 3.77 3.78
N ASP A 91 -8.37 2.93 4.17
CA ASP A 91 -7.09 3.40 4.69
C ASP A 91 -6.24 4.02 3.58
N LEU A 92 -6.19 3.35 2.44
CA LEU A 92 -5.43 3.85 1.30
C LEU A 92 -6.04 5.14 0.80
N ALA A 93 -7.37 5.20 0.86
CA ALA A 93 -8.11 6.37 0.44
C ALA A 93 -7.97 7.46 1.49
N TYR A 94 -7.87 7.03 2.75
CA TYR A 94 -7.75 7.94 3.88
C TYR A 94 -6.40 8.64 3.91
N ARG A 95 -5.34 7.88 3.63
CA ARG A 95 -4.00 8.42 3.65
C ARG A 95 -3.74 9.33 2.45
N VAL A 96 -4.38 9.01 1.33
CA VAL A 96 -4.20 9.81 0.11
C VAL A 96 -4.98 11.10 0.20
N ARG A 97 -6.09 11.07 0.91
CA ARG A 97 -6.95 12.23 1.00
C ARG A 97 -6.57 13.19 2.13
N ILE A 98 -6.38 12.68 3.34
CA ILE A 98 -6.06 13.55 4.45
C ILE A 98 -4.56 13.52 4.78
N GLY A 99 -3.95 12.36 4.60
CA GLY A 99 -2.52 12.22 4.88
C GLY A 99 -2.16 12.89 6.21
N ARG A 100 -0.89 13.22 6.37
CA ARG A 100 -0.44 13.88 7.58
C ARG A 100 0.26 15.19 7.25
N GLY A 101 0.80 15.28 6.04
CA GLY A 101 1.50 16.48 5.61
C GLY A 101 2.86 16.15 5.02
N PRO A 102 3.73 15.56 5.82
CA PRO A 102 5.10 15.19 5.40
C PRO A 102 5.21 14.66 3.97
N MET A 103 4.16 14.01 3.49
CA MET A 103 4.18 13.47 2.13
C MET A 103 2.77 13.12 1.65
N PRO A 104 2.01 12.33 2.38
CA PRO A 104 0.61 11.99 2.00
C PRO A 104 -0.33 13.16 2.22
N GLY A 105 -1.55 13.06 1.72
CA GLY A 105 -2.50 14.14 1.88
C GLY A 105 -2.83 14.78 0.54
N PHE A 106 -2.80 13.97 -0.51
CA PHE A 106 -3.07 14.44 -1.86
C PHE A 106 -4.57 14.62 -2.11
N GLY A 107 -5.35 14.84 -1.05
CA GLY A 107 -6.78 15.04 -1.22
C GLY A 107 -7.04 16.40 -1.86
N ASP A 108 -6.10 17.32 -1.64
CA ASP A 108 -6.20 18.66 -2.21
C ASP A 108 -5.46 18.71 -3.55
N ALA A 109 -4.49 17.82 -3.69
CA ALA A 109 -3.71 17.73 -4.92
C ALA A 109 -4.47 16.92 -5.95
N LEU A 110 -5.28 15.99 -5.47
CA LEU A 110 -6.07 15.14 -6.34
C LEU A 110 -7.53 15.22 -5.95
N ASP A 111 -8.38 14.69 -6.80
CA ASP A 111 -9.79 14.65 -6.51
C ASP A 111 -10.18 13.28 -6.02
N GLU A 112 -11.42 13.15 -5.58
CA GLU A 112 -11.90 11.88 -5.10
C GLU A 112 -11.82 10.85 -6.21
N ARG A 113 -12.11 11.29 -7.41
CA ARG A 113 -12.08 10.42 -8.55
C ARG A 113 -10.69 9.88 -8.79
N ASP A 114 -9.71 10.69 -8.45
CA ASP A 114 -8.30 10.33 -8.59
C ASP A 114 -7.90 9.43 -7.44
N ILE A 115 -8.57 9.65 -6.33
CA ILE A 115 -8.31 8.90 -5.12
C ILE A 115 -8.83 7.48 -5.24
N TRP A 116 -10.01 7.28 -5.80
CA TRP A 116 -10.53 5.95 -5.94
C TRP A 116 -9.73 5.25 -7.01
N ASP A 117 -9.27 6.01 -8.01
CA ASP A 117 -8.46 5.43 -9.05
C ASP A 117 -7.13 5.04 -8.45
N LEU A 118 -6.61 5.94 -7.62
CA LEU A 118 -5.35 5.69 -6.92
C LEU A 118 -5.49 4.40 -6.11
N VAL A 119 -6.69 4.20 -5.58
CA VAL A 119 -7.01 3.03 -4.76
C VAL A 119 -7.23 1.80 -5.63
N ASN A 120 -7.76 2.05 -6.82
CA ASN A 120 -8.06 0.98 -7.75
C ASN A 120 -6.81 0.35 -8.36
N PHE A 121 -5.93 1.19 -8.88
CA PHE A 121 -4.71 0.69 -9.53
C PHE A 121 -3.91 -0.18 -8.56
N MET A 122 -3.83 0.23 -7.29
CA MET A 122 -3.08 -0.53 -6.29
C MET A 122 -3.83 -1.78 -5.90
N ARG A 123 -5.13 -1.63 -5.79
CA ARG A 123 -6.00 -2.68 -5.40
C ARG A 123 -6.07 -3.76 -6.47
N ASP A 124 -5.93 -3.32 -7.70
CA ASP A 124 -5.96 -4.22 -8.84
C ASP A 124 -4.63 -4.91 -8.99
N ARG A 125 -3.61 -4.10 -9.02
CA ARG A 125 -2.25 -4.56 -9.16
C ARG A 125 -1.87 -5.52 -8.05
N ALA A 126 -2.14 -5.13 -6.82
CA ALA A 126 -1.82 -5.96 -5.67
C ALA A 126 -2.48 -7.32 -5.78
N GLN A 127 -3.70 -7.32 -6.29
CA GLN A 127 -4.45 -8.56 -6.46
C GLN A 127 -3.84 -9.39 -7.58
N GLY A 128 -3.46 -8.72 -8.66
CA GLY A 128 -2.86 -9.42 -9.81
C GLY A 128 -1.65 -10.22 -9.37
N ALA A 129 -1.00 -9.75 -8.30
CA ALA A 129 0.18 -10.43 -7.77
C ALA A 129 -0.24 -11.63 -6.93
N ALA A 130 -1.46 -11.61 -6.46
CA ALA A 130 -2.00 -12.69 -5.64
C ALA A 130 -2.44 -13.83 -6.55
N LEU A 131 -2.89 -13.44 -7.73
CA LEU A 131 -3.35 -14.41 -8.72
C LEU A 131 -2.21 -15.32 -9.13
N ALA A 132 -0.98 -14.82 -9.04
CA ALA A 132 0.19 -15.60 -9.40
C ALA A 132 0.52 -16.61 -8.30
N GLY A 133 0.20 -16.25 -7.06
CA GLY A 133 0.46 -17.13 -5.92
C GLY A 133 1.66 -16.64 -5.12
N THR A 134 1.99 -15.36 -5.25
CA THR A 134 3.12 -14.80 -4.52
C THR A 134 2.99 -15.03 -3.02
N ASN A 135 1.76 -15.31 -2.57
CA ASN A 135 1.53 -15.58 -1.16
C ASN A 135 2.37 -16.77 -0.70
N GLY A 136 3.34 -16.51 0.16
CA GLY A 136 4.22 -17.58 0.65
C GLY A 136 5.65 -17.39 0.14
N HIS A 137 5.82 -16.51 -0.84
CA HIS A 137 7.13 -16.24 -1.41
C HIS A 137 7.65 -17.43 -2.20
N SER A 138 7.57 -17.33 -3.53
CA SER A 138 8.04 -18.41 -4.39
C SER A 138 8.00 -17.98 -5.87
N PRO A 139 6.86 -17.57 -6.38
CA PRO A 139 6.74 -17.14 -7.80
C PRO A 139 7.84 -16.15 -8.20
N ASP A 140 8.55 -16.46 -9.28
CA ASP A 140 9.63 -15.60 -9.75
C ASP A 140 9.07 -14.32 -10.35
N HIS A 141 9.92 -13.31 -10.47
CA HIS A 141 9.49 -12.03 -11.04
C HIS A 141 9.40 -12.13 -12.56
N ALA A 142 10.19 -13.03 -13.14
CA ALA A 142 10.19 -13.21 -14.59
C ALA A 142 8.93 -13.94 -15.04
N ALA A 143 8.14 -13.28 -15.89
CA ALA A 143 6.90 -13.88 -16.38
C ALA A 143 7.21 -15.02 -17.34
N GLY A 144 6.30 -15.98 -17.42
CA GLY A 144 6.48 -17.13 -18.30
C GLY A 144 7.25 -18.24 -17.59
N ASP A 145 7.08 -18.32 -16.28
CA ASP A 145 7.77 -19.34 -15.49
C ASP A 145 6.91 -20.60 -15.39
N HIS A 146 5.60 -20.42 -15.49
CA HIS A 146 4.68 -21.56 -15.41
C HIS A 146 4.77 -22.41 -16.68
N HIS A 147 4.92 -23.71 -16.49
CA HIS A 147 5.02 -24.64 -17.62
C HIS A 147 6.28 -24.37 -18.44
N HIS A 148 6.19 -23.39 -19.34
CA HIS A 148 7.34 -23.04 -20.18
C HIS A 148 7.02 -21.82 -21.05
N GLY A 149 6.29 -20.87 -20.46
CA GLY A 149 5.92 -19.67 -21.19
C GLY A 149 4.43 -19.67 -21.53
N ASP A 150 3.80 -18.50 -21.38
CA ASP A 150 2.38 -18.38 -21.68
C ASP A 150 2.11 -17.17 -22.56
N HIS A 151 0.85 -16.99 -22.95
CA HIS A 151 0.48 -15.86 -23.79
C HIS A 151 -0.50 -14.94 -23.06
N HIS A 152 -0.04 -13.74 -22.72
CA HIS A 152 -0.88 -12.78 -22.03
C HIS A 152 -1.31 -13.33 -20.67
N HIS A 153 -1.81 -12.45 -19.80
CA HIS A 153 -2.25 -12.86 -18.48
C HIS A 153 -1.08 -13.45 -17.68
FE HEC B . 5.87 7.85 -0.02
CHA HEC B . 5.80 5.53 2.46
CHB HEC B . 2.52 7.54 -0.39
CHC HEC B . 5.94 10.17 -2.46
CHD HEC B . 9.22 8.09 0.34
NA HEC B . 4.48 6.79 0.85
C1A HEC B . 4.61 5.87 1.87
C2A HEC B . 3.34 5.29 2.23
C3A HEC B . 2.42 5.84 1.43
C4A HEC B . 3.12 6.77 0.58
CMA HEC B . 0.95 5.56 1.41
CAA HEC B . 3.10 4.27 3.30
CBA HEC B . 3.23 4.85 4.69
CGA HEC B . 3.36 3.74 5.72
O1A HEC B . 2.59 2.79 5.63
O2A HEC B . 4.21 3.85 6.59
NB HEC B . 4.53 8.68 -1.16
C1B HEC B . 3.17 8.43 -1.21
C2B HEC B . 2.51 9.20 -2.22
C3B HEC B . 3.48 9.94 -2.82
C4B HEC B . 4.71 9.62 -2.15
CMB HEC B . 1.06 9.19 -2.55
CAB HEC B . 3.30 10.80 -4.02
CBB HEC B . 2.19 11.84 -3.84
NC HEC B . 7.27 8.92 -0.86
C1C HEC B . 7.13 9.86 -1.85
C2C HEC B . 8.41 10.46 -2.20
C3C HEC B . 9.35 9.83 -1.42
C4C HEC B . 8.63 8.90 -0.59
CMC HEC B . 8.62 11.59 -3.18
CAC HEC B . 10.85 9.93 -1.45
CBC HEC B . 11.44 11.21 -2.06
ND HEC B . 7.21 7.00 1.13
C1D HEC B . 8.57 7.21 1.16
C2D HEC B . 9.23 6.40 2.14
C3D HEC B . 8.26 5.67 2.75
C4D HEC B . 7.02 6.05 2.12
CMD HEC B . 10.68 6.36 2.45
CAD HEC B . 8.43 4.70 3.86
CBD HEC B . 8.45 3.26 3.36
CGD HEC B . 9.22 2.37 4.35
O1D HEC B . 10.29 1.91 4.00
O2D HEC B . 8.72 2.20 5.45
HHA HEC B . 5.78 4.79 3.25
HHB HEC B . 1.44 7.44 -0.51
HHC HEC B . 5.96 10.93 -3.25
HHD HEC B . 10.30 8.18 0.45
HMA1 HEC B . 0.42 6.45 1.11
HMA2 HEC B . 0.63 5.27 2.40
HMA3 HEC B . 0.74 4.76 0.71
HAA1 HEC B . 3.81 3.46 3.18
HAA2 HEC B . 2.10 3.87 3.18
HBA1 HEC B . 2.35 5.46 4.92
HBA2 HEC B . 4.11 5.48 4.74
HMB1 HEC B . 0.56 9.94 -1.96
HMB2 HEC B . 0.66 8.22 -2.34
HMB3 HEC B . 0.93 9.42 -3.60
HAB HEC B . 4.23 11.31 -4.24
HBB1 HEC B . 1.80 11.78 -2.82
HBB2 HEC B . 1.38 11.64 -4.54
HBB3 HEC B . 2.58 12.82 -4.01
HMC1 HEC B . 7.67 12.00 -3.47
HMC2 HEC B . 9.13 11.21 -4.05
HMC3 HEC B . 9.21 12.35 -2.71
HAC HEC B . 11.21 9.85 -0.42
HBC1 HEC B . 11.00 12.07 -1.57
HBC2 HEC B . 11.22 11.24 -3.12
HBC3 HEC B . 12.51 11.22 -1.91
HMD1 HEC B . 10.89 7.04 3.26
HMD2 HEC B . 11.24 6.66 1.58
HMD3 HEC B . 10.96 5.36 2.74
HAD1 HEC B . 7.62 4.81 4.56
HAD2 HEC B . 9.36 4.91 4.37
HBD1 HEC B . 8.93 3.21 2.40
HBD2 HEC B . 7.44 2.89 3.28
N MET A 1 47.01 -9.94 37.37
CA MET A 1 46.92 -9.69 38.84
C MET A 1 45.47 -9.79 39.28
N ASP A 2 44.74 -10.73 38.69
CA ASP A 2 43.33 -10.92 39.04
C ASP A 2 42.53 -9.67 38.68
N ILE A 3 41.24 -9.85 38.45
CA ILE A 3 40.36 -8.74 38.10
C ILE A 3 39.71 -8.16 39.36
N GLY A 4 39.69 -6.84 39.45
CA GLY A 4 39.09 -6.17 40.60
C GLY A 4 37.61 -5.90 40.36
N ILE A 5 37.27 -5.59 39.12
CA ILE A 5 35.88 -5.30 38.76
C ILE A 5 35.51 -6.01 37.46
N ASN A 6 34.78 -7.11 37.57
CA ASN A 6 34.36 -7.87 36.40
C ASN A 6 33.71 -6.95 35.37
N SER A 7 34.20 -7.00 34.14
CA SER A 7 33.65 -6.16 33.08
C SER A 7 32.18 -6.47 32.87
N ASP A 8 31.64 -5.99 31.75
CA ASP A 8 30.23 -6.22 31.43
C ASP A 8 30.06 -6.53 29.95
N PRO A 9 30.47 -7.70 29.54
CA PRO A 9 30.36 -8.12 28.11
C PRO A 9 28.92 -8.42 27.71
N HIS A 10 28.54 -7.95 26.52
CA HIS A 10 27.18 -8.17 26.02
C HIS A 10 26.16 -7.57 26.98
N PRO A 11 26.19 -6.27 27.13
CA PRO A 11 25.24 -5.54 28.03
C PRO A 11 23.83 -5.49 27.47
N PRO A 12 22.88 -5.09 28.27
CA PRO A 12 21.45 -4.99 27.85
C PRO A 12 21.29 -4.27 26.52
N HIS A 13 20.81 -4.99 25.51
CA HIS A 13 20.62 -4.41 24.18
C HIS A 13 19.15 -4.04 23.98
N HIS A 14 18.92 -2.96 23.24
CA HIS A 14 17.56 -2.51 22.97
C HIS A 14 17.49 -1.78 21.63
N HIS A 15 16.66 -2.29 20.74
CA HIS A 15 16.50 -1.67 19.41
C HIS A 15 15.03 -1.49 19.08
N ASP A 16 14.31 -2.61 18.94
CA ASP A 16 12.89 -2.56 18.62
C ASP A 16 12.68 -1.97 17.22
N HIS A 17 12.09 -2.76 16.34
CA HIS A 17 11.83 -2.31 14.98
C HIS A 17 10.35 -1.98 14.79
N HIS A 18 9.50 -3.00 14.92
CA HIS A 18 8.07 -2.81 14.76
C HIS A 18 7.75 -2.28 13.37
N GLY A 19 8.55 -2.68 12.38
CA GLY A 19 8.34 -2.24 11.01
C GLY A 19 8.57 -0.73 10.88
N HIS A 20 8.64 -0.26 9.65
CA HIS A 20 8.86 1.17 9.41
C HIS A 20 8.11 1.61 8.15
N GLY A 21 7.00 2.32 8.35
CA GLY A 21 6.21 2.79 7.22
C GLY A 21 4.84 2.12 7.20
N SER A 22 4.83 0.82 6.86
CA SER A 22 3.59 0.08 6.81
C SER A 22 3.00 -0.10 8.21
N GLY A 23 1.68 -0.15 8.29
CA GLY A 23 1.00 -0.30 9.56
C GLY A 23 0.60 1.06 10.15
N TRP A 24 0.54 2.07 9.30
CA TRP A 24 0.17 3.41 9.74
C TRP A 24 -1.11 3.38 10.56
N GLU A 25 -1.23 4.34 11.48
CA GLU A 25 -2.42 4.43 12.31
C GLU A 25 -3.61 4.85 11.47
N VAL A 26 -4.61 3.99 11.44
CA VAL A 26 -5.80 4.27 10.66
C VAL A 26 -7.04 3.64 11.32
N PRO A 27 -7.86 4.41 11.99
CA PRO A 27 -9.08 3.87 12.64
C PRO A 27 -9.88 3.00 11.68
N GLU A 28 -10.34 1.85 12.17
CA GLU A 28 -11.12 0.95 11.33
C GLU A 28 -12.32 1.69 10.74
N ALA A 29 -12.73 2.75 11.41
CA ALA A 29 -13.86 3.53 10.97
C ALA A 29 -13.54 4.34 9.71
N GLU A 30 -12.28 4.67 9.51
CA GLU A 30 -11.91 5.44 8.31
C GLU A 30 -11.71 4.51 7.14
N ILE A 31 -11.33 3.30 7.48
CA ILE A 31 -11.05 2.27 6.53
C ILE A 31 -12.30 1.71 5.88
N HIS A 32 -13.36 1.66 6.66
CA HIS A 32 -14.61 1.08 6.20
C HIS A 32 -15.75 2.09 6.09
N ARG A 33 -15.49 3.40 6.12
CA ARG A 33 -16.65 4.29 6.09
C ARG A 33 -17.17 4.60 4.69
N GLU A 34 -16.37 5.25 3.84
CA GLU A 34 -16.83 5.53 2.50
C GLU A 34 -15.75 5.26 1.49
N ASN A 35 -16.06 4.48 0.49
CA ASN A 35 -15.11 4.26 -0.53
C ASN A 35 -15.79 3.94 -1.84
N PRO A 36 -15.93 4.89 -2.72
CA PRO A 36 -16.53 4.64 -4.04
C PRO A 36 -15.41 4.22 -4.97
N ILE A 37 -15.40 2.97 -5.33
CA ILE A 37 -14.36 2.45 -6.18
C ILE A 37 -14.91 1.92 -7.50
N PRO A 38 -14.74 2.62 -8.61
CA PRO A 38 -15.19 2.10 -9.91
C PRO A 38 -14.18 1.07 -10.43
N PRO A 39 -14.58 -0.15 -10.66
CA PRO A 39 -13.63 -1.20 -11.15
C PRO A 39 -13.49 -1.20 -12.67
N ASP A 40 -12.51 -0.47 -13.16
CA ASP A 40 -12.28 -0.40 -14.61
C ASP A 40 -10.80 -0.33 -14.92
N ALA A 41 -10.51 -0.24 -16.20
CA ALA A 41 -9.13 -0.16 -16.68
C ALA A 41 -8.61 1.25 -16.54
N ARG A 42 -9.53 2.19 -16.64
CA ARG A 42 -9.17 3.59 -16.56
C ARG A 42 -8.87 3.98 -15.13
N SER A 43 -9.52 3.30 -14.20
CA SER A 43 -9.30 3.54 -12.80
C SER A 43 -7.92 3.04 -12.45
N LEU A 44 -7.55 1.99 -13.15
CA LEU A 44 -6.28 1.34 -13.01
C LEU A 44 -5.19 2.11 -13.71
N ASP A 45 -5.47 2.50 -14.93
CA ASP A 45 -4.52 3.22 -15.74
C ASP A 45 -4.30 4.60 -15.21
N GLN A 46 -5.38 5.36 -15.09
CA GLN A 46 -5.26 6.71 -14.59
C GLN A 46 -4.84 6.67 -13.14
N GLY A 47 -5.40 5.73 -12.40
CA GLY A 47 -5.06 5.53 -11.00
C GLY A 47 -3.58 5.25 -10.89
N GLY A 48 -3.03 4.80 -11.99
CA GLY A 48 -1.63 4.44 -12.08
C GLY A 48 -0.70 5.63 -12.35
N VAL A 49 -1.22 6.69 -12.97
CA VAL A 49 -0.36 7.82 -13.32
C VAL A 49 -0.10 8.75 -12.14
N LEU A 50 -1.12 8.98 -11.34
CA LEU A 50 -1.00 9.87 -10.19
C LEU A 50 0.23 9.51 -9.37
N TYR A 51 0.32 8.24 -9.06
CA TYR A 51 1.41 7.70 -8.28
C TYR A 51 2.72 7.73 -9.05
N ALA A 52 2.62 7.57 -10.35
CA ALA A 52 3.80 7.52 -11.21
C ALA A 52 4.32 8.91 -11.59
N GLU A 53 3.51 9.92 -11.39
CA GLU A 53 3.87 11.25 -11.74
C GLU A 53 4.90 11.82 -10.80
N HIS A 54 4.69 11.57 -9.51
CA HIS A 54 5.59 12.13 -8.51
C HIS A 54 6.05 11.12 -7.44
N CYS A 55 5.19 10.18 -7.10
CA CYS A 55 5.52 9.22 -6.04
C CYS A 55 6.52 8.15 -6.49
N VAL A 56 6.41 7.68 -7.73
CA VAL A 56 7.31 6.63 -8.22
C VAL A 56 8.73 7.06 -8.20
N ARG A 57 8.94 8.33 -8.44
CA ARG A 57 10.27 8.88 -8.42
C ARG A 57 10.96 8.56 -7.10
N CYS A 58 10.18 8.13 -6.09
CA CYS A 58 10.78 7.77 -4.81
C CYS A 58 10.51 6.30 -4.48
N HIS A 59 9.28 5.80 -4.71
CA HIS A 59 9.06 4.38 -4.46
C HIS A 59 8.11 3.68 -5.44
N GLY A 60 8.68 3.27 -6.57
CA GLY A 60 7.97 2.48 -7.57
C GLY A 60 6.67 3.10 -8.06
N GLU A 61 6.25 2.65 -9.26
CA GLU A 61 5.03 3.16 -9.84
C GLU A 61 3.96 3.24 -8.77
N THR A 62 3.56 2.10 -8.22
CA THR A 62 2.62 2.15 -7.14
C THR A 62 2.90 1.08 -6.07
N LEU A 63 3.16 -0.16 -6.52
CA LEU A 63 3.39 -1.25 -5.59
C LEU A 63 4.81 -1.83 -5.59
N ARG A 64 5.43 -1.80 -6.74
CA ARG A 64 6.74 -2.40 -6.91
C ARG A 64 7.76 -1.80 -5.96
N GLY A 65 7.68 -0.49 -5.81
CA GLY A 65 8.60 0.19 -4.94
C GLY A 65 10.03 0.01 -5.43
N ASP A 66 10.20 -0.01 -6.75
CA ASP A 66 11.54 -0.20 -7.32
C ASP A 66 12.30 1.14 -7.39
N GLY A 67 11.54 2.23 -7.24
CA GLY A 67 12.07 3.62 -7.23
C GLY A 67 13.21 3.88 -8.25
N PRO A 68 13.03 4.76 -9.21
CA PRO A 68 14.08 5.10 -10.19
C PRO A 68 15.03 6.18 -9.67
N ASP A 69 14.47 7.19 -8.97
CA ASP A 69 15.30 8.27 -8.45
C ASP A 69 15.35 8.25 -6.92
N ALA A 70 15.21 7.08 -6.34
CA ALA A 70 15.24 6.95 -4.89
C ALA A 70 16.68 6.80 -4.37
N HIS A 71 17.62 6.58 -5.28
CA HIS A 71 19.00 6.39 -4.87
C HIS A 71 19.49 7.56 -4.03
N ASP A 72 19.21 8.78 -4.48
CA ASP A 72 19.61 9.97 -3.74
C ASP A 72 18.69 10.17 -2.53
N LEU A 73 17.49 9.64 -2.65
CA LEU A 73 16.48 9.74 -1.60
C LEU A 73 16.80 8.77 -0.46
N ASP A 74 16.02 8.90 0.59
CA ASP A 74 16.15 8.07 1.78
C ASP A 74 16.42 6.61 1.42
N PRO A 75 16.92 5.84 2.36
CA PRO A 75 17.25 4.39 2.15
C PRO A 75 16.21 3.66 1.32
N PRO A 76 16.53 2.47 0.86
CA PRO A 76 15.61 1.65 0.01
C PRO A 76 14.18 1.66 0.52
N VAL A 77 13.27 1.63 -0.43
CA VAL A 77 11.84 1.66 -0.15
C VAL A 77 11.26 0.24 -0.11
N ALA A 78 10.10 0.10 0.52
CA ALA A 78 9.45 -1.20 0.65
C ALA A 78 8.57 -1.53 -0.56
N ASP A 79 8.15 -2.79 -0.62
CA ASP A 79 7.29 -3.27 -1.69
C ASP A 79 5.85 -3.28 -1.23
N LEU A 80 5.06 -2.39 -1.81
CA LEU A 80 3.66 -2.24 -1.44
C LEU A 80 2.78 -3.36 -1.99
N VAL A 81 3.27 -4.07 -3.00
CA VAL A 81 2.46 -5.16 -3.58
C VAL A 81 2.27 -6.29 -2.57
N GLU A 82 3.27 -6.45 -1.72
CA GLU A 82 3.24 -7.49 -0.69
C GLU A 82 2.40 -7.06 0.50
N HIS A 83 2.48 -5.78 0.83
CA HIS A 83 1.75 -5.22 1.97
C HIS A 83 0.37 -4.70 1.57
N ALA A 84 0.14 -4.59 0.27
CA ALA A 84 -1.14 -4.10 -0.23
C ALA A 84 -2.30 -4.94 0.28
N PRO A 85 -2.30 -6.24 0.07
CA PRO A 85 -3.40 -7.09 0.58
C PRO A 85 -3.57 -6.96 2.09
N HIS A 86 -2.56 -6.39 2.75
CA HIS A 86 -2.61 -6.20 4.19
C HIS A 86 -3.31 -4.88 4.52
N HIS A 87 -3.29 -3.95 3.56
CA HIS A 87 -3.92 -2.64 3.76
C HIS A 87 -5.29 -2.60 3.08
N SER A 88 -6.24 -1.96 3.74
CA SER A 88 -7.59 -1.85 3.23
C SER A 88 -7.75 -0.62 2.32
N ASP A 89 -8.91 -0.50 1.68
CA ASP A 89 -9.17 0.61 0.77
C ASP A 89 -9.34 1.95 1.51
N GLY A 90 -10.23 2.01 2.51
CA GLY A 90 -10.45 3.24 3.24
C GLY A 90 -9.14 3.77 3.81
N ASP A 91 -8.26 2.87 4.21
CA ASP A 91 -6.97 3.26 4.79
C ASP A 91 -6.09 3.98 3.77
N LEU A 92 -5.90 3.36 2.61
CA LEU A 92 -5.08 3.96 1.56
C LEU A 92 -5.73 5.24 1.07
N ALA A 93 -7.06 5.23 1.02
CA ALA A 93 -7.81 6.39 0.56
C ALA A 93 -7.75 7.47 1.61
N TYR A 94 -7.67 7.05 2.87
CA TYR A 94 -7.61 7.96 4.00
C TYR A 94 -6.26 8.68 4.04
N ARG A 95 -5.21 7.95 3.75
CA ARG A 95 -3.87 8.52 3.78
C ARG A 95 -3.61 9.41 2.57
N VAL A 96 -4.19 9.07 1.43
CA VAL A 96 -3.98 9.87 0.23
C VAL A 96 -4.74 11.18 0.31
N ARG A 97 -5.88 11.14 0.98
CA ARG A 97 -6.73 12.32 1.07
C ARG A 97 -6.35 13.23 2.25
N ILE A 98 -6.15 12.67 3.44
CA ILE A 98 -5.82 13.50 4.61
C ILE A 98 -4.32 13.50 4.88
N GLY A 99 -3.65 12.37 4.66
CA GLY A 99 -2.21 12.30 4.88
C GLY A 99 -1.84 12.66 6.32
N ARG A 100 -0.59 12.39 6.69
CA ARG A 100 -0.12 12.68 8.04
C ARG A 100 1.12 13.56 8.00
N GLY A 101 1.96 13.36 6.98
CA GLY A 101 3.19 14.14 6.85
C GLY A 101 3.20 14.96 5.57
N PRO A 102 4.33 15.53 5.25
CA PRO A 102 4.52 16.37 4.04
C PRO A 102 4.49 15.58 2.74
N MET A 103 4.33 14.26 2.82
CA MET A 103 4.30 13.43 1.62
C MET A 103 2.86 13.29 1.11
N PRO A 104 1.96 12.75 1.91
CA PRO A 104 0.54 12.57 1.53
C PRO A 104 -0.26 13.84 1.65
N GLY A 105 -1.52 13.77 1.26
CA GLY A 105 -2.37 14.93 1.34
C GLY A 105 -2.79 15.39 -0.04
N PHE A 106 -2.83 14.45 -0.98
CA PHE A 106 -3.20 14.78 -2.35
C PHE A 106 -4.72 14.83 -2.53
N GLY A 107 -5.44 15.11 -1.45
CA GLY A 107 -6.90 15.20 -1.54
C GLY A 107 -7.27 16.49 -2.26
N ASP A 108 -6.41 17.50 -2.09
CA ASP A 108 -6.63 18.79 -2.74
C ASP A 108 -5.92 18.81 -4.08
N ALA A 109 -4.87 18.01 -4.18
CA ALA A 109 -4.10 17.91 -5.42
C ALA A 109 -4.82 16.99 -6.40
N LEU A 110 -5.59 16.06 -5.86
CA LEU A 110 -6.32 15.12 -6.67
C LEU A 110 -7.78 15.17 -6.31
N ASP A 111 -8.60 14.53 -7.12
CA ASP A 111 -10.01 14.47 -6.86
C ASP A 111 -10.33 13.13 -6.23
N GLU A 112 -11.55 12.99 -5.79
CA GLU A 112 -11.96 11.76 -5.18
C GLU A 112 -11.82 10.62 -6.17
N ARG A 113 -12.23 10.89 -7.38
CA ARG A 113 -12.17 9.91 -8.44
C ARG A 113 -10.74 9.44 -8.66
N ASP A 114 -9.82 10.35 -8.40
CA ASP A 114 -8.40 10.06 -8.54
C ASP A 114 -7.94 9.27 -7.34
N ILE A 115 -8.61 9.51 -6.23
CA ILE A 115 -8.30 8.83 -5.01
C ILE A 115 -8.77 7.39 -5.10
N TRP A 116 -9.94 7.17 -5.71
CA TRP A 116 -10.44 5.82 -5.86
C TRP A 116 -9.68 5.16 -6.97
N ASP A 117 -9.23 5.94 -7.96
CA ASP A 117 -8.45 5.37 -9.04
C ASP A 117 -7.11 4.97 -8.46
N LEU A 118 -6.58 5.82 -7.57
CA LEU A 118 -5.33 5.55 -6.90
C LEU A 118 -5.46 4.25 -6.10
N VAL A 119 -6.66 4.06 -5.56
CA VAL A 119 -6.99 2.88 -4.74
C VAL A 119 -7.25 1.68 -5.64
N ASN A 120 -7.79 1.95 -6.81
CA ASN A 120 -8.12 0.92 -7.77
C ASN A 120 -6.90 0.27 -8.41
N PHE A 121 -6.00 1.10 -8.93
CA PHE A 121 -4.80 0.60 -9.59
C PHE A 121 -3.96 -0.24 -8.62
N MET A 122 -3.94 0.19 -7.36
CA MET A 122 -3.18 -0.51 -6.32
C MET A 122 -3.88 -1.79 -5.92
N ARG A 123 -5.19 -1.69 -5.86
CA ARG A 123 -6.04 -2.79 -5.47
C ARG A 123 -6.11 -3.86 -6.54
N ASP A 124 -6.01 -3.42 -7.78
CA ASP A 124 -6.05 -4.32 -8.90
C ASP A 124 -4.73 -5.03 -9.04
N ARG A 125 -3.70 -4.22 -9.08
CA ARG A 125 -2.34 -4.68 -9.21
C ARG A 125 -1.97 -5.65 -8.09
N ALA A 126 -2.24 -5.23 -6.85
CA ALA A 126 -1.91 -6.05 -5.69
C ALA A 126 -2.58 -7.41 -5.78
N GLN A 127 -3.86 -7.40 -6.10
CA GLN A 127 -4.63 -8.64 -6.20
C GLN A 127 -4.16 -9.47 -7.40
N GLY A 128 -3.78 -8.78 -8.47
CA GLY A 128 -3.30 -9.47 -9.67
C GLY A 128 -1.94 -10.11 -9.44
N ALA A 129 -1.11 -9.46 -8.62
CA ALA A 129 0.21 -9.99 -8.32
C ALA A 129 0.12 -11.09 -7.27
N ALA A 130 -0.95 -11.03 -6.50
CA ALA A 130 -1.20 -12.02 -5.45
C ALA A 130 -1.85 -13.24 -6.10
N LEU A 131 -2.66 -12.97 -7.11
CA LEU A 131 -3.35 -14.00 -7.83
C LEU A 131 -2.33 -14.96 -8.46
N ALA A 132 -1.28 -14.39 -9.03
CA ALA A 132 -0.23 -15.19 -9.65
C ALA A 132 0.55 -15.97 -8.59
N GLY A 133 0.53 -15.47 -7.36
CA GLY A 133 1.24 -16.12 -6.27
C GLY A 133 2.72 -15.75 -6.29
N THR A 134 2.99 -14.44 -6.37
CA THR A 134 4.37 -13.97 -6.40
C THR A 134 5.14 -14.44 -5.18
N ASN A 135 4.41 -14.75 -4.11
CA ASN A 135 5.05 -15.22 -2.88
C ASN A 135 5.98 -16.39 -3.19
N GLY A 136 7.28 -16.14 -3.04
CA GLY A 136 8.27 -17.19 -3.31
C GLY A 136 8.67 -17.18 -4.78
N HIS A 137 8.54 -16.03 -5.42
CA HIS A 137 8.89 -15.90 -6.83
C HIS A 137 8.86 -14.43 -7.26
N SER A 138 9.13 -14.17 -8.53
CA SER A 138 9.12 -12.81 -9.04
C SER A 138 8.40 -12.72 -10.38
N PRO A 139 7.11 -12.96 -10.38
CA PRO A 139 6.28 -12.90 -11.61
C PRO A 139 6.54 -11.63 -12.43
N ASP A 140 6.47 -11.75 -13.75
CA ASP A 140 6.71 -10.62 -14.63
C ASP A 140 5.38 -9.96 -15.01
N HIS A 141 5.46 -8.72 -15.49
CA HIS A 141 4.25 -8.00 -15.89
C HIS A 141 4.05 -8.09 -17.39
N ALA A 142 5.15 -8.25 -18.13
CA ALA A 142 5.07 -8.34 -19.59
C ALA A 142 4.33 -9.62 -20.00
N ALA A 143 3.34 -9.46 -20.87
CA ALA A 143 2.56 -10.59 -21.34
C ALA A 143 3.31 -11.35 -22.43
N GLY A 144 3.23 -12.68 -22.38
CA GLY A 144 3.91 -13.51 -23.37
C GLY A 144 5.39 -13.63 -23.05
N ASP A 145 5.73 -13.52 -21.77
CA ASP A 145 7.11 -13.63 -21.34
C ASP A 145 7.47 -15.07 -21.02
N HIS A 146 6.46 -15.85 -20.64
CA HIS A 146 6.68 -17.25 -20.31
C HIS A 146 7.36 -17.99 -21.46
N HIS A 147 8.24 -18.91 -21.11
CA HIS A 147 8.96 -19.67 -22.13
C HIS A 147 8.43 -21.11 -22.20
N HIS A 148 7.15 -21.27 -21.92
CA HIS A 148 6.53 -22.59 -21.96
C HIS A 148 5.58 -22.71 -23.14
N GLY A 149 6.12 -23.05 -24.31
CA GLY A 149 5.31 -23.20 -25.51
C GLY A 149 5.47 -21.99 -26.42
N ASP A 150 6.68 -21.81 -26.93
CA ASP A 150 6.97 -20.69 -27.82
C ASP A 150 8.30 -20.89 -28.54
N HIS A 151 8.25 -20.95 -29.87
CA HIS A 151 9.47 -21.14 -30.65
C HIS A 151 10.07 -22.50 -30.39
N HIS A 152 10.44 -23.20 -31.46
CA HIS A 152 11.04 -24.53 -31.33
C HIS A 152 12.31 -24.62 -32.16
N HIS A 153 13.41 -24.10 -31.61
CA HIS A 153 14.69 -24.13 -32.30
C HIS A 153 15.82 -23.70 -31.37
FE HEC B . 5.47 7.66 -0.05
CHA HEC B . 5.30 5.29 2.37
CHB HEC B . 2.16 7.30 -0.62
CHC HEC B . 5.63 10.07 -2.40
CHD HEC B . 8.79 7.95 0.50
NA HEC B . 4.05 6.55 0.70
C1A HEC B . 4.14 5.61 1.71
C2A HEC B . 2.86 5.00 2.00
C3A HEC B . 1.98 5.57 1.14
C4A HEC B . 2.71 6.51 0.35
CMA HEC B . 0.52 5.26 1.04
CAA HEC B . 2.56 3.99 3.03
CBA HEC B . 2.91 2.57 2.59
CGA HEC B . 3.68 1.84 3.69
O1A HEC B . 3.36 0.69 3.94
O2A HEC B . 4.57 2.45 4.26
NB HEC B . 4.18 8.50 -1.25
C1B HEC B . 2.84 8.22 -1.38
C2B HEC B . 2.23 9.03 -2.40
C3B HEC B . 3.21 9.80 -2.92
C4B HEC B . 4.42 9.47 -2.19
CMB HEC B . 0.80 9.00 -2.82
CAB HEC B . 3.09 10.71 -4.10
CBB HEC B . 1.93 11.69 -3.97
NC HEC B . 6.90 8.79 -0.78
C1C HEC B . 6.80 9.76 -1.75
C2C HEC B . 8.08 10.37 -2.02
C3C HEC B . 8.99 9.73 -1.22
C4C HEC B . 8.23 8.77 -0.45
CMC HEC B . 8.32 11.53 -2.94
CAC HEC B . 10.50 9.84 -1.18
CBC HEC B . 11.08 11.15 -1.71
ND HEC B . 6.75 6.81 1.17
C1D HEC B . 8.11 7.04 1.26
C2D HEC B . 8.72 6.22 2.27
C3D HEC B . 7.73 5.47 2.81
C4D HEC B . 6.52 5.85 2.12
CMD HEC B . 10.16 6.19 2.65
CAD HEC B . 7.87 4.47 3.90
CBD HEC B . 8.22 3.08 3.37
CGD HEC B . 9.71 2.99 3.10
O1D HEC B . 10.11 3.32 2.00
O2D HEC B . 10.44 2.59 3.99
HHA HEC B . 5.23 4.54 3.16
HHB HEC B . 1.10 7.18 -0.81
HHC HEC B . 5.68 10.84 -3.16
HHD HEC B . 9.87 8.04 0.67
HMA1 HEC B . 0.37 4.42 0.38
HMA2 HEC B . 0.00 6.12 0.64
HMA3 HEC B . 0.13 5.03 2.02
HAA1 HEC B . 1.51 4.03 3.28
HAA2 HEC B . 3.13 4.23 3.93
HBA1 HEC B . 3.53 2.62 1.70
HBA2 HEC B . 2.01 2.03 2.36
HMB1 HEC B . 0.25 9.78 -2.29
HMB2 HEC B . 0.37 8.04 -2.57
HMB3 HEC B . 0.72 9.18 -3.88
HAB HEC B . 4.01 11.27 -4.21
HBB1 HEC B . 1.03 11.24 -4.37
HBB2 HEC B . 2.16 12.59 -4.52
HBB3 HEC B . 1.77 11.94 -2.93
HMC1 HEC B . 8.88 12.30 -2.41
HMC2 HEC B . 7.38 11.95 -3.26
HMC3 HEC B . 8.88 11.20 -3.80
HAC HEC B . 10.82 9.70 -0.16
HBC1 HEC B . 10.63 11.97 -1.18
HBC2 HEC B . 10.90 11.23 -2.76
HBC3 HEC B . 12.16 11.16 -1.53
HMD1 HEC B . 10.71 5.58 1.95
HMD2 HEC B . 10.26 5.77 3.65
HMD3 HEC B . 10.56 7.20 2.64
HAD1 HEC B . 6.92 4.41 4.43
HAD2 HEC B . 8.63 4.79 4.59
HBD1 HEC B . 7.68 2.89 2.45
HBD2 HEC B . 7.95 2.34 4.11
N MET A 1 -28.38 -44.12 31.83
CA MET A 1 -27.68 -44.32 30.53
C MET A 1 -26.24 -44.75 30.79
N ASP A 2 -25.52 -45.10 29.73
CA ASP A 2 -24.14 -45.53 29.87
C ASP A 2 -23.27 -44.37 30.36
N ILE A 3 -23.29 -43.27 29.64
CA ILE A 3 -22.51 -42.10 30.01
C ILE A 3 -22.99 -41.53 31.34
N GLY A 4 -22.04 -41.28 32.25
CA GLY A 4 -22.39 -40.75 33.56
C GLY A 4 -22.38 -39.23 33.54
N ILE A 5 -21.47 -38.66 32.75
CA ILE A 5 -21.37 -37.20 32.65
C ILE A 5 -21.22 -36.78 31.20
N ASN A 6 -22.33 -36.36 30.59
CA ASN A 6 -22.31 -35.93 29.20
C ASN A 6 -21.40 -34.72 29.01
N SER A 7 -20.73 -34.66 27.87
CA SER A 7 -19.83 -33.54 27.58
C SER A 7 -19.75 -33.29 26.08
N ASP A 8 -20.16 -32.10 25.66
CA ASP A 8 -20.12 -31.75 24.25
C ASP A 8 -20.37 -30.25 24.07
N PRO A 9 -19.48 -29.44 24.56
CA PRO A 9 -19.58 -27.96 24.45
C PRO A 9 -19.30 -27.46 23.04
N HIS A 10 -18.16 -27.87 22.49
CA HIS A 10 -17.78 -27.46 21.15
C HIS A 10 -17.82 -25.94 21.02
N PRO A 11 -16.94 -25.25 21.68
CA PRO A 11 -16.86 -23.76 21.65
C PRO A 11 -16.32 -23.25 20.32
N PRO A 12 -16.42 -21.97 20.10
CA PRO A 12 -15.95 -21.33 18.84
C PRO A 12 -14.53 -21.77 18.47
N HIS A 13 -14.25 -21.82 17.18
CA HIS A 13 -12.94 -22.24 16.70
C HIS A 13 -12.31 -21.15 15.84
N HIS A 14 -11.86 -20.07 16.48
CA HIS A 14 -11.24 -18.97 15.76
C HIS A 14 -10.08 -18.40 16.56
N HIS A 15 -8.92 -19.05 16.45
CA HIS A 15 -7.73 -18.59 17.17
C HIS A 15 -6.99 -17.52 16.37
N ASP A 16 -7.47 -16.28 16.46
CA ASP A 16 -6.85 -15.19 15.73
C ASP A 16 -7.06 -13.87 16.47
N HIS A 17 -6.31 -13.68 17.56
CA HIS A 17 -6.43 -12.46 18.34
C HIS A 17 -5.31 -11.49 17.99
N HIS A 18 -4.79 -11.60 16.77
CA HIS A 18 -3.71 -10.72 16.32
C HIS A 18 -4.15 -9.89 15.13
N GLY A 19 -4.91 -10.51 14.22
CA GLY A 19 -5.39 -9.80 13.04
C GLY A 19 -4.24 -9.46 12.10
N HIS A 20 -4.57 -8.90 10.94
CA HIS A 20 -3.56 -8.52 9.96
C HIS A 20 -2.45 -7.71 10.63
N GLY A 21 -2.76 -6.45 10.94
CA GLY A 21 -1.78 -5.57 11.58
C GLY A 21 -1.86 -4.16 11.01
N SER A 22 -1.72 -4.06 9.68
CA SER A 22 -1.78 -2.76 9.01
C SER A 22 -0.54 -1.93 9.34
N GLY A 23 -0.48 -1.41 10.56
CA GLY A 23 0.65 -0.60 10.99
C GLY A 23 0.33 0.89 10.85
N TRP A 24 -0.44 1.24 9.82
CA TRP A 24 -0.80 2.64 9.60
C TRP A 24 -1.97 3.02 10.51
N GLU A 25 -1.82 4.15 11.20
CA GLU A 25 -2.87 4.63 12.08
C GLU A 25 -4.12 5.01 11.29
N VAL A 26 -5.06 4.10 11.21
CA VAL A 26 -6.30 4.34 10.49
C VAL A 26 -7.45 3.57 11.14
N PRO A 27 -8.31 4.22 11.90
CA PRO A 27 -9.47 3.53 12.53
C PRO A 27 -10.20 2.65 11.53
N GLU A 28 -10.60 1.46 11.95
CA GLU A 28 -11.32 0.54 11.07
C GLU A 28 -12.53 1.23 10.48
N ALA A 29 -13.01 2.26 11.16
CA ALA A 29 -14.18 2.97 10.68
C ALA A 29 -13.85 3.80 9.44
N GLU A 30 -12.58 4.16 9.26
CA GLU A 30 -12.19 4.93 8.09
C GLU A 30 -12.01 4.00 6.91
N ILE A 31 -11.64 2.79 7.23
CA ILE A 31 -11.38 1.77 6.26
C ILE A 31 -12.66 1.33 5.55
N HIS A 32 -13.72 1.22 6.31
CA HIS A 32 -14.98 0.72 5.78
C HIS A 32 -16.10 1.75 5.74
N ARG A 33 -15.83 3.05 5.91
CA ARG A 33 -16.97 3.96 5.92
C ARG A 33 -17.41 4.39 4.52
N GLU A 34 -16.55 5.08 3.77
CA GLU A 34 -16.91 5.48 2.43
C GLU A 34 -15.79 5.22 1.46
N ASN A 35 -16.09 4.45 0.43
CA ASN A 35 -15.10 4.25 -0.57
C ASN A 35 -15.78 3.91 -1.88
N PRO A 36 -15.97 4.86 -2.76
CA PRO A 36 -16.60 4.60 -4.06
C PRO A 36 -15.52 4.28 -5.07
N ILE A 37 -15.44 3.04 -5.48
CA ILE A 37 -14.42 2.64 -6.43
C ILE A 37 -15.02 2.00 -7.70
N PRO A 38 -14.82 2.59 -8.86
CA PRO A 38 -15.31 2.00 -10.13
C PRO A 38 -14.26 1.00 -10.64
N PRO A 39 -14.59 -0.24 -10.86
CA PRO A 39 -13.59 -1.23 -11.33
C PRO A 39 -13.39 -1.18 -12.84
N ASP A 40 -12.37 -0.47 -13.27
CA ASP A 40 -12.07 -0.34 -14.69
C ASP A 40 -10.57 -0.27 -14.92
N ALA A 41 -10.19 -0.35 -16.19
CA ALA A 41 -8.79 -0.29 -16.58
C ALA A 41 -8.30 1.14 -16.47
N ARG A 42 -9.23 2.07 -16.61
CA ARG A 42 -8.92 3.48 -16.55
C ARG A 42 -8.67 3.90 -15.11
N SER A 43 -9.35 3.24 -14.20
CA SER A 43 -9.18 3.51 -12.79
C SER A 43 -7.81 3.03 -12.38
N LEU A 44 -7.40 1.98 -13.06
CA LEU A 44 -6.12 1.34 -12.85
C LEU A 44 -5.01 2.13 -13.53
N ASP A 45 -5.26 2.49 -14.77
CA ASP A 45 -4.30 3.22 -15.55
C ASP A 45 -4.15 4.64 -15.05
N GLN A 46 -5.27 5.36 -14.99
CA GLN A 46 -5.20 6.71 -14.52
C GLN A 46 -4.82 6.73 -13.06
N GLY A 47 -5.36 5.78 -12.30
CA GLY A 47 -5.04 5.63 -10.89
C GLY A 47 -3.55 5.41 -10.75
N GLY A 48 -2.96 4.99 -11.84
CA GLY A 48 -1.53 4.70 -11.90
C GLY A 48 -0.66 5.92 -12.19
N VAL A 49 -1.21 6.93 -12.87
CA VAL A 49 -0.40 8.09 -13.24
C VAL A 49 -0.18 9.05 -12.09
N LEU A 50 -1.21 9.27 -11.32
CA LEU A 50 -1.15 10.20 -10.19
C LEU A 50 0.11 9.97 -9.36
N TYR A 51 0.27 8.74 -8.96
CA TYR A 51 1.38 8.29 -8.16
C TYR A 51 2.66 8.24 -8.96
N ALA A 52 2.52 7.97 -10.25
CA ALA A 52 3.66 7.82 -11.13
C ALA A 52 4.21 9.15 -11.61
N GLU A 53 3.44 10.19 -11.47
CA GLU A 53 3.84 11.49 -11.92
C GLU A 53 4.94 12.04 -11.05
N HIS A 54 4.79 11.84 -9.75
CA HIS A 54 5.76 12.38 -8.82
C HIS A 54 6.23 11.40 -7.74
N CYS A 55 5.36 10.50 -7.32
CA CYS A 55 5.70 9.55 -6.25
C CYS A 55 6.59 8.38 -6.70
N VAL A 56 6.45 7.91 -7.94
CA VAL A 56 7.25 6.77 -8.41
C VAL A 56 8.69 7.11 -8.50
N ARG A 57 8.96 8.34 -8.84
CA ARG A 57 10.32 8.80 -8.95
C ARG A 57 11.08 8.51 -7.66
N CYS A 58 10.35 8.21 -6.58
CA CYS A 58 11.00 7.89 -5.31
C CYS A 58 10.71 6.46 -4.90
N HIS A 59 9.46 6.01 -5.00
CA HIS A 59 9.19 4.62 -4.63
C HIS A 59 8.13 3.91 -5.51
N GLY A 60 8.58 3.45 -6.66
CA GLY A 60 7.76 2.66 -7.58
C GLY A 60 6.44 3.29 -7.96
N GLU A 61 5.88 2.84 -9.08
CA GLU A 61 4.62 3.35 -9.57
C GLU A 61 3.66 3.46 -8.40
N THR A 62 3.30 2.33 -7.81
CA THR A 62 2.45 2.39 -6.64
C THR A 62 2.79 1.32 -5.61
N LEU A 63 2.98 0.09 -6.07
CA LEU A 63 3.26 -1.01 -5.17
C LEU A 63 4.66 -1.59 -5.25
N ARG A 64 5.22 -1.56 -6.44
CA ARG A 64 6.53 -2.17 -6.68
C ARG A 64 7.59 -1.56 -5.80
N GLY A 65 7.55 -0.25 -5.69
CA GLY A 65 8.54 0.44 -4.90
C GLY A 65 9.92 0.18 -5.47
N ASP A 66 10.01 0.10 -6.79
CA ASP A 66 11.30 -0.15 -7.43
C ASP A 66 12.10 1.15 -7.63
N GLY A 67 11.40 2.28 -7.48
CA GLY A 67 11.98 3.63 -7.59
C GLY A 67 13.06 3.79 -8.68
N PRO A 68 12.86 4.65 -9.66
CA PRO A 68 13.88 4.88 -10.72
C PRO A 68 14.94 5.90 -10.31
N ASP A 69 14.54 6.96 -9.60
CA ASP A 69 15.50 7.98 -9.19
C ASP A 69 15.84 7.87 -7.71
N ALA A 70 15.55 6.72 -7.11
CA ALA A 70 15.82 6.52 -5.69
C ALA A 70 17.30 6.24 -5.43
N HIS A 71 18.07 6.06 -6.49
CA HIS A 71 19.49 5.77 -6.32
C HIS A 71 20.18 6.84 -5.47
N ASP A 72 19.73 8.08 -5.59
CA ASP A 72 20.33 9.19 -4.82
C ASP A 72 19.46 9.51 -3.61
N LEU A 73 18.18 9.27 -3.74
CA LEU A 73 17.20 9.51 -2.69
C LEU A 73 17.49 8.66 -1.48
N ASP A 74 16.73 8.93 -0.43
CA ASP A 74 16.85 8.20 0.83
C ASP A 74 17.01 6.70 0.58
N PRO A 75 17.48 5.98 1.57
CA PRO A 75 17.71 4.49 1.47
C PRO A 75 16.58 3.78 0.73
N PRO A 76 16.82 2.55 0.34
CA PRO A 76 15.82 1.74 -0.41
C PRO A 76 14.42 1.85 0.16
N VAL A 77 13.45 1.83 -0.74
CA VAL A 77 12.06 1.94 -0.39
C VAL A 77 11.43 0.56 -0.28
N ALA A 78 10.28 0.46 0.39
CA ALA A 78 9.61 -0.83 0.57
C ALA A 78 8.65 -1.15 -0.57
N ASP A 79 8.23 -2.40 -0.62
CA ASP A 79 7.31 -2.90 -1.63
C ASP A 79 5.91 -2.97 -1.04
N LEU A 80 5.03 -2.12 -1.52
CA LEU A 80 3.66 -2.05 -1.02
C LEU A 80 2.78 -3.18 -1.55
N VAL A 81 3.20 -3.84 -2.61
CA VAL A 81 2.40 -4.92 -3.19
C VAL A 81 2.13 -6.00 -2.16
N GLU A 82 3.09 -6.17 -1.27
CA GLU A 82 3.00 -7.17 -0.23
C GLU A 82 2.13 -6.68 0.93
N HIS A 83 2.30 -5.41 1.28
CA HIS A 83 1.55 -4.82 2.38
C HIS A 83 0.15 -4.36 1.95
N ALA A 84 -0.06 -4.29 0.65
CA ALA A 84 -1.35 -3.86 0.12
C ALA A 84 -2.48 -4.76 0.58
N PRO A 85 -2.42 -6.06 0.35
CA PRO A 85 -3.50 -6.98 0.78
C PRO A 85 -3.74 -6.87 2.28
N HIS A 86 -2.78 -6.29 3.00
CA HIS A 86 -2.90 -6.11 4.43
C HIS A 86 -3.66 -4.82 4.74
N HIS A 87 -3.60 -3.87 3.80
CA HIS A 87 -4.29 -2.59 3.98
C HIS A 87 -5.59 -2.57 3.20
N SER A 88 -6.62 -1.95 3.79
CA SER A 88 -7.93 -1.89 3.15
C SER A 88 -8.05 -0.65 2.24
N ASP A 89 -9.18 -0.55 1.56
CA ASP A 89 -9.44 0.56 0.64
C ASP A 89 -9.65 1.89 1.37
N GLY A 90 -10.57 1.90 2.34
CA GLY A 90 -10.85 3.13 3.08
C GLY A 90 -9.56 3.72 3.65
N ASP A 91 -8.64 2.85 4.03
CA ASP A 91 -7.37 3.29 4.60
C ASP A 91 -6.48 3.88 3.52
N LEU A 92 -6.32 3.17 2.41
CA LEU A 92 -5.49 3.68 1.33
C LEU A 92 -6.04 5.02 0.86
N ALA A 93 -7.36 5.12 0.88
CA ALA A 93 -8.06 6.32 0.49
C ALA A 93 -7.93 7.37 1.57
N TYR A 94 -7.76 6.91 2.80
CA TYR A 94 -7.61 7.78 3.95
C TYR A 94 -6.21 8.37 3.95
N ARG A 95 -5.29 7.55 3.45
CA ARG A 95 -3.89 7.90 3.38
C ARG A 95 -3.61 8.90 2.25
N VAL A 96 -4.36 8.79 1.16
CA VAL A 96 -4.17 9.67 0.03
C VAL A 96 -4.87 11.00 0.27
N ARG A 97 -5.96 10.95 1.01
CA ARG A 97 -6.75 12.15 1.25
C ARG A 97 -6.25 12.96 2.45
N ILE A 98 -6.01 12.29 3.58
CA ILE A 98 -5.54 13.01 4.78
C ILE A 98 -4.03 12.84 4.94
N GLY A 99 -3.51 11.69 4.55
CA GLY A 99 -2.09 11.43 4.64
C GLY A 99 -1.51 11.82 6.00
N ARG A 100 -0.25 12.23 5.99
CA ARG A 100 0.43 12.63 7.23
C ARG A 100 0.92 14.07 7.12
N GLY A 101 1.68 14.36 6.07
CA GLY A 101 2.22 15.71 5.89
C GLY A 101 3.24 15.78 4.75
N PRO A 102 4.37 15.13 4.90
CA PRO A 102 5.45 15.14 3.89
C PRO A 102 4.94 15.00 2.45
N MET A 103 4.46 13.80 2.10
CA MET A 103 3.94 13.57 0.75
C MET A 103 2.46 13.18 0.79
N PRO A 104 2.07 12.18 1.55
CA PRO A 104 0.65 11.78 1.60
C PRO A 104 -0.23 12.97 1.97
N GLY A 105 -1.51 12.90 1.63
CA GLY A 105 -2.40 14.01 1.93
C GLY A 105 -2.78 14.72 0.63
N PHE A 106 -2.75 13.97 -0.46
CA PHE A 106 -3.06 14.49 -1.78
C PHE A 106 -4.57 14.63 -2.00
N GLY A 107 -5.33 14.80 -0.92
CA GLY A 107 -6.77 14.96 -1.06
C GLY A 107 -7.08 16.32 -1.69
N ASP A 108 -6.17 17.26 -1.50
CA ASP A 108 -6.32 18.60 -2.06
C ASP A 108 -5.63 18.68 -3.40
N ALA A 109 -4.60 17.83 -3.56
CA ALA A 109 -3.85 17.77 -4.81
C ALA A 109 -4.62 16.95 -5.83
N LEU A 110 -5.40 16.01 -5.34
CA LEU A 110 -6.19 15.15 -6.20
C LEU A 110 -7.64 15.21 -5.80
N ASP A 111 -8.50 14.68 -6.64
CA ASP A 111 -9.90 14.64 -6.34
C ASP A 111 -10.29 13.27 -5.87
N GLU A 112 -11.53 13.14 -5.43
CA GLU A 112 -12.02 11.86 -4.97
C GLU A 112 -11.92 10.85 -6.09
N ARG A 113 -12.23 11.31 -7.27
CA ARG A 113 -12.19 10.48 -8.46
C ARG A 113 -10.80 9.93 -8.67
N ASP A 114 -9.83 10.71 -8.29
CA ASP A 114 -8.43 10.33 -8.41
C ASP A 114 -8.04 9.44 -7.26
N ILE A 115 -8.70 9.66 -6.15
CA ILE A 115 -8.44 8.91 -4.95
C ILE A 115 -8.94 7.48 -5.08
N TRP A 116 -10.09 7.28 -5.72
CA TRP A 116 -10.58 5.93 -5.88
C TRP A 116 -9.75 5.24 -6.94
N ASP A 117 -9.25 6.02 -7.91
CA ASP A 117 -8.40 5.46 -8.94
C ASP A 117 -7.07 5.07 -8.32
N LEU A 118 -6.57 5.94 -7.45
CA LEU A 118 -5.32 5.66 -6.74
C LEU A 118 -5.50 4.37 -5.94
N VAL A 119 -6.73 4.17 -5.46
CA VAL A 119 -7.09 3.00 -4.67
C VAL A 119 -7.29 1.79 -5.56
N ASN A 120 -7.80 2.05 -6.75
CA ASN A 120 -8.09 1.00 -7.70
C ASN A 120 -6.83 0.38 -8.30
N PHE A 121 -5.93 1.20 -8.80
CA PHE A 121 -4.72 0.68 -9.40
C PHE A 121 -3.90 -0.09 -8.37
N MET A 122 -3.93 0.37 -7.13
CA MET A 122 -3.19 -0.27 -6.04
C MET A 122 -3.89 -1.55 -5.62
N ARG A 123 -5.21 -1.50 -5.64
CA ARG A 123 -6.04 -2.62 -5.26
C ARG A 123 -6.02 -3.71 -6.31
N ASP A 124 -5.89 -3.29 -7.55
CA ASP A 124 -5.86 -4.21 -8.66
C ASP A 124 -4.50 -4.88 -8.74
N ARG A 125 -3.49 -4.04 -8.75
CA ARG A 125 -2.13 -4.47 -8.82
C ARG A 125 -1.79 -5.42 -7.68
N ALA A 126 -2.12 -5.01 -6.46
CA ALA A 126 -1.85 -5.81 -5.29
C ALA A 126 -2.48 -7.19 -5.43
N GLN A 127 -3.68 -7.22 -5.99
CA GLN A 127 -4.40 -8.48 -6.19
C GLN A 127 -3.77 -9.27 -7.34
N GLY A 128 -3.26 -8.55 -8.33
CA GLY A 128 -2.63 -9.18 -9.48
C GLY A 128 -1.52 -10.14 -9.04
N ALA A 129 -0.92 -9.85 -7.90
CA ALA A 129 0.15 -10.68 -7.36
C ALA A 129 -0.44 -11.92 -6.68
N ALA A 130 -1.69 -11.81 -6.28
CA ALA A 130 -2.38 -12.91 -5.62
C ALA A 130 -2.88 -13.89 -6.67
N LEU A 131 -3.21 -13.34 -7.82
CA LEU A 131 -3.71 -14.12 -8.93
C LEU A 131 -2.66 -15.12 -9.40
N ALA A 132 -1.40 -14.77 -9.19
CA ALA A 132 -0.30 -15.64 -9.59
C ALA A 132 -0.15 -16.80 -8.61
N GLY A 133 -0.56 -16.57 -7.37
CA GLY A 133 -0.47 -17.61 -6.35
C GLY A 133 0.76 -17.41 -5.47
N THR A 134 1.14 -16.14 -5.29
CA THR A 134 2.31 -15.82 -4.48
C THR A 134 1.96 -15.85 -2.99
N ASN A 135 0.67 -15.78 -2.67
CA ASN A 135 0.24 -15.80 -1.28
C ASN A 135 0.90 -16.96 -0.54
N GLY A 136 1.80 -16.63 0.39
CA GLY A 136 2.50 -17.65 1.15
C GLY A 136 3.79 -18.06 0.45
N HIS A 137 4.35 -17.14 -0.33
CA HIS A 137 5.59 -17.40 -1.06
C HIS A 137 5.36 -18.46 -2.13
N SER A 138 6.44 -18.83 -2.82
CA SER A 138 6.37 -19.84 -3.87
C SER A 138 5.20 -19.57 -4.81
N PRO A 139 5.34 -18.60 -5.69
CA PRO A 139 4.28 -18.25 -6.66
C PRO A 139 4.31 -19.15 -7.88
N ASP A 140 3.17 -19.74 -8.21
CA ASP A 140 3.08 -20.63 -9.37
C ASP A 140 3.65 -19.95 -10.61
N HIS A 141 4.78 -20.46 -11.09
CA HIS A 141 5.42 -19.89 -12.27
C HIS A 141 5.38 -20.88 -13.43
N ALA A 142 5.34 -22.17 -13.10
CA ALA A 142 5.30 -23.21 -14.12
C ALA A 142 3.99 -23.15 -14.89
N ALA A 143 4.09 -22.99 -16.21
CA ALA A 143 2.90 -22.92 -17.04
C ALA A 143 2.32 -24.30 -17.28
N GLY A 144 1.04 -24.35 -17.64
CA GLY A 144 0.37 -25.63 -17.89
C GLY A 144 0.13 -26.39 -16.59
N ASP A 145 0.01 -25.63 -15.50
CA ASP A 145 -0.23 -26.24 -14.19
C ASP A 145 -1.60 -26.90 -14.15
N HIS A 146 -2.53 -26.37 -14.94
CA HIS A 146 -3.89 -26.91 -14.98
C HIS A 146 -3.90 -28.26 -15.69
N HIS A 147 -4.83 -29.12 -15.28
CA HIS A 147 -4.93 -30.45 -15.89
C HIS A 147 -3.58 -31.14 -15.92
N HIS A 148 -2.93 -31.23 -14.77
CA HIS A 148 -1.62 -31.86 -14.66
C HIS A 148 -0.57 -31.09 -15.45
N GLY A 149 -0.51 -31.33 -16.76
CA GLY A 149 0.45 -30.63 -17.61
C GLY A 149 1.18 -31.62 -18.51
N ASP A 150 2.04 -31.10 -19.39
CA ASP A 150 2.79 -31.94 -20.30
C ASP A 150 4.25 -32.00 -19.88
N HIS A 151 4.57 -32.93 -18.98
CA HIS A 151 5.94 -33.07 -18.51
C HIS A 151 6.88 -33.33 -19.68
N HIS A 152 6.77 -34.52 -20.28
CA HIS A 152 7.61 -34.88 -21.41
C HIS A 152 7.09 -34.26 -22.70
N HIS A 153 7.69 -34.64 -23.83
CA HIS A 153 7.26 -34.11 -25.12
C HIS A 153 7.35 -32.59 -25.13
FE HEC B . 6.63 8.86 -0.29
CHA HEC B . 6.95 6.82 2.40
CHB HEC B . 3.29 8.33 -0.29
CHC HEC B . 6.32 10.94 -2.91
CHD HEC B . 10.00 9.25 -0.36
NA HEC B . 5.40 7.82 0.82
C1A HEC B . 5.69 7.04 1.91
C2A HEC B . 4.51 6.43 2.46
C3A HEC B . 3.47 6.83 1.69
C4A HEC B . 4.03 7.70 0.68
CMA HEC B . 2.04 6.47 1.85
CAA HEC B . 4.43 5.52 3.64
CBA HEC B . 4.29 6.29 4.95
CGA HEC B . 4.05 5.32 6.11
O1A HEC B . 4.73 4.31 6.16
O2A HEC B . 3.18 5.59 6.91
NB HEC B . 5.14 9.50 -1.36
C1B HEC B . 3.80 9.16 -1.25
C2B HEC B . 3.01 9.80 -2.27
C3B HEC B . 3.86 10.54 -3.01
C4B HEC B . 5.17 10.36 -2.44
CMB HEC B . 1.53 9.65 -2.49
CAB HEC B . 3.52 11.37 -4.21
CBB HEC B . 2.33 12.31 -3.93
NC HEC B . 7.89 9.88 -1.39
C1C HEC B . 7.58 10.73 -2.42
C2C HEC B . 8.77 11.32 -2.98
C3C HEC B . 9.82 10.81 -2.31
C4C HEC B . 9.26 9.94 -1.30
CMC HEC B . 8.80 12.39 -4.02
CAC HEC B . 11.26 10.91 -2.70
CBC HEC B . 11.88 12.29 -2.52
ND HEC B . 8.14 8.19 0.78
C1D HEC B . 9.49 8.45 0.61
C2D HEC B . 10.28 7.78 1.60
C3D HEC B . 9.42 7.10 2.40
C4D HEC B . 8.10 7.36 1.88
CMD HEC B . 11.77 7.82 1.74
CAD HEC B . 9.76 6.26 3.58
CBD HEC B . 9.29 6.90 4.90
CGD HEC B . 10.31 7.92 5.37
O1D HEC B . 10.09 9.10 5.15
O2D HEC B . 11.30 7.52 5.96
HHA HEC B . 7.05 6.18 3.28
HHB HEC B . 2.23 8.14 -0.30
HHC HEC B . 6.23 11.63 -3.75
HHD HEC B . 11.08 9.37 -0.40
HMA1 HEC B . 1.96 5.49 2.28
HMA2 HEC B . 1.56 6.47 0.88
HMA3 HEC B . 1.55 7.19 2.48
HAA1 HEC B . 5.34 4.93 3.68
HAA2 HEC B . 3.59 4.86 3.52
HBA1 HEC B . 3.45 6.97 4.88
HBA2 HEC B . 5.19 6.85 5.15
HMB1 HEC B . 1.02 10.51 -2.07
HMB2 HEC B . 1.18 8.75 -2.02
HMB3 HEC B . 1.34 9.60 -3.55
HAB HEC B . 4.38 11.96 -4.49
HBB1 HEC B . 2.61 13.30 -4.23
HBB2 HEC B . 2.09 12.29 -2.88
HBB3 HEC B . 1.47 11.99 -4.51
HMC1 HEC B . 9.83 12.67 -4.21
HMC2 HEC B . 8.25 13.24 -3.67
HMC3 HEC B . 8.36 12.02 -4.93
HAC HEC B . 11.83 10.18 -2.15
HBC1 HEC B . 11.42 12.78 -1.68
HBC2 HEC B . 11.74 12.87 -3.41
HBC3 HEC B . 12.95 12.18 -2.32
HMD1 HEC B . 12.20 8.03 0.78
HMD2 HEC B . 12.12 6.87 2.11
HMD3 HEC B . 12.04 8.60 2.43
HAD1 HEC B . 10.84 6.14 3.62
HAD2 HEC B . 9.29 5.30 3.47
HBD1 HEC B . 9.18 6.13 5.64
HBD2 HEC B . 8.34 7.38 4.74
N MET A 1 -25.80 -14.43 52.02
CA MET A 1 -26.03 -14.04 53.45
C MET A 1 -27.07 -12.94 53.51
N ASP A 2 -26.71 -11.76 53.01
CA ASP A 2 -27.63 -10.63 53.03
C ASP A 2 -28.17 -10.37 51.61
N ILE A 3 -27.26 -10.14 50.67
CA ILE A 3 -27.66 -9.87 49.29
C ILE A 3 -28.46 -11.05 48.74
N GLY A 4 -29.63 -10.74 48.17
CA GLY A 4 -30.48 -11.78 47.60
C GLY A 4 -30.14 -12.02 46.14
N ILE A 5 -29.61 -11.00 45.47
CA ILE A 5 -29.25 -11.12 44.07
C ILE A 5 -28.26 -10.01 43.68
N ASN A 6 -27.00 -10.39 43.52
CA ASN A 6 -25.97 -9.43 43.15
C ASN A 6 -26.32 -8.75 41.83
N SER A 7 -25.78 -7.55 41.61
CA SER A 7 -26.04 -6.82 40.38
C SER A 7 -25.09 -7.25 39.29
N ASP A 8 -25.31 -6.75 38.08
CA ASP A 8 -24.45 -7.10 36.94
C ASP A 8 -24.55 -6.03 35.86
N PRO A 9 -24.00 -4.88 36.11
CA PRO A 9 -24.02 -3.75 35.13
C PRO A 9 -23.61 -4.19 33.73
N HIS A 10 -22.48 -4.88 33.63
CA HIS A 10 -22.00 -5.35 32.34
C HIS A 10 -21.86 -4.19 31.36
N PRO A 11 -20.90 -3.34 31.58
CA PRO A 11 -20.64 -2.15 30.72
C PRO A 11 -20.79 -2.47 29.22
N PRO A 12 -21.90 -2.11 28.61
CA PRO A 12 -22.13 -2.39 27.16
C PRO A 12 -20.94 -1.97 26.29
N HIS A 13 -20.36 -0.82 26.62
CA HIS A 13 -19.21 -0.31 25.87
C HIS A 13 -19.60 -0.02 24.43
N HIS A 14 -18.62 0.37 23.61
CA HIS A 14 -18.87 0.69 22.22
C HIS A 14 -17.90 -0.07 21.31
N HIS A 15 -16.64 -0.18 21.75
CA HIS A 15 -15.63 -0.88 20.98
C HIS A 15 -15.04 -2.03 21.78
N ASP A 16 -14.34 -2.93 21.10
CA ASP A 16 -13.73 -4.07 21.75
C ASP A 16 -12.42 -4.45 21.08
N HIS A 17 -12.48 -4.70 19.78
CA HIS A 17 -11.28 -5.07 19.03
C HIS A 17 -10.78 -3.89 18.21
N HIS A 18 -9.47 -3.84 18.00
CA HIS A 18 -8.86 -2.75 17.24
C HIS A 18 -8.19 -3.30 15.98
N GLY A 19 -7.57 -4.45 16.11
CA GLY A 19 -6.89 -5.07 14.96
C GLY A 19 -5.37 -5.00 15.12
N HIS A 20 -4.65 -5.47 14.11
CA HIS A 20 -3.20 -5.45 14.16
C HIS A 20 -2.66 -4.16 13.54
N GLY A 21 -3.44 -3.56 12.65
CA GLY A 21 -3.03 -2.33 11.99
C GLY A 21 -2.02 -2.60 10.88
N SER A 22 -1.30 -1.57 10.48
CA SER A 22 -0.31 -1.72 9.43
C SER A 22 0.85 -0.74 9.63
N GLY A 23 1.03 -0.29 10.86
CA GLY A 23 2.11 0.64 11.18
C GLY A 23 1.64 2.09 11.07
N TRP A 24 0.80 2.37 10.08
CA TRP A 24 0.30 3.73 9.90
C TRP A 24 -0.98 3.94 10.70
N GLU A 25 -1.14 5.14 11.23
CA GLU A 25 -2.32 5.48 12.01
C GLU A 25 -3.53 5.65 11.09
N VAL A 26 -4.46 4.71 11.17
CA VAL A 26 -5.66 4.77 10.34
C VAL A 26 -6.85 4.15 11.09
N PRO A 27 -7.78 4.93 11.60
CA PRO A 27 -8.95 4.36 12.33
C PRO A 27 -9.66 3.30 11.49
N GLU A 28 -9.93 2.15 12.10
CA GLU A 28 -10.62 1.08 11.39
C GLU A 28 -11.91 1.60 10.79
N ALA A 29 -12.45 2.64 11.41
CA ALA A 29 -13.69 3.22 10.96
C ALA A 29 -13.52 3.99 9.65
N GLU A 30 -12.32 4.53 9.40
CA GLU A 30 -12.11 5.28 8.16
C GLU A 30 -11.80 4.33 7.03
N ILE A 31 -11.28 3.19 7.42
CA ILE A 31 -10.87 2.18 6.51
C ILE A 31 -12.06 1.44 5.91
N HIS A 32 -13.10 1.30 6.70
CA HIS A 32 -14.29 0.58 6.28
C HIS A 32 -15.53 1.45 6.17
N ARG A 33 -15.43 2.78 6.21
CA ARG A 33 -16.67 3.56 6.17
C ARG A 33 -17.11 3.98 4.78
N GLU A 34 -16.28 4.71 4.05
CA GLU A 34 -16.66 5.12 2.71
C GLU A 34 -15.54 4.92 1.72
N ASN A 35 -15.84 4.18 0.68
CA ASN A 35 -14.88 4.02 -0.35
C ASN A 35 -15.58 3.71 -1.66
N PRO A 36 -15.81 4.69 -2.48
CA PRO A 36 -16.45 4.48 -3.78
C PRO A 36 -15.40 4.19 -4.83
N ILE A 37 -15.34 2.97 -5.29
CA ILE A 37 -14.34 2.60 -6.29
C ILE A 37 -14.98 1.99 -7.54
N PRO A 38 -14.82 2.60 -8.71
CA PRO A 38 -15.35 2.02 -9.97
C PRO A 38 -14.33 1.01 -10.51
N PRO A 39 -14.68 -0.23 -10.71
CA PRO A 39 -13.72 -1.25 -11.22
C PRO A 39 -13.59 -1.23 -12.74
N ASP A 40 -12.55 -0.56 -13.22
CA ASP A 40 -12.32 -0.49 -14.66
C ASP A 40 -10.84 -0.36 -14.96
N ALA A 41 -10.52 -0.26 -16.23
CA ALA A 41 -9.15 -0.13 -16.68
C ALA A 41 -8.66 1.29 -16.53
N ARG A 42 -9.60 2.22 -16.60
CA ARG A 42 -9.27 3.62 -16.50
C ARG A 42 -8.94 4.00 -15.06
N SER A 43 -9.55 3.29 -14.14
CA SER A 43 -9.30 3.52 -12.73
C SER A 43 -7.91 3.02 -12.41
N LEU A 44 -7.55 1.99 -13.13
CA LEU A 44 -6.28 1.34 -13.01
C LEU A 44 -5.19 2.13 -13.72
N ASP A 45 -5.51 2.53 -14.92
CA ASP A 45 -4.56 3.26 -15.75
C ASP A 45 -4.36 4.67 -15.21
N GLN A 46 -5.45 5.40 -15.07
CA GLN A 46 -5.33 6.74 -14.58
C GLN A 46 -4.93 6.73 -13.12
N GLY A 47 -5.47 5.79 -12.37
CA GLY A 47 -5.12 5.61 -10.98
C GLY A 47 -3.64 5.33 -10.86
N GLY A 48 -3.10 4.87 -11.96
CA GLY A 48 -1.70 4.51 -12.06
C GLY A 48 -0.77 5.69 -12.32
N VAL A 49 -1.28 6.75 -12.94
CA VAL A 49 -0.41 7.88 -13.29
C VAL A 49 -0.15 8.80 -12.11
N LEU A 50 -1.17 9.05 -11.33
CA LEU A 50 -1.06 9.96 -10.18
C LEU A 50 0.16 9.63 -9.33
N TYR A 51 0.23 8.37 -8.94
CA TYR A 51 1.31 7.88 -8.11
C TYR A 51 2.63 7.90 -8.86
N ALA A 52 2.54 7.71 -10.17
CA ALA A 52 3.72 7.67 -11.01
C ALA A 52 4.23 9.06 -11.36
N GLU A 53 3.40 10.05 -11.13
CA GLU A 53 3.76 11.41 -11.44
C GLU A 53 4.83 11.91 -10.49
N HIS A 54 4.62 11.66 -9.22
CA HIS A 54 5.54 12.15 -8.21
C HIS A 54 5.94 11.11 -7.15
N CYS A 55 5.07 10.15 -6.90
CA CYS A 55 5.34 9.15 -5.87
C CYS A 55 6.30 8.02 -6.31
N VAL A 56 6.40 7.77 -7.62
CA VAL A 56 7.27 6.69 -8.12
C VAL A 56 8.69 7.15 -8.13
N ARG A 57 8.87 8.44 -8.28
CA ARG A 57 10.17 9.01 -8.28
C ARG A 57 10.90 8.63 -6.99
N CYS A 58 10.16 8.12 -5.99
CA CYS A 58 10.78 7.73 -4.74
C CYS A 58 10.54 6.25 -4.46
N HIS A 59 9.31 5.76 -4.66
CA HIS A 59 9.07 4.34 -4.41
C HIS A 59 8.11 3.65 -5.39
N GLY A 60 8.66 3.26 -6.52
CA GLY A 60 7.93 2.49 -7.54
C GLY A 60 6.65 3.13 -8.01
N GLU A 61 6.19 2.70 -9.19
CA GLU A 61 4.97 3.23 -9.76
C GLU A 61 3.92 3.33 -8.67
N THR A 62 3.52 2.19 -8.11
CA THR A 62 2.59 2.24 -7.02
C THR A 62 2.86 1.18 -5.95
N LEU A 63 3.12 -0.05 -6.38
CA LEU A 63 3.34 -1.14 -5.44
C LEU A 63 4.75 -1.71 -5.44
N ARG A 64 5.38 -1.70 -6.58
CA ARG A 64 6.69 -2.31 -6.73
C ARG A 64 7.70 -1.73 -5.78
N GLY A 65 7.63 -0.43 -5.60
CA GLY A 65 8.55 0.22 -4.71
C GLY A 65 9.98 -0.01 -5.18
N ASP A 66 10.16 -0.05 -6.50
CA ASP A 66 11.49 -0.26 -7.06
C ASP A 66 12.26 1.05 -7.16
N GLY A 67 11.52 2.15 -7.02
CA GLY A 67 12.08 3.53 -7.04
C GLY A 67 13.23 3.75 -8.05
N PRO A 68 13.05 4.59 -9.05
CA PRO A 68 14.13 4.89 -10.03
C PRO A 68 15.07 5.99 -9.54
N ASP A 69 14.52 7.00 -8.86
CA ASP A 69 15.35 8.10 -8.36
C ASP A 69 15.68 7.93 -6.88
N ALA A 70 15.43 6.74 -6.33
CA ALA A 70 15.70 6.50 -4.92
C ALA A 70 17.19 6.32 -4.64
N HIS A 71 17.99 6.24 -5.68
CA HIS A 71 19.41 6.04 -5.49
C HIS A 71 20.02 7.12 -4.58
N ASP A 72 19.49 8.34 -4.68
CA ASP A 72 19.99 9.45 -3.85
C ASP A 72 19.07 9.70 -2.66
N LEU A 73 17.85 9.19 -2.76
CA LEU A 73 16.84 9.34 -1.72
C LEU A 73 17.13 8.40 -0.58
N ASP A 74 16.36 8.58 0.47
CA ASP A 74 16.46 7.77 1.67
C ASP A 74 16.68 6.29 1.32
N PRO A 75 17.19 5.51 2.24
CA PRO A 75 17.46 4.05 2.02
C PRO A 75 16.34 3.36 1.26
N PRO A 76 16.59 2.17 0.79
CA PRO A 76 15.59 1.39 0.00
C PRO A 76 14.18 1.48 0.57
N VAL A 77 13.22 1.52 -0.34
CA VAL A 77 11.82 1.64 0.03
C VAL A 77 11.15 0.27 0.10
N ALA A 78 10.02 0.21 0.79
CA ALA A 78 9.29 -1.05 0.96
C ALA A 78 8.47 -1.40 -0.28
N ASP A 79 8.02 -2.65 -0.32
CA ASP A 79 7.21 -3.15 -1.42
C ASP A 79 5.74 -3.12 -1.00
N LEU A 80 4.98 -2.24 -1.63
CA LEU A 80 3.57 -2.09 -1.29
C LEU A 80 2.70 -3.22 -1.83
N VAL A 81 3.19 -3.93 -2.82
CA VAL A 81 2.40 -5.04 -3.39
C VAL A 81 2.28 -6.16 -2.38
N GLU A 82 3.32 -6.30 -1.57
CA GLU A 82 3.36 -7.33 -0.55
C GLU A 82 2.57 -6.89 0.69
N HIS A 83 2.61 -5.59 0.94
CA HIS A 83 1.93 -5.01 2.09
C HIS A 83 0.51 -4.58 1.73
N ALA A 84 0.17 -4.65 0.45
CA ALA A 84 -1.16 -4.27 -0.02
C ALA A 84 -2.23 -5.14 0.64
N PRO A 85 -2.12 -6.44 0.56
CA PRO A 85 -3.12 -7.35 1.22
C PRO A 85 -3.34 -6.97 2.69
N HIS A 86 -2.38 -6.24 3.26
CA HIS A 86 -2.47 -5.82 4.66
C HIS A 86 -3.18 -4.48 4.77
N HIS A 87 -3.16 -3.71 3.69
CA HIS A 87 -3.79 -2.39 3.67
C HIS A 87 -5.17 -2.47 2.99
N SER A 88 -6.16 -1.88 3.65
CA SER A 88 -7.52 -1.89 3.11
C SER A 88 -7.75 -0.67 2.20
N ASP A 89 -8.93 -0.59 1.61
CA ASP A 89 -9.25 0.51 0.70
C ASP A 89 -9.41 1.85 1.43
N GLY A 90 -10.28 1.88 2.44
CA GLY A 90 -10.51 3.11 3.18
C GLY A 90 -9.21 3.71 3.68
N ASP A 91 -8.28 2.83 4.05
CA ASP A 91 -6.98 3.27 4.56
C ASP A 91 -6.18 3.99 3.48
N LEU A 92 -6.06 3.36 2.32
CA LEU A 92 -5.31 3.94 1.21
C LEU A 92 -5.99 5.22 0.75
N ALA A 93 -7.31 5.22 0.80
CA ALA A 93 -8.09 6.39 0.39
C ALA A 93 -7.97 7.47 1.45
N TYR A 94 -7.82 7.03 2.70
CA TYR A 94 -7.70 7.93 3.84
C TYR A 94 -6.36 8.66 3.85
N ARG A 95 -5.29 7.94 3.54
CA ARG A 95 -3.95 8.52 3.54
C ARG A 95 -3.75 9.43 2.33
N VAL A 96 -4.39 9.08 1.22
CA VAL A 96 -4.25 9.87 0.01
C VAL A 96 -5.03 11.16 0.10
N ARG A 97 -6.14 11.11 0.84
CA ARG A 97 -7.00 12.27 0.96
C ARG A 97 -6.60 13.21 2.10
N ILE A 98 -6.37 12.66 3.29
CA ILE A 98 -6.02 13.50 4.43
C ILE A 98 -4.53 13.44 4.72
N GLY A 99 -3.93 12.27 4.50
CA GLY A 99 -2.50 12.08 4.73
C GLY A 99 -2.06 12.75 6.04
N ARG A 100 -0.84 13.26 6.04
CA ARG A 100 -0.31 13.94 7.21
C ARG A 100 0.11 15.36 6.86
N GLY A 101 0.43 15.59 5.58
CA GLY A 101 0.85 16.90 5.13
C GLY A 101 2.17 16.82 4.36
N PRO A 102 3.23 16.53 5.05
CA PRO A 102 4.59 16.41 4.48
C PRO A 102 4.62 15.71 3.11
N MET A 103 4.13 14.47 3.09
CA MET A 103 4.13 13.71 1.84
C MET A 103 2.69 13.32 1.44
N PRO A 104 1.99 12.49 2.19
CA PRO A 104 0.58 12.12 1.84
C PRO A 104 -0.37 13.26 2.08
N GLY A 105 -1.61 13.13 1.57
CA GLY A 105 -2.57 14.19 1.77
C GLY A 105 -2.94 14.87 0.46
N PHE A 106 -2.91 14.12 -0.64
CA PHE A 106 -3.23 14.66 -1.96
C PHE A 106 -4.75 14.78 -2.17
N GLY A 107 -5.52 14.95 -1.11
CA GLY A 107 -6.95 15.08 -1.26
C GLY A 107 -7.28 16.39 -1.97
N ASP A 108 -6.40 17.37 -1.78
CA ASP A 108 -6.57 18.67 -2.41
C ASP A 108 -5.83 18.71 -3.73
N ALA A 109 -4.78 17.90 -3.83
CA ALA A 109 -3.98 17.82 -5.04
C ALA A 109 -4.69 16.97 -6.08
N LEU A 110 -5.50 16.02 -5.58
CA LEU A 110 -6.24 15.14 -6.46
C LEU A 110 -7.70 15.19 -6.10
N ASP A 111 -8.51 14.61 -6.96
CA ASP A 111 -9.94 14.57 -6.73
C ASP A 111 -10.31 13.21 -6.17
N GLU A 112 -11.56 13.07 -5.78
CA GLU A 112 -12.03 11.81 -5.25
C GLU A 112 -11.92 10.73 -6.30
N ARG A 113 -12.22 11.11 -7.51
CA ARG A 113 -12.16 10.19 -8.62
C ARG A 113 -10.74 9.69 -8.81
N ASP A 114 -9.80 10.55 -8.49
CA ASP A 114 -8.38 10.23 -8.60
C ASP A 114 -7.97 9.37 -7.42
N ILE A 115 -8.67 9.60 -6.32
CA ILE A 115 -8.41 8.88 -5.10
C ILE A 115 -8.89 7.45 -5.20
N TRP A 116 -10.07 7.24 -5.78
CA TRP A 116 -10.57 5.90 -5.91
C TRP A 116 -9.77 5.20 -7.00
N ASP A 117 -9.31 5.97 -7.98
CA ASP A 117 -8.51 5.40 -9.03
C ASP A 117 -7.15 5.03 -8.44
N LEU A 118 -6.64 5.92 -7.59
CA LEU A 118 -5.38 5.67 -6.90
C LEU A 118 -5.51 4.38 -6.09
N VAL A 119 -6.72 4.16 -5.57
CA VAL A 119 -7.04 3.00 -4.76
C VAL A 119 -7.25 1.79 -5.64
N ASN A 120 -7.78 2.03 -6.83
CA ASN A 120 -8.05 0.97 -7.77
C ASN A 120 -6.80 0.37 -8.39
N PHE A 121 -5.94 1.22 -8.95
CA PHE A 121 -4.72 0.73 -9.57
C PHE A 121 -3.89 -0.09 -8.60
N MET A 122 -3.91 0.31 -7.33
CA MET A 122 -3.14 -0.38 -6.29
C MET A 122 -3.83 -1.67 -5.90
N ARG A 123 -5.13 -1.58 -5.73
CA ARG A 123 -5.95 -2.68 -5.34
C ARG A 123 -6.02 -3.73 -6.43
N ASP A 124 -5.92 -3.28 -7.66
CA ASP A 124 -5.97 -4.18 -8.80
C ASP A 124 -4.65 -4.89 -8.97
N ARG A 125 -3.62 -4.07 -9.01
CA ARG A 125 -2.27 -4.54 -9.16
C ARG A 125 -1.90 -5.50 -8.03
N ALA A 126 -2.15 -5.09 -6.81
CA ALA A 126 -1.85 -5.90 -5.65
C ALA A 126 -2.54 -7.25 -5.75
N GLN A 127 -3.75 -7.23 -6.27
CA GLN A 127 -4.53 -8.45 -6.43
C GLN A 127 -3.98 -9.30 -7.57
N GLY A 128 -3.43 -8.63 -8.59
CA GLY A 128 -2.87 -9.34 -9.73
C GLY A 128 -1.83 -10.36 -9.25
N ALA A 129 -1.11 -10.01 -8.20
CA ALA A 129 -0.10 -10.89 -7.64
C ALA A 129 -0.75 -11.95 -6.77
N ALA A 130 -1.96 -11.66 -6.32
CA ALA A 130 -2.71 -12.57 -5.48
C ALA A 130 -3.37 -13.65 -6.34
N LEU A 131 -3.60 -13.31 -7.59
CA LEU A 131 -4.23 -14.23 -8.51
C LEU A 131 -3.47 -15.55 -8.57
N ALA A 132 -2.20 -15.52 -8.18
CA ALA A 132 -1.39 -16.73 -8.18
C ALA A 132 -2.00 -17.78 -7.25
N GLY A 133 -2.58 -17.32 -6.16
CA GLY A 133 -3.19 -18.22 -5.18
C GLY A 133 -2.30 -18.33 -3.96
N THR A 134 -1.91 -17.19 -3.42
CA THR A 134 -1.05 -17.15 -2.25
C THR A 134 -1.60 -18.01 -1.13
N ASN A 135 -2.91 -18.25 -1.16
CA ASN A 135 -3.55 -19.08 -0.14
C ASN A 135 -2.90 -20.45 -0.10
N GLY A 136 -2.73 -20.99 1.11
CA GLY A 136 -2.12 -22.31 1.27
C GLY A 136 -0.76 -22.21 1.96
N HIS A 137 -0.23 -20.98 2.07
CA HIS A 137 1.06 -20.76 2.70
C HIS A 137 2.16 -21.51 1.96
N SER A 138 2.70 -20.87 0.93
CA SER A 138 3.78 -21.48 0.15
C SER A 138 4.18 -20.57 -1.03
N PRO A 139 3.25 -20.18 -1.88
CA PRO A 139 3.55 -19.29 -3.04
C PRO A 139 4.43 -18.11 -2.64
N ASP A 140 5.36 -17.74 -3.51
CA ASP A 140 6.26 -16.62 -3.24
C ASP A 140 5.53 -15.30 -3.43
N HIS A 141 5.55 -14.47 -2.39
CA HIS A 141 4.89 -13.17 -2.46
C HIS A 141 5.82 -12.13 -3.07
N ALA A 142 7.12 -12.35 -2.92
CA ALA A 142 8.11 -11.42 -3.46
C ALA A 142 7.87 -11.18 -4.95
N ALA A 143 8.16 -9.98 -5.41
CA ALA A 143 7.97 -9.64 -6.82
C ALA A 143 8.69 -10.65 -7.70
N GLY A 144 8.18 -10.82 -8.93
CA GLY A 144 8.79 -11.75 -9.87
C GLY A 144 7.96 -13.03 -9.97
N ASP A 145 6.66 -12.91 -9.71
CA ASP A 145 5.77 -14.06 -9.76
C ASP A 145 5.56 -14.50 -11.21
N HIS A 146 5.70 -13.56 -12.14
CA HIS A 146 5.52 -13.86 -13.56
C HIS A 146 6.78 -14.52 -14.12
N HIS A 147 6.59 -15.55 -14.94
CA HIS A 147 7.72 -16.25 -15.55
C HIS A 147 7.49 -16.46 -17.04
N HIS A 148 6.96 -15.43 -17.69
CA HIS A 148 6.69 -15.50 -19.12
C HIS A 148 7.99 -15.39 -19.92
N GLY A 149 8.48 -16.52 -20.41
CA GLY A 149 9.72 -16.52 -21.19
C GLY A 149 9.55 -17.34 -22.47
N ASP A 150 10.59 -18.08 -22.84
CA ASP A 150 10.54 -18.89 -24.04
C ASP A 150 11.20 -20.24 -23.81
N HIS A 151 10.40 -21.23 -23.43
CA HIS A 151 10.93 -22.57 -23.17
C HIS A 151 11.07 -23.34 -24.47
N HIS A 152 10.16 -23.10 -25.41
CA HIS A 152 10.20 -23.78 -26.70
C HIS A 152 10.03 -25.28 -26.51
N HIS A 153 9.33 -25.67 -25.45
CA HIS A 153 9.10 -27.09 -25.17
C HIS A 153 8.32 -27.74 -26.31
FE HEC B . 5.96 8.08 0.02
CHA HEC B . 6.07 5.75 2.47
CHB HEC B . 2.63 7.57 -0.30
CHC HEC B . 5.86 10.40 -2.43
CHD HEC B . 9.31 8.52 0.30
NA HEC B . 4.64 6.92 0.90
C1A HEC B . 4.85 6.01 1.91
C2A HEC B . 3.62 5.35 2.28
C3A HEC B . 2.66 5.86 1.49
C4A HEC B . 3.29 6.84 0.65
CMA HEC B . 1.22 5.50 1.51
CAA HEC B . 3.46 4.28 3.30
CBA HEC B . 3.36 4.85 4.73
CGA HEC B . 3.86 3.83 5.73
O1A HEC B . 3.03 3.10 6.26
O2A HEC B . 5.06 3.78 5.97
NB HEC B . 4.55 8.82 -1.12
C1B HEC B . 3.21 8.50 -1.13
C2B HEC B . 2.49 9.23 -2.14
C3B HEC B . 3.41 10.02 -2.76
C4B HEC B . 4.67 9.77 -2.10
CMB HEC B . 1.03 9.17 -2.42
CAB HEC B . 3.17 10.87 -3.96
CBB HEC B . 2.04 11.88 -3.73
NC HEC B . 7.28 9.22 -0.85
C1C HEC B . 7.07 10.16 -1.84
C2C HEC B . 8.28 10.81 -2.23
C3C HEC B . 9.29 10.24 -1.50
C4C HEC B . 8.65 9.28 -0.63
CMC HEC B . 8.40 11.95 -3.18
CAC HEC B . 10.76 10.40 -1.73
CBC HEC B . 11.36 11.74 -1.32
ND HEC B . 7.37 7.31 1.14
C1D HEC B . 8.72 7.61 1.14
C2D HEC B . 9.44 6.83 2.11
C3D HEC B . 8.52 6.05 2.73
C4D HEC B . 7.25 6.35 2.12
CMD HEC B . 10.90 6.89 2.39
CAD HEC B . 8.77 5.07 3.82
CBD HEC B . 9.03 3.66 3.29
CGD HEC B . 10.07 2.95 4.15
O1D HEC B . 11.12 3.53 4.37
O2D HEC B . 9.79 1.85 4.59
HHA HEC B . 6.11 5.00 3.26
HHB HEC B . 1.56 7.40 -0.41
HHC HEC B . 5.82 11.16 -3.21
HHD HEC B . 10.38 8.67 0.40
HMA1 HEC B . 0.69 6.11 2.23
HMA2 HEC B . 1.11 4.46 1.77
HMA3 HEC B . 0.79 5.66 0.53
HAA1 HEC B . 4.32 3.62 3.26
HAA2 HEC B . 2.57 3.72 3.09
HBA1 HEC B . 2.33 5.10 4.94
HBA2 HEC B . 3.97 5.74 4.79
HMB1 HEC B . 0.86 9.27 -3.48
HMB2 HEC B . 0.53 9.97 -1.90
HMB3 HEC B . 0.64 8.22 -2.10
HAB HEC B . 4.07 11.41 -4.21
HBB1 HEC B . 1.71 11.82 -2.71
HBB2 HEC B . 1.22 11.65 -4.39
HBB3 HEC B . 2.41 12.87 -3.93
HMC1 HEC B . 8.10 11.63 -4.17
HMC2 HEC B . 9.42 12.31 -3.22
HMC3 HEC B . 7.76 12.75 -2.86
HAC HEC B . 11.29 9.60 -1.22
HBC1 HEC B . 11.18 12.46 -2.10
HBC2 HEC B . 12.43 11.62 -1.17
HBC3 HEC B . 10.91 12.07 -0.40
HMD1 HEC B . 11.18 6.03 2.99
HMD2 HEC B . 11.13 7.80 2.92
HMD3 HEC B . 11.44 6.86 1.46
HAD1 HEC B . 7.92 5.04 4.48
HAD2 HEC B . 9.64 5.39 4.38
HBD1 HEC B . 9.39 3.72 2.27
HBD2 HEC B . 8.11 3.09 3.30
N MET A 1 11.19 45.30 48.24
CA MET A 1 10.14 45.47 49.27
C MET A 1 8.86 44.76 48.82
N ASP A 2 8.72 43.50 49.22
CA ASP A 2 7.54 42.73 48.84
C ASP A 2 7.38 42.68 47.33
N ILE A 3 6.23 42.22 46.87
CA ILE A 3 5.97 42.13 45.44
C ILE A 3 5.22 43.37 44.96
N GLY A 4 5.69 43.96 43.86
CA GLY A 4 5.07 45.14 43.30
C GLY A 4 3.98 44.76 42.31
N ILE A 5 4.20 43.68 41.57
CA ILE A 5 3.23 43.22 40.59
C ILE A 5 3.35 41.71 40.38
N ASN A 6 2.38 40.97 40.90
CA ASN A 6 2.38 39.52 40.76
C ASN A 6 2.01 39.11 39.34
N SER A 7 2.56 37.99 38.88
CA SER A 7 2.29 37.50 37.54
C SER A 7 2.70 36.05 37.41
N ASP A 8 1.78 35.14 37.72
CA ASP A 8 2.07 33.71 37.63
C ASP A 8 2.34 33.32 36.18
N PRO A 9 2.89 32.14 35.98
CA PRO A 9 3.21 31.64 34.60
C PRO A 9 2.00 31.72 33.67
N HIS A 10 2.23 32.28 32.48
CA HIS A 10 1.17 32.42 31.50
C HIS A 10 0.42 31.09 31.32
N PRO A 11 -0.80 30.96 31.80
CA PRO A 11 -1.57 29.69 31.67
C PRO A 11 -1.70 29.21 30.21
N PRO A 12 -2.06 30.07 29.27
CA PRO A 12 -2.19 29.66 27.84
C PRO A 12 -0.97 28.88 27.37
N HIS A 13 -1.07 27.56 27.35
CA HIS A 13 0.04 26.73 26.91
C HIS A 13 -0.20 26.20 25.49
N HIS A 14 0.84 25.65 24.89
CA HIS A 14 0.74 25.12 23.53
C HIS A 14 1.74 23.99 23.31
N HIS A 15 1.24 22.76 23.22
CA HIS A 15 2.11 21.61 23.02
C HIS A 15 2.80 21.70 21.66
N ASP A 16 3.93 21.01 21.53
CA ASP A 16 4.67 21.01 20.28
C ASP A 16 5.57 19.79 20.18
N HIS A 17 5.30 18.93 19.21
CA HIS A 17 6.09 17.71 19.03
C HIS A 17 5.70 17.02 17.73
N HIS A 18 6.66 16.29 17.15
CA HIS A 18 6.42 15.59 15.90
C HIS A 18 7.04 14.20 15.93
N GLY A 19 6.84 13.44 14.87
CA GLY A 19 7.39 12.09 14.79
C GLY A 19 6.29 11.05 14.59
N HIS A 20 6.27 10.41 13.43
CA HIS A 20 5.27 9.40 13.13
C HIS A 20 5.62 8.64 11.86
N GLY A 21 4.77 7.70 11.48
CA GLY A 21 5.01 6.90 10.28
C GLY A 21 3.96 5.80 10.14
N SER A 22 4.42 4.61 9.78
CA SER A 22 3.51 3.47 9.61
C SER A 22 2.61 3.34 10.83
N GLY A 23 1.44 2.73 10.63
CA GLY A 23 0.49 2.55 11.73
C GLY A 23 -0.29 3.84 12.00
N TRP A 24 -0.32 4.73 11.01
CA TRP A 24 -1.03 6.00 11.16
C TRP A 24 -2.41 5.79 11.77
N GLU A 25 -2.95 6.85 12.37
CA GLU A 25 -4.26 6.78 12.98
C GLU A 25 -5.36 6.75 11.91
N VAL A 26 -5.98 5.59 11.78
CA VAL A 26 -7.06 5.42 10.82
C VAL A 26 -8.12 4.50 11.42
N PRO A 27 -9.19 5.04 11.96
CA PRO A 27 -10.26 4.21 12.58
C PRO A 27 -10.68 3.06 11.67
N GLU A 28 -10.77 1.86 12.24
CA GLU A 28 -11.19 0.69 11.46
C GLU A 28 -12.45 0.99 10.68
N ALA A 29 -13.21 1.97 11.15
CA ALA A 29 -14.43 2.34 10.48
C ALA A 29 -14.15 3.09 9.19
N GLU A 30 -13.13 3.97 9.20
CA GLU A 30 -12.79 4.73 7.99
C GLU A 30 -12.36 3.81 6.90
N ILE A 31 -11.74 2.73 7.32
CA ILE A 31 -11.23 1.74 6.43
C ILE A 31 -12.33 1.08 5.62
N HIS A 32 -13.42 0.77 6.31
CA HIS A 32 -14.53 0.07 5.69
C HIS A 32 -15.83 0.87 5.64
N ARG A 33 -15.83 2.19 5.87
CA ARG A 33 -17.13 2.87 5.90
C ARG A 33 -17.54 3.47 4.55
N GLU A 34 -16.73 4.35 3.97
CA GLU A 34 -17.06 4.91 2.69
C GLU A 34 -15.91 4.77 1.73
N ASN A 35 -16.17 4.13 0.63
CA ASN A 35 -15.17 4.01 -0.36
C ASN A 35 -15.83 3.84 -1.72
N PRO A 36 -15.92 4.86 -2.52
CA PRO A 36 -16.51 4.73 -3.85
C PRO A 36 -15.40 4.32 -4.78
N ILE A 37 -15.44 3.09 -5.22
CA ILE A 37 -14.38 2.57 -6.09
C ILE A 37 -14.94 2.04 -7.41
N PRO A 38 -14.77 2.75 -8.50
CA PRO A 38 -15.24 2.23 -9.80
C PRO A 38 -14.22 1.21 -10.33
N PRO A 39 -14.60 -0.03 -10.56
CA PRO A 39 -13.67 -1.08 -11.04
C PRO A 39 -13.52 -1.05 -12.55
N ASP A 40 -12.51 -0.34 -13.04
CA ASP A 40 -12.28 -0.27 -14.47
C ASP A 40 -10.80 -0.24 -14.79
N ALA A 41 -10.50 -0.16 -16.06
CA ALA A 41 -9.13 -0.13 -16.54
C ALA A 41 -8.57 1.27 -16.41
N ARG A 42 -9.45 2.24 -16.52
CA ARG A 42 -9.07 3.63 -16.43
C ARG A 42 -8.78 4.00 -14.99
N SER A 43 -9.46 3.35 -14.09
CA SER A 43 -9.26 3.58 -12.67
C SER A 43 -7.88 3.07 -12.31
N LEU A 44 -7.52 2.02 -13.01
CA LEU A 44 -6.26 1.35 -12.86
C LEU A 44 -5.14 2.10 -13.56
N ASP A 45 -5.42 2.47 -14.78
CA ASP A 45 -4.45 3.17 -15.60
C ASP A 45 -4.21 4.56 -15.08
N GLN A 46 -5.28 5.33 -14.98
CA GLN A 46 -5.13 6.67 -14.51
C GLN A 46 -4.74 6.67 -13.04
N GLY A 47 -5.31 5.73 -12.30
CA GLY A 47 -5.00 5.55 -10.90
C GLY A 47 -3.52 5.29 -10.74
N GLY A 48 -2.94 4.84 -11.83
CA GLY A 48 -1.54 4.50 -11.89
C GLY A 48 -0.62 5.70 -12.17
N VAL A 49 -1.13 6.73 -12.82
CA VAL A 49 -0.29 7.88 -13.19
C VAL A 49 -0.07 8.85 -12.05
N LEU A 50 -1.10 9.07 -11.27
CA LEU A 50 -1.03 10.02 -10.16
C LEU A 50 0.21 9.77 -9.30
N TYR A 51 0.31 8.54 -8.86
CA TYR A 51 1.40 8.08 -8.03
C TYR A 51 2.69 8.06 -8.81
N ALA A 52 2.56 7.84 -10.12
CA ALA A 52 3.70 7.74 -11.01
C ALA A 52 4.22 9.11 -11.41
N GLU A 53 3.44 10.13 -11.18
CA GLU A 53 3.81 11.46 -11.55
C GLU A 53 4.93 11.96 -10.67
N HIS A 54 4.79 11.70 -9.39
CA HIS A 54 5.77 12.19 -8.44
C HIS A 54 6.23 11.15 -7.41
N CYS A 55 5.35 10.22 -7.04
CA CYS A 55 5.68 9.23 -6.01
C CYS A 55 6.58 8.08 -6.53
N VAL A 56 6.49 7.73 -7.81
CA VAL A 56 7.30 6.62 -8.35
C VAL A 56 8.74 6.97 -8.45
N ARG A 57 9.00 8.24 -8.69
CA ARG A 57 10.36 8.70 -8.78
C ARG A 57 11.14 8.33 -7.52
N CYS A 58 10.42 7.93 -6.47
CA CYS A 58 11.08 7.52 -5.23
C CYS A 58 10.79 6.06 -4.91
N HIS A 59 9.53 5.62 -5.02
CA HIS A 59 9.25 4.21 -4.74
C HIS A 59 8.20 3.56 -5.65
N GLY A 60 8.64 3.16 -6.83
CA GLY A 60 7.81 2.42 -7.78
C GLY A 60 6.51 3.11 -8.13
N GLU A 61 5.93 2.71 -9.26
CA GLU A 61 4.69 3.29 -9.72
C GLU A 61 3.76 3.44 -8.53
N THR A 62 3.36 2.32 -7.94
CA THR A 62 2.54 2.41 -6.77
C THR A 62 2.87 1.32 -5.75
N LEU A 63 3.02 0.08 -6.24
CA LEU A 63 3.29 -1.04 -5.35
C LEU A 63 4.69 -1.65 -5.48
N ARG A 64 5.19 -1.64 -6.69
CA ARG A 64 6.47 -2.27 -6.98
C ARG A 64 7.58 -1.76 -6.10
N GLY A 65 7.56 -0.47 -5.86
CA GLY A 65 8.58 0.12 -5.03
C GLY A 65 9.96 -0.13 -5.65
N ASP A 66 10.02 -0.17 -6.97
CA ASP A 66 11.29 -0.42 -7.65
C ASP A 66 12.10 0.88 -7.81
N GLY A 67 11.42 2.00 -7.60
CA GLY A 67 12.00 3.36 -7.66
C GLY A 67 13.09 3.54 -8.74
N PRO A 68 12.90 4.44 -9.70
CA PRO A 68 13.91 4.70 -10.75
C PRO A 68 14.95 5.73 -10.29
N ASP A 69 14.52 6.77 -9.59
CA ASP A 69 15.46 7.80 -9.13
C ASP A 69 15.83 7.62 -7.67
N ALA A 70 15.59 6.43 -7.12
CA ALA A 70 15.91 6.17 -5.72
C ALA A 70 17.40 5.91 -5.52
N HIS A 71 18.15 5.80 -6.61
CA HIS A 71 19.57 5.52 -6.50
C HIS A 71 20.28 6.56 -5.62
N ASP A 72 19.80 7.79 -5.64
CA ASP A 72 20.40 8.85 -4.82
C ASP A 72 19.59 9.06 -3.55
N LEU A 73 18.29 8.84 -3.67
CA LEU A 73 17.36 8.99 -2.56
C LEU A 73 17.71 8.03 -1.45
N ASP A 74 17.01 8.20 -0.34
CA ASP A 74 17.17 7.36 0.84
C ASP A 74 17.32 5.89 0.43
N PRO A 75 17.90 5.06 1.28
CA PRO A 75 18.10 3.60 0.97
C PRO A 75 16.90 2.96 0.28
N PRO A 76 17.07 1.78 -0.26
CA PRO A 76 16.00 1.07 -0.99
C PRO A 76 14.65 1.16 -0.28
N VAL A 77 13.62 1.24 -1.09
CA VAL A 77 12.26 1.36 -0.60
C VAL A 77 11.59 -0.01 -0.50
N ALA A 78 10.53 -0.10 0.29
CA ALA A 78 9.81 -1.35 0.49
C ALA A 78 8.89 -1.67 -0.69
N ASP A 79 8.40 -2.90 -0.69
CA ASP A 79 7.50 -3.39 -1.71
C ASP A 79 6.07 -3.27 -1.19
N LEU A 80 5.33 -2.32 -1.75
CA LEU A 80 3.96 -2.08 -1.31
C LEU A 80 3.00 -3.15 -1.81
N VAL A 81 3.39 -3.90 -2.83
CA VAL A 81 2.52 -4.95 -3.36
C VAL A 81 2.36 -6.06 -2.33
N GLU A 82 3.41 -6.25 -1.56
CA GLU A 82 3.42 -7.28 -0.52
C GLU A 82 2.68 -6.79 0.71
N HIS A 83 2.80 -5.50 0.98
CA HIS A 83 2.16 -4.89 2.14
C HIS A 83 0.78 -4.35 1.80
N ALA A 84 0.43 -4.38 0.54
CA ALA A 84 -0.88 -3.89 0.09
C ALA A 84 -2.00 -4.68 0.79
N PRO A 85 -1.99 -5.99 0.72
CA PRO A 85 -3.03 -6.81 1.41
C PRO A 85 -3.13 -6.44 2.89
N HIS A 86 -2.11 -5.79 3.42
CA HIS A 86 -2.10 -5.37 4.82
C HIS A 86 -2.85 -4.05 4.99
N HIS A 87 -2.85 -3.24 3.93
CA HIS A 87 -3.53 -1.96 3.96
C HIS A 87 -4.89 -2.07 3.28
N SER A 88 -5.90 -1.50 3.91
CA SER A 88 -7.25 -1.55 3.36
C SER A 88 -7.52 -0.37 2.43
N ASP A 89 -8.68 -0.40 1.78
CA ASP A 89 -9.06 0.66 0.84
C ASP A 89 -9.40 1.97 1.55
N GLY A 90 -10.31 1.91 2.52
CA GLY A 90 -10.70 3.12 3.25
C GLY A 90 -9.48 3.83 3.82
N ASP A 91 -8.51 3.05 4.28
CA ASP A 91 -7.29 3.61 4.86
C ASP A 91 -6.44 4.30 3.79
N LEU A 92 -6.23 3.62 2.67
CA LEU A 92 -5.44 4.19 1.59
C LEU A 92 -6.13 5.44 1.05
N ALA A 93 -7.46 5.38 1.03
CA ALA A 93 -8.24 6.51 0.56
C ALA A 93 -8.21 7.61 1.60
N TYR A 94 -8.10 7.20 2.86
CA TYR A 94 -8.05 8.12 3.98
C TYR A 94 -6.71 8.86 4.03
N ARG A 95 -5.64 8.14 3.74
CA ARG A 95 -4.30 8.71 3.76
C ARG A 95 -4.01 9.56 2.51
N VAL A 96 -4.60 9.18 1.38
CA VAL A 96 -4.38 9.92 0.15
C VAL A 96 -5.15 11.23 0.18
N ARG A 97 -6.26 11.24 0.89
CA ARG A 97 -7.10 12.42 0.94
C ARG A 97 -6.70 13.39 2.06
N ILE A 98 -6.51 12.89 3.27
CA ILE A 98 -6.14 13.76 4.40
C ILE A 98 -4.68 13.58 4.75
N GLY A 99 -4.16 12.38 4.55
CA GLY A 99 -2.77 12.09 4.84
C GLY A 99 -2.36 12.59 6.23
N ARG A 100 -1.06 12.71 6.44
CA ARG A 100 -0.55 13.17 7.72
C ARG A 100 0.31 14.42 7.54
N GLY A 101 1.13 14.41 6.49
CA GLY A 101 2.01 15.55 6.21
C GLY A 101 3.19 15.14 5.33
N PRO A 102 4.00 14.22 5.79
CA PRO A 102 5.20 13.74 5.05
C PRO A 102 4.98 13.61 3.54
N MET A 103 3.98 12.81 3.15
CA MET A 103 3.71 12.63 1.73
C MET A 103 2.20 12.55 1.48
N PRO A 104 1.50 11.54 1.95
CA PRO A 104 0.03 11.45 1.75
C PRO A 104 -0.65 12.77 2.06
N GLY A 105 -1.91 12.88 1.65
CA GLY A 105 -2.64 14.11 1.86
C GLY A 105 -2.89 14.79 0.52
N PHE A 106 -2.91 14.00 -0.53
CA PHE A 106 -3.12 14.48 -1.88
C PHE A 106 -4.61 14.69 -2.18
N GLY A 107 -5.41 14.96 -1.15
CA GLY A 107 -6.83 15.19 -1.35
C GLY A 107 -7.05 16.53 -2.03
N ASP A 108 -6.11 17.44 -1.80
CA ASP A 108 -6.17 18.76 -2.41
C ASP A 108 -5.42 18.75 -3.73
N ALA A 109 -4.46 17.85 -3.83
CA ALA A 109 -3.65 17.70 -5.04
C ALA A 109 -4.41 16.86 -6.06
N LEU A 110 -5.25 15.96 -5.56
CA LEU A 110 -6.02 15.09 -6.42
C LEU A 110 -7.49 15.19 -6.08
N ASP A 111 -8.31 14.63 -6.95
CA ASP A 111 -9.73 14.63 -6.72
C ASP A 111 -10.17 13.28 -6.20
N GLU A 112 -11.43 13.18 -5.83
CA GLU A 112 -11.96 11.95 -5.32
C GLU A 112 -11.86 10.86 -6.36
N ARG A 113 -12.12 11.24 -7.59
CA ARG A 113 -12.05 10.31 -8.70
C ARG A 113 -10.64 9.78 -8.86
N ASP A 114 -9.69 10.62 -8.51
CA ASP A 114 -8.28 10.26 -8.58
C ASP A 114 -7.91 9.42 -7.38
N ILE A 115 -8.60 9.67 -6.30
CA ILE A 115 -8.38 8.98 -5.06
C ILE A 115 -8.86 7.54 -5.16
N TRP A 116 -10.05 7.31 -5.74
CA TRP A 116 -10.51 5.95 -5.87
C TRP A 116 -9.70 5.28 -6.94
N ASP A 117 -9.23 6.05 -7.92
CA ASP A 117 -8.41 5.48 -8.96
C ASP A 117 -7.08 5.08 -8.34
N LEU A 118 -6.57 5.93 -7.45
CA LEU A 118 -5.32 5.64 -6.74
C LEU A 118 -5.51 4.34 -5.94
N VAL A 119 -6.73 4.17 -5.43
CA VAL A 119 -7.08 3.00 -4.63
C VAL A 119 -7.33 1.80 -5.52
N ASN A 120 -7.84 2.06 -6.70
CA ASN A 120 -8.16 1.02 -7.66
C ASN A 120 -6.91 0.39 -8.27
N PHE A 121 -6.02 1.23 -8.77
CA PHE A 121 -4.79 0.73 -9.39
C PHE A 121 -3.98 -0.08 -8.38
N MET A 122 -4.01 0.35 -7.12
CA MET A 122 -3.28 -0.33 -6.06
C MET A 122 -3.98 -1.63 -5.68
N ARG A 123 -5.28 -1.55 -5.63
CA ARG A 123 -6.13 -2.66 -5.28
C ARG A 123 -6.13 -3.72 -6.36
N ASP A 124 -5.97 -3.26 -7.59
CA ASP A 124 -5.96 -4.16 -8.73
C ASP A 124 -4.62 -4.85 -8.81
N ARG A 125 -3.61 -4.02 -8.80
CA ARG A 125 -2.24 -4.47 -8.86
C ARG A 125 -1.90 -5.41 -7.72
N ALA A 126 -2.23 -4.99 -6.51
CA ALA A 126 -1.96 -5.80 -5.33
C ALA A 126 -2.55 -7.19 -5.47
N GLN A 127 -3.73 -7.25 -6.05
CA GLN A 127 -4.41 -8.53 -6.25
C GLN A 127 -3.75 -9.33 -7.38
N GLY A 128 -3.40 -8.63 -8.45
CA GLY A 128 -2.75 -9.26 -9.59
C GLY A 128 -1.47 -9.99 -9.17
N ALA A 129 -0.87 -9.53 -8.09
CA ALA A 129 0.35 -10.14 -7.58
C ALA A 129 0.05 -11.44 -6.86
N ALA A 130 -1.18 -11.57 -6.41
CA ALA A 130 -1.61 -12.77 -5.70
C ALA A 130 -1.89 -13.87 -6.71
N LEU A 131 -2.37 -13.46 -7.87
CA LEU A 131 -2.68 -14.38 -8.95
C LEU A 131 -1.46 -15.23 -9.29
N ALA A 132 -0.32 -14.58 -9.41
CA ALA A 132 0.91 -15.28 -9.73
C ALA A 132 1.29 -16.25 -8.61
N GLY A 133 0.97 -15.88 -7.38
CA GLY A 133 1.28 -16.72 -6.23
C GLY A 133 2.47 -16.17 -5.45
N THR A 134 2.65 -14.86 -5.51
CA THR A 134 3.76 -14.21 -4.81
C THR A 134 3.70 -14.53 -3.32
N ASN A 135 2.52 -14.89 -2.83
CA ASN A 135 2.34 -15.20 -1.41
C ASN A 135 3.42 -16.18 -0.95
N GLY A 136 4.31 -15.71 -0.09
CA GLY A 136 5.39 -16.55 0.42
C GLY A 136 6.67 -16.32 -0.37
N HIS A 137 6.79 -15.14 -0.97
CA HIS A 137 7.98 -14.80 -1.75
C HIS A 137 8.14 -15.77 -2.92
N SER A 138 8.98 -15.39 -3.88
CA SER A 138 9.23 -16.23 -5.04
C SER A 138 7.96 -16.36 -5.89
N PRO A 139 7.61 -15.32 -6.60
CA PRO A 139 6.41 -15.30 -7.46
C PRO A 139 6.68 -15.92 -8.83
N ASP A 140 5.66 -16.57 -9.40
CA ASP A 140 5.80 -17.21 -10.69
C ASP A 140 6.20 -16.18 -11.76
N HIS A 141 7.46 -16.24 -12.17
CA HIS A 141 7.96 -15.32 -13.18
C HIS A 141 8.31 -16.05 -14.46
N ALA A 142 8.81 -17.28 -14.31
CA ALA A 142 9.18 -18.09 -15.48
C ALA A 142 7.95 -18.45 -16.29
N ALA A 143 7.93 -18.02 -17.55
CA ALA A 143 6.79 -18.30 -18.43
C ALA A 143 6.77 -19.79 -18.79
N GLY A 144 5.61 -20.25 -19.25
CA GLY A 144 5.47 -21.65 -19.63
C GLY A 144 4.71 -22.44 -18.56
N ASP A 145 3.83 -21.75 -17.84
CA ASP A 145 3.04 -22.38 -16.79
C ASP A 145 1.97 -23.28 -17.40
N HIS A 146 1.54 -22.95 -18.61
CA HIS A 146 0.52 -23.74 -19.29
C HIS A 146 0.93 -25.20 -19.37
N HIS A 147 -0.05 -26.08 -19.53
CA HIS A 147 0.22 -27.50 -19.62
C HIS A 147 0.96 -27.83 -20.91
N HIS A 148 0.78 -26.99 -21.92
CA HIS A 148 1.45 -27.20 -23.21
C HIS A 148 1.49 -25.90 -24.00
N GLY A 149 2.67 -25.58 -24.52
CA GLY A 149 2.84 -24.36 -25.30
C GLY A 149 3.04 -24.67 -26.78
N ASP A 150 4.22 -24.34 -27.30
CA ASP A 150 4.52 -24.60 -28.70
C ASP A 150 5.86 -25.31 -28.85
N HIS A 151 5.91 -26.31 -29.72
CA HIS A 151 7.14 -27.07 -29.93
C HIS A 151 8.12 -26.26 -30.79
N HIS A 152 9.38 -26.66 -30.76
CA HIS A 152 10.40 -25.97 -31.54
C HIS A 152 11.75 -26.67 -31.41
N HIS A 153 11.76 -27.98 -31.69
CA HIS A 153 12.99 -28.75 -31.59
C HIS A 153 13.00 -29.87 -32.64
FE HEC B . 6.69 8.16 -0.16
CHA HEC B . 7.00 5.88 2.33
CHB HEC B . 3.32 7.74 -0.12
CHC HEC B . 6.37 10.45 -2.63
CHD HEC B . 10.05 8.49 -0.26
NA HEC B . 5.44 7.07 0.89
C1A HEC B . 5.72 6.18 1.90
C2A HEC B . 4.54 5.57 2.42
C3A HEC B . 3.50 6.09 1.72
C4A HEC B . 4.07 7.02 0.78
CMA HEC B . 2.05 5.76 1.90
CAA HEC B . 4.45 4.56 3.52
CBA HEC B . 4.39 3.13 3.00
CGA HEC B . 3.45 2.30 3.87
O1A HEC B . 3.68 2.26 5.07
O2A HEC B . 2.54 1.71 3.32
NB HEC B . 5.18 8.93 -1.14
C1B HEC B . 3.83 8.62 -1.03
C2B HEC B . 3.03 9.36 -1.98
C3B HEC B . 3.89 10.11 -2.71
C4B HEC B . 5.21 9.86 -2.16
CMB HEC B . 1.55 9.29 -2.14
CAB HEC B . 3.55 10.97 -3.89
CBB HEC B . 2.37 11.92 -3.61
NC HEC B . 7.93 9.25 -1.20
C1C HEC B . 7.64 10.18 -2.16
C2C HEC B . 8.83 10.81 -2.68
C3C HEC B . 9.88 10.22 -2.05
C4C HEC B . 9.32 9.27 -1.12
CMC HEC B . 8.87 11.95 -3.64
CAC HEC B . 11.32 10.35 -2.43
CBC HEC B . 11.95 11.71 -2.15
ND HEC B . 8.19 7.36 0.80
C1D HEC B . 9.53 7.60 0.64
C2D HEC B . 10.33 6.82 1.56
C3D HEC B . 9.46 6.09 2.29
C4D HEC B . 8.14 6.42 1.82
CMD HEC B . 11.82 6.81 1.66
CAD HEC B . 9.81 5.14 3.38
CBD HEC B . 9.65 3.68 2.95
CGD HEC B . 10.38 2.76 3.91
O1D HEC B . 9.75 1.91 4.50
O2D HEC B . 11.58 2.93 4.06
HHA HEC B . 7.10 5.15 3.13
HHB HEC B . 2.24 7.59 -0.11
HHC HEC B . 6.28 11.19 -3.41
HHD HEC B . 11.13 8.61 -0.28
HMA1 HEC B . 1.76 5.03 1.17
HMA2 HEC B . 1.47 6.66 1.77
HMA3 HEC B . 1.89 5.37 2.89
HAA1 HEC B . 3.57 4.76 4.11
HAA2 HEC B . 5.33 4.66 4.16
HBA1 HEC B . 5.37 2.70 3.01
HBA2 HEC B . 4.02 3.14 1.98
HMB1 HEC B . 1.18 8.36 -1.76
HMB2 HEC B . 1.29 9.38 -3.19
HMB3 HEC B . 1.08 10.11 -1.60
HAB HEC B . 4.41 11.55 -4.19
HBB1 HEC B . 2.08 11.84 -2.57
HBB2 HEC B . 1.52 11.68 -4.24
HBB3 HEC B . 2.68 12.94 -3.80
HMC1 HEC B . 8.33 12.78 -3.22
HMC2 HEC B . 8.40 11.65 -4.57
HMC3 HEC B . 9.89 12.23 -3.81
HAC HEC B . 11.90 9.58 -1.94
HBC1 HEC B . 11.49 12.15 -1.28
HBC2 HEC B . 11.82 12.36 -2.99
HBC3 HEC B . 13.01 11.59 -1.96
HMD1 HEC B . 12.21 7.76 1.31
HMD2 HEC B . 12.22 6.02 1.05
HMD3 HEC B . 12.11 6.67 2.69
HAD1 HEC B . 9.17 5.32 4.23
HAD2 HEC B . 10.84 5.30 3.68
HBD1 HEC B . 10.05 3.55 1.96
HBD2 HEC B . 8.60 3.42 2.94
N MET A 1 37.08 -9.63 47.14
CA MET A 1 35.68 -10.09 46.87
C MET A 1 35.72 -11.53 46.37
N ASP A 2 34.55 -12.14 46.24
CA ASP A 2 34.46 -13.51 45.76
C ASP A 2 33.20 -13.71 44.92
N ILE A 3 33.14 -13.04 43.78
CA ILE A 3 32.00 -13.15 42.89
C ILE A 3 32.22 -14.23 41.84
N GLY A 4 31.31 -15.20 41.80
CA GLY A 4 31.42 -16.30 40.85
C GLY A 4 30.71 -15.96 39.55
N ILE A 5 29.61 -15.23 39.66
CA ILE A 5 28.84 -14.85 38.48
C ILE A 5 28.09 -13.55 38.74
N ASN A 6 28.53 -12.47 38.09
CA ASN A 6 27.88 -11.18 38.25
C ASN A 6 26.38 -11.29 38.04
N SER A 7 25.61 -10.58 38.86
CA SER A 7 24.16 -10.61 38.76
C SER A 7 23.70 -9.83 37.53
N ASP A 8 22.64 -10.33 36.89
CA ASP A 8 22.10 -9.67 35.70
C ASP A 8 20.59 -9.49 35.82
N PRO A 9 20.02 -8.67 34.99
CA PRO A 9 18.55 -8.41 35.00
C PRO A 9 17.73 -9.69 34.99
N HIS A 10 17.35 -10.16 36.17
CA HIS A 10 16.56 -11.39 36.28
C HIS A 10 15.07 -11.09 36.47
N PRO A 11 14.69 -10.27 37.45
CA PRO A 11 13.26 -9.95 37.68
C PRO A 11 12.56 -9.34 36.45
N PRO A 12 13.14 -8.35 35.80
CA PRO A 12 12.51 -7.72 34.60
C PRO A 12 12.01 -8.76 33.60
N HIS A 13 10.77 -8.61 33.17
CA HIS A 13 10.18 -9.54 32.21
C HIS A 13 9.17 -8.82 31.31
N HIS A 14 9.49 -7.58 30.96
CA HIS A 14 8.60 -6.80 30.10
C HIS A 14 9.00 -6.95 28.64
N HIS A 15 8.07 -6.65 27.74
CA HIS A 15 8.33 -6.76 26.31
C HIS A 15 7.59 -5.67 25.55
N ASP A 16 8.17 -5.25 24.42
CA ASP A 16 7.55 -4.21 23.60
C ASP A 16 7.02 -4.81 22.30
N HIS A 17 5.73 -4.62 22.05
CA HIS A 17 5.11 -5.14 20.84
C HIS A 17 4.81 -4.01 19.87
N HIS A 18 5.71 -3.77 18.92
CA HIS A 18 5.53 -2.71 17.94
C HIS A 18 5.82 -3.23 16.54
N GLY A 19 5.31 -2.52 15.53
CA GLY A 19 5.52 -2.92 14.14
C GLY A 19 6.95 -2.62 13.70
N HIS A 20 7.20 -2.75 12.41
CA HIS A 20 8.53 -2.48 11.87
C HIS A 20 8.50 -1.27 10.94
N GLY A 21 7.67 -1.34 9.90
CA GLY A 21 7.55 -0.25 8.95
C GLY A 21 6.10 0.18 8.78
N SER A 22 5.21 -0.80 8.69
CA SER A 22 3.79 -0.52 8.52
C SER A 22 3.15 -0.18 9.86
N GLY A 23 1.83 -0.02 9.87
CA GLY A 23 1.11 0.31 11.09
C GLY A 23 0.60 1.75 11.05
N TRP A 24 0.50 2.31 9.85
CA TRP A 24 0.02 3.68 9.70
C TRP A 24 -1.26 3.90 10.49
N GLU A 25 -1.32 5.02 11.21
CA GLU A 25 -2.50 5.34 12.01
C GLU A 25 -3.71 5.55 11.11
N VAL A 26 -4.65 4.62 11.17
CA VAL A 26 -5.86 4.72 10.35
C VAL A 26 -7.04 4.08 11.09
N PRO A 27 -7.93 4.85 11.68
CA PRO A 27 -9.10 4.29 12.40
C PRO A 27 -9.85 3.26 11.55
N GLU A 28 -10.13 2.10 12.14
CA GLU A 28 -10.83 1.05 11.43
C GLU A 28 -12.14 1.58 10.86
N ALA A 29 -12.65 2.64 11.48
CA ALA A 29 -13.90 3.22 11.05
C ALA A 29 -13.75 4.00 9.74
N GLU A 30 -12.56 4.52 9.46
CA GLU A 30 -12.36 5.27 8.21
C GLU A 30 -12.07 4.32 7.07
N ILE A 31 -11.51 3.19 7.45
CA ILE A 31 -11.12 2.17 6.54
C ILE A 31 -12.31 1.45 5.92
N HIS A 32 -13.36 1.32 6.70
CA HIS A 32 -14.55 0.61 6.26
C HIS A 32 -15.78 1.49 6.13
N ARG A 33 -15.67 2.82 6.18
CA ARG A 33 -16.91 3.60 6.13
C ARG A 33 -17.31 4.07 4.73
N GLU A 34 -16.46 4.84 4.05
CA GLU A 34 -16.80 5.28 2.71
C GLU A 34 -15.67 5.06 1.76
N ASN A 35 -15.96 4.35 0.69
CA ASN A 35 -14.97 4.17 -0.32
C ASN A 35 -15.65 3.89 -1.65
N PRO A 36 -15.77 4.88 -2.50
CA PRO A 36 -16.36 4.67 -3.82
C PRO A 36 -15.26 4.23 -4.76
N ILE A 37 -15.30 2.99 -5.16
CA ILE A 37 -14.26 2.46 -6.02
C ILE A 37 -14.81 1.89 -7.33
N PRO A 38 -14.69 2.58 -8.44
CA PRO A 38 -15.15 2.03 -9.74
C PRO A 38 -14.09 1.04 -10.26
N PRO A 39 -14.44 -0.21 -10.50
CA PRO A 39 -13.45 -1.21 -11.00
C PRO A 39 -13.30 -1.15 -12.51
N ASP A 40 -12.32 -0.39 -12.98
CA ASP A 40 -12.10 -0.27 -14.41
C ASP A 40 -10.62 -0.20 -14.74
N ALA A 41 -10.32 -0.25 -16.03
CA ALA A 41 -8.96 -0.19 -16.51
C ALA A 41 -8.45 1.23 -16.45
N ARG A 42 -9.37 2.17 -16.55
CA ARG A 42 -9.04 3.57 -16.51
C ARG A 42 -8.68 3.95 -15.10
N SER A 43 -9.43 3.37 -14.19
CA SER A 43 -9.21 3.62 -12.77
C SER A 43 -7.82 3.14 -12.40
N LEU A 44 -7.43 2.08 -13.07
CA LEU A 44 -6.16 1.43 -12.89
C LEU A 44 -5.05 2.18 -13.59
N ASP A 45 -5.30 2.51 -14.84
CA ASP A 45 -4.32 3.19 -15.66
C ASP A 45 -4.11 4.62 -15.21
N GLN A 46 -5.20 5.37 -15.14
CA GLN A 46 -5.10 6.73 -14.72
C GLN A 46 -4.75 6.80 -13.27
N GLY A 47 -5.21 5.83 -12.52
CA GLY A 47 -4.90 5.77 -11.13
C GLY A 47 -3.44 5.41 -10.98
N GLY A 48 -2.93 4.81 -12.02
CA GLY A 48 -1.55 4.42 -12.07
C GLY A 48 -0.63 5.62 -12.26
N VAL A 49 -1.16 6.69 -12.84
CA VAL A 49 -0.35 7.87 -13.09
C VAL A 49 -0.26 8.75 -11.85
N LEU A 50 -1.33 8.77 -11.08
CA LEU A 50 -1.41 9.58 -9.88
C LEU A 50 -0.14 9.49 -9.04
N TYR A 51 0.18 8.28 -8.69
CA TYR A 51 1.33 7.95 -7.88
C TYR A 51 2.61 8.02 -8.70
N ALA A 52 2.47 7.76 -9.99
CA ALA A 52 3.62 7.71 -10.89
C ALA A 52 4.09 9.09 -11.32
N GLU A 53 3.25 10.07 -11.14
CA GLU A 53 3.58 11.40 -11.53
C GLU A 53 4.73 11.92 -10.71
N HIS A 54 4.66 11.64 -9.43
CA HIS A 54 5.67 12.14 -8.52
C HIS A 54 6.19 11.12 -7.50
N CYS A 55 5.34 10.19 -7.07
CA CYS A 55 5.72 9.22 -6.05
C CYS A 55 6.58 8.05 -6.57
N VAL A 56 6.46 7.67 -7.85
CA VAL A 56 7.25 6.54 -8.38
C VAL A 56 8.69 6.88 -8.48
N ARG A 57 8.96 8.13 -8.77
CA ARG A 57 10.33 8.57 -8.87
C ARG A 57 11.10 8.21 -7.60
N CYS A 58 10.38 7.87 -6.53
CA CYS A 58 11.04 7.48 -5.30
C CYS A 58 10.72 6.04 -4.92
N HIS A 59 9.45 5.62 -5.03
CA HIS A 59 9.17 4.23 -4.72
C HIS A 59 8.13 3.56 -5.61
N GLY A 60 8.61 3.13 -6.78
CA GLY A 60 7.82 2.35 -7.73
C GLY A 60 6.51 3.01 -8.13
N GLU A 61 5.99 2.57 -9.28
CA GLU A 61 4.75 3.10 -9.79
C GLU A 61 3.76 3.22 -8.65
N THR A 62 3.39 2.10 -8.05
CA THR A 62 2.51 2.18 -6.90
C THR A 62 2.83 1.13 -5.84
N LEU A 63 3.07 -0.10 -6.28
CA LEU A 63 3.34 -1.19 -5.35
C LEU A 63 4.76 -1.73 -5.37
N ARG A 64 5.34 -1.74 -6.55
CA ARG A 64 6.66 -2.32 -6.74
C ARG A 64 7.68 -1.73 -5.80
N GLY A 65 7.61 -0.44 -5.61
CA GLY A 65 8.56 0.21 -4.75
C GLY A 65 9.97 -0.02 -5.27
N ASP A 66 10.11 -0.15 -6.58
CA ASP A 66 11.42 -0.39 -7.17
C ASP A 66 12.19 0.91 -7.39
N GLY A 67 11.46 2.02 -7.32
CA GLY A 67 12.00 3.40 -7.45
C GLY A 67 13.11 3.55 -8.52
N PRO A 68 12.92 4.38 -9.53
CA PRO A 68 13.96 4.60 -10.56
C PRO A 68 15.00 5.66 -10.14
N ASP A 69 14.53 6.75 -9.52
CA ASP A 69 15.46 7.80 -9.10
C ASP A 69 15.62 7.84 -7.57
N ALA A 70 15.37 6.73 -6.90
CA ALA A 70 15.50 6.68 -5.46
C ALA A 70 16.93 6.35 -5.03
N HIS A 71 17.78 5.99 -5.97
CA HIS A 71 19.15 5.63 -5.65
C HIS A 71 19.85 6.73 -4.87
N ASP A 72 19.72 7.98 -5.31
CA ASP A 72 20.35 9.10 -4.61
C ASP A 72 19.46 9.60 -3.47
N LEU A 73 18.22 9.11 -3.45
CA LEU A 73 17.24 9.48 -2.43
C LEU A 73 17.39 8.62 -1.19
N ASP A 74 16.60 8.98 -0.18
CA ASP A 74 16.59 8.30 1.11
C ASP A 74 16.78 6.78 0.96
N PRO A 75 17.20 6.12 2.02
CA PRO A 75 17.45 4.65 2.02
C PRO A 75 16.39 3.86 1.24
N PRO A 76 16.67 2.62 0.94
CA PRO A 76 15.74 1.76 0.16
C PRO A 76 14.30 1.89 0.63
N VAL A 77 13.40 1.81 -0.33
CA VAL A 77 11.98 1.93 -0.08
C VAL A 77 11.34 0.55 0.08
N ALA A 78 10.15 0.51 0.68
CA ALA A 78 9.46 -0.76 0.91
C ALA A 78 8.64 -1.20 -0.30
N ASP A 79 8.21 -2.46 -0.24
CA ASP A 79 7.39 -3.06 -1.30
C ASP A 79 5.93 -3.01 -0.88
N LEU A 80 5.15 -2.17 -1.55
CA LEU A 80 3.75 -2.03 -1.22
C LEU A 80 2.88 -3.18 -1.72
N VAL A 81 3.37 -3.92 -2.70
CA VAL A 81 2.59 -5.04 -3.24
C VAL A 81 2.45 -6.15 -2.21
N GLU A 82 3.46 -6.26 -1.37
CA GLU A 82 3.48 -7.28 -0.33
C GLU A 82 2.59 -6.89 0.85
N HIS A 83 2.52 -5.59 1.11
CA HIS A 83 1.72 -5.08 2.22
C HIS A 83 0.34 -4.59 1.75
N ALA A 84 0.16 -4.51 0.44
CA ALA A 84 -1.11 -4.06 -0.11
C ALA A 84 -2.28 -4.89 0.41
N PRO A 85 -2.25 -6.19 0.25
CA PRO A 85 -3.36 -7.05 0.74
C PRO A 85 -3.56 -6.90 2.26
N HIS A 86 -2.57 -6.27 2.91
CA HIS A 86 -2.66 -6.06 4.35
C HIS A 86 -3.38 -4.75 4.65
N HIS A 87 -3.38 -3.85 3.66
CA HIS A 87 -4.05 -2.56 3.82
C HIS A 87 -5.41 -2.57 3.12
N SER A 88 -6.41 -1.99 3.77
CA SER A 88 -7.75 -1.94 3.20
C SER A 88 -7.93 -0.72 2.30
N ASP A 89 -9.09 -0.62 1.67
CA ASP A 89 -9.37 0.49 0.76
C ASP A 89 -9.57 1.82 1.49
N GLY A 90 -10.45 1.85 2.50
CA GLY A 90 -10.70 3.10 3.22
C GLY A 90 -9.39 3.70 3.72
N ASP A 91 -8.46 2.82 4.09
CA ASP A 91 -7.16 3.27 4.60
C ASP A 91 -6.37 3.98 3.50
N LEU A 92 -6.28 3.35 2.33
CA LEU A 92 -5.57 3.94 1.21
C LEU A 92 -6.21 5.23 0.77
N ALA A 93 -7.54 5.26 0.83
CA ALA A 93 -8.30 6.43 0.44
C ALA A 93 -8.20 7.51 1.49
N TYR A 94 -8.08 7.07 2.74
CA TYR A 94 -8.00 7.97 3.88
C TYR A 94 -6.65 8.70 3.92
N ARG A 95 -5.59 8.00 3.56
CA ARG A 95 -4.26 8.58 3.58
C ARG A 95 -4.03 9.54 2.42
N VAL A 96 -4.58 9.22 1.26
CA VAL A 96 -4.39 10.07 0.09
C VAL A 96 -5.20 11.35 0.23
N ARG A 97 -6.31 11.25 0.92
CA ARG A 97 -7.19 12.39 1.07
C ARG A 97 -6.81 13.29 2.25
N ILE A 98 -6.55 12.69 3.41
CA ILE A 98 -6.21 13.48 4.59
C ILE A 98 -4.73 13.35 4.94
N GLY A 99 -4.16 12.18 4.71
CA GLY A 99 -2.75 11.96 5.01
C GLY A 99 -2.41 12.42 6.42
N ARG A 100 -1.12 12.43 6.75
CA ARG A 100 -0.69 12.85 8.08
C ARG A 100 0.31 14.00 8.00
N GLY A 101 1.11 14.02 6.93
CA GLY A 101 2.11 15.07 6.77
C GLY A 101 3.26 14.65 5.85
N PRO A 102 3.95 13.59 6.17
CA PRO A 102 5.10 13.08 5.38
C PRO A 102 4.91 13.22 3.86
N MET A 103 3.95 12.47 3.32
CA MET A 103 3.65 12.55 1.88
C MET A 103 2.14 12.55 1.62
N PRO A 104 1.42 11.49 1.97
CA PRO A 104 -0.05 11.45 1.75
C PRO A 104 -0.75 12.74 2.14
N GLY A 105 -1.99 12.87 1.70
CA GLY A 105 -2.74 14.07 1.99
C GLY A 105 -2.97 14.86 0.70
N PHE A 106 -2.95 14.13 -0.41
CA PHE A 106 -3.14 14.71 -1.74
C PHE A 106 -4.61 14.85 -2.08
N GLY A 107 -5.46 15.00 -1.07
CA GLY A 107 -6.89 15.15 -1.33
C GLY A 107 -7.15 16.49 -2.03
N ASP A 108 -6.24 17.43 -1.84
CA ASP A 108 -6.35 18.73 -2.46
C ASP A 108 -5.59 18.74 -3.77
N ALA A 109 -4.56 17.90 -3.84
CA ALA A 109 -3.74 17.77 -5.04
C ALA A 109 -4.46 16.91 -6.07
N LEU A 110 -5.27 15.98 -5.57
CA LEU A 110 -6.02 15.10 -6.43
C LEU A 110 -7.49 15.19 -6.08
N ASP A 111 -8.30 14.62 -6.93
CA ASP A 111 -9.72 14.61 -6.68
C ASP A 111 -10.13 13.27 -6.12
N GLU A 112 -11.38 13.15 -5.72
CA GLU A 112 -11.85 11.91 -5.18
C GLU A 112 -11.82 10.85 -6.25
N ARG A 113 -12.11 11.27 -7.46
CA ARG A 113 -12.12 10.38 -8.59
C ARG A 113 -10.74 9.79 -8.80
N ASP A 114 -9.74 10.56 -8.44
CA ASP A 114 -8.36 10.14 -8.57
C ASP A 114 -8.03 9.25 -7.41
N ILE A 115 -8.50 9.65 -6.26
CA ILE A 115 -8.28 8.93 -5.04
C ILE A 115 -8.75 7.49 -5.17
N TRP A 116 -9.90 7.26 -5.78
CA TRP A 116 -10.35 5.90 -5.93
C TRP A 116 -9.55 5.23 -7.02
N ASP A 117 -9.04 6.01 -7.96
CA ASP A 117 -8.23 5.43 -9.02
C ASP A 117 -6.90 5.00 -8.40
N LEU A 118 -6.45 5.77 -7.42
CA LEU A 118 -5.22 5.46 -6.68
C LEU A 118 -5.44 4.18 -5.88
N VAL A 119 -6.66 4.03 -5.38
CA VAL A 119 -7.05 2.88 -4.58
C VAL A 119 -7.32 1.69 -5.46
N ASN A 120 -7.79 1.97 -6.65
CA ASN A 120 -8.13 0.95 -7.63
C ASN A 120 -6.89 0.31 -8.24
N PHE A 121 -5.98 1.15 -8.74
CA PHE A 121 -4.76 0.65 -9.37
C PHE A 121 -3.91 -0.15 -8.38
N MET A 122 -3.89 0.29 -7.12
CA MET A 122 -3.12 -0.39 -6.09
C MET A 122 -3.79 -1.69 -5.68
N ARG A 123 -5.10 -1.64 -5.66
CA ARG A 123 -5.92 -2.77 -5.29
C ARG A 123 -5.95 -3.83 -6.37
N ASP A 124 -5.88 -3.37 -7.60
CA ASP A 124 -5.92 -4.27 -8.75
C ASP A 124 -4.57 -4.95 -8.90
N ARG A 125 -3.55 -4.12 -8.91
CA ARG A 125 -2.19 -4.56 -9.05
C ARG A 125 -1.79 -5.56 -7.96
N ALA A 126 -2.08 -5.21 -6.72
CA ALA A 126 -1.72 -6.07 -5.59
C ALA A 126 -2.27 -7.48 -5.76
N GLN A 127 -3.55 -7.57 -6.13
CA GLN A 127 -4.18 -8.87 -6.30
C GLN A 127 -3.67 -9.55 -7.57
N GLY A 128 -3.69 -8.82 -8.68
CA GLY A 128 -3.24 -9.37 -9.95
C GLY A 128 -1.81 -9.88 -9.85
N ALA A 129 -1.04 -9.29 -8.93
CA ALA A 129 0.34 -9.71 -8.73
C ALA A 129 0.41 -11.00 -7.93
N ALA A 130 -0.65 -11.24 -7.18
CA ALA A 130 -0.73 -12.45 -6.36
C ALA A 130 -1.22 -13.60 -7.22
N LEU A 131 -2.06 -13.25 -8.20
CA LEU A 131 -2.60 -14.24 -9.11
C LEU A 131 -1.51 -14.80 -10.00
N ALA A 132 -0.58 -13.96 -10.39
CA ALA A 132 0.52 -14.38 -11.25
C ALA A 132 1.46 -15.33 -10.50
N GLY A 133 1.43 -15.26 -9.18
CA GLY A 133 2.29 -16.11 -8.36
C GLY A 133 3.69 -15.55 -8.27
N THR A 134 3.78 -14.23 -8.10
CA THR A 134 5.07 -13.56 -7.99
C THR A 134 5.95 -14.23 -6.95
N ASN A 135 5.32 -14.91 -6.01
CA ASN A 135 6.07 -15.60 -4.95
C ASN A 135 7.10 -16.54 -5.59
N GLY A 136 8.37 -16.31 -5.29
CA GLY A 136 9.44 -17.14 -5.85
C GLY A 136 10.29 -16.34 -6.83
N HIS A 137 9.76 -15.21 -7.30
CA HIS A 137 10.48 -14.35 -8.24
C HIS A 137 10.62 -15.03 -9.60
N SER A 138 9.75 -14.64 -10.53
CA SER A 138 9.79 -15.20 -11.89
C SER A 138 8.71 -14.55 -12.77
N PRO A 139 7.46 -14.59 -12.38
CA PRO A 139 6.36 -13.97 -13.19
C PRO A 139 6.71 -12.56 -13.65
N ASP A 140 6.59 -12.31 -14.95
CA ASP A 140 6.90 -11.00 -15.50
C ASP A 140 5.63 -10.16 -15.63
N HIS A 141 5.79 -8.85 -15.69
CA HIS A 141 4.65 -7.95 -15.83
C HIS A 141 4.57 -7.37 -17.24
N ALA A 142 5.23 -8.02 -18.19
CA ALA A 142 5.23 -7.55 -19.57
C ALA A 142 3.81 -7.53 -20.13
N ALA A 143 3.37 -6.35 -20.56
CA ALA A 143 2.02 -6.21 -21.11
C ALA A 143 1.98 -6.71 -22.54
N GLY A 144 0.82 -7.24 -22.95
CA GLY A 144 0.66 -7.76 -24.30
C GLY A 144 0.87 -9.26 -24.33
N ASP A 145 0.60 -9.92 -23.21
CA ASP A 145 0.77 -11.37 -23.12
C ASP A 145 -0.49 -12.08 -23.63
N HIS A 146 -1.63 -11.42 -23.48
CA HIS A 146 -2.89 -12.00 -23.93
C HIS A 146 -3.01 -11.93 -25.44
N HIS A 147 -3.80 -12.85 -26.02
CA HIS A 147 -3.99 -12.88 -27.45
C HIS A 147 -5.42 -13.27 -27.81
N HIS A 148 -5.91 -12.77 -28.94
CA HIS A 148 -7.26 -13.08 -29.36
C HIS A 148 -7.39 -14.54 -29.78
N GLY A 149 -8.58 -14.94 -30.20
CA GLY A 149 -8.82 -16.31 -30.62
C GLY A 149 -10.24 -16.49 -31.15
N ASP A 150 -10.85 -17.63 -30.83
CA ASP A 150 -12.21 -17.91 -31.27
C ASP A 150 -12.31 -17.73 -32.79
N HIS A 151 -13.55 -17.67 -33.28
CA HIS A 151 -13.78 -17.51 -34.70
C HIS A 151 -13.45 -16.08 -35.14
N HIS A 152 -13.20 -15.91 -36.44
CA HIS A 152 -12.88 -14.59 -36.97
C HIS A 152 -13.30 -14.49 -38.42
N HIS A 153 -14.45 -13.85 -38.65
CA HIS A 153 -14.96 -13.68 -40.02
C HIS A 153 -15.08 -15.03 -40.71
FE HEC B . 6.77 8.32 -0.16
CHA HEC B . 7.17 6.18 2.43
CHB HEC B . 3.42 7.91 0.02
CHC HEC B . 6.38 10.49 -2.70
CHD HEC B . 10.13 8.69 -0.35
NA HEC B . 5.57 7.29 0.98
C1A HEC B . 5.89 6.44 2.02
C2A HEC B . 4.72 5.87 2.63
C3A HEC B . 3.66 6.35 1.95
C4A HEC B . 4.19 7.23 0.92
CMA HEC B . 2.22 6.05 2.20
CAA HEC B . 4.68 4.93 3.78
CBA HEC B . 5.34 3.58 3.46
CGA HEC B . 4.53 2.45 4.07
O1A HEC B . 5.00 1.85 5.02
O2A HEC B . 3.45 2.18 3.57
NB HEC B . 5.23 9.05 -1.13
C1B HEC B . 3.90 8.76 -0.94
C2B HEC B . 3.06 9.45 -1.90
C3B HEC B . 3.90 10.16 -2.69
C4B HEC B . 5.24 9.92 -2.19
CMB HEC B . 1.57 9.38 -2.00
CAB HEC B . 3.53 11.00 -3.87
CBB HEC B . 2.33 11.92 -3.61
NC HEC B . 7.99 9.37 -1.27
C1C HEC B . 7.66 10.25 -2.28
C2C HEC B . 8.82 10.84 -2.86
C3C HEC B . 9.89 10.31 -2.24
C4C HEC B . 9.37 9.42 -1.23
CMC HEC B . 8.83 11.89 -3.92
CAC HEC B . 11.33 10.44 -2.64
CBC HEC B . 11.94 11.83 -2.46
ND HEC B . 8.32 7.58 0.81
C1D HEC B . 9.65 7.83 0.60
C2D HEC B . 10.47 7.10 1.53
C3D HEC B . 9.65 6.40 2.31
C4D HEC B . 8.31 6.70 1.86
CMD HEC B . 11.96 7.14 1.60
CAD HEC B . 10.02 5.49 3.43
CBD HEC B . 10.10 6.22 4.77
CGD HEC B . 11.39 5.84 5.49
O1D HEC B . 11.30 5.38 6.62
O2D HEC B . 12.45 6.03 4.91
HHA HEC B . 7.30 5.50 3.27
HHB HEC B . 2.34 7.77 0.07
HHC HEC B . 6.26 11.19 -3.53
HHD HEC B . 11.21 8.81 -0.42
HMA1 HEC B . 1.61 6.86 1.83
HMA2 HEC B . 2.07 5.92 3.25
HMA3 HEC B . 1.94 5.14 1.68
HAA1 HEC B . 3.66 4.75 4.05
HAA2 HEC B . 5.20 5.38 4.62
HBA1 HEC B . 6.35 3.56 3.88
HBA2 HEC B . 5.40 3.45 2.39
HMB1 HEC B . 1.28 9.45 -3.03
HMB2 HEC B . 1.14 10.21 -1.44
HMB3 HEC B . 1.22 8.46 -1.58
HAB HEC B . 4.37 11.61 -4.14
HBB1 HEC B . 2.15 11.99 -2.55
HBB2 HEC B . 1.44 11.52 -4.10
HBB3 HEC B . 2.53 12.90 -4.01
HMC1 HEC B . 8.62 11.45 -4.87
HMC2 HEC B . 9.79 12.38 -3.94
HMC3 HEC B . 8.06 12.63 -3.69
HAC HEC B . 11.93 9.72 -2.11
HBC1 HEC B . 11.47 12.32 -1.61
HBC2 HEC B . 11.78 12.42 -3.34
HBC3 HEC B . 13.01 11.73 -2.28
HMD1 HEC B . 12.38 6.41 0.90
HMD2 HEC B . 12.28 6.88 2.60
HMD3 HEC B . 12.33 8.12 1.35
HAD1 HEC B . 10.99 5.05 3.21
HAD2 HEC B . 9.29 4.70 3.50
HBD1 HEC B . 9.26 5.94 5.38
HBD2 HEC B . 10.08 7.28 4.60
N MET A 1 34.48 24.56 30.97
CA MET A 1 35.88 24.80 30.53
C MET A 1 35.94 26.14 29.79
N ASP A 2 35.25 26.23 28.67
CA ASP A 2 35.23 27.46 27.89
C ASP A 2 34.11 27.43 26.85
N ILE A 3 33.46 28.56 26.65
CA ILE A 3 32.37 28.65 25.69
C ILE A 3 32.88 29.17 24.34
N GLY A 4 32.54 28.47 23.27
CA GLY A 4 32.96 28.88 21.94
C GLY A 4 31.96 29.83 21.31
N ILE A 5 30.68 29.61 21.59
CA ILE A 5 29.62 30.45 21.05
C ILE A 5 28.39 30.41 21.95
N ASN A 6 28.13 31.53 22.62
CA ASN A 6 26.98 31.62 23.51
C ASN A 6 25.71 31.17 22.79
N SER A 7 24.91 30.34 23.47
CA SER A 7 23.67 29.85 22.88
C SER A 7 23.95 29.03 21.63
N ASP A 8 22.95 28.32 21.15
CA ASP A 8 23.11 27.50 19.95
C ASP A 8 21.89 27.64 19.04
N PRO A 9 21.72 28.79 18.44
CA PRO A 9 20.58 29.07 17.52
C PRO A 9 20.40 27.96 16.48
N HIS A 10 19.35 28.09 15.67
CA HIS A 10 19.08 27.10 14.63
C HIS A 10 18.77 25.74 15.26
N PRO A 11 17.62 25.63 15.87
CA PRO A 11 17.16 24.37 16.52
C PRO A 11 17.50 23.11 15.71
N PRO A 12 18.54 22.40 16.08
CA PRO A 12 18.95 21.16 15.34
C PRO A 12 17.99 20.00 15.59
N HIS A 13 17.32 19.57 14.53
CA HIS A 13 16.37 18.47 14.64
C HIS A 13 16.43 17.58 13.40
N HIS A 14 15.65 16.50 13.42
CA HIS A 14 15.62 15.58 12.28
C HIS A 14 14.22 15.52 11.68
N HIS A 15 13.32 14.80 12.34
CA HIS A 15 11.95 14.66 11.85
C HIS A 15 11.14 13.79 12.80
N ASP A 16 11.15 14.13 14.09
CA ASP A 16 10.42 13.36 15.08
C ASP A 16 10.90 11.92 15.13
N HIS A 17 10.58 11.23 16.21
CA HIS A 17 10.99 9.85 16.38
C HIS A 17 9.87 8.90 15.97
N HIS A 18 8.63 9.31 16.25
CA HIS A 18 7.47 8.49 15.92
C HIS A 18 7.26 8.45 14.40
N GLY A 19 7.37 7.25 13.84
CA GLY A 19 7.19 7.08 12.40
C GLY A 19 7.97 5.86 11.90
N HIS A 20 7.51 4.68 12.29
CA HIS A 20 8.17 3.45 11.87
C HIS A 20 7.52 2.88 10.62
N GLY A 21 7.79 1.62 10.33
CA GLY A 21 7.21 0.98 9.15
C GLY A 21 5.99 0.16 9.52
N SER A 22 4.93 0.30 8.73
CA SER A 22 3.69 -0.44 8.98
C SER A 22 3.06 0.00 10.29
N GLY A 23 1.74 -0.19 10.40
CA GLY A 23 1.03 0.19 11.61
C GLY A 23 0.56 1.65 11.54
N TRP A 24 0.50 2.19 10.34
CA TRP A 24 0.07 3.58 10.16
C TRP A 24 -1.22 3.84 10.91
N GLU A 25 -1.33 5.03 11.50
CA GLU A 25 -2.53 5.39 12.24
C GLU A 25 -3.71 5.62 11.29
N VAL A 26 -4.66 4.69 11.33
CA VAL A 26 -5.84 4.80 10.48
C VAL A 26 -7.05 4.16 11.18
N PRO A 27 -8.00 4.93 11.67
CA PRO A 27 -9.19 4.34 12.36
C PRO A 27 -9.88 3.29 11.50
N GLU A 28 -10.15 2.13 12.08
CA GLU A 28 -10.82 1.05 11.36
C GLU A 28 -12.10 1.57 10.73
N ALA A 29 -12.66 2.59 11.35
CA ALA A 29 -13.92 3.15 10.88
C ALA A 29 -13.72 3.96 9.59
N GLU A 30 -12.54 4.52 9.37
CA GLU A 30 -12.30 5.30 8.16
C GLU A 30 -11.95 4.37 7.01
N ILE A 31 -11.42 3.24 7.40
CA ILE A 31 -10.96 2.24 6.48
C ILE A 31 -12.12 1.47 5.84
N HIS A 32 -13.16 1.31 6.62
CA HIS A 32 -14.32 0.56 6.18
C HIS A 32 -15.59 1.39 6.04
N ARG A 33 -15.53 2.73 6.06
CA ARG A 33 -16.81 3.45 6.01
C ARG A 33 -17.26 3.85 4.61
N GLU A 34 -16.47 4.62 3.88
CA GLU A 34 -16.86 5.02 2.55
C GLU A 34 -15.75 4.84 1.56
N ASN A 35 -16.04 4.13 0.49
CA ASN A 35 -15.06 3.99 -0.52
C ASN A 35 -15.73 3.71 -1.86
N PRO A 36 -15.92 4.71 -2.68
CA PRO A 36 -16.53 4.52 -4.01
C PRO A 36 -15.43 4.25 -5.02
N ILE A 37 -15.33 3.02 -5.47
CA ILE A 37 -14.31 2.66 -6.43
C ILE A 37 -14.92 2.02 -7.69
N PRO A 38 -14.74 2.62 -8.86
CA PRO A 38 -15.25 2.02 -10.12
C PRO A 38 -14.22 1.00 -10.64
N PRO A 39 -14.59 -0.25 -10.84
CA PRO A 39 -13.63 -1.27 -11.33
C PRO A 39 -13.47 -1.26 -12.84
N ASP A 40 -12.48 -0.52 -13.32
CA ASP A 40 -12.22 -0.45 -14.75
C ASP A 40 -10.73 -0.31 -15.03
N ALA A 41 -10.41 -0.21 -16.30
CA ALA A 41 -9.04 -0.08 -16.74
C ALA A 41 -8.55 1.35 -16.59
N ARG A 42 -9.50 2.27 -16.67
CA ARG A 42 -9.20 3.68 -16.57
C ARG A 42 -8.90 4.06 -15.13
N SER A 43 -9.53 3.36 -14.22
CA SER A 43 -9.32 3.60 -12.80
C SER A 43 -7.93 3.11 -12.46
N LEU A 44 -7.53 2.08 -13.17
CA LEU A 44 -6.25 1.46 -13.02
C LEU A 44 -5.17 2.27 -13.71
N ASP A 45 -5.45 2.62 -14.94
CA ASP A 45 -4.51 3.38 -15.75
C ASP A 45 -4.32 4.76 -15.20
N GLN A 46 -5.42 5.50 -15.07
CA GLN A 46 -5.31 6.83 -14.57
C GLN A 46 -4.89 6.80 -13.11
N GLY A 47 -5.45 5.84 -12.37
CA GLY A 47 -5.11 5.64 -10.97
C GLY A 47 -3.62 5.37 -10.85
N GLY A 48 -3.07 4.94 -11.96
CA GLY A 48 -1.66 4.59 -12.04
C GLY A 48 -0.74 5.79 -12.30
N VAL A 49 -1.25 6.85 -12.93
CA VAL A 49 -0.40 7.98 -13.28
C VAL A 49 -0.15 8.92 -12.11
N LEU A 50 -1.17 9.15 -11.32
CA LEU A 50 -1.07 10.06 -10.19
C LEU A 50 0.16 9.78 -9.34
N TYR A 51 0.28 8.52 -8.96
CA TYR A 51 1.38 8.04 -8.15
C TYR A 51 2.69 8.06 -8.91
N ALA A 52 2.59 7.85 -10.23
CA ALA A 52 3.76 7.78 -11.08
C ALA A 52 4.28 9.15 -11.44
N GLU A 53 3.47 10.17 -11.24
CA GLU A 53 3.84 11.51 -11.56
C GLU A 53 4.90 12.02 -10.62
N HIS A 54 4.70 11.77 -9.35
CA HIS A 54 5.63 12.27 -8.35
C HIS A 54 6.05 11.23 -7.29
N CYS A 55 5.20 10.26 -7.03
CA CYS A 55 5.47 9.26 -6.00
C CYS A 55 6.40 8.10 -6.45
N VAL A 56 6.46 7.81 -7.76
CA VAL A 56 7.31 6.73 -8.26
C VAL A 56 8.74 7.15 -8.29
N ARG A 57 8.94 8.42 -8.45
CA ARG A 57 10.26 8.97 -8.46
C ARG A 57 10.99 8.60 -7.17
N CYS A 58 10.25 8.10 -6.17
CA CYS A 58 10.87 7.70 -4.92
C CYS A 58 10.60 6.23 -4.62
N HIS A 59 9.35 5.76 -4.79
CA HIS A 59 9.10 4.35 -4.52
C HIS A 59 8.10 3.67 -5.48
N GLY A 60 8.63 3.26 -6.62
CA GLY A 60 7.86 2.49 -7.61
C GLY A 60 6.58 3.16 -8.06
N GLU A 61 6.11 2.73 -9.24
CA GLU A 61 4.90 3.27 -9.79
C GLU A 61 3.85 3.37 -8.70
N THR A 62 3.43 2.24 -8.14
CA THR A 62 2.49 2.29 -7.04
C THR A 62 2.78 1.25 -5.97
N LEU A 63 3.02 0.02 -6.39
CA LEU A 63 3.27 -1.06 -5.43
C LEU A 63 4.69 -1.61 -5.42
N ARG A 64 5.29 -1.63 -6.60
CA ARG A 64 6.61 -2.22 -6.77
C ARG A 64 7.58 -1.66 -5.77
N GLY A 65 7.52 -0.37 -5.58
CA GLY A 65 8.43 0.26 -4.66
C GLY A 65 9.85 0.02 -5.10
N ASP A 66 10.05 -0.07 -6.42
CA ASP A 66 11.39 -0.32 -6.95
C ASP A 66 12.18 0.99 -7.09
N GLY A 67 11.46 2.10 -7.00
CA GLY A 67 12.03 3.47 -7.07
C GLY A 67 13.21 3.62 -8.06
N PRO A 68 13.07 4.44 -9.08
CA PRO A 68 14.17 4.67 -10.06
C PRO A 68 15.12 5.78 -9.61
N ASP A 69 14.57 6.84 -9.00
CA ASP A 69 15.42 7.96 -8.55
C ASP A 69 15.78 7.85 -7.08
N ALA A 70 15.54 6.69 -6.48
CA ALA A 70 15.84 6.50 -5.06
C ALA A 70 17.33 6.35 -4.80
N HIS A 71 18.13 6.28 -5.86
CA HIS A 71 19.56 6.10 -5.68
C HIS A 71 20.15 7.17 -4.76
N ASP A 72 19.64 8.41 -4.86
CA ASP A 72 20.14 9.49 -4.02
C ASP A 72 19.22 9.73 -2.82
N LEU A 73 17.96 9.36 -2.99
CA LEU A 73 16.94 9.52 -1.97
C LEU A 73 17.25 8.64 -0.76
N ASP A 74 16.47 8.86 0.27
CA ASP A 74 16.58 8.11 1.52
C ASP A 74 16.77 6.62 1.23
N PRO A 75 17.23 5.87 2.21
CA PRO A 75 17.48 4.40 2.08
C PRO A 75 16.37 3.69 1.29
N PRO A 76 16.63 2.47 0.87
CA PRO A 76 15.66 1.68 0.09
C PRO A 76 14.23 1.78 0.62
N VAL A 77 13.30 1.76 -0.31
CA VAL A 77 11.89 1.87 0.02
C VAL A 77 11.25 0.48 0.13
N ALA A 78 10.09 0.42 0.78
CA ALA A 78 9.39 -0.85 0.98
C ALA A 78 8.61 -1.27 -0.27
N ASP A 79 8.22 -2.54 -0.28
CA ASP A 79 7.44 -3.11 -1.39
C ASP A 79 5.97 -3.11 -1.00
N LEU A 80 5.20 -2.26 -1.64
CA LEU A 80 3.78 -2.11 -1.33
C LEU A 80 2.89 -3.22 -1.88
N VAL A 81 3.36 -3.95 -2.89
CA VAL A 81 2.51 -5.01 -3.45
C VAL A 81 2.37 -6.16 -2.47
N GLU A 82 3.37 -6.34 -1.64
CA GLU A 82 3.35 -7.41 -0.64
C GLU A 82 2.48 -7.03 0.53
N HIS A 83 2.51 -5.74 0.88
CA HIS A 83 1.73 -5.25 2.01
C HIS A 83 0.37 -4.71 1.58
N ALA A 84 0.19 -4.55 0.28
CA ALA A 84 -1.07 -4.05 -0.25
C ALA A 84 -2.25 -4.90 0.21
N PRO A 85 -2.24 -6.19 -0.01
CA PRO A 85 -3.36 -7.06 0.45
C PRO A 85 -3.58 -6.92 1.95
N HIS A 86 -2.59 -6.39 2.65
CA HIS A 86 -2.69 -6.19 4.09
C HIS A 86 -3.37 -4.85 4.39
N HIS A 87 -3.34 -3.95 3.42
CA HIS A 87 -3.95 -2.63 3.59
C HIS A 87 -5.32 -2.60 2.91
N SER A 88 -6.28 -1.97 3.58
CA SER A 88 -7.64 -1.88 3.05
C SER A 88 -7.81 -0.66 2.14
N ASP A 89 -8.98 -0.56 1.53
CA ASP A 89 -9.28 0.55 0.62
C ASP A 89 -9.46 1.89 1.36
N GLY A 90 -10.31 1.90 2.39
CA GLY A 90 -10.54 3.14 3.15
C GLY A 90 -9.22 3.70 3.67
N ASP A 91 -8.31 2.79 4.05
CA ASP A 91 -7.02 3.21 4.60
C ASP A 91 -6.16 3.87 3.53
N LEU A 92 -6.07 3.23 2.37
CA LEU A 92 -5.28 3.78 1.27
C LEU A 92 -5.87 5.11 0.82
N ALA A 93 -7.19 5.16 0.85
CA ALA A 93 -7.91 6.35 0.46
C ALA A 93 -7.81 7.42 1.54
N TYR A 94 -7.73 6.95 2.78
CA TYR A 94 -7.64 7.84 3.92
C TYR A 94 -6.33 8.62 3.94
N ARG A 95 -5.24 7.94 3.60
CA ARG A 95 -3.93 8.58 3.59
C ARG A 95 -3.78 9.48 2.39
N VAL A 96 -4.40 9.12 1.27
CA VAL A 96 -4.30 9.90 0.05
C VAL A 96 -5.13 11.18 0.17
N ARG A 97 -6.21 11.09 0.91
CA ARG A 97 -7.11 12.22 1.04
C ARG A 97 -6.73 13.15 2.20
N ILE A 98 -6.49 12.59 3.38
CA ILE A 98 -6.15 13.42 4.54
C ILE A 98 -4.64 13.41 4.79
N GLY A 99 -4.00 12.28 4.52
CA GLY A 99 -2.57 12.15 4.71
C GLY A 99 -2.12 12.74 6.04
N ARG A 100 -0.81 12.96 6.16
CA ARG A 100 -0.27 13.53 7.39
C ARG A 100 0.49 14.82 7.10
N GLY A 101 1.41 14.77 6.15
CA GLY A 101 2.19 15.96 5.81
C GLY A 101 3.27 15.67 4.76
N PRO A 102 4.20 14.80 5.06
CA PRO A 102 5.32 14.46 4.16
C PRO A 102 4.91 14.34 2.70
N MET A 103 4.13 13.30 2.38
CA MET A 103 3.68 13.09 1.00
C MET A 103 2.16 12.89 0.92
N PRO A 104 1.59 11.95 1.65
CA PRO A 104 0.13 11.72 1.58
C PRO A 104 -0.63 13.01 1.87
N GLY A 105 -1.91 13.04 1.51
CA GLY A 105 -2.71 14.22 1.75
C GLY A 105 -3.04 14.92 0.43
N PHE A 106 -3.06 14.15 -0.65
CA PHE A 106 -3.35 14.69 -1.97
C PHE A 106 -4.86 14.77 -2.20
N GLY A 107 -5.64 14.91 -1.13
CA GLY A 107 -7.08 15.02 -1.29
C GLY A 107 -7.42 16.36 -1.94
N ASP A 108 -6.54 17.33 -1.73
CA ASP A 108 -6.72 18.65 -2.31
C ASP A 108 -5.98 18.75 -3.64
N ALA A 109 -4.94 17.93 -3.77
CA ALA A 109 -4.15 17.89 -5.00
C ALA A 109 -4.86 17.06 -6.05
N LEU A 110 -5.63 16.08 -5.57
CA LEU A 110 -6.37 15.21 -6.47
C LEU A 110 -7.84 15.23 -6.07
N ASP A 111 -8.66 14.66 -6.91
CA ASP A 111 -10.06 14.57 -6.62
C ASP A 111 -10.37 13.21 -6.08
N GLU A 112 -11.58 13.02 -5.59
CA GLU A 112 -11.96 11.75 -5.06
C GLU A 112 -11.85 10.69 -6.14
N ARG A 113 -12.27 11.07 -7.32
CA ARG A 113 -12.23 10.18 -8.48
C ARG A 113 -10.81 9.68 -8.71
N ASP A 114 -9.87 10.52 -8.39
CA ASP A 114 -8.45 10.20 -8.53
C ASP A 114 -8.01 9.35 -7.35
N ILE A 115 -8.68 9.56 -6.24
CA ILE A 115 -8.39 8.84 -5.03
C ILE A 115 -8.85 7.40 -5.15
N TRP A 116 -10.01 7.20 -5.76
CA TRP A 116 -10.52 5.86 -5.92
C TRP A 116 -9.74 5.18 -7.02
N ASP A 117 -9.27 5.96 -7.99
CA ASP A 117 -8.47 5.40 -9.05
C ASP A 117 -7.11 5.03 -8.47
N LEU A 118 -6.59 5.90 -7.60
CA LEU A 118 -5.33 5.65 -6.92
C LEU A 118 -5.47 4.35 -6.12
N VAL A 119 -6.67 4.15 -5.59
CA VAL A 119 -6.98 2.97 -4.78
C VAL A 119 -7.20 1.77 -5.67
N ASN A 120 -7.74 2.02 -6.85
CA ASN A 120 -8.04 0.97 -7.81
C ASN A 120 -6.80 0.34 -8.43
N PHE A 121 -5.91 1.16 -8.97
CA PHE A 121 -4.71 0.61 -9.60
C PHE A 121 -3.92 -0.24 -8.61
N MET A 122 -3.93 0.19 -7.34
CA MET A 122 -3.21 -0.51 -6.29
C MET A 122 -3.95 -1.76 -5.88
N ARG A 123 -5.26 -1.62 -5.79
CA ARG A 123 -6.15 -2.68 -5.40
C ARG A 123 -6.20 -3.76 -6.45
N ASP A 124 -6.04 -3.36 -7.69
CA ASP A 124 -6.08 -4.27 -8.81
C ASP A 124 -4.76 -5.01 -8.91
N ARG A 125 -3.71 -4.21 -8.92
CA ARG A 125 -2.37 -4.71 -9.00
C ARG A 125 -2.04 -5.63 -7.84
N ALA A 126 -2.36 -5.18 -6.64
CA ALA A 126 -2.10 -5.96 -5.43
C ALA A 126 -2.75 -7.33 -5.54
N GLN A 127 -3.95 -7.36 -6.09
CA GLN A 127 -4.67 -8.61 -6.25
C GLN A 127 -4.02 -9.47 -7.32
N GLY A 128 -3.44 -8.82 -8.33
CA GLY A 128 -2.79 -9.54 -9.42
C GLY A 128 -1.73 -10.48 -8.85
N ALA A 129 -1.12 -10.08 -7.74
CA ALA A 129 -0.10 -10.89 -7.09
C ALA A 129 -0.75 -11.99 -6.26
N ALA A 130 -2.01 -11.79 -5.93
CA ALA A 130 -2.75 -12.75 -5.12
C ALA A 130 -3.25 -13.89 -6.01
N LEU A 131 -3.35 -13.61 -7.30
CA LEU A 131 -3.82 -14.59 -8.25
C LEU A 131 -2.98 -15.85 -8.16
N ALA A 132 -1.72 -15.68 -7.78
CA ALA A 132 -0.81 -16.82 -7.66
C ALA A 132 -1.13 -17.63 -6.40
N GLY A 133 -1.75 -16.97 -5.42
CA GLY A 133 -2.10 -17.63 -4.16
C GLY A 133 -0.90 -17.67 -3.23
N THR A 134 -0.28 -16.51 -3.03
CA THR A 134 0.88 -16.42 -2.16
C THR A 134 0.48 -16.46 -0.70
N ASN A 135 -0.77 -16.08 -0.42
CA ASN A 135 -1.25 -16.08 0.95
C ASN A 135 -0.96 -17.42 1.62
N GLY A 136 -0.07 -17.40 2.60
CA GLY A 136 0.30 -18.61 3.32
C GLY A 136 1.76 -19.01 3.05
N HIS A 137 2.50 -18.14 2.37
CA HIS A 137 3.91 -18.42 2.07
C HIS A 137 4.04 -19.62 1.14
N SER A 138 4.75 -19.41 0.02
CA SER A 138 4.95 -20.49 -0.96
C SER A 138 5.68 -19.97 -2.21
N PRO A 139 5.17 -18.94 -2.85
CA PRO A 139 5.83 -18.38 -4.08
C PRO A 139 7.11 -17.65 -3.75
N ASP A 140 8.19 -18.00 -4.45
CA ASP A 140 9.49 -17.37 -4.23
C ASP A 140 9.63 -16.12 -5.11
N HIS A 141 10.21 -15.07 -4.55
CA HIS A 141 10.39 -13.83 -5.28
C HIS A 141 11.51 -13.98 -6.32
N ALA A 142 12.60 -14.62 -5.90
CA ALA A 142 13.74 -14.82 -6.79
C ALA A 142 13.40 -15.89 -7.83
N ALA A 143 13.55 -15.52 -9.11
CA ALA A 143 13.26 -16.45 -10.19
C ALA A 143 14.38 -17.48 -10.32
N GLY A 144 14.02 -18.69 -10.75
CA GLY A 144 15.00 -19.76 -10.91
C GLY A 144 14.94 -20.73 -9.74
N ASP A 145 13.76 -20.83 -9.12
CA ASP A 145 13.58 -21.75 -8.00
C ASP A 145 12.77 -22.96 -8.41
N HIS A 146 11.90 -22.77 -9.39
CA HIS A 146 11.05 -23.86 -9.88
C HIS A 146 11.81 -24.71 -10.90
N HIS A 147 11.59 -26.01 -10.87
CA HIS A 147 12.25 -26.92 -11.79
C HIS A 147 13.77 -26.80 -11.66
N HIS A 148 14.48 -27.63 -12.42
CA HIS A 148 15.95 -27.61 -12.38
C HIS A 148 16.49 -26.39 -13.11
N GLY A 149 15.96 -26.14 -14.30
CA GLY A 149 16.39 -24.99 -15.10
C GLY A 149 15.92 -25.12 -16.54
N ASP A 150 14.61 -25.12 -16.74
CA ASP A 150 14.06 -25.24 -18.08
C ASP A 150 14.45 -24.04 -18.94
N HIS A 151 14.17 -22.85 -18.43
CA HIS A 151 14.51 -21.63 -19.16
C HIS A 151 15.58 -20.84 -18.43
N HIS A 152 16.70 -20.59 -19.09
CA HIS A 152 17.80 -19.84 -18.48
C HIS A 152 18.60 -19.11 -19.56
N HIS A 153 18.21 -17.87 -19.83
CA HIS A 153 18.91 -17.07 -20.83
C HIS A 153 19.14 -15.65 -20.33
FE HEC B . 6.14 8.17 -0.08
CHA HEC B . 6.30 5.90 2.44
CHB HEC B . 2.80 7.68 -0.30
CHC HEC B . 5.98 10.43 -2.56
CHD HEC B . 9.50 8.58 0.10
NA HEC B . 4.84 7.06 0.87
C1A HEC B . 5.07 6.17 1.91
C2A HEC B . 3.85 5.53 2.33
C3A HEC B . 2.86 6.02 1.56
C4A HEC B . 3.48 6.97 0.66
CMA HEC B . 1.41 5.67 1.63
CAA HEC B . 3.72 4.51 3.41
CBA HEC B . 3.58 5.14 4.80
CGA HEC B . 4.94 5.61 5.30
O1A HEC B . 5.64 4.80 5.88
O2A HEC B . 5.26 6.76 5.08
NB HEC B . 4.70 8.91 -1.18
C1B HEC B . 3.36 8.58 -1.17
C2B HEC B . 2.63 9.30 -2.18
C3B HEC B . 3.53 10.08 -2.81
C4B HEC B . 4.81 9.83 -2.18
CMB HEC B . 1.18 9.20 -2.49
CAB HEC B . 3.26 10.97 -3.97
CBB HEC B . 2.10 11.93 -3.71
NC HEC B . 7.45 9.27 -1.02
C1C HEC B . 7.22 10.18 -2.01
C2C HEC B . 8.42 10.83 -2.45
C3C HEC B . 9.43 10.28 -1.73
C4C HEC B . 8.82 9.33 -0.84
CMC HEC B . 8.50 11.93 -3.45
CAC HEC B . 10.90 10.45 -1.99
CBC HEC B . 11.45 11.84 -1.65
ND HEC B . 7.58 7.41 1.02
C1D HEC B . 8.93 7.69 0.96
C2D HEC B . 9.67 6.93 1.94
C3D HEC B . 8.77 6.18 2.60
C4D HEC B . 7.48 6.48 2.02
CMD HEC B . 11.13 6.97 2.16
CAD HEC B . 9.05 5.22 3.70
CBD HEC B . 8.73 3.78 3.31
CGD HEC B . 9.67 2.83 4.06
O1D HEC B . 9.46 2.62 5.24
O2D HEC B . 10.59 2.32 3.44
HHA HEC B . 6.36 5.18 3.24
HHB HEC B . 1.73 7.53 -0.37
HHC HEC B . 5.94 11.17 -3.36
HHD HEC B . 10.58 8.72 0.15
HMA1 HEC B . 1.18 5.28 2.61
HMA2 HEC B . 1.19 4.93 0.88
HMA3 HEC B . 0.82 6.56 1.44
HAA1 HEC B . 4.59 3.88 3.40
HAA2 HEC B . 2.84 3.91 3.21
HBA1 HEC B . 3.18 4.41 5.48
HBA2 HEC B . 2.90 5.99 4.74
HMB1 HEC B . 1.04 9.19 -3.56
HMB2 HEC B . 0.65 10.04 -2.06
HMB3 HEC B . 0.79 8.28 -2.08
HAB HEC B . 4.15 11.54 -4.19
HBB1 HEC B . 2.41 12.94 -3.90
HBB2 HEC B . 1.78 11.85 -2.68
HBB3 HEC B . 1.26 11.69 -4.36
HMC1 HEC B . 8.69 11.51 -4.43
HMC2 HEC B . 9.32 12.58 -3.19
HMC3 HEC B . 7.58 12.48 -3.46
HAC HEC B . 11.44 9.70 -1.45
HBC1 HEC B . 12.52 11.75 -1.46
HBC2 HEC B . 10.97 12.21 -0.77
HBC3 HEC B . 11.28 12.51 -2.47
HMD1 HEC B . 11.36 7.69 2.94
HMD2 HEC B . 11.64 7.26 1.25
HMD3 HEC B . 11.48 6.00 2.47
HAD1 HEC B . 8.44 5.49 4.56
HAD2 HEC B . 10.09 5.30 3.97
HBD1 HEC B . 8.87 3.65 2.25
HBD2 HEC B . 7.71 3.55 3.57
N MET A 1 24.52 7.72 37.28
CA MET A 1 24.43 6.30 36.81
C MET A 1 24.57 5.37 38.01
N ASP A 2 23.50 5.25 38.79
CA ASP A 2 23.52 4.39 39.96
C ASP A 2 22.10 3.91 40.29
N ILE A 3 21.83 2.64 40.01
CA ILE A 3 20.52 2.07 40.29
C ILE A 3 20.26 2.01 41.79
N GLY A 4 19.16 2.61 42.22
CA GLY A 4 18.81 2.61 43.64
C GLY A 4 17.98 1.38 44.00
N ILE A 5 17.17 0.93 43.06
CA ILE A 5 16.32 -0.25 43.29
C ILE A 5 15.97 -0.91 41.96
N ASN A 6 16.57 -2.07 41.72
CA ASN A 6 16.31 -2.81 40.48
C ASN A 6 14.84 -3.24 40.41
N SER A 7 14.20 -2.93 39.29
CA SER A 7 12.80 -3.29 39.11
C SER A 7 12.67 -4.52 38.21
N ASP A 8 12.95 -4.33 36.93
CA ASP A 8 12.87 -5.43 35.97
C ASP A 8 13.22 -4.96 34.56
N PRO A 9 14.46 -4.64 34.35
CA PRO A 9 14.95 -4.16 33.02
C PRO A 9 14.45 -5.03 31.88
N HIS A 10 13.65 -4.43 30.99
CA HIS A 10 13.12 -5.17 29.84
C HIS A 10 12.18 -4.30 29.01
N PRO A 11 11.15 -3.72 29.58
CA PRO A 11 10.19 -2.87 28.81
C PRO A 11 10.89 -1.80 27.94
N PRO A 12 11.80 -1.02 28.50
CA PRO A 12 12.51 0.03 27.71
C PRO A 12 13.02 -0.50 26.38
N HIS A 13 13.87 -1.51 26.43
CA HIS A 13 14.43 -2.10 25.22
C HIS A 13 13.37 -2.92 24.49
N HIS A 14 13.44 -2.93 23.16
CA HIS A 14 12.48 -3.68 22.36
C HIS A 14 13.20 -4.65 21.44
N HIS A 15 12.82 -5.93 21.53
CA HIS A 15 13.44 -6.96 20.70
C HIS A 15 12.47 -7.41 19.61
N ASP A 16 11.29 -7.85 20.01
CA ASP A 16 10.29 -8.31 19.07
C ASP A 16 9.16 -7.29 18.94
N HIS A 17 8.07 -7.70 18.30
CA HIS A 17 6.93 -6.81 18.11
C HIS A 17 7.36 -5.53 17.40
N HIS A 18 7.53 -5.63 16.08
CA HIS A 18 7.94 -4.47 15.30
C HIS A 18 6.84 -4.07 14.31
N GLY A 19 6.83 -2.79 13.95
CA GLY A 19 5.82 -2.29 13.01
C GLY A 19 6.47 -1.58 11.83
N HIS A 20 7.54 -2.18 11.31
CA HIS A 20 8.26 -1.60 10.18
C HIS A 20 7.51 -1.89 8.87
N GLY A 21 6.90 -0.85 8.31
CA GLY A 21 6.18 -1.01 7.05
C GLY A 21 4.68 -0.79 7.27
N SER A 22 4.20 -1.11 8.46
CA SER A 22 2.79 -0.94 8.78
C SER A 22 2.61 -0.21 10.11
N GLY A 23 1.38 -0.21 10.62
CA GLY A 23 1.10 0.45 11.88
C GLY A 23 0.59 1.87 11.66
N TRP A 24 0.13 2.17 10.45
CA TRP A 24 -0.36 3.50 10.14
C TRP A 24 -1.67 3.77 10.86
N GLU A 25 -1.81 4.97 11.40
CA GLU A 25 -3.02 5.34 12.13
C GLU A 25 -4.22 5.45 11.19
N VAL A 26 -5.10 4.46 11.25
CA VAL A 26 -6.29 4.47 10.42
C VAL A 26 -7.45 3.78 11.14
N PRO A 27 -8.38 4.51 11.72
CA PRO A 27 -9.53 3.89 12.42
C PRO A 27 -10.29 2.92 11.51
N GLU A 28 -10.62 1.76 12.03
CA GLU A 28 -11.34 0.76 11.26
C GLU A 28 -12.60 1.38 10.67
N ALA A 29 -13.09 2.43 11.32
CA ALA A 29 -14.30 3.09 10.87
C ALA A 29 -14.09 3.86 9.57
N GLU A 30 -12.87 4.34 9.31
CA GLU A 30 -12.62 5.07 8.07
C GLU A 30 -12.35 4.12 6.93
N ILE A 31 -11.78 3.00 7.32
CA ILE A 31 -11.41 1.97 6.41
C ILE A 31 -12.60 1.28 5.78
N HIS A 32 -13.65 1.17 6.54
CA HIS A 32 -14.85 0.49 6.09
C HIS A 32 -16.06 1.39 5.94
N ARG A 33 -15.92 2.72 5.96
CA ARG A 33 -17.14 3.53 5.89
C ARG A 33 -17.51 4.01 4.48
N GLU A 34 -16.64 4.77 3.83
CA GLU A 34 -16.94 5.23 2.49
C GLU A 34 -15.79 5.00 1.54
N ASN A 35 -16.06 4.27 0.50
CA ASN A 35 -15.07 4.09 -0.50
C ASN A 35 -15.74 3.78 -1.83
N PRO A 36 -15.90 4.75 -2.69
CA PRO A 36 -16.50 4.51 -4.00
C PRO A 36 -15.40 4.09 -4.95
N ILE A 37 -15.40 2.84 -5.33
CA ILE A 37 -14.36 2.33 -6.21
C ILE A 37 -14.92 1.80 -7.52
N PRO A 38 -14.78 2.52 -8.61
CA PRO A 38 -15.24 2.01 -9.93
C PRO A 38 -14.18 1.04 -10.49
N PRO A 39 -14.52 -0.20 -10.75
CA PRO A 39 -13.53 -1.17 -11.28
C PRO A 39 -13.35 -1.07 -12.79
N ASP A 40 -12.36 -0.29 -13.20
CA ASP A 40 -12.10 -0.12 -14.62
C ASP A 40 -10.62 -0.09 -14.91
N ALA A 41 -10.28 -0.14 -16.18
CA ALA A 41 -8.90 -0.10 -16.60
C ALA A 41 -8.36 1.30 -16.46
N ARG A 42 -9.27 2.26 -16.56
CA ARG A 42 -8.91 3.66 -16.45
C ARG A 42 -8.65 4.02 -15.00
N SER A 43 -9.36 3.35 -14.11
CA SER A 43 -9.18 3.58 -12.70
C SER A 43 -7.80 3.07 -12.32
N LEU A 44 -7.42 2.04 -13.04
CA LEU A 44 -6.15 1.38 -12.87
C LEU A 44 -5.03 2.16 -13.54
N ASP A 45 -5.28 2.55 -14.77
CA ASP A 45 -4.31 3.28 -15.56
C ASP A 45 -4.11 4.67 -15.01
N GLN A 46 -5.20 5.42 -14.93
CA GLN A 46 -5.10 6.75 -14.43
C GLN A 46 -4.72 6.73 -12.97
N GLY A 47 -5.28 5.78 -12.24
CA GLY A 47 -4.98 5.57 -10.84
C GLY A 47 -3.49 5.33 -10.68
N GLY A 48 -2.91 4.91 -11.77
CA GLY A 48 -1.49 4.59 -11.84
C GLY A 48 -0.59 5.80 -12.09
N VAL A 49 -1.11 6.84 -12.73
CA VAL A 49 -0.28 8.00 -13.09
C VAL A 49 -0.08 8.96 -11.93
N LEU A 50 -1.11 9.15 -11.15
CA LEU A 50 -1.05 10.09 -10.02
C LEU A 50 0.19 9.87 -9.18
N TYR A 51 0.33 8.63 -8.75
CA TYR A 51 1.43 8.19 -7.94
C TYR A 51 2.72 8.22 -8.75
N ALA A 52 2.57 8.01 -10.04
CA ALA A 52 3.71 7.96 -10.93
C ALA A 52 4.20 9.33 -11.33
N GLU A 53 3.39 10.33 -11.08
CA GLU A 53 3.73 11.69 -11.43
C GLU A 53 4.84 12.20 -10.56
N HIS A 54 4.73 11.90 -9.28
CA HIS A 54 5.70 12.39 -8.32
C HIS A 54 6.21 11.33 -7.34
N CYS A 55 5.37 10.35 -6.99
CA CYS A 55 5.76 9.35 -6.01
C CYS A 55 6.66 8.22 -6.57
N VAL A 56 6.54 7.87 -7.87
CA VAL A 56 7.34 6.78 -8.44
C VAL A 56 8.78 7.16 -8.56
N ARG A 57 9.03 8.42 -8.80
CA ARG A 57 10.38 8.89 -8.91
C ARG A 57 11.19 8.49 -7.67
N CYS A 58 10.49 8.10 -6.61
CA CYS A 58 11.20 7.67 -5.40
C CYS A 58 10.91 6.22 -5.07
N HIS A 59 9.65 5.77 -5.17
CA HIS A 59 9.39 4.35 -4.89
C HIS A 59 8.32 3.71 -5.79
N GLY A 60 8.75 3.33 -6.98
CA GLY A 60 7.88 2.59 -7.92
C GLY A 60 6.57 3.28 -8.23
N GLU A 61 5.97 2.88 -9.36
CA GLU A 61 4.72 3.47 -9.77
C GLU A 61 3.83 3.59 -8.56
N THR A 62 3.43 2.48 -7.97
CA THR A 62 2.67 2.56 -6.75
C THR A 62 2.99 1.44 -5.76
N LEU A 63 3.11 0.21 -6.27
CA LEU A 63 3.38 -0.93 -5.41
C LEU A 63 4.76 -1.55 -5.57
N ARG A 64 5.25 -1.53 -6.80
CA ARG A 64 6.51 -2.18 -7.13
C ARG A 64 7.65 -1.66 -6.29
N GLY A 65 7.67 -0.37 -6.11
CA GLY A 65 8.72 0.24 -5.34
C GLY A 65 10.07 -0.02 -6.02
N ASP A 66 10.07 0.00 -7.34
CA ASP A 66 11.33 -0.23 -8.08
C ASP A 66 12.13 1.07 -8.21
N GLY A 67 11.48 2.19 -7.94
CA GLY A 67 12.07 3.54 -7.95
C GLY A 67 13.12 3.77 -9.07
N PRO A 68 12.90 4.70 -9.98
CA PRO A 68 13.88 5.00 -11.05
C PRO A 68 14.94 6.01 -10.60
N ASP A 69 14.54 7.04 -9.84
CA ASP A 69 15.50 8.05 -9.39
C ASP A 69 15.88 7.85 -7.92
N ALA A 70 15.65 6.64 -7.39
CA ALA A 70 15.98 6.37 -6.00
C ALA A 70 17.46 6.10 -5.80
N HIS A 71 18.21 6.01 -6.90
CA HIS A 71 19.63 5.72 -6.79
C HIS A 71 20.34 6.74 -5.91
N ASP A 72 19.85 7.98 -5.90
CA ASP A 72 20.46 9.03 -5.08
C ASP A 72 19.65 9.23 -3.80
N LEU A 73 18.35 8.99 -3.91
CA LEU A 73 17.43 9.12 -2.79
C LEU A 73 17.79 8.15 -1.70
N ASP A 74 17.09 8.31 -0.58
CA ASP A 74 17.29 7.45 0.59
C ASP A 74 17.44 5.99 0.17
N PRO A 75 17.99 5.16 1.04
CA PRO A 75 18.23 3.71 0.76
C PRO A 75 17.05 3.06 0.03
N PRO A 76 17.26 1.88 -0.51
CA PRO A 76 16.21 1.15 -1.26
C PRO A 76 14.85 1.19 -0.59
N VAL A 77 13.84 1.25 -1.42
CA VAL A 77 12.46 1.33 -0.96
C VAL A 77 11.84 -0.07 -0.93
N ALA A 78 10.76 -0.22 -0.18
CA ALA A 78 10.08 -1.52 -0.07
C ALA A 78 9.04 -1.72 -1.15
N ASP A 79 8.57 -2.96 -1.27
CA ASP A 79 7.57 -3.32 -2.24
C ASP A 79 6.20 -3.38 -1.56
N LEU A 80 5.35 -2.43 -1.92
CA LEU A 80 4.02 -2.32 -1.32
C LEU A 80 3.05 -3.37 -1.84
N VAL A 81 3.36 -3.95 -2.99
CA VAL A 81 2.47 -4.96 -3.57
C VAL A 81 2.20 -6.07 -2.58
N GLU A 82 3.17 -6.31 -1.72
CA GLU A 82 3.09 -7.35 -0.72
C GLU A 82 2.27 -6.90 0.49
N HIS A 83 2.47 -5.64 0.88
CA HIS A 83 1.79 -5.08 2.04
C HIS A 83 0.43 -4.50 1.69
N ALA A 84 0.15 -4.36 0.40
CA ALA A 84 -1.12 -3.82 -0.05
C ALA A 84 -2.28 -4.72 0.38
N PRO A 85 -2.24 -6.00 0.07
CA PRO A 85 -3.32 -6.93 0.49
C PRO A 85 -3.58 -6.83 2.00
N HIS A 86 -2.61 -6.30 2.74
CA HIS A 86 -2.75 -6.15 4.19
C HIS A 86 -3.51 -4.89 4.53
N HIS A 87 -3.45 -3.91 3.62
CA HIS A 87 -4.14 -2.64 3.83
C HIS A 87 -5.47 -2.64 3.07
N SER A 88 -6.50 -2.09 3.71
CA SER A 88 -7.83 -2.03 3.12
C SER A 88 -8.00 -0.77 2.25
N ASP A 89 -9.13 -0.69 1.53
CA ASP A 89 -9.40 0.44 0.65
C ASP A 89 -9.66 1.73 1.40
N GLY A 90 -10.61 1.73 2.36
CA GLY A 90 -10.90 2.94 3.12
C GLY A 90 -9.62 3.52 3.70
N ASP A 91 -8.69 2.64 4.04
CA ASP A 91 -7.43 3.07 4.61
C ASP A 91 -6.59 3.83 3.58
N LEU A 92 -6.33 3.20 2.44
CA LEU A 92 -5.53 3.81 1.38
C LEU A 92 -6.16 5.12 0.93
N ALA A 93 -7.48 5.15 0.94
CA ALA A 93 -8.23 6.31 0.52
C ALA A 93 -8.15 7.41 1.56
N TYR A 94 -7.93 7.02 2.81
CA TYR A 94 -7.84 7.97 3.92
C TYR A 94 -6.50 8.69 3.91
N ARG A 95 -5.48 7.96 3.52
CA ARG A 95 -4.12 8.49 3.49
C ARG A 95 -3.92 9.40 2.30
N VAL A 96 -4.53 9.04 1.18
CA VAL A 96 -4.39 9.83 -0.03
C VAL A 96 -5.16 11.12 0.12
N ARG A 97 -6.24 11.08 0.88
CA ARG A 97 -7.08 12.23 1.04
C ARG A 97 -6.66 13.14 2.21
N ILE A 98 -6.43 12.56 3.39
CA ILE A 98 -6.06 13.37 4.55
C ILE A 98 -4.60 13.19 4.92
N GLY A 99 -4.09 11.98 4.73
CA GLY A 99 -2.69 11.69 5.05
C GLY A 99 -2.30 12.26 6.41
N ARG A 100 -1.00 12.44 6.61
CA ARG A 100 -0.51 12.99 7.86
C ARG A 100 0.31 14.26 7.60
N GLY A 101 0.94 14.33 6.44
CA GLY A 101 1.75 15.49 6.09
C GLY A 101 3.05 15.09 5.39
N PRO A 102 3.89 14.36 6.07
CA PRO A 102 5.20 13.89 5.55
C PRO A 102 5.17 13.48 4.07
N MET A 103 4.02 13.01 3.60
CA MET A 103 3.90 12.60 2.21
C MET A 103 2.43 12.50 1.79
N PRO A 104 1.65 11.61 2.39
CA PRO A 104 0.22 11.46 2.03
C PRO A 104 -0.58 12.70 2.34
N GLY A 105 -1.81 12.75 1.84
CA GLY A 105 -2.65 13.90 2.08
C GLY A 105 -2.91 14.67 0.78
N PHE A 106 -2.89 13.94 -0.33
CA PHE A 106 -3.12 14.54 -1.65
C PHE A 106 -4.61 14.71 -1.92
N GLY A 107 -5.42 14.91 -0.89
CA GLY A 107 -6.85 15.09 -1.08
C GLY A 107 -7.11 16.44 -1.76
N ASP A 108 -6.20 17.37 -1.53
CA ASP A 108 -6.31 18.69 -2.14
C ASP A 108 -5.58 18.72 -3.46
N ALA A 109 -4.59 17.85 -3.59
CA ALA A 109 -3.80 17.74 -4.80
C ALA A 109 -4.53 16.89 -5.84
N LEU A 110 -5.35 15.97 -5.35
CA LEU A 110 -6.11 15.10 -6.23
C LEU A 110 -7.58 15.16 -5.86
N ASP A 111 -8.41 14.62 -6.73
CA ASP A 111 -9.82 14.59 -6.47
C ASP A 111 -10.24 13.20 -6.00
N GLU A 112 -11.49 13.08 -5.61
CA GLU A 112 -12.00 11.82 -5.15
C GLU A 112 -11.90 10.79 -6.24
N ARG A 113 -12.14 11.23 -7.45
CA ARG A 113 -12.07 10.37 -8.61
C ARG A 113 -10.66 9.82 -8.80
N ASP A 114 -9.71 10.64 -8.40
CA ASP A 114 -8.30 10.27 -8.49
C ASP A 114 -7.94 9.39 -7.32
N ILE A 115 -8.63 9.60 -6.23
CA ILE A 115 -8.39 8.88 -5.01
C ILE A 115 -8.87 7.44 -5.13
N TRP A 116 -10.06 7.22 -5.69
CA TRP A 116 -10.51 5.86 -5.84
C TRP A 116 -9.69 5.20 -6.92
N ASP A 117 -9.23 5.99 -7.88
CA ASP A 117 -8.40 5.45 -8.94
C ASP A 117 -7.07 5.05 -8.33
N LEU A 118 -6.56 5.90 -7.43
CA LEU A 118 -5.31 5.62 -6.74
C LEU A 118 -5.48 4.30 -5.96
N VAL A 119 -6.70 4.10 -5.46
CA VAL A 119 -7.05 2.91 -4.68
C VAL A 119 -7.28 1.72 -5.60
N ASN A 120 -7.78 2.01 -6.78
CA ASN A 120 -8.08 0.99 -7.76
C ASN A 120 -6.81 0.38 -8.36
N PHE A 121 -5.91 1.24 -8.81
CA PHE A 121 -4.67 0.77 -9.40
C PHE A 121 -3.87 -0.05 -8.38
N MET A 122 -3.97 0.36 -7.12
CA MET A 122 -3.28 -0.31 -6.02
C MET A 122 -3.96 -1.64 -5.70
N ARG A 123 -5.27 -1.59 -5.72
CA ARG A 123 -6.10 -2.72 -5.42
C ARG A 123 -6.05 -3.77 -6.52
N ASP A 124 -5.87 -3.28 -7.74
CA ASP A 124 -5.80 -4.15 -8.89
C ASP A 124 -4.45 -4.83 -8.94
N ARG A 125 -3.45 -3.99 -8.89
CA ARG A 125 -2.07 -4.42 -8.93
C ARG A 125 -1.77 -5.37 -7.77
N ALA A 126 -2.15 -4.94 -6.57
CA ALA A 126 -1.90 -5.74 -5.37
C ALA A 126 -2.50 -7.13 -5.53
N GLN A 127 -3.76 -7.16 -5.95
CA GLN A 127 -4.46 -8.42 -6.13
C GLN A 127 -3.75 -9.28 -7.19
N GLY A 128 -3.10 -8.60 -8.13
CA GLY A 128 -2.38 -9.29 -9.19
C GLY A 128 -1.39 -10.29 -8.61
N ALA A 129 -0.90 -10.00 -7.42
CA ALA A 129 0.05 -10.88 -6.75
C ALA A 129 -0.67 -12.07 -6.13
N ALA A 130 -1.95 -11.87 -5.85
CA ALA A 130 -2.77 -12.91 -5.28
C ALA A 130 -3.23 -13.86 -6.37
N LEU A 131 -3.45 -13.28 -7.54
CA LEU A 131 -3.89 -14.04 -8.70
C LEU A 131 -2.85 -15.10 -9.07
N ALA A 132 -1.62 -14.91 -8.59
CA ALA A 132 -0.55 -15.87 -8.88
C ALA A 132 -0.85 -17.23 -8.28
N GLY A 133 -1.88 -17.32 -7.44
CA GLY A 133 -2.23 -18.58 -6.80
C GLY A 133 -1.44 -18.75 -5.51
N THR A 134 -1.24 -17.64 -4.81
CA THR A 134 -0.49 -17.64 -3.56
C THR A 134 -1.03 -18.69 -2.59
N ASN A 135 -2.28 -19.09 -2.77
CA ASN A 135 -2.91 -20.07 -1.90
C ASN A 135 -2.29 -21.46 -2.07
N GLY A 136 -1.60 -21.93 -1.03
CA GLY A 136 -0.99 -23.26 -1.04
C GLY A 136 0.39 -23.27 -1.69
N HIS A 137 0.66 -22.27 -2.54
CA HIS A 137 1.95 -22.18 -3.21
C HIS A 137 2.00 -20.91 -4.04
N SER A 138 2.91 -20.84 -5.02
CA SER A 138 3.00 -19.66 -5.87
C SER A 138 3.41 -18.44 -5.03
N PRO A 139 3.61 -17.29 -5.64
CA PRO A 139 4.02 -16.04 -4.92
C PRO A 139 3.27 -15.84 -3.60
N ASP A 140 3.83 -15.01 -2.73
CA ASP A 140 3.20 -14.75 -1.44
C ASP A 140 2.46 -13.42 -1.47
N HIS A 141 1.46 -13.29 -0.60
CA HIS A 141 0.68 -12.06 -0.52
C HIS A 141 0.90 -11.35 0.81
N ALA A 142 1.27 -12.14 1.83
CA ALA A 142 1.52 -11.58 3.15
C ALA A 142 2.97 -11.15 3.29
N ALA A 143 3.19 -10.00 3.92
CA ALA A 143 4.54 -9.49 4.11
C ALA A 143 5.23 -10.19 5.28
N GLY A 144 6.55 -10.22 5.25
CA GLY A 144 7.32 -10.86 6.31
C GLY A 144 7.39 -12.37 6.09
N ASP A 145 7.36 -12.77 4.82
CA ASP A 145 7.43 -14.19 4.49
C ASP A 145 8.82 -14.56 3.96
N HIS A 146 9.49 -13.58 3.36
CA HIS A 146 10.82 -13.81 2.81
C HIS A 146 11.79 -14.23 3.92
N HIS A 147 12.90 -14.85 3.54
CA HIS A 147 13.89 -15.29 4.51
C HIS A 147 15.02 -14.27 4.62
N HIS A 148 15.49 -13.79 3.48
CA HIS A 148 16.58 -12.82 3.46
C HIS A 148 17.80 -13.35 4.19
N GLY A 149 18.68 -14.01 3.43
CA GLY A 149 19.89 -14.58 4.00
C GLY A 149 20.81 -15.13 2.91
N ASP A 150 21.59 -14.25 2.32
CA ASP A 150 22.51 -14.65 1.26
C ASP A 150 21.75 -15.17 0.04
N HIS A 151 21.57 -14.31 -0.95
CA HIS A 151 20.85 -14.69 -2.16
C HIS A 151 21.56 -14.16 -3.40
N HIS A 152 21.95 -15.07 -4.29
CA HIS A 152 22.63 -14.69 -5.52
C HIS A 152 23.96 -14.00 -5.20
N HIS A 153 24.69 -13.62 -6.23
CA HIS A 153 25.97 -12.96 -6.04
C HIS A 153 25.81 -11.71 -5.19
FE HEC B . 6.95 8.26 -0.21
CHA HEC B . 7.39 6.00 2.27
CHB HEC B . 3.59 7.77 -0.05
CHC HEC B . 6.50 10.55 -2.66
CHD HEC B . 10.30 8.68 -0.41
NA HEC B . 5.77 7.15 0.88
C1A HEC B . 6.11 6.26 1.88
C2A HEC B . 4.94 5.63 2.44
C3A HEC B . 3.87 6.12 1.78
C4A HEC B . 4.39 7.06 0.81
CMA HEC B . 2.45 5.75 1.99
CAA HEC B . 4.93 4.63 3.54
CBA HEC B . 5.20 3.20 3.05
CGA HEC B . 6.23 2.52 3.95
O1A HEC B . 5.97 2.45 5.14
O2A HEC B . 7.25 2.10 3.45
NB HEC B . 5.39 9.00 -1.15
C1B HEC B . 4.05 8.67 -0.98
C2B HEC B . 3.21 9.39 -1.91
C3B HEC B . 4.02 10.16 -2.66
C4B HEC B . 5.37 9.94 -2.17
CMB HEC B . 1.71 9.32 -1.99
CAB HEC B . 3.63 11.00 -3.84
CBB HEC B . 2.46 11.94 -3.52
NC HEC B . 8.14 9.39 -1.28
C1C HEC B . 7.78 10.31 -2.24
C2C HEC B . 8.94 10.96 -2.79
C3C HEC B . 10.02 10.40 -2.21
C4C HEC B . 9.51 9.44 -1.25
CMC HEC B . 8.93 12.09 -3.76
CAC HEC B . 11.45 10.55 -2.64
CBC HEC B . 12.06 11.94 -2.39
ND HEC B . 8.50 7.50 0.71
C1D HEC B . 9.83 7.78 0.50
C2D HEC B . 10.68 7.03 1.38
C3D HEC B . 9.85 6.27 2.15
C4D HEC B . 8.52 6.56 1.72
CMD HEC B . 12.17 7.06 1.44
CAD HEC B . 10.26 5.32 3.23
CBD HEC B . 10.24 3.87 2.76
CGD HEC B . 10.93 2.98 3.79
O1D HEC B . 10.52 1.84 3.94
O2D HEC B . 11.88 3.45 4.39
HHA HEC B . 7.53 5.27 3.07
HHB HEC B . 2.52 7.60 -0.01
HHC HEC B . 6.36 11.29 -3.43
HHD HEC B . 11.38 8.82 -0.48
HMA1 HEC B . 2.06 6.31 2.83
HMA2 HEC B . 2.39 4.69 2.22
HMA3 HEC B . 1.88 5.95 1.10
HAA1 HEC B . 3.95 4.64 4.01
HAA2 HEC B . 5.68 4.89 4.27
HBA1 HEC B . 5.59 3.25 2.04
HBA2 HEC B . 4.29 2.63 3.04
HMB1 HEC B . 1.28 10.15 -1.46
HMB2 HEC B . 1.37 8.39 -1.57
HMB3 HEC B . 1.41 9.37 -3.03
HAB HEC B . 4.48 11.60 -4.15
HBB1 HEC B . 2.21 11.86 -2.47
HBB2 HEC B . 1.58 11.66 -4.10
HBB3 HEC B . 2.73 12.96 -3.75
HMC1 HEC B . 8.38 12.92 -3.33
HMC2 HEC B . 8.45 11.78 -4.67
HMC3 HEC B . 9.93 12.40 -3.97
HAC HEC B . 12.06 9.81 -2.16
HBC1 HEC B . 11.59 12.39 -1.54
HBC2 HEC B . 11.90 12.55 -3.26
HBC3 HEC B . 13.13 11.83 -2.21
HMD1 HEC B . 12.56 7.36 0.49
HMD2 HEC B . 12.54 6.07 1.69
HMD3 HEC B . 12.48 7.76 2.21
HAD1 HEC B . 9.59 5.44 4.06
HAD2 HEC B . 11.26 5.57 3.55
HBD1 HEC B . 10.74 3.78 1.82
HBD2 HEC B . 9.21 3.54 2.65
N MET A 1 26.17 28.33 0.67
CA MET A 1 26.31 27.01 0.02
C MET A 1 27.62 26.95 -0.76
N ASP A 2 28.50 26.03 -0.38
CA ASP A 2 29.79 25.90 -1.06
C ASP A 2 29.66 25.00 -2.28
N ILE A 3 29.23 23.77 -2.06
CA ILE A 3 29.07 22.82 -3.16
C ILE A 3 27.90 23.22 -4.04
N GLY A 4 28.04 23.02 -5.35
CA GLY A 4 26.99 23.36 -6.30
C GLY A 4 25.99 22.23 -6.43
N ILE A 5 26.48 20.99 -6.33
CA ILE A 5 25.62 19.82 -6.45
C ILE A 5 26.16 18.66 -5.60
N ASN A 6 25.55 18.44 -4.45
CA ASN A 6 25.98 17.37 -3.55
C ASN A 6 25.91 16.03 -4.27
N SER A 7 26.78 15.10 -3.86
CA SER A 7 26.81 13.78 -4.47
C SER A 7 27.09 12.71 -3.41
N ASP A 8 26.06 11.94 -3.08
CA ASP A 8 26.21 10.88 -2.08
C ASP A 8 26.80 11.44 -0.79
N PRO A 9 26.03 12.22 -0.08
CA PRO A 9 26.47 12.84 1.20
C PRO A 9 27.14 11.83 2.12
N HIS A 10 27.85 12.35 3.13
CA HIS A 10 28.54 11.48 4.08
C HIS A 10 27.54 10.77 5.01
N PRO A 11 26.71 11.51 5.72
CA PRO A 11 25.72 10.89 6.66
C PRO A 11 24.52 10.31 5.92
N PRO A 12 23.73 9.52 6.59
CA PRO A 12 22.52 8.88 5.98
C PRO A 12 21.46 9.91 5.61
N HIS A 13 20.72 10.38 6.61
CA HIS A 13 19.68 11.37 6.37
C HIS A 13 19.03 11.79 7.69
N HIS A 14 19.85 11.93 8.73
CA HIS A 14 19.35 12.33 10.04
C HIS A 14 18.45 11.25 10.63
N HIS A 15 18.72 10.85 11.86
CA HIS A 15 17.93 9.82 12.51
C HIS A 15 16.61 10.40 13.02
N ASP A 16 15.66 10.57 12.10
CA ASP A 16 14.36 11.13 12.46
C ASP A 16 13.28 10.57 11.53
N HIS A 17 12.89 9.32 11.76
CA HIS A 17 11.87 8.69 10.94
C HIS A 17 11.04 7.72 11.77
N HIS A 18 11.70 6.68 12.30
CA HIS A 18 11.00 5.69 13.12
C HIS A 18 9.86 5.05 12.33
N GLY A 19 9.26 4.01 12.90
CA GLY A 19 8.16 3.33 12.25
C GLY A 19 8.62 2.63 10.97
N HIS A 20 8.31 1.35 10.85
CA HIS A 20 8.70 0.59 9.67
C HIS A 20 7.50 0.32 8.78
N GLY A 21 6.60 1.31 8.68
CA GLY A 21 5.41 1.16 7.86
C GLY A 21 4.70 -0.15 8.14
N SER A 22 3.77 -0.52 7.28
CA SER A 22 3.01 -1.76 7.45
C SER A 22 2.27 -1.76 8.77
N GLY A 23 0.96 -1.52 8.72
CA GLY A 23 0.15 -1.48 9.92
C GLY A 23 -0.14 -0.05 10.36
N TRP A 24 -0.03 0.88 9.41
CA TRP A 24 -0.29 2.29 9.72
C TRP A 24 -1.56 2.47 10.53
N GLU A 25 -1.59 3.54 11.32
CA GLU A 25 -2.75 3.83 12.15
C GLU A 25 -3.94 4.25 11.28
N VAL A 26 -4.94 3.39 11.23
CA VAL A 26 -6.13 3.67 10.44
C VAL A 26 -7.38 3.10 11.11
N PRO A 27 -8.22 3.90 11.74
CA PRO A 27 -9.44 3.37 12.40
C PRO A 27 -10.25 2.50 11.46
N GLU A 28 -10.70 1.35 11.96
CA GLU A 28 -11.50 0.44 11.15
C GLU A 28 -12.71 1.19 10.59
N ALA A 29 -13.11 2.24 11.29
CA ALA A 29 -14.25 3.01 10.88
C ALA A 29 -13.95 3.87 9.65
N GLU A 30 -12.68 4.24 9.45
CA GLU A 30 -12.34 5.05 8.28
C GLU A 30 -12.13 4.16 7.09
N ILE A 31 -11.72 2.95 7.39
CA ILE A 31 -11.42 1.96 6.40
C ILE A 31 -12.66 1.45 5.68
N HIS A 32 -13.74 1.38 6.43
CA HIS A 32 -14.99 0.85 5.90
C HIS A 32 -16.11 1.88 5.80
N ARG A 33 -15.84 3.18 5.93
CA ARG A 33 -16.98 4.10 5.90
C ARG A 33 -17.37 4.56 4.50
N GLU A 34 -16.48 5.23 3.78
CA GLU A 34 -16.82 5.66 2.43
C GLU A 34 -15.68 5.41 1.47
N ASN A 35 -15.96 4.68 0.43
CA ASN A 35 -14.96 4.49 -0.55
C ASN A 35 -15.61 4.16 -1.89
N PRO A 36 -15.76 5.11 -2.77
CA PRO A 36 -16.34 4.84 -4.09
C PRO A 36 -15.25 4.46 -5.06
N ILE A 37 -15.19 3.20 -5.43
CA ILE A 37 -14.16 2.72 -6.34
C ILE A 37 -14.76 2.05 -7.59
N PRO A 38 -14.58 2.62 -8.77
CA PRO A 38 -15.05 1.96 -10.01
C PRO A 38 -13.97 0.99 -10.49
N PRO A 39 -14.24 -0.28 -10.61
CA PRO A 39 -13.21 -1.26 -11.05
C PRO A 39 -13.06 -1.30 -12.57
N ASP A 40 -12.12 -0.51 -13.08
CA ASP A 40 -11.88 -0.47 -14.51
C ASP A 40 -10.40 -0.33 -14.80
N ALA A 41 -10.06 -0.48 -16.07
CA ALA A 41 -8.68 -0.36 -16.51
C ALA A 41 -8.26 1.09 -16.50
N ARG A 42 -9.24 1.97 -16.66
CA ARG A 42 -8.99 3.40 -16.68
C ARG A 42 -8.69 3.92 -15.29
N SER A 43 -9.27 3.29 -14.30
CA SER A 43 -9.04 3.66 -12.93
C SER A 43 -7.61 3.29 -12.60
N LEU A 44 -7.19 2.21 -13.23
CA LEU A 44 -5.88 1.66 -13.08
C LEU A 44 -4.85 2.44 -13.87
N ASP A 45 -5.21 2.72 -15.12
CA ASP A 45 -4.34 3.43 -16.03
C ASP A 45 -4.22 4.88 -15.66
N GLN A 46 -5.37 5.55 -15.53
CA GLN A 46 -5.34 6.93 -15.18
C GLN A 46 -4.79 7.07 -13.80
N GLY A 47 -5.11 6.10 -12.97
CA GLY A 47 -4.60 6.10 -11.64
C GLY A 47 -3.13 5.78 -11.70
N GLY A 48 -2.78 5.12 -12.77
CA GLY A 48 -1.41 4.76 -13.04
C GLY A 48 -0.56 6.01 -13.19
N VAL A 49 -1.21 7.12 -13.56
CA VAL A 49 -0.50 8.38 -13.76
C VAL A 49 -0.35 9.18 -12.48
N LEU A 50 -1.27 8.97 -11.54
CA LEU A 50 -1.28 9.73 -10.30
C LEU A 50 0.08 9.79 -9.60
N TYR A 51 0.57 8.64 -9.18
CA TYR A 51 1.85 8.54 -8.49
C TYR A 51 3.03 8.68 -9.42
N ALA A 52 2.81 8.28 -10.63
CA ALA A 52 3.86 8.27 -11.62
C ALA A 52 4.39 9.66 -11.86
N GLU A 53 3.63 10.64 -11.42
CA GLU A 53 3.98 12.00 -11.56
C GLU A 53 5.09 12.39 -10.61
N HIS A 54 4.92 12.00 -9.35
CA HIS A 54 5.89 12.38 -8.33
C HIS A 54 6.30 11.25 -7.38
N CYS A 55 5.37 10.35 -7.07
CA CYS A 55 5.66 9.28 -6.11
C CYS A 55 6.56 8.17 -6.67
N VAL A 56 6.43 7.84 -7.96
CA VAL A 56 7.25 6.78 -8.54
C VAL A 56 8.70 7.16 -8.57
N ARG A 57 8.94 8.43 -8.77
CA ARG A 57 10.29 8.94 -8.80
C ARG A 57 11.05 8.55 -7.55
N CYS A 58 10.34 8.10 -6.51
CA CYS A 58 11.03 7.69 -5.28
C CYS A 58 10.77 6.22 -4.96
N HIS A 59 9.51 5.75 -5.06
CA HIS A 59 9.29 4.34 -4.80
C HIS A 59 8.23 3.69 -5.68
N GLY A 60 8.63 3.36 -6.90
CA GLY A 60 7.77 2.63 -7.84
C GLY A 60 6.45 3.32 -8.07
N GLU A 61 5.79 2.98 -9.17
CA GLU A 61 4.51 3.57 -9.48
C GLU A 61 3.67 3.55 -8.22
N THR A 62 3.36 2.35 -7.72
CA THR A 62 2.62 2.28 -6.49
C THR A 62 3.03 1.13 -5.59
N LEU A 63 3.16 -0.06 -6.16
CA LEU A 63 3.47 -1.24 -5.38
C LEU A 63 4.86 -1.81 -5.59
N ARG A 64 5.35 -1.66 -6.80
CA ARG A 64 6.63 -2.25 -7.16
C ARG A 64 7.76 -1.70 -6.33
N GLY A 65 7.72 -0.41 -6.11
CA GLY A 65 8.76 0.22 -5.33
C GLY A 65 10.11 0.04 -6.02
N ASP A 66 10.11 0.08 -7.35
CA ASP A 66 11.36 -0.09 -8.09
C ASP A 66 12.12 1.23 -8.20
N GLY A 67 11.42 2.33 -7.94
CA GLY A 67 11.97 3.70 -7.95
C GLY A 67 13.04 3.96 -9.04
N PRO A 68 12.82 4.85 -9.97
CA PRO A 68 13.82 5.17 -11.02
C PRO A 68 14.83 6.23 -10.55
N ASP A 69 14.37 7.23 -9.79
CA ASP A 69 15.28 8.28 -9.32
C ASP A 69 15.43 8.24 -7.80
N ALA A 70 15.27 7.06 -7.21
CA ALA A 70 15.40 6.92 -5.77
C ALA A 70 16.86 6.70 -5.36
N HIS A 71 17.73 6.47 -6.34
CA HIS A 71 19.13 6.21 -6.04
C HIS A 71 19.73 7.35 -5.21
N ASP A 72 19.45 8.58 -5.62
CA ASP A 72 19.96 9.74 -4.89
C ASP A 72 19.15 9.93 -3.60
N LEU A 73 17.89 9.53 -3.67
CA LEU A 73 16.98 9.62 -2.55
C LEU A 73 17.35 8.61 -1.48
N ASP A 74 16.66 8.73 -0.36
CA ASP A 74 16.86 7.86 0.80
C ASP A 74 17.10 6.40 0.38
N PRO A 75 17.66 5.61 1.27
CA PRO A 75 17.98 4.17 1.01
C PRO A 75 16.87 3.45 0.24
N PRO A 76 17.14 2.27 -0.26
CA PRO A 76 16.16 1.48 -1.04
C PRO A 76 14.78 1.48 -0.41
N VAL A 77 13.78 1.46 -1.28
CA VAL A 77 12.39 1.49 -0.87
C VAL A 77 11.82 0.07 -0.80
N ALA A 78 10.72 -0.09 -0.07
CA ALA A 78 10.09 -1.41 0.09
C ALA A 78 9.11 -1.72 -1.03
N ASP A 79 8.71 -2.99 -1.07
CA ASP A 79 7.75 -3.48 -2.05
C ASP A 79 6.36 -3.45 -1.44
N LEU A 80 5.54 -2.52 -1.90
CA LEU A 80 4.20 -2.36 -1.36
C LEU A 80 3.23 -3.42 -1.84
N VAL A 81 3.53 -4.07 -2.96
CA VAL A 81 2.63 -5.12 -3.49
C VAL A 81 2.47 -6.26 -2.50
N GLU A 82 3.50 -6.45 -1.68
CA GLU A 82 3.50 -7.50 -0.69
C GLU A 82 2.60 -7.15 0.49
N HIS A 83 2.52 -5.86 0.80
CA HIS A 83 1.71 -5.39 1.92
C HIS A 83 0.39 -4.80 1.45
N ALA A 84 0.26 -4.61 0.14
CA ALA A 84 -0.95 -4.06 -0.43
C ALA A 84 -2.17 -4.91 -0.05
N PRO A 85 -2.15 -6.21 -0.26
CA PRO A 85 -3.32 -7.05 0.13
C PRO A 85 -3.60 -6.92 1.64
N HIS A 86 -2.62 -6.40 2.36
CA HIS A 86 -2.77 -6.20 3.81
C HIS A 86 -3.48 -4.88 4.11
N HIS A 87 -3.49 -3.99 3.12
CA HIS A 87 -4.13 -2.68 3.28
C HIS A 87 -5.54 -2.69 2.69
N SER A 88 -6.46 -2.05 3.39
CA SER A 88 -7.86 -1.99 2.96
C SER A 88 -8.12 -0.79 2.04
N ASP A 89 -9.36 -0.70 1.55
CA ASP A 89 -9.76 0.39 0.65
C ASP A 89 -9.85 1.74 1.36
N GLY A 90 -10.65 1.81 2.42
CA GLY A 90 -10.80 3.07 3.15
C GLY A 90 -9.47 3.56 3.69
N ASP A 91 -8.60 2.62 4.05
CA ASP A 91 -7.28 2.97 4.59
C ASP A 91 -6.45 3.74 3.57
N LEU A 92 -6.36 3.20 2.36
CA LEU A 92 -5.58 3.83 1.31
C LEU A 92 -6.20 5.16 0.89
N ALA A 93 -7.52 5.20 0.91
CA ALA A 93 -8.25 6.40 0.54
C ALA A 93 -8.18 7.43 1.64
N TYR A 94 -8.12 6.96 2.88
CA TYR A 94 -8.06 7.82 4.04
C TYR A 94 -6.69 8.48 4.20
N ARG A 95 -5.65 7.69 3.96
CA ARG A 95 -4.28 8.19 4.11
C ARG A 95 -3.86 9.08 2.94
N VAL A 96 -4.40 8.81 1.76
CA VAL A 96 -4.05 9.61 0.60
C VAL A 96 -4.72 10.97 0.68
N ARG A 97 -5.89 10.99 1.31
CA ARG A 97 -6.65 12.21 1.40
C ARG A 97 -6.28 13.06 2.63
N ILE A 98 -6.19 12.44 3.80
CA ILE A 98 -5.87 13.20 5.02
C ILE A 98 -4.37 13.33 5.24
N GLY A 99 -3.61 12.32 4.88
CA GLY A 99 -2.16 12.39 5.05
C GLY A 99 -1.79 12.43 6.53
N ARG A 100 -0.55 12.05 6.82
CA ARG A 100 -0.05 12.03 8.19
C ARG A 100 1.22 12.85 8.28
N GLY A 101 2.02 12.80 7.21
CA GLY A 101 3.27 13.54 7.17
C GLY A 101 3.38 14.34 5.87
N PRO A 102 4.43 15.10 5.76
CA PRO A 102 4.71 15.97 4.58
C PRO A 102 4.64 15.26 3.23
N MET A 103 4.50 13.93 3.21
CA MET A 103 4.46 13.21 1.94
C MET A 103 3.01 12.88 1.56
N PRO A 104 2.31 12.02 2.28
CA PRO A 104 0.89 11.71 1.96
C PRO A 104 -0.01 12.87 2.27
N GLY A 105 -1.26 12.79 1.82
CA GLY A 105 -2.19 13.87 2.06
C GLY A 105 -2.52 14.59 0.76
N PHE A 106 -2.48 13.83 -0.34
CA PHE A 106 -2.76 14.37 -1.66
C PHE A 106 -4.26 14.56 -1.91
N GLY A 107 -5.04 14.73 -0.84
CA GLY A 107 -6.47 14.93 -1.01
C GLY A 107 -6.73 16.30 -1.63
N ASP A 108 -5.80 17.22 -1.39
CA ASP A 108 -5.89 18.56 -1.93
C ASP A 108 -5.17 18.63 -3.28
N ALA A 109 -4.19 17.75 -3.44
CA ALA A 109 -3.42 17.69 -4.67
C ALA A 109 -4.18 16.91 -5.73
N LEU A 110 -5.01 15.97 -5.27
CA LEU A 110 -5.80 15.16 -6.17
C LEU A 110 -7.26 15.26 -5.79
N ASP A 111 -8.11 14.75 -6.66
CA ASP A 111 -9.52 14.74 -6.38
C ASP A 111 -9.93 13.37 -5.91
N GLU A 112 -11.17 13.25 -5.48
CA GLU A 112 -11.67 11.99 -5.01
C GLU A 112 -11.63 10.98 -6.14
N ARG A 113 -11.91 11.46 -7.32
CA ARG A 113 -11.91 10.64 -8.50
C ARG A 113 -10.54 10.02 -8.71
N ASP A 114 -9.53 10.76 -8.34
CA ASP A 114 -8.16 10.32 -8.45
C ASP A 114 -7.81 9.41 -7.29
N ILE A 115 -8.36 9.76 -6.16
CA ILE A 115 -8.14 9.02 -4.94
C ILE A 115 -8.62 7.58 -5.09
N TRP A 116 -9.75 7.36 -5.74
CA TRP A 116 -10.22 6.02 -5.91
C TRP A 116 -9.38 5.34 -6.95
N ASP A 117 -8.83 6.12 -7.88
CA ASP A 117 -7.98 5.56 -8.92
C ASP A 117 -6.69 5.08 -8.27
N LEU A 118 -6.20 5.87 -7.31
CA LEU A 118 -5.00 5.51 -6.57
C LEU A 118 -5.26 4.22 -5.79
N VAL A 119 -6.50 4.09 -5.33
CA VAL A 119 -6.94 2.94 -4.55
C VAL A 119 -7.22 1.75 -5.46
N ASN A 120 -7.64 2.06 -6.67
CA ASN A 120 -7.99 1.03 -7.64
C ASN A 120 -6.77 0.32 -8.22
N PHE A 121 -5.81 1.07 -8.72
CA PHE A 121 -4.62 0.46 -9.30
C PHE A 121 -3.89 -0.37 -8.25
N MET A 122 -3.94 0.09 -7.00
CA MET A 122 -3.29 -0.60 -5.89
C MET A 122 -4.04 -1.86 -5.51
N ARG A 123 -5.35 -1.73 -5.45
CA ARG A 123 -6.23 -2.79 -5.05
C ARG A 123 -6.32 -3.87 -6.11
N ASP A 124 -6.20 -3.47 -7.35
CA ASP A 124 -6.26 -4.40 -8.45
C ASP A 124 -4.98 -5.19 -8.51
N ARG A 125 -3.91 -4.45 -8.53
CA ARG A 125 -2.58 -5.00 -8.58
C ARG A 125 -2.28 -5.90 -7.39
N ALA A 126 -2.59 -5.39 -6.20
CA ALA A 126 -2.34 -6.15 -4.98
C ALA A 126 -2.95 -7.54 -5.07
N GLN A 127 -4.21 -7.60 -5.46
CA GLN A 127 -4.90 -8.86 -5.60
C GLN A 127 -4.21 -9.77 -6.60
N GLY A 128 -3.85 -9.20 -7.74
CA GLY A 128 -3.17 -9.97 -8.79
C GLY A 128 -1.91 -10.62 -8.25
N ALA A 129 -1.32 -10.01 -7.23
CA ALA A 129 -0.10 -10.53 -6.61
C ALA A 129 -0.42 -11.69 -5.69
N ALA A 130 -1.68 -11.75 -5.25
CA ALA A 130 -2.13 -12.81 -4.36
C ALA A 130 -2.39 -14.07 -5.16
N LEU A 131 -2.80 -13.87 -6.41
CA LEU A 131 -3.09 -14.98 -7.30
C LEU A 131 -1.88 -15.89 -7.41
N ALA A 132 -0.71 -15.30 -7.59
CA ALA A 132 0.52 -16.07 -7.69
C ALA A 132 0.81 -16.82 -6.39
N GLY A 133 0.12 -16.44 -5.32
CA GLY A 133 0.31 -17.09 -4.02
C GLY A 133 1.64 -16.66 -3.41
N THR A 134 1.86 -15.36 -3.35
CA THR A 134 3.10 -14.82 -2.79
C THR A 134 2.98 -14.55 -1.30
N ASN A 135 1.76 -14.55 -0.78
CA ASN A 135 1.56 -14.31 0.64
C ASN A 135 2.46 -15.23 1.45
N GLY A 136 3.47 -14.66 2.10
CA GLY A 136 4.40 -15.43 2.89
C GLY A 136 5.81 -15.45 2.27
N HIS A 137 5.96 -14.76 1.14
CA HIS A 137 7.26 -14.70 0.46
C HIS A 137 7.68 -16.08 -0.04
N SER A 138 7.91 -16.19 -1.34
CA SER A 138 8.34 -17.46 -1.94
C SER A 138 8.51 -17.34 -3.45
N PRO A 139 7.49 -16.94 -4.18
CA PRO A 139 7.58 -16.79 -5.67
C PRO A 139 8.86 -16.08 -6.10
N ASP A 140 9.59 -16.70 -7.02
CA ASP A 140 10.83 -16.11 -7.52
C ASP A 140 10.54 -14.82 -8.27
N HIS A 141 11.54 -13.94 -8.32
CA HIS A 141 11.38 -12.66 -9.01
C HIS A 141 12.12 -12.67 -10.34
N ALA A 142 13.16 -13.50 -10.44
CA ALA A 142 13.94 -13.59 -11.66
C ALA A 142 13.04 -13.96 -12.84
N ALA A 143 13.28 -13.33 -13.98
CA ALA A 143 12.49 -13.60 -15.18
C ALA A 143 12.61 -15.07 -15.58
N GLY A 144 11.60 -15.56 -16.29
CA GLY A 144 11.60 -16.95 -16.73
C GLY A 144 11.14 -17.88 -15.61
N ASP A 145 10.32 -17.35 -14.71
CA ASP A 145 9.82 -18.15 -13.60
C ASP A 145 8.64 -19.01 -14.04
N HIS A 146 7.93 -18.55 -15.06
CA HIS A 146 6.78 -19.29 -15.57
C HIS A 146 7.24 -20.42 -16.49
N HIS A 147 6.41 -21.45 -16.61
CA HIS A 147 6.75 -22.59 -17.47
C HIS A 147 5.56 -22.94 -18.37
N HIS A 148 4.41 -23.20 -17.76
CA HIS A 148 3.22 -23.55 -18.52
C HIS A 148 1.99 -23.55 -17.61
N GLY A 149 0.84 -23.92 -18.17
CA GLY A 149 -0.39 -23.97 -17.40
C GLY A 149 -1.04 -22.58 -17.34
N ASP A 150 -1.56 -22.13 -18.48
CA ASP A 150 -2.20 -20.82 -18.54
C ASP A 150 -3.01 -20.69 -19.82
N HIS A 151 -3.45 -21.82 -20.36
CA HIS A 151 -4.24 -21.81 -21.59
C HIS A 151 -3.56 -20.96 -22.66
N HIS A 152 -2.38 -21.39 -23.09
CA HIS A 152 -1.64 -20.66 -24.10
C HIS A 152 -2.48 -20.50 -25.37
N HIS A 153 -3.29 -21.51 -25.66
CA HIS A 153 -4.14 -21.47 -26.85
C HIS A 153 -5.41 -20.66 -26.57
FE HEC B . 5.98 7.60 -0.19
CHA HEC B . 5.83 5.19 2.19
CHB HEC B . 2.63 7.38 -0.60
CHC HEC B . 6.11 10.05 -2.51
CHD HEC B . 9.34 7.76 0.19
NA HEC B . 4.55 6.53 0.61
C1A HEC B . 4.66 5.57 1.60
C2A HEC B . 3.38 5.00 1.92
C3A HEC B . 2.47 5.61 1.13
C4A HEC B . 3.20 6.55 0.32
CMA HEC B . 1.01 5.36 1.09
CAA HEC B . 3.10 3.95 2.94
CBA HEC B . 3.18 4.50 4.37
CGA HEC B . 4.35 3.84 5.11
O1A HEC B . 4.47 2.63 5.03
O2A HEC B . 5.09 4.56 5.76
NB HEC B . 4.66 8.51 -1.30
C1B HEC B . 3.30 8.30 -1.37
C2B HEC B . 2.67 9.15 -2.34
C3B HEC B . 3.66 9.90 -2.89
C4B HEC B . 4.89 9.50 -2.23
CMB HEC B . 1.21 9.21 -2.66
CAB HEC B . 3.51 10.86 -4.03
CBB HEC B . 2.45 11.92 -3.76
NC HEC B . 7.41 8.68 -0.97
C1C HEC B . 7.30 9.68 -1.91
C2C HEC B . 8.59 10.25 -2.25
C3C HEC B . 9.51 9.55 -1.51
C4C HEC B . 8.77 8.61 -0.73
CMC HEC B . 8.83 11.42 -3.16
CAC HEC B . 11.03 9.59 -1.58
CBC HEC B . 11.65 10.88 -2.11
ND HEC B . 7.29 6.69 0.94
C1D HEC B . 8.66 6.86 0.97
C2D HEC B . 9.28 5.99 1.93
C3D HEC B . 8.29 5.27 2.50
C4D HEC B . 7.06 5.71 1.89
CMD HEC B . 10.75 5.90 2.24
CAD HEC B . 8.44 4.24 3.57
CBD HEC B . 8.37 4.84 4.97
CGD HEC B . 9.08 3.93 5.97
O1D HEC B . 10.18 3.50 5.66
O2D HEC B . 8.51 3.66 7.01
HHA HEC B . 5.79 4.42 2.96
HHB HEC B . 1.55 7.31 -0.74
HHC HEC B . 6.15 10.84 -3.25
HHD HEC B . 10.42 7.79 0.29
HMA1 HEC B . 0.51 5.96 1.83
HMA2 HEC B . 0.81 4.31 1.30
HMA3 HEC B . 0.62 5.61 0.12
HAA1 HEC B . 3.82 3.15 2.84
HAA2 HEC B . 2.11 3.55 2.78
HBA1 HEC B . 2.26 4.28 4.89
HBA2 HEC B . 3.34 5.56 4.34
HMB1 HEC B . 0.69 9.77 -1.89
HMB2 HEC B . 0.81 8.21 -2.72
HMB3 HEC B . 1.08 9.70 -3.61
HAB HEC B . 4.46 11.33 -4.22
HBB1 HEC B . 1.53 11.65 -4.26
HBB2 HEC B . 2.79 12.88 -4.13
HBB3 HEC B . 2.27 11.99 -2.69
HMC1 HEC B . 9.30 11.07 -4.07
HMC2 HEC B . 9.46 12.13 -2.67
HMC3 HEC B . 7.89 11.90 -3.40
HAC HEC B . 11.41 9.42 -0.58
HBC1 HEC B . 12.73 10.82 -2.01
HBC2 HEC B . 11.27 11.72 -1.56
HBC3 HEC B . 11.41 11.01 -3.15
HMD1 HEC B . 10.99 4.89 2.53
HMD2 HEC B . 10.99 6.58 3.04
HMD3 HEC B . 11.31 6.16 1.35
HAD1 HEC B . 9.39 3.75 3.45
HAD2 HEC B . 7.65 3.51 3.45
HBD1 HEC B . 7.33 4.95 5.26
HBD2 HEC B . 8.83 5.81 4.97
N MET A 1 -8.05 9.22 52.03
CA MET A 1 -7.42 9.89 50.84
C MET A 1 -8.27 11.08 50.43
N ASP A 2 -7.66 12.26 50.41
CA ASP A 2 -8.36 13.47 50.03
C ASP A 2 -7.56 14.25 48.99
N ILE A 3 -7.23 13.59 47.89
CA ILE A 3 -6.47 14.23 46.82
C ILE A 3 -7.34 15.23 46.07
N GLY A 4 -6.77 16.38 45.75
CA GLY A 4 -7.51 17.41 45.02
C GLY A 4 -7.34 17.24 43.52
N ILE A 5 -6.16 16.79 43.10
CA ILE A 5 -5.89 16.58 41.68
C ILE A 5 -5.32 15.19 41.45
N ASN A 6 -6.20 14.28 41.04
CA ASN A 6 -5.78 12.89 40.79
C ASN A 6 -4.63 12.86 39.79
N SER A 7 -3.83 11.80 39.85
CA SER A 7 -2.69 11.65 38.95
C SER A 7 -2.31 10.18 38.82
N ASP A 8 -1.11 9.93 38.29
CA ASP A 8 -0.63 8.57 38.11
C ASP A 8 0.84 8.45 38.52
N PRO A 9 1.12 8.51 39.79
CA PRO A 9 2.52 8.42 40.31
C PRO A 9 3.14 7.04 40.04
N HIS A 10 2.54 6.00 40.63
CA HIS A 10 3.05 4.65 40.46
C HIS A 10 3.01 4.22 38.99
N PRO A 11 1.87 4.27 38.33
CA PRO A 11 1.76 3.88 36.90
C PRO A 11 2.31 4.96 35.95
N PRO A 12 3.40 4.70 35.25
CA PRO A 12 3.98 5.71 34.31
C PRO A 12 2.94 6.25 33.32
N HIS A 13 3.38 7.16 32.46
CA HIS A 13 2.49 7.74 31.47
C HIS A 13 2.05 6.69 30.44
N HIS A 14 1.36 7.14 29.41
CA HIS A 14 0.90 6.24 28.36
C HIS A 14 1.04 6.89 26.99
N HIS A 15 2.06 6.47 26.24
CA HIS A 15 2.30 7.02 24.90
C HIS A 15 2.56 5.89 23.90
N ASP A 16 3.78 5.38 23.90
CA ASP A 16 4.13 4.29 22.99
C ASP A 16 3.73 4.65 21.55
N HIS A 17 4.64 5.29 20.83
CA HIS A 17 4.37 5.68 19.45
C HIS A 17 5.61 6.28 18.81
N HIS A 18 5.44 6.85 17.62
CA HIS A 18 6.56 7.46 16.91
C HIS A 18 7.58 6.40 16.50
N GLY A 19 8.09 6.51 15.28
CA GLY A 19 9.08 5.56 14.78
C GLY A 19 8.47 4.16 14.65
N HIS A 20 8.23 3.75 13.41
CA HIS A 20 7.65 2.43 13.15
C HIS A 20 7.48 2.20 11.66
N GLY A 21 7.19 3.27 10.93
CA GLY A 21 7.01 3.17 9.48
C GLY A 21 5.59 2.70 9.15
N SER A 22 5.49 1.70 8.27
CA SER A 22 4.19 1.17 7.89
C SER A 22 3.36 0.85 9.12
N GLY A 23 2.06 0.61 8.91
CA GLY A 23 1.18 0.29 10.03
C GLY A 23 0.56 1.56 10.62
N TRP A 24 0.54 2.63 9.83
CA TRP A 24 -0.02 3.90 10.29
C TRP A 24 -1.37 3.70 10.96
N GLU A 25 -1.65 4.56 11.94
CA GLU A 25 -2.92 4.51 12.64
C GLU A 25 -4.05 4.90 11.71
N VAL A 26 -5.00 4.00 11.57
CA VAL A 26 -6.15 4.25 10.72
C VAL A 26 -7.38 3.55 11.31
N PRO A 27 -8.28 4.26 11.95
CA PRO A 27 -9.48 3.62 12.55
C PRO A 27 -10.20 2.73 11.55
N GLU A 28 -10.59 1.54 12.00
CA GLU A 28 -11.30 0.62 11.13
C GLU A 28 -12.54 1.31 10.56
N ALA A 29 -13.01 2.32 11.28
CA ALA A 29 -14.19 3.05 10.86
C ALA A 29 -13.89 3.92 9.64
N GLU A 30 -12.65 4.36 9.47
CA GLU A 30 -12.33 5.18 8.30
C GLU A 30 -12.08 4.29 7.12
N ILE A 31 -11.59 3.13 7.44
CA ILE A 31 -11.23 2.14 6.47
C ILE A 31 -12.43 1.53 5.79
N HIS A 32 -13.50 1.40 6.54
CA HIS A 32 -14.72 0.78 6.03
C HIS A 32 -15.91 1.72 5.93
N ARG A 33 -15.72 3.05 6.04
CA ARG A 33 -16.91 3.89 6.00
C ARG A 33 -17.31 4.33 4.61
N GLU A 34 -16.44 5.03 3.89
CA GLU A 34 -16.78 5.45 2.55
C GLU A 34 -15.64 5.19 1.59
N ASN A 35 -15.93 4.45 0.56
CA ASN A 35 -14.95 4.23 -0.44
C ASN A 35 -15.63 3.91 -1.76
N PRO A 36 -15.84 4.88 -2.61
CA PRO A 36 -16.47 4.65 -3.91
C PRO A 36 -15.40 4.37 -4.93
N ILE A 37 -15.31 3.13 -5.36
CA ILE A 37 -14.29 2.76 -6.33
C ILE A 37 -14.92 2.11 -7.59
N PRO A 38 -14.75 2.70 -8.76
CA PRO A 38 -15.26 2.09 -10.01
C PRO A 38 -14.24 1.07 -10.53
N PRO A 39 -14.59 -0.18 -10.71
CA PRO A 39 -13.63 -1.20 -11.19
C PRO A 39 -13.48 -1.21 -12.70
N ASP A 40 -12.48 -0.50 -13.20
CA ASP A 40 -12.24 -0.44 -14.63
C ASP A 40 -10.74 -0.36 -14.92
N ALA A 41 -10.42 -0.29 -16.19
CA ALA A 41 -9.03 -0.20 -16.64
C ALA A 41 -8.53 1.22 -16.51
N ARG A 42 -9.46 2.15 -16.63
CA ARG A 42 -9.12 3.56 -16.55
C ARG A 42 -8.83 3.95 -15.12
N SER A 43 -9.45 3.27 -14.19
CA SER A 43 -9.23 3.53 -12.79
C SER A 43 -7.85 3.04 -12.43
N LEU A 44 -7.48 1.98 -13.12
CA LEU A 44 -6.21 1.34 -12.96
C LEU A 44 -5.11 2.11 -13.67
N ASP A 45 -5.41 2.50 -14.89
CA ASP A 45 -4.46 3.23 -15.70
C ASP A 45 -4.28 4.63 -15.18
N GLN A 46 -5.38 5.36 -15.08
CA GLN A 46 -5.28 6.72 -14.61
C GLN A 46 -4.89 6.73 -13.15
N GLY A 47 -5.43 5.80 -12.38
CA GLY A 47 -5.08 5.65 -10.98
C GLY A 47 -3.59 5.36 -10.86
N GLY A 48 -3.05 4.90 -11.96
CA GLY A 48 -1.65 4.55 -12.06
C GLY A 48 -0.72 5.73 -12.36
N VAL A 49 -1.24 6.78 -13.00
CA VAL A 49 -0.39 7.90 -13.37
C VAL A 49 -0.09 8.81 -12.19
N LEU A 50 -1.10 9.05 -11.38
CA LEU A 50 -0.95 9.92 -10.22
C LEU A 50 0.27 9.53 -9.40
N TYR A 51 0.33 8.25 -9.10
CA TYR A 51 1.41 7.67 -8.34
C TYR A 51 2.72 7.72 -9.12
N ALA A 52 2.60 7.60 -10.43
CA ALA A 52 3.77 7.58 -11.31
C ALA A 52 4.29 8.98 -11.64
N GLU A 53 3.49 9.97 -11.37
CA GLU A 53 3.85 11.32 -11.67
C GLU A 53 4.94 11.84 -10.76
N HIS A 54 4.75 11.59 -9.48
CA HIS A 54 5.70 12.10 -8.50
C HIS A 54 6.15 11.06 -7.47
N CYS A 55 5.28 10.12 -7.15
CA CYS A 55 5.60 9.13 -6.12
C CYS A 55 6.58 8.06 -6.61
N VAL A 56 6.47 7.64 -7.87
CA VAL A 56 7.34 6.59 -8.40
C VAL A 56 8.77 7.01 -8.40
N ARG A 57 8.98 8.28 -8.61
CA ARG A 57 10.32 8.82 -8.60
C ARG A 57 11.02 8.49 -7.29
N CYS A 58 10.27 8.02 -6.29
CA CYS A 58 10.88 7.65 -5.03
C CYS A 58 10.67 6.16 -4.74
N HIS A 59 9.44 5.63 -4.94
CA HIS A 59 9.25 4.20 -4.72
C HIS A 59 8.26 3.53 -5.66
N GLY A 60 8.73 3.17 -6.85
CA GLY A 60 7.95 2.40 -7.82
C GLY A 60 6.64 3.07 -8.19
N GLU A 61 6.10 2.67 -9.34
CA GLU A 61 4.85 3.24 -9.80
C GLU A 61 3.92 3.37 -8.62
N THR A 62 3.51 2.23 -8.04
CA THR A 62 2.71 2.32 -6.83
C THR A 62 3.02 1.19 -5.84
N LEU A 63 3.17 -0.03 -6.36
CA LEU A 63 3.42 -1.18 -5.48
C LEU A 63 4.82 -1.77 -5.57
N ARG A 64 5.37 -1.75 -6.77
CA ARG A 64 6.66 -2.36 -7.03
C ARG A 64 7.73 -1.81 -6.12
N GLY A 65 7.71 -0.52 -5.93
CA GLY A 65 8.69 0.10 -5.08
C GLY A 65 10.08 -0.10 -5.66
N ASP A 66 10.18 -0.12 -6.98
CA ASP A 66 11.48 -0.32 -7.63
C ASP A 66 12.26 1.00 -7.74
N GLY A 67 11.55 2.10 -7.53
CA GLY A 67 12.10 3.47 -7.53
C GLY A 67 13.21 3.73 -8.59
N PRO A 68 12.99 4.61 -9.54
CA PRO A 68 14.02 4.95 -10.55
C PRO A 68 14.97 6.04 -10.07
N ASP A 69 14.45 7.05 -9.34
CA ASP A 69 15.31 8.14 -8.87
C ASP A 69 15.42 8.13 -7.34
N ALA A 70 15.29 6.96 -6.74
CA ALA A 70 15.39 6.85 -5.29
C ALA A 70 16.84 6.70 -4.84
N HIS A 71 17.74 6.49 -5.78
CA HIS A 71 19.14 6.30 -5.42
C HIS A 71 19.67 7.46 -4.58
N ASP A 72 19.37 8.68 -5.00
CA ASP A 72 19.80 9.86 -4.25
C ASP A 72 18.92 10.04 -3.02
N LEU A 73 17.70 9.56 -3.11
CA LEU A 73 16.73 9.65 -2.03
C LEU A 73 17.08 8.69 -0.91
N ASP A 74 16.32 8.81 0.16
CA ASP A 74 16.50 7.99 1.36
C ASP A 74 16.78 6.53 1.00
N PRO A 75 17.31 5.77 1.94
CA PRO A 75 17.65 4.33 1.73
C PRO A 75 16.60 3.57 0.93
N PRO A 76 16.92 2.38 0.47
CA PRO A 76 16.00 1.55 -0.35
C PRO A 76 14.57 1.57 0.18
N VAL A 77 13.64 1.52 -0.76
CA VAL A 77 12.22 1.54 -0.44
C VAL A 77 11.64 0.14 -0.36
N ALA A 78 10.49 0.01 0.30
CA ALA A 78 9.83 -1.28 0.46
C ALA A 78 8.89 -1.59 -0.70
N ASP A 79 8.43 -2.83 -0.74
CA ASP A 79 7.51 -3.29 -1.76
C ASP A 79 6.09 -3.22 -1.24
N LEU A 80 5.31 -2.32 -1.81
CA LEU A 80 3.93 -2.12 -1.37
C LEU A 80 3.00 -3.21 -1.87
N VAL A 81 3.42 -3.95 -2.90
CA VAL A 81 2.57 -5.01 -3.45
C VAL A 81 2.37 -6.11 -2.42
N GLU A 82 3.37 -6.29 -1.58
CA GLU A 82 3.33 -7.32 -0.55
C GLU A 82 2.51 -6.85 0.65
N HIS A 83 2.60 -5.56 0.95
CA HIS A 83 1.88 -4.99 2.09
C HIS A 83 0.49 -4.50 1.69
N ALA A 84 0.27 -4.38 0.39
CA ALA A 84 -1.02 -3.92 -0.12
C ALA A 84 -2.16 -4.79 0.39
N PRO A 85 -2.13 -6.09 0.21
CA PRO A 85 -3.21 -6.98 0.71
C PRO A 85 -3.42 -6.80 2.22
N HIS A 86 -2.44 -6.19 2.88
CA HIS A 86 -2.54 -5.95 4.32
C HIS A 86 -3.28 -4.64 4.58
N HIS A 87 -3.25 -3.75 3.59
CA HIS A 87 -3.91 -2.45 3.71
C HIS A 87 -5.26 -2.47 2.98
N SER A 88 -6.28 -1.91 3.61
CA SER A 88 -7.62 -1.86 3.04
C SER A 88 -7.83 -0.62 2.17
N ASP A 89 -9.01 -0.53 1.55
CA ASP A 89 -9.33 0.60 0.67
C ASP A 89 -9.53 1.92 1.42
N GLY A 90 -10.42 1.94 2.44
CA GLY A 90 -10.66 3.17 3.18
C GLY A 90 -9.36 3.74 3.72
N ASP A 91 -8.47 2.84 4.12
CA ASP A 91 -7.16 3.24 4.67
C ASP A 91 -6.30 3.91 3.61
N LEU A 92 -6.18 3.26 2.45
CA LEU A 92 -5.39 3.82 1.36
C LEU A 92 -5.98 5.14 0.90
N ALA A 93 -7.31 5.20 0.91
CA ALA A 93 -8.02 6.39 0.51
C ALA A 93 -7.88 7.45 1.58
N TYR A 94 -7.80 6.99 2.83
CA TYR A 94 -7.65 7.88 3.97
C TYR A 94 -6.27 8.52 4.02
N ARG A 95 -5.25 7.74 3.69
CA ARG A 95 -3.88 8.21 3.72
C ARG A 95 -3.58 9.13 2.53
N VAL A 96 -4.20 8.89 1.38
CA VAL A 96 -3.96 9.71 0.21
C VAL A 96 -4.65 11.05 0.33
N ARG A 97 -5.79 11.05 0.99
CA ARG A 97 -6.57 12.25 1.13
C ARG A 97 -6.13 13.12 2.33
N ILE A 98 -5.92 12.49 3.48
CA ILE A 98 -5.52 13.24 4.68
C ILE A 98 -4.02 13.11 4.95
N GLY A 99 -3.45 11.96 4.63
CA GLY A 99 -2.02 11.75 4.86
C GLY A 99 -1.63 12.01 6.31
N ARG A 100 -0.39 11.70 6.65
CA ARG A 100 0.11 11.89 8.00
C ARG A 100 1.34 12.81 8.00
N GLY A 101 2.27 12.51 7.11
CA GLY A 101 3.49 13.30 7.00
C GLY A 101 3.46 14.24 5.79
N PRO A 102 4.56 14.85 5.49
CA PRO A 102 4.70 15.80 4.36
C PRO A 102 4.69 15.10 2.99
N MET A 103 4.55 13.78 2.98
CA MET A 103 4.54 13.04 1.72
C MET A 103 3.10 12.92 1.20
N PRO A 104 2.21 12.32 1.95
CA PRO A 104 0.78 12.16 1.54
C PRO A 104 -0.01 13.42 1.76
N GLY A 105 -1.27 13.38 1.37
CA GLY A 105 -2.12 14.54 1.53
C GLY A 105 -2.53 15.07 0.17
N PHE A 106 -2.59 14.17 -0.81
CA PHE A 106 -2.97 14.53 -2.16
C PHE A 106 -4.48 14.65 -2.32
N GLY A 107 -5.19 14.91 -1.23
CA GLY A 107 -6.64 15.08 -1.29
C GLY A 107 -6.96 16.42 -1.92
N ASP A 108 -6.06 17.37 -1.74
CA ASP A 108 -6.20 18.70 -2.31
C ASP A 108 -5.50 18.76 -3.66
N ALA A 109 -4.50 17.90 -3.81
CA ALA A 109 -3.73 17.83 -5.05
C ALA A 109 -4.50 17.01 -6.07
N LEU A 110 -5.29 16.06 -5.57
CA LEU A 110 -6.09 15.21 -6.43
C LEU A 110 -7.54 15.28 -6.01
N ASP A 111 -8.40 14.74 -6.84
CA ASP A 111 -9.80 14.72 -6.54
C ASP A 111 -10.18 13.35 -6.01
N GLU A 112 -11.40 13.22 -5.55
CA GLU A 112 -11.87 11.97 -5.04
C GLU A 112 -11.82 10.92 -6.12
N ARG A 113 -12.14 11.36 -7.33
CA ARG A 113 -12.13 10.48 -8.47
C ARG A 113 -10.75 9.92 -8.72
N ASP A 114 -9.76 10.72 -8.41
CA ASP A 114 -8.36 10.33 -8.55
C ASP A 114 -7.95 9.46 -7.39
N ILE A 115 -8.59 9.70 -6.27
CA ILE A 115 -8.31 8.98 -5.06
C ILE A 115 -8.83 7.55 -5.17
N TRP A 116 -10.00 7.36 -5.77
CA TRP A 116 -10.52 6.02 -5.91
C TRP A 116 -9.72 5.30 -6.98
N ASP A 117 -9.23 6.07 -7.98
CA ASP A 117 -8.43 5.46 -9.02
C ASP A 117 -7.09 5.05 -8.41
N LEU A 118 -6.57 5.93 -7.56
CA LEU A 118 -5.33 5.66 -6.86
C LEU A 118 -5.50 4.38 -6.05
N VAL A 119 -6.71 4.20 -5.53
CA VAL A 119 -7.06 3.05 -4.71
C VAL A 119 -7.30 1.83 -5.58
N ASN A 120 -7.81 2.08 -6.77
CA ASN A 120 -8.12 1.02 -7.71
C ASN A 120 -6.90 0.35 -8.31
N PHE A 121 -5.99 1.13 -8.84
CA PHE A 121 -4.81 0.55 -9.48
C PHE A 121 -3.98 -0.23 -8.47
N MET A 122 -3.92 0.26 -7.23
CA MET A 122 -3.15 -0.39 -6.17
C MET A 122 -3.86 -1.65 -5.72
N ARG A 123 -5.17 -1.54 -5.68
CA ARG A 123 -6.02 -2.63 -5.26
C ARG A 123 -6.08 -3.71 -6.31
N ASP A 124 -5.98 -3.29 -7.56
CA ASP A 124 -6.03 -4.22 -8.68
C ASP A 124 -4.70 -4.92 -8.81
N ARG A 125 -3.66 -4.10 -8.87
CA ARG A 125 -2.32 -4.58 -9.00
C ARG A 125 -1.96 -5.53 -7.87
N ALA A 126 -2.22 -5.11 -6.64
CA ALA A 126 -1.91 -5.92 -5.47
C ALA A 126 -2.61 -7.26 -5.57
N GLN A 127 -3.81 -7.25 -6.14
CA GLN A 127 -4.58 -8.47 -6.30
C GLN A 127 -4.00 -9.35 -7.41
N GLY A 128 -3.48 -8.72 -8.45
CA GLY A 128 -2.89 -9.46 -9.56
C GLY A 128 -1.80 -10.40 -9.06
N ALA A 129 -1.14 -9.99 -7.98
CA ALA A 129 -0.08 -10.79 -7.38
C ALA A 129 -0.67 -11.89 -6.51
N ALA A 130 -1.92 -11.68 -6.09
CA ALA A 130 -2.60 -12.64 -5.24
C ALA A 130 -3.15 -13.78 -6.09
N LEU A 131 -3.34 -13.52 -7.37
CA LEU A 131 -3.86 -14.51 -8.28
C LEU A 131 -3.01 -15.77 -8.26
N ALA A 132 -1.75 -15.62 -7.82
CA ALA A 132 -0.84 -16.77 -7.75
C ALA A 132 -1.38 -17.85 -6.81
N GLY A 133 -2.38 -17.49 -6.00
CA GLY A 133 -2.96 -18.43 -5.06
C GLY A 133 -2.37 -18.24 -3.67
N THR A 134 -2.36 -16.99 -3.21
CA THR A 134 -1.82 -16.68 -1.89
C THR A 134 -2.77 -17.09 -0.78
N ASN A 135 -4.04 -17.27 -1.12
CA ASN A 135 -5.03 -17.67 -0.12
C ASN A 135 -4.52 -18.88 0.66
N GLY A 136 -4.22 -18.67 1.93
CA GLY A 136 -3.72 -19.75 2.78
C GLY A 136 -2.24 -19.54 3.13
N HIS A 137 -1.65 -18.45 2.66
CA HIS A 137 -0.26 -18.15 2.94
C HIS A 137 0.66 -19.20 2.32
N SER A 138 1.59 -18.74 1.48
CA SER A 138 2.54 -19.64 0.83
C SER A 138 3.49 -18.89 -0.10
N PRO A 139 2.99 -18.14 -1.06
CA PRO A 139 3.86 -17.36 -2.00
C PRO A 139 4.92 -16.57 -1.25
N ASP A 140 6.03 -16.26 -1.94
CA ASP A 140 7.11 -15.51 -1.32
C ASP A 140 6.59 -14.22 -0.70
N HIS A 141 6.54 -14.18 0.62
CA HIS A 141 6.06 -12.99 1.32
C HIS A 141 7.19 -12.33 2.11
N ALA A 142 8.18 -13.14 2.49
CA ALA A 142 9.32 -12.63 3.25
C ALA A 142 10.38 -12.07 2.30
N ALA A 143 10.67 -10.78 2.43
CA ALA A 143 11.66 -10.14 1.58
C ALA A 143 13.07 -10.45 2.09
N GLY A 144 13.99 -10.73 1.17
CA GLY A 144 15.36 -11.04 1.55
C GLY A 144 15.57 -12.54 1.72
N ASP A 145 14.79 -13.33 0.98
CA ASP A 145 14.89 -14.78 1.05
C ASP A 145 15.73 -15.33 -0.09
N HIS A 146 16.52 -14.46 -0.73
CA HIS A 146 17.37 -14.89 -1.83
C HIS A 146 18.56 -15.69 -1.33
N HIS A 147 19.10 -16.55 -2.18
CA HIS A 147 20.25 -17.36 -1.80
C HIS A 147 21.37 -16.50 -1.25
N HIS A 148 22.11 -17.03 -0.29
CA HIS A 148 23.22 -16.30 0.32
C HIS A 148 24.25 -17.25 0.90
N GLY A 149 25.52 -16.91 0.72
CA GLY A 149 26.61 -17.75 1.23
C GLY A 149 27.72 -17.87 0.20
N ASP A 150 27.35 -18.15 -1.04
CA ASP A 150 28.32 -18.30 -2.12
C ASP A 150 28.49 -16.99 -2.87
N HIS A 151 29.72 -16.68 -3.26
CA HIS A 151 29.99 -15.46 -4.00
C HIS A 151 29.56 -15.59 -5.46
N HIS A 152 28.34 -15.13 -5.74
CA HIS A 152 27.82 -15.21 -7.11
C HIS A 152 28.32 -14.03 -7.95
N HIS A 153 28.56 -12.90 -7.29
CA HIS A 153 29.05 -11.72 -7.98
C HIS A 153 28.07 -11.29 -9.06
FE HEC B . 5.78 7.45 -0.36
CHA HEC B . 5.73 4.86 1.83
CHB HEC B . 2.47 7.03 -0.90
CHC HEC B . 5.84 10.00 -2.56
CHD HEC B . 9.10 7.81 0.16
NA HEC B . 4.41 6.22 0.30
C1A HEC B . 4.55 5.19 1.22
C2A HEC B . 3.30 4.51 1.46
C3A HEC B . 2.37 5.13 0.68
C4A HEC B . 3.07 6.18 -0.01
CMA HEC B . 0.93 4.78 0.58
CAA HEC B . 3.08 3.35 2.37
CBA HEC B . 3.36 3.70 3.83
CGA HEC B . 4.16 2.58 4.48
O1A HEC B . 3.54 1.67 4.99
O2A HEC B . 5.38 2.65 4.46
NB HEC B . 4.43 8.32 -1.48
C1B HEC B . 3.09 8.03 -1.60
C2B HEC B . 2.45 8.89 -2.55
C3B HEC B . 3.41 9.71 -3.05
C4B HEC B . 4.63 9.37 -2.35
CMB HEC B . 1.01 8.89 -2.95
CAB HEC B . 3.26 10.64 -4.20
CBB HEC B . 2.11 11.64 -4.01
NC HEC B . 7.16 8.66 -1.02
C1C HEC B . 7.02 9.68 -1.94
C2C HEC B . 8.29 10.34 -2.20
C3C HEC B . 9.22 9.67 -1.45
C4C HEC B . 8.50 8.67 -0.72
CMC HEC B . 8.49 11.52 -3.09
CAC HEC B . 10.73 9.79 -1.46
CBC HEC B . 11.31 11.08 -2.06
ND HEC B . 7.11 6.55 0.76
C1D HEC B . 8.46 6.82 0.86
C2D HEC B . 9.12 5.93 1.78
C3D HEC B . 8.16 5.10 2.26
C4D HEC B . 6.93 5.48 1.62
CMD HEC B . 10.57 5.92 2.14
CAD HEC B . 8.35 4.01 3.27
CBD HEC B . 8.02 4.48 4.69
CGD HEC B . 9.29 4.53 5.52
O1D HEC B . 9.94 5.55 5.51
O2D HEC B . 9.61 3.54 6.15
HHA HEC B . 5.72 4.02 2.54
HHB HEC B . 1.40 6.89 -1.08
HHC HEC B . 5.85 10.82 -3.27
HHD HEC B . 10.17 7.91 0.32
HMA1 HEC B . 0.37 5.66 0.28
HMA2 HEC B . 0.58 4.43 1.54
HMA3 HEC B . 0.80 4.00 -0.15
HAA1 HEC B . 3.72 2.54 2.07
HAA2 HEC B . 2.05 3.04 2.28
HBA1 HEC B . 2.42 3.83 4.35
HBA2 HEC B . 3.93 4.63 3.88
HMB1 HEC B . 0.92 8.63 -3.98
HMB2 HEC B . 0.60 9.88 -2.78
HMB3 HEC B . 0.47 8.18 -2.35
HAB HEC B . 4.18 11.18 -4.35
HBB1 HEC B . 1.78 11.60 -2.98
HBB2 HEC B . 1.30 11.38 -4.66
HBB3 HEC B . 2.47 12.63 -4.23
HMC1 HEC B . 9.06 12.27 -2.55
HMC2 HEC B . 7.55 11.93 -3.38
HMC3 HEC B . 9.03 11.22 -3.96
HAC HEC B . 11.08 9.70 -0.44
HBC1 HEC B . 12.38 11.08 -1.92
HBC2 HEC B . 10.87 11.93 -1.56
HBC3 HEC B . 11.08 11.11 -3.11
HMD1 HEC B . 10.72 5.27 2.99
HMD2 HEC B . 10.87 6.92 2.38
HMD3 HEC B . 11.14 5.56 1.30
HAD1 HEC B . 9.36 3.68 3.23
HAD2 HEC B . 7.70 3.19 3.01
HBD1 HEC B . 7.32 3.79 5.13
HBD2 HEC B . 7.58 5.46 4.65
N MET A 1 -11.92 -14.86 49.33
CA MET A 1 -12.62 -14.43 48.09
C MET A 1 -14.03 -15.03 48.07
N ASP A 2 -15.03 -14.16 48.20
CA ASP A 2 -16.41 -14.62 48.20
C ASP A 2 -17.33 -13.49 47.75
N ILE A 3 -17.00 -12.87 46.63
CA ILE A 3 -17.81 -11.77 46.10
C ILE A 3 -18.98 -12.32 45.30
N GLY A 4 -20.17 -11.79 45.56
CA GLY A 4 -21.37 -12.23 44.85
C GLY A 4 -21.59 -11.41 43.59
N ILE A 5 -21.15 -10.15 43.61
CA ILE A 5 -21.30 -9.27 42.46
C ILE A 5 -20.12 -8.33 42.35
N ASN A 6 -19.18 -8.67 41.47
CA ASN A 6 -17.99 -7.84 41.28
C ASN A 6 -18.36 -6.50 40.66
N SER A 7 -18.01 -5.42 41.36
CA SER A 7 -18.33 -4.08 40.88
C SER A 7 -17.13 -3.50 40.12
N ASP A 8 -16.97 -3.93 38.87
CA ASP A 8 -15.87 -3.44 38.05
C ASP A 8 -16.39 -2.92 36.71
N PRO A 9 -17.03 -1.79 36.73
CA PRO A 9 -17.60 -1.16 35.51
C PRO A 9 -16.60 -1.17 34.34
N HIS A 10 -17.02 -1.72 33.21
CA HIS A 10 -16.16 -1.79 32.04
C HIS A 10 -15.93 -0.39 31.46
N PRO A 11 -14.95 -0.25 30.60
CA PRO A 11 -14.62 1.06 29.98
C PRO A 11 -15.61 1.42 28.86
N PRO A 12 -15.57 2.65 28.41
CA PRO A 12 -16.47 3.13 27.33
C PRO A 12 -16.10 2.57 25.96
N HIS A 13 -14.84 2.14 25.83
CA HIS A 13 -14.36 1.58 24.57
C HIS A 13 -14.57 0.07 24.56
N HIS A 14 -15.38 -0.40 23.61
CA HIS A 14 -15.66 -1.83 23.50
C HIS A 14 -16.40 -2.12 22.20
N HIS A 15 -15.98 -1.46 21.12
CA HIS A 15 -16.62 -1.66 19.82
C HIS A 15 -15.78 -2.60 18.95
N ASP A 16 -14.69 -2.07 18.41
CA ASP A 16 -13.80 -2.86 17.57
C ASP A 16 -12.45 -3.06 18.23
N HIS A 17 -11.83 -4.20 17.97
CA HIS A 17 -10.53 -4.51 18.56
C HIS A 17 -9.40 -4.05 17.63
N HIS A 18 -8.20 -3.94 18.17
CA HIS A 18 -7.05 -3.52 17.38
C HIS A 18 -5.89 -4.47 17.58
N GLY A 19 -4.96 -4.47 16.63
CA GLY A 19 -3.79 -5.35 16.71
C GLY A 19 -2.79 -5.02 15.61
N HIS A 20 -3.17 -5.32 14.37
CA HIS A 20 -2.29 -5.06 13.23
C HIS A 20 -3.04 -4.28 12.15
N GLY A 21 -3.92 -4.97 11.44
CA GLY A 21 -4.70 -4.32 10.38
C GLY A 21 -3.81 -3.91 9.21
N SER A 22 -3.44 -2.64 9.17
CA SER A 22 -2.59 -2.12 8.11
C SER A 22 -1.22 -1.73 8.65
N GLY A 23 -1.18 -1.36 9.93
CA GLY A 23 0.07 -0.97 10.56
C GLY A 23 0.08 0.53 10.84
N TRP A 24 -0.51 1.30 9.93
CA TRP A 24 -0.57 2.75 10.10
C TRP A 24 -1.81 3.14 10.89
N GLU A 25 -1.72 4.28 11.58
CA GLU A 25 -2.85 4.76 12.36
C GLU A 25 -4.03 5.12 11.46
N VAL A 26 -4.99 4.22 11.40
CA VAL A 26 -6.18 4.42 10.58
C VAL A 26 -7.38 3.72 11.22
N PRO A 27 -8.25 4.44 11.91
CA PRO A 27 -9.44 3.81 12.53
C PRO A 27 -10.18 2.89 11.57
N GLU A 28 -10.54 1.71 12.05
CA GLU A 28 -11.27 0.75 11.21
C GLU A 28 -12.50 1.42 10.60
N ALA A 29 -12.97 2.46 11.26
CA ALA A 29 -14.15 3.17 10.79
C ALA A 29 -13.87 3.97 9.53
N GLU A 30 -12.64 4.42 9.33
CA GLU A 30 -12.32 5.20 8.13
C GLU A 30 -12.07 4.25 6.97
N ILE A 31 -11.57 3.10 7.34
CA ILE A 31 -11.22 2.09 6.39
C ILE A 31 -12.43 1.44 5.75
N HIS A 32 -13.48 1.31 6.54
CA HIS A 32 -14.69 0.65 6.09
C HIS A 32 -15.90 1.58 5.99
N ARG A 33 -15.74 2.90 6.06
CA ARG A 33 -16.94 3.73 6.03
C ARG A 33 -17.41 4.09 4.62
N GLU A 34 -16.58 4.80 3.85
CA GLU A 34 -16.96 5.14 2.50
C GLU A 34 -15.84 4.89 1.53
N ASN A 35 -16.13 4.17 0.48
CA ASN A 35 -15.16 3.97 -0.53
C ASN A 35 -15.83 3.70 -1.86
N PRO A 36 -15.98 4.69 -2.69
CA PRO A 36 -16.59 4.50 -4.01
C PRO A 36 -15.50 4.22 -5.02
N ILE A 37 -15.41 3.00 -5.48
CA ILE A 37 -14.38 2.64 -6.44
C ILE A 37 -14.96 1.99 -7.71
N PRO A 38 -14.77 2.57 -8.87
CA PRO A 38 -15.25 1.96 -10.14
C PRO A 38 -14.20 0.96 -10.65
N PRO A 39 -14.54 -0.30 -10.86
CA PRO A 39 -13.55 -1.30 -11.34
C PRO A 39 -13.35 -1.26 -12.84
N ASP A 40 -12.31 -0.56 -13.28
CA ASP A 40 -12.02 -0.46 -14.70
C ASP A 40 -10.52 -0.37 -14.93
N ALA A 41 -10.13 -0.45 -16.19
CA ALA A 41 -8.75 -0.37 -16.58
C ALA A 41 -8.25 1.05 -16.46
N ARG A 42 -9.18 1.98 -16.62
CA ARG A 42 -8.88 3.39 -16.53
C ARG A 42 -8.65 3.80 -15.10
N SER A 43 -9.32 3.13 -14.20
CA SER A 43 -9.18 3.40 -12.78
C SER A 43 -7.79 2.95 -12.38
N LEU A 44 -7.37 1.91 -13.06
CA LEU A 44 -6.08 1.30 -12.84
C LEU A 44 -4.98 2.08 -13.52
N ASP A 45 -5.22 2.43 -14.76
CA ASP A 45 -4.26 3.16 -15.55
C ASP A 45 -4.12 4.57 -15.05
N GLN A 46 -5.23 5.30 -15.01
CA GLN A 46 -5.17 6.65 -14.55
C GLN A 46 -4.80 6.68 -13.08
N GLY A 47 -5.34 5.73 -12.34
CA GLY A 47 -5.03 5.58 -10.93
C GLY A 47 -3.54 5.35 -10.76
N GLY A 48 -2.95 4.90 -11.84
CA GLY A 48 -1.53 4.60 -11.89
C GLY A 48 -0.63 5.81 -12.17
N VAL A 49 -1.17 6.84 -12.83
CA VAL A 49 -0.35 8.01 -13.20
C VAL A 49 -0.14 8.97 -12.04
N LEU A 50 -1.19 9.17 -11.27
CA LEU A 50 -1.13 10.12 -10.15
C LEU A 50 0.08 9.88 -9.26
N TYR A 51 0.19 8.65 -8.82
CA TYR A 51 1.27 8.21 -7.96
C TYR A 51 2.59 8.23 -8.71
N ALA A 52 2.50 8.00 -10.02
CA ALA A 52 3.68 7.96 -10.87
C ALA A 52 4.20 9.34 -11.20
N GLU A 53 3.38 10.34 -10.98
CA GLU A 53 3.75 11.69 -11.27
C GLU A 53 4.82 12.18 -10.31
N HIS A 54 4.63 11.84 -9.05
CA HIS A 54 5.56 12.31 -8.03
C HIS A 54 5.99 11.23 -7.03
N CYS A 55 5.15 10.24 -6.79
CA CYS A 55 5.46 9.20 -5.80
C CYS A 55 6.40 8.09 -6.32
N VAL A 56 6.42 7.86 -7.63
CA VAL A 56 7.27 6.79 -8.19
C VAL A 56 8.69 7.24 -8.28
N ARG A 57 8.86 8.53 -8.44
CA ARG A 57 10.16 9.10 -8.50
C ARG A 57 10.97 8.72 -7.26
N CYS A 58 10.30 8.18 -6.24
CA CYS A 58 11.01 7.76 -5.04
C CYS A 58 10.79 6.27 -4.76
N HIS A 59 9.54 5.78 -4.87
CA HIS A 59 9.33 4.35 -4.65
C HIS A 59 8.28 3.71 -5.56
N GLY A 60 8.71 3.35 -6.76
CA GLY A 60 7.87 2.62 -7.72
C GLY A 60 6.54 3.29 -8.02
N GLU A 61 5.94 2.91 -9.15
CA GLU A 61 4.68 3.49 -9.54
C GLU A 61 3.77 3.53 -8.33
N THR A 62 3.40 2.37 -7.81
CA THR A 62 2.61 2.37 -6.61
C THR A 62 2.96 1.20 -5.68
N LEU A 63 3.12 0.02 -6.26
CA LEU A 63 3.38 -1.17 -5.47
C LEU A 63 4.78 -1.73 -5.61
N ARG A 64 5.31 -1.67 -6.81
CA ARG A 64 6.60 -2.27 -7.11
C ARG A 64 7.67 -1.71 -6.21
N GLY A 65 7.64 -0.42 -6.00
CA GLY A 65 8.62 0.21 -5.17
C GLY A 65 10.02 -0.01 -5.76
N ASP A 66 10.09 0.00 -7.09
CA ASP A 66 11.37 -0.21 -7.75
C ASP A 66 12.17 1.09 -7.84
N GLY A 67 11.47 2.21 -7.60
CA GLY A 67 12.05 3.57 -7.60
C GLY A 67 13.12 3.81 -8.68
N PRO A 68 12.90 4.71 -9.62
CA PRO A 68 13.90 5.03 -10.66
C PRO A 68 14.92 6.09 -10.20
N ASP A 69 14.45 7.08 -9.44
CA ASP A 69 15.34 8.15 -8.96
C ASP A 69 15.75 7.93 -7.50
N ALA A 70 15.51 6.72 -6.98
CA ALA A 70 15.85 6.42 -5.61
C ALA A 70 17.34 6.17 -5.42
N HIS A 71 18.08 6.12 -6.52
CA HIS A 71 19.50 5.85 -6.43
C HIS A 71 20.19 6.85 -5.49
N ASP A 72 19.71 8.08 -5.47
CA ASP A 72 20.29 9.11 -4.59
C ASP A 72 19.46 9.28 -3.33
N LEU A 73 18.16 9.08 -3.47
CA LEU A 73 17.22 9.19 -2.38
C LEU A 73 17.57 8.23 -1.26
N ASP A 74 16.86 8.37 -0.16
CA ASP A 74 17.05 7.53 1.01
C ASP A 74 17.22 6.06 0.61
N PRO A 75 17.74 5.25 1.50
CA PRO A 75 17.98 3.79 1.25
C PRO A 75 16.82 3.12 0.50
N PRO A 76 17.04 1.93 0.01
CA PRO A 76 16.00 1.19 -0.76
C PRO A 76 14.62 1.28 -0.13
N VAL A 77 13.63 1.33 -1.00
CA VAL A 77 12.24 1.45 -0.59
C VAL A 77 11.57 0.07 -0.51
N ALA A 78 10.46 -0.01 0.21
CA ALA A 78 9.74 -1.27 0.37
C ALA A 78 8.78 -1.55 -0.80
N ASP A 79 8.30 -2.78 -0.85
CA ASP A 79 7.38 -3.22 -1.88
C ASP A 79 5.96 -3.18 -1.33
N LEU A 80 5.14 -2.31 -1.89
CA LEU A 80 3.77 -2.16 -1.43
C LEU A 80 2.86 -3.27 -1.95
N VAL A 81 3.29 -3.94 -3.02
CA VAL A 81 2.48 -5.03 -3.58
C VAL A 81 2.27 -6.12 -2.55
N GLU A 82 3.27 -6.28 -1.70
CA GLU A 82 3.23 -7.28 -0.65
C GLU A 82 2.44 -6.79 0.56
N HIS A 83 2.57 -5.50 0.85
CA HIS A 83 1.89 -4.90 1.99
C HIS A 83 0.49 -4.41 1.65
N ALA A 84 0.17 -4.42 0.37
CA ALA A 84 -1.15 -3.98 -0.08
C ALA A 84 -2.25 -4.86 0.51
N PRO A 85 -2.17 -6.17 0.35
CA PRO A 85 -3.18 -7.09 0.93
C PRO A 85 -3.40 -6.82 2.42
N HIS A 86 -2.42 -6.15 3.05
CA HIS A 86 -2.52 -5.82 4.48
C HIS A 86 -3.27 -4.52 4.69
N HIS A 87 -3.25 -3.66 3.67
CA HIS A 87 -3.93 -2.38 3.74
C HIS A 87 -5.27 -2.44 3.02
N SER A 88 -6.30 -1.87 3.65
CA SER A 88 -7.65 -1.88 3.08
C SER A 88 -7.88 -0.66 2.18
N ASP A 89 -9.07 -0.61 1.58
CA ASP A 89 -9.41 0.48 0.66
C ASP A 89 -9.62 1.81 1.37
N GLY A 90 -10.51 1.86 2.37
CA GLY A 90 -10.78 3.10 3.08
C GLY A 90 -9.49 3.71 3.59
N ASP A 91 -8.56 2.84 3.97
CA ASP A 91 -7.28 3.28 4.48
C ASP A 91 -6.44 3.89 3.35
N LEU A 92 -6.31 3.16 2.25
CA LEU A 92 -5.55 3.65 1.11
C LEU A 92 -6.09 5.00 0.68
N ALA A 93 -7.41 5.12 0.78
CA ALA A 93 -8.10 6.34 0.42
C ALA A 93 -7.88 7.39 1.48
N TYR A 94 -7.68 6.93 2.72
CA TYR A 94 -7.49 7.83 3.85
C TYR A 94 -6.13 8.53 3.80
N ARG A 95 -5.10 7.80 3.39
CA ARG A 95 -3.76 8.38 3.32
C ARG A 95 -3.65 9.33 2.13
N VAL A 96 -4.35 9.01 1.06
CA VAL A 96 -4.30 9.82 -0.14
C VAL A 96 -5.06 11.10 0.04
N ARG A 97 -6.10 11.04 0.85
CA ARG A 97 -6.94 12.20 1.05
C ARG A 97 -6.47 13.10 2.20
N ILE A 98 -6.18 12.52 3.36
CA ILE A 98 -5.73 13.33 4.49
C ILE A 98 -4.22 13.25 4.68
N GLY A 99 -3.66 12.05 4.48
CA GLY A 99 -2.23 11.85 4.61
C GLY A 99 -1.70 12.26 5.99
N ARG A 100 -0.55 11.70 6.36
CA ARG A 100 0.06 12.02 7.64
C ARG A 100 1.50 12.46 7.47
N GLY A 101 2.28 11.65 6.75
CA GLY A 101 3.69 11.95 6.51
C GLY A 101 3.86 13.09 5.52
N PRO A 102 5.08 13.44 5.24
CA PRO A 102 5.44 14.53 4.30
C PRO A 102 5.29 14.15 2.82
N MET A 103 4.30 13.29 2.51
CA MET A 103 4.07 12.88 1.13
C MET A 103 2.57 12.69 0.89
N PRO A 104 1.91 11.76 1.54
CA PRO A 104 0.45 11.55 1.37
C PRO A 104 -0.34 12.78 1.75
N GLY A 105 -1.63 12.78 1.42
CA GLY A 105 -2.45 13.92 1.73
C GLY A 105 -2.81 14.68 0.47
N PHE A 106 -2.85 13.95 -0.64
CA PHE A 106 -3.15 14.52 -1.94
C PHE A 106 -4.67 14.65 -2.15
N GLY A 107 -5.42 14.85 -1.07
CA GLY A 107 -6.86 15.02 -1.21
C GLY A 107 -7.16 16.34 -1.90
N ASP A 108 -6.26 17.30 -1.70
CA ASP A 108 -6.40 18.61 -2.31
C ASP A 108 -5.65 18.65 -3.63
N ALA A 109 -4.62 17.82 -3.74
CA ALA A 109 -3.83 17.74 -4.95
C ALA A 109 -4.56 16.90 -5.99
N LEU A 110 -5.37 15.97 -5.49
CA LEU A 110 -6.12 15.10 -6.37
C LEU A 110 -7.60 15.18 -6.01
N ASP A 111 -8.42 14.63 -6.86
CA ASP A 111 -9.84 14.61 -6.61
C ASP A 111 -10.26 13.27 -6.08
N GLU A 112 -11.52 13.15 -5.72
CA GLU A 112 -12.03 11.90 -5.21
C GLU A 112 -11.94 10.84 -6.27
N ARG A 113 -12.22 11.24 -7.48
CA ARG A 113 -12.17 10.32 -8.60
C ARG A 113 -10.76 9.79 -8.79
N ASP A 114 -9.80 10.62 -8.43
CA ASP A 114 -8.39 10.26 -8.52
C ASP A 114 -8.03 9.39 -7.34
N ILE A 115 -8.72 9.62 -6.24
CA ILE A 115 -8.49 8.90 -5.02
C ILE A 115 -9.00 7.47 -5.15
N TRP A 116 -10.14 7.28 -5.80
CA TRP A 116 -10.63 5.93 -5.95
C TRP A 116 -9.79 5.23 -7.00
N ASP A 117 -9.30 5.98 -7.99
CA ASP A 117 -8.45 5.40 -9.00
C ASP A 117 -7.11 5.04 -8.35
N LEU A 118 -6.66 5.91 -7.46
CA LEU A 118 -5.41 5.67 -6.73
C LEU A 118 -5.59 4.40 -5.90
N VAL A 119 -6.82 4.19 -5.43
CA VAL A 119 -7.16 3.04 -4.62
C VAL A 119 -7.33 1.80 -5.49
N ASN A 120 -7.81 2.03 -6.69
CA ASN A 120 -8.05 0.95 -7.64
C ASN A 120 -6.76 0.36 -8.19
N PHE A 121 -5.89 1.22 -8.71
CA PHE A 121 -4.62 0.75 -9.27
C PHE A 121 -3.82 0.00 -8.22
N MET A 122 -3.95 0.43 -6.96
CA MET A 122 -3.25 -0.18 -5.83
C MET A 122 -3.87 -1.50 -5.44
N ARG A 123 -5.18 -1.50 -5.41
CA ARG A 123 -5.97 -2.64 -5.01
C ARG A 123 -6.03 -3.72 -6.07
N ASP A 124 -5.98 -3.31 -7.32
CA ASP A 124 -6.07 -4.23 -8.43
C ASP A 124 -4.74 -4.92 -8.66
N ARG A 125 -3.72 -4.11 -8.77
CA ARG A 125 -2.39 -4.59 -9.00
C ARG A 125 -1.96 -5.59 -7.93
N ALA A 126 -2.13 -5.21 -6.69
CA ALA A 126 -1.75 -6.07 -5.57
C ALA A 126 -2.46 -7.42 -5.67
N GLN A 127 -3.76 -7.36 -5.92
CA GLN A 127 -4.57 -8.57 -6.02
C GLN A 127 -4.05 -9.46 -7.17
N GLY A 128 -3.61 -8.83 -8.25
CA GLY A 128 -3.12 -9.57 -9.39
C GLY A 128 -1.76 -10.19 -9.09
N ALA A 129 -0.96 -9.49 -8.30
CA ALA A 129 0.37 -9.98 -7.93
C ALA A 129 0.25 -10.99 -6.80
N ALA A 130 -0.83 -10.88 -6.05
CA ALA A 130 -1.09 -11.78 -4.93
C ALA A 130 -1.70 -13.06 -5.47
N LEU A 131 -2.49 -12.89 -6.52
CA LEU A 131 -3.14 -14.00 -7.18
C LEU A 131 -2.09 -15.01 -7.64
N ALA A 132 -1.01 -14.49 -8.23
CA ALA A 132 0.07 -15.35 -8.71
C ALA A 132 0.66 -16.17 -7.57
N GLY A 133 0.57 -15.62 -6.36
CA GLY A 133 1.10 -16.30 -5.19
C GLY A 133 2.47 -15.75 -4.82
N THR A 134 2.62 -14.43 -4.91
CA THR A 134 3.88 -13.79 -4.59
C THR A 134 4.06 -13.66 -3.07
N ASN A 135 2.95 -13.77 -2.33
CA ASN A 135 3.01 -13.66 -0.89
C ASN A 135 4.11 -14.56 -0.32
N GLY A 136 5.16 -13.94 0.23
CA GLY A 136 6.27 -14.69 0.79
C GLY A 136 7.35 -14.91 -0.26
N HIS A 137 7.40 -14.02 -1.25
CA HIS A 137 8.40 -14.14 -2.31
C HIS A 137 8.17 -15.40 -3.13
N SER A 138 8.88 -15.52 -4.24
CA SER A 138 8.76 -16.69 -5.10
C SER A 138 7.33 -16.84 -5.61
N PRO A 139 6.94 -16.03 -6.56
CA PRO A 139 5.57 -16.06 -7.13
C PRO A 139 5.44 -17.12 -8.22
N ASP A 140 4.44 -17.99 -8.08
CA ASP A 140 4.22 -19.05 -9.06
C ASP A 140 3.83 -18.46 -10.41
N HIS A 141 4.76 -18.49 -11.36
CA HIS A 141 4.50 -17.96 -12.69
C HIS A 141 4.50 -19.08 -13.73
N ALA A 142 5.33 -20.09 -13.48
CA ALA A 142 5.42 -21.22 -14.40
C ALA A 142 4.05 -21.87 -14.61
N ALA A 143 3.82 -22.36 -15.82
CA ALA A 143 2.55 -23.01 -16.13
C ALA A 143 2.47 -24.37 -15.49
N GLY A 144 1.26 -24.91 -15.37
CA GLY A 144 1.05 -26.22 -14.76
C GLY A 144 0.49 -26.09 -13.35
N ASP A 145 0.57 -24.89 -12.77
CA ASP A 145 0.06 -24.67 -11.43
C ASP A 145 -1.42 -24.31 -11.44
N HIS A 146 -2.09 -24.61 -12.55
CA HIS A 146 -3.52 -24.31 -12.68
C HIS A 146 -4.31 -25.03 -11.59
N HIS A 147 -5.33 -24.36 -11.06
CA HIS A 147 -6.16 -24.95 -10.02
C HIS A 147 -7.37 -24.06 -9.73
N HIS A 148 -7.10 -22.78 -9.45
CA HIS A 148 -8.17 -21.85 -9.16
C HIS A 148 -8.86 -21.39 -10.45
N GLY A 149 -9.80 -20.46 -10.31
CA GLY A 149 -10.52 -19.95 -11.48
C GLY A 149 -11.55 -18.90 -11.06
N ASP A 150 -12.81 -19.15 -11.38
CA ASP A 150 -13.87 -18.22 -11.04
C ASP A 150 -15.23 -18.92 -11.11
N HIS A 151 -16.11 -18.59 -10.16
CA HIS A 151 -17.43 -19.18 -10.12
C HIS A 151 -18.51 -18.11 -9.98
N HIS A 152 -19.51 -18.15 -10.85
CA HIS A 152 -20.59 -17.17 -10.80
C HIS A 152 -21.79 -17.65 -11.62
N HIS A 153 -22.14 -18.92 -11.44
CA HIS A 153 -23.27 -19.49 -12.17
C HIS A 153 -24.20 -20.24 -11.22
FE HEC B . 6.54 8.01 -0.08
CHA HEC B . 6.84 5.48 2.16
CHB HEC B . 3.18 7.51 -0.16
CHC HEC B . 6.24 10.44 -2.40
CHD HEC B . 9.89 8.48 -0.01
NA HEC B . 5.30 6.78 0.80
C1A HEC B . 5.59 5.78 1.71
C2A HEC B . 4.41 5.09 2.15
C3A HEC B . 3.36 5.67 1.49
C4A HEC B . 3.92 6.71 0.67
CMA HEC B . 1.93 5.31 1.61
CAA HEC B . 4.33 3.95 3.10
CBA HEC B . 4.06 4.42 4.53
CGA HEC B . 4.58 3.37 5.52
O1A HEC B . 3.79 2.90 6.32
O2A HEC B . 5.76 3.06 5.46
NB HEC B . 5.04 8.81 -1.05
C1B HEC B . 3.70 8.50 -0.96
C2B HEC B . 2.90 9.27 -1.89
C3B HEC B . 3.77 10.05 -2.57
C4B HEC B . 5.08 9.78 -2.02
CMB HEC B . 1.42 9.26 -2.04
CAB HEC B . 3.44 10.91 -3.74
CBB HEC B . 2.33 11.92 -3.42
NC HEC B . 7.79 9.23 -0.96
C1C HEC B . 7.49 10.18 -1.91
C2C HEC B . 8.68 10.86 -2.36
C3C HEC B . 9.74 10.28 -1.71
C4C HEC B . 9.16 9.29 -0.83
CMC HEC B . 8.73 12.01 -3.31
CAC HEC B . 11.18 10.45 -2.04
CBC HEC B . 11.78 11.81 -1.69
ND HEC B . 8.04 7.16 0.86
C1D HEC B . 9.38 7.48 0.79
C2D HEC B . 10.17 6.64 1.64
C3D HEC B . 9.30 5.79 2.25
C4D HEC B . 7.99 6.12 1.76
CMD HEC B . 11.64 6.69 1.83
CAD HEC B . 9.65 4.74 3.25
CBD HEC B . 9.86 3.37 2.59
CGD HEC B . 10.97 2.62 3.30
O1D HEC B . 12.09 2.62 2.80
O2D HEC B . 10.70 2.04 4.34
HHA HEC B . 6.95 4.67 2.87
HHB HEC B . 2.11 7.35 -0.17
HHC HEC B . 6.16 11.21 -3.17
HHD HEC B . 10.97 8.62 0.02
HMA1 HEC B . 1.34 6.20 1.71
HMA2 HEC B . 1.79 4.68 2.49
HMA3 HEC B . 1.62 4.77 0.73
HAA1 HEC B . 5.27 3.42 3.08
HAA2 HEC B . 3.55 3.28 2.79
HBA1 HEC B . 3.00 4.54 4.67
HBA2 HEC B . 4.56 5.35 4.70
HMB1 HEC B . 1.03 8.35 -1.64
HMB2 HEC B . 1.17 9.34 -3.09
HMB3 HEC B . 1.00 10.11 -1.51
HAB HEC B . 4.32 11.44 -4.05
HBB1 HEC B . 2.06 11.85 -2.39
HBB2 HEC B . 1.45 11.71 -4.04
HBB3 HEC B . 2.68 12.92 -3.63
HMC1 HEC B . 8.33 11.72 -4.26
HMC2 HEC B . 9.75 12.34 -3.43
HMC3 HEC B . 8.14 12.83 -2.91
HAC HEC B . 11.76 9.67 -1.56
HBC1 HEC B . 11.34 12.18 -0.78
HBC2 HEC B . 11.61 12.50 -2.50
HBC3 HEC B . 12.85 11.70 -1.54
HMD1 HEC B . 12.12 6.71 0.86
HMD2 HEC B . 11.97 5.82 2.38
HMD3 HEC B . 11.90 7.59 2.37
HAD1 HEC B . 8.84 4.66 3.97
HAD2 HEC B . 10.56 5.02 3.76
HBD1 HEC B . 10.13 3.50 1.55
HBD2 HEC B . 8.94 2.80 2.64
N MET A 1 39.54 1.17 48.53
CA MET A 1 38.17 1.34 47.95
C MET A 1 37.99 0.36 46.79
N ASP A 2 38.73 0.60 45.71
CA ASP A 2 38.67 -0.25 44.52
C ASP A 2 37.24 -0.66 44.18
N ILE A 3 36.34 0.33 44.13
CA ILE A 3 34.94 0.07 43.84
C ILE A 3 34.81 -0.76 42.56
N GLY A 4 34.00 -1.80 42.62
CA GLY A 4 33.79 -2.66 41.45
C GLY A 4 32.66 -2.15 40.58
N ILE A 5 31.67 -1.52 41.22
CA ILE A 5 30.52 -0.98 40.50
C ILE A 5 30.01 0.28 41.17
N ASN A 6 30.41 1.44 40.66
CA ASN A 6 29.97 2.71 41.23
C ASN A 6 28.51 2.99 40.87
N SER A 7 27.67 3.16 41.88
CA SER A 7 26.26 3.42 41.66
C SER A 7 25.65 2.37 40.75
N ASP A 8 25.06 1.35 41.36
CA ASP A 8 24.43 0.28 40.59
C ASP A 8 23.41 0.82 39.58
N PRO A 9 22.43 1.59 40.02
CA PRO A 9 21.40 2.17 39.11
C PRO A 9 22.02 2.75 37.85
N HIS A 10 21.42 2.43 36.69
CA HIS A 10 21.92 2.94 35.42
C HIS A 10 20.81 3.66 34.66
N PRO A 11 21.17 4.41 33.66
CA PRO A 11 20.19 5.16 32.82
C PRO A 11 19.04 4.28 32.35
N PRO A 12 17.99 4.88 31.84
CA PRO A 12 16.80 4.14 31.35
C PRO A 12 17.06 3.48 30.00
N HIS A 13 16.19 2.54 29.63
CA HIS A 13 16.33 1.83 28.37
C HIS A 13 15.05 1.07 28.02
N HIS A 14 13.93 1.57 28.53
CA HIS A 14 12.65 0.94 28.27
C HIS A 14 11.55 1.99 28.14
N HIS A 15 11.42 2.58 26.96
CA HIS A 15 10.41 3.59 26.73
C HIS A 15 10.31 3.92 25.24
N ASP A 16 10.16 2.88 24.42
CA ASP A 16 10.05 3.06 22.98
C ASP A 16 9.50 1.81 22.31
N HIS A 17 8.78 1.99 21.21
CA HIS A 17 8.20 0.87 20.49
C HIS A 17 9.04 0.51 19.27
N HIS A 18 8.67 -0.56 18.58
CA HIS A 18 9.41 -1.00 17.41
C HIS A 18 8.47 -1.13 16.21
N GLY A 19 8.31 -0.04 15.46
CA GLY A 19 7.44 -0.06 14.29
C GLY A 19 7.94 0.93 13.24
N HIS A 20 8.16 0.44 12.03
CA HIS A 20 8.63 1.30 10.95
C HIS A 20 8.06 0.82 9.61
N GLY A 21 7.67 1.78 8.78
CA GLY A 21 7.10 1.47 7.46
C GLY A 21 5.58 1.50 7.51
N SER A 22 4.97 0.35 7.27
CA SER A 22 3.50 0.26 7.28
C SER A 22 2.96 0.48 8.70
N GLY A 23 1.71 0.09 8.90
CA GLY A 23 1.09 0.25 10.21
C GLY A 23 0.53 1.66 10.39
N TRP A 24 0.30 2.36 9.28
CA TRP A 24 -0.24 3.71 9.33
C TRP A 24 -1.44 3.79 10.26
N GLU A 25 -1.60 4.93 10.93
CA GLU A 25 -2.72 5.12 11.84
C GLU A 25 -4.01 5.42 11.08
N VAL A 26 -4.91 4.45 11.05
CA VAL A 26 -6.18 4.62 10.35
C VAL A 26 -7.27 3.80 11.04
N PRO A 27 -8.18 4.41 11.79
CA PRO A 27 -9.28 3.66 12.46
C PRO A 27 -9.95 2.67 11.51
N GLU A 28 -10.24 1.47 12.00
CA GLU A 28 -10.90 0.48 11.18
C GLU A 28 -12.18 1.04 10.61
N ALA A 29 -12.74 2.03 11.30
CA ALA A 29 -13.97 2.64 10.88
C ALA A 29 -13.76 3.53 9.65
N GLU A 30 -12.52 3.98 9.43
CA GLU A 30 -12.23 4.81 8.27
C GLU A 30 -12.06 3.94 7.05
N ILE A 31 -11.48 2.79 7.31
CA ILE A 31 -11.20 1.82 6.30
C ILE A 31 -12.46 1.36 5.58
N HIS A 32 -13.52 1.22 6.35
CA HIS A 32 -14.78 0.72 5.83
C HIS A 32 -15.91 1.74 5.81
N ARG A 33 -15.63 3.04 5.96
CA ARG A 33 -16.77 3.95 6.00
C ARG A 33 -17.30 4.31 4.61
N GLU A 34 -16.48 4.92 3.76
CA GLU A 34 -16.93 5.25 2.42
C GLU A 34 -15.85 4.95 1.42
N ASN A 35 -16.19 4.22 0.39
CA ASN A 35 -15.23 3.99 -0.63
C ASN A 35 -15.91 3.74 -1.96
N PRO A 36 -16.04 4.74 -2.78
CA PRO A 36 -16.65 4.58 -4.11
C PRO A 36 -15.56 4.30 -5.11
N ILE A 37 -15.47 3.07 -5.57
CA ILE A 37 -14.44 2.72 -6.52
C ILE A 37 -15.01 2.07 -7.80
N PRO A 38 -14.79 2.64 -8.97
CA PRO A 38 -15.26 2.03 -10.23
C PRO A 38 -14.23 1.00 -10.71
N PRO A 39 -14.58 -0.24 -10.90
CA PRO A 39 -13.61 -1.28 -11.34
C PRO A 39 -13.41 -1.29 -12.85
N ASP A 40 -12.38 -0.59 -13.31
CA ASP A 40 -12.08 -0.53 -14.73
C ASP A 40 -10.58 -0.45 -14.98
N ALA A 41 -10.22 -0.38 -16.24
CA ALA A 41 -8.82 -0.30 -16.63
C ALA A 41 -8.32 1.11 -16.48
N ARG A 42 -9.22 2.05 -16.65
CA ARG A 42 -8.90 3.45 -16.56
C ARG A 42 -8.65 3.85 -15.11
N SER A 43 -9.34 3.19 -14.21
CA SER A 43 -9.18 3.44 -12.80
C SER A 43 -7.81 2.97 -12.39
N LEU A 44 -7.39 1.92 -13.06
CA LEU A 44 -6.12 1.28 -12.87
C LEU A 44 -5.00 2.07 -13.53
N ASP A 45 -5.24 2.42 -14.77
CA ASP A 45 -4.27 3.14 -15.56
C ASP A 45 -4.10 4.55 -15.06
N GLN A 46 -5.20 5.28 -14.99
CA GLN A 46 -5.11 6.64 -14.53
C GLN A 46 -4.76 6.67 -13.06
N GLY A 47 -5.33 5.73 -12.31
CA GLY A 47 -5.04 5.59 -10.88
C GLY A 47 -3.55 5.36 -10.71
N GLY A 48 -2.96 4.90 -11.77
CA GLY A 48 -1.54 4.58 -11.79
C GLY A 48 -0.62 5.78 -12.07
N VAL A 49 -1.13 6.80 -12.75
CA VAL A 49 -0.29 7.94 -13.13
C VAL A 49 -0.10 8.94 -12.00
N LEU A 50 -1.15 9.17 -11.24
CA LEU A 50 -1.13 10.15 -10.16
C LEU A 50 0.08 9.94 -9.25
N TYR A 51 0.19 8.73 -8.76
CA TYR A 51 1.25 8.32 -7.88
C TYR A 51 2.58 8.29 -8.64
N ALA A 52 2.47 8.03 -9.94
CA ALA A 52 3.64 7.93 -10.80
C ALA A 52 4.17 9.28 -11.19
N GLU A 53 3.37 10.29 -11.01
CA GLU A 53 3.76 11.63 -11.36
C GLU A 53 4.86 12.12 -10.46
N HIS A 54 4.71 11.83 -9.19
CA HIS A 54 5.68 12.31 -8.22
C HIS A 54 6.13 11.26 -7.20
N CYS A 55 5.25 10.34 -6.83
CA CYS A 55 5.58 9.34 -5.82
C CYS A 55 6.48 8.19 -6.33
N VAL A 56 6.39 7.84 -7.62
CA VAL A 56 7.20 6.73 -8.15
C VAL A 56 8.65 7.10 -8.27
N ARG A 57 8.91 8.37 -8.51
CA ARG A 57 10.26 8.83 -8.62
C ARG A 57 11.06 8.47 -7.38
N CYS A 58 10.37 8.05 -6.30
CA CYS A 58 11.05 7.66 -5.10
C CYS A 58 10.78 6.20 -4.75
N HIS A 59 9.52 5.74 -4.83
CA HIS A 59 9.27 4.33 -4.54
C HIS A 59 8.18 3.70 -5.41
N GLY A 60 8.57 3.30 -6.62
CA GLY A 60 7.68 2.58 -7.54
C GLY A 60 6.36 3.28 -7.80
N GLU A 61 5.71 2.89 -8.90
CA GLU A 61 4.42 3.49 -9.23
C GLU A 61 3.57 3.52 -7.99
N THR A 62 3.21 2.36 -7.47
CA THR A 62 2.46 2.33 -6.24
C THR A 62 2.83 1.14 -5.35
N LEU A 63 2.97 -0.03 -5.97
CA LEU A 63 3.25 -1.24 -5.22
C LEU A 63 4.66 -1.78 -5.36
N ARG A 64 5.17 -1.71 -6.57
CA ARG A 64 6.46 -2.27 -6.89
C ARG A 64 7.56 -1.72 -6.01
N GLY A 65 7.51 -0.44 -5.80
CA GLY A 65 8.53 0.20 -5.00
C GLY A 65 9.89 -0.02 -5.63
N ASP A 66 9.93 -0.05 -6.95
CA ASP A 66 11.20 -0.26 -7.64
C ASP A 66 11.98 1.03 -7.79
N GLY A 67 11.29 2.16 -7.58
CA GLY A 67 11.87 3.52 -7.62
C GLY A 67 12.96 3.73 -8.71
N PRO A 68 12.76 4.62 -9.66
CA PRO A 68 13.77 4.89 -10.70
C PRO A 68 14.82 5.90 -10.24
N ASP A 69 14.40 6.93 -9.50
CA ASP A 69 15.35 7.94 -9.04
C ASP A 69 15.75 7.71 -7.58
N ALA A 70 15.49 6.52 -7.06
CA ALA A 70 15.82 6.21 -5.68
C ALA A 70 17.31 5.94 -5.49
N HIS A 71 18.04 5.85 -6.59
CA HIS A 71 19.47 5.56 -6.51
C HIS A 71 20.18 6.57 -5.61
N ASP A 72 19.72 7.81 -5.59
CA ASP A 72 20.33 8.84 -4.76
C ASP A 72 19.53 9.04 -3.47
N LEU A 73 18.22 8.84 -3.60
CA LEU A 73 17.30 8.98 -2.49
C LEU A 73 17.65 8.01 -1.37
N ASP A 74 16.96 8.18 -0.27
CA ASP A 74 17.14 7.33 0.91
C ASP A 74 17.29 5.86 0.49
N PRO A 75 17.87 5.03 1.34
CA PRO A 75 18.09 3.59 1.05
C PRO A 75 16.89 2.92 0.37
N PRO A 76 17.06 1.74 -0.16
CA PRO A 76 15.97 1.02 -0.88
C PRO A 76 14.63 1.12 -0.18
N VAL A 77 13.60 1.21 -0.98
CA VAL A 77 12.23 1.34 -0.50
C VAL A 77 11.54 -0.02 -0.41
N ALA A 78 10.47 -0.08 0.38
CA ALA A 78 9.74 -1.33 0.57
C ALA A 78 8.81 -1.64 -0.61
N ASP A 79 8.35 -2.89 -0.65
CA ASP A 79 7.44 -3.35 -1.70
C ASP A 79 6.02 -3.33 -1.16
N LEU A 80 5.20 -2.43 -1.68
CA LEU A 80 3.83 -2.30 -1.20
C LEU A 80 2.91 -3.39 -1.74
N VAL A 81 3.31 -4.05 -2.81
CA VAL A 81 2.47 -5.12 -3.37
C VAL A 81 2.31 -6.25 -2.36
N GLU A 82 3.34 -6.41 -1.54
CA GLU A 82 3.34 -7.45 -0.52
C GLU A 82 2.54 -7.02 0.71
N HIS A 83 2.59 -5.73 1.01
CA HIS A 83 1.91 -5.18 2.19
C HIS A 83 0.53 -4.62 1.85
N ALA A 84 0.21 -4.57 0.57
CA ALA A 84 -1.08 -4.06 0.13
C ALA A 84 -2.21 -4.87 0.74
N PRO A 85 -2.22 -6.18 0.58
CA PRO A 85 -3.27 -7.04 1.18
C PRO A 85 -3.45 -6.75 2.69
N HIS A 86 -2.43 -6.13 3.29
CA HIS A 86 -2.48 -5.81 4.71
C HIS A 86 -3.21 -4.50 4.94
N HIS A 87 -3.17 -3.63 3.94
CA HIS A 87 -3.83 -2.33 4.02
C HIS A 87 -5.17 -2.36 3.30
N SER A 88 -6.18 -1.74 3.90
CA SER A 88 -7.52 -1.72 3.32
C SER A 88 -7.69 -0.52 2.38
N ASP A 89 -8.82 -0.50 1.66
CA ASP A 89 -9.09 0.57 0.71
C ASP A 89 -9.38 1.90 1.41
N GLY A 90 -10.31 1.91 2.37
CA GLY A 90 -10.65 3.14 3.07
C GLY A 90 -9.41 3.79 3.63
N ASP A 91 -8.46 2.96 4.05
CA ASP A 91 -7.21 3.46 4.62
C ASP A 91 -6.33 4.09 3.55
N LEU A 92 -6.13 3.39 2.45
CA LEU A 92 -5.32 3.91 1.37
C LEU A 92 -5.93 5.23 0.89
N ALA A 93 -7.25 5.28 0.88
CA ALA A 93 -7.97 6.48 0.47
C ALA A 93 -7.88 7.53 1.56
N TYR A 94 -7.93 7.06 2.80
CA TYR A 94 -7.88 7.95 3.95
C TYR A 94 -6.62 8.80 3.92
N ARG A 95 -5.51 8.17 3.62
CA ARG A 95 -4.22 8.85 3.57
C ARG A 95 -4.06 9.66 2.30
N VAL A 96 -4.70 9.25 1.21
CA VAL A 96 -4.54 9.97 -0.04
C VAL A 96 -5.32 11.27 0.02
N ARG A 97 -6.39 11.26 0.79
CA ARG A 97 -7.24 12.41 0.89
C ARG A 97 -6.83 13.38 2.00
N ILE A 98 -6.54 12.87 3.20
CA ILE A 98 -6.17 13.75 4.32
C ILE A 98 -4.72 13.56 4.74
N GLY A 99 -4.23 12.33 4.69
CA GLY A 99 -2.86 12.05 5.08
C GLY A 99 -2.57 12.48 6.52
N ARG A 100 -1.52 11.93 7.10
CA ARG A 100 -1.14 12.25 8.46
C ARG A 100 0.31 12.70 8.56
N GLY A 101 1.16 12.16 7.67
CA GLY A 101 2.57 12.50 7.68
C GLY A 101 2.94 13.48 6.57
N PRO A 102 4.21 13.78 6.44
CA PRO A 102 4.75 14.71 5.43
C PRO A 102 4.80 14.12 4.02
N MET A 103 3.77 13.38 3.65
CA MET A 103 3.72 12.79 2.32
C MET A 103 2.26 12.61 1.87
N PRO A 104 1.47 11.81 2.53
CA PRO A 104 0.04 11.62 2.14
C PRO A 104 -0.76 12.88 2.36
N GLY A 105 -1.98 12.89 1.85
CA GLY A 105 -2.82 14.06 2.01
C GLY A 105 -3.03 14.73 0.65
N PHE A 106 -3.00 13.93 -0.40
CA PHE A 106 -3.18 14.42 -1.76
C PHE A 106 -4.66 14.64 -2.10
N GLY A 107 -5.48 14.93 -1.09
CA GLY A 107 -6.90 15.18 -1.33
C GLY A 107 -7.08 16.53 -2.02
N ASP A 108 -6.13 17.43 -1.77
CA ASP A 108 -6.15 18.74 -2.37
C ASP A 108 -5.39 18.73 -3.69
N ALA A 109 -4.44 17.79 -3.78
CA ALA A 109 -3.63 17.62 -4.97
C ALA A 109 -4.39 16.79 -6.00
N LEU A 110 -5.25 15.92 -5.52
CA LEU A 110 -6.03 15.06 -6.38
C LEU A 110 -7.50 15.19 -6.06
N ASP A 111 -8.32 14.64 -6.93
CA ASP A 111 -9.75 14.67 -6.72
C ASP A 111 -10.21 13.32 -6.21
N GLU A 112 -11.49 13.24 -5.86
CA GLU A 112 -12.04 12.01 -5.35
C GLU A 112 -11.96 10.92 -6.40
N ARG A 113 -12.19 11.32 -7.62
CA ARG A 113 -12.14 10.39 -8.72
C ARG A 113 -10.75 9.84 -8.88
N ASP A 114 -9.79 10.65 -8.53
CA ASP A 114 -8.38 10.30 -8.58
C ASP A 114 -8.03 9.43 -7.39
N ILE A 115 -8.75 9.67 -6.31
CA ILE A 115 -8.54 8.95 -5.09
C ILE A 115 -9.04 7.52 -5.21
N TRP A 116 -10.18 7.32 -5.88
CA TRP A 116 -10.68 5.98 -6.02
C TRP A 116 -9.84 5.26 -7.06
N ASP A 117 -9.35 6.01 -8.05
CA ASP A 117 -8.48 5.43 -9.06
C ASP A 117 -7.16 5.05 -8.41
N LEU A 118 -6.68 5.95 -7.55
CA LEU A 118 -5.45 5.70 -6.82
C LEU A 118 -5.62 4.43 -6.00
N VAL A 119 -6.84 4.24 -5.52
CA VAL A 119 -7.20 3.09 -4.70
C VAL A 119 -7.37 1.86 -5.56
N ASN A 120 -7.85 2.08 -6.77
CA ASN A 120 -8.09 1.00 -7.70
C ASN A 120 -6.81 0.38 -8.25
N PHE A 121 -5.92 1.21 -8.76
CA PHE A 121 -4.68 0.70 -9.34
C PHE A 121 -3.89 -0.16 -8.35
N MET A 122 -3.85 0.28 -7.09
CA MET A 122 -3.11 -0.47 -6.06
C MET A 122 -3.87 -1.71 -5.62
N ARG A 123 -5.17 -1.54 -5.53
CA ARG A 123 -6.06 -2.60 -5.13
C ARG A 123 -6.14 -3.67 -6.19
N ASP A 124 -5.96 -3.28 -7.43
CA ASP A 124 -6.02 -4.20 -8.54
C ASP A 124 -4.70 -4.94 -8.67
N ARG A 125 -3.65 -4.14 -8.71
CA ARG A 125 -2.30 -4.61 -8.85
C ARG A 125 -1.87 -5.58 -7.75
N ALA A 126 -2.07 -5.18 -6.51
CA ALA A 126 -1.65 -6.01 -5.37
C ALA A 126 -2.21 -7.42 -5.49
N GLN A 127 -3.52 -7.49 -5.65
CA GLN A 127 -4.19 -8.77 -5.78
C GLN A 127 -3.76 -9.47 -7.06
N GLY A 128 -3.71 -8.71 -8.15
CA GLY A 128 -3.31 -9.25 -9.44
C GLY A 128 -1.89 -9.80 -9.38
N ALA A 129 -1.09 -9.25 -8.47
CA ALA A 129 0.29 -9.68 -8.30
C ALA A 129 0.36 -11.01 -7.57
N ALA A 130 -0.69 -11.32 -6.84
CA ALA A 130 -0.77 -12.55 -6.09
C ALA A 130 -1.15 -13.68 -7.03
N LEU A 131 -1.85 -13.32 -8.10
CA LEU A 131 -2.29 -14.28 -9.09
C LEU A 131 -1.11 -14.76 -9.92
N ALA A 132 -0.10 -13.91 -10.05
CA ALA A 132 1.10 -14.25 -10.82
C ALA A 132 1.90 -15.33 -10.10
N GLY A 133 1.76 -15.39 -8.78
CA GLY A 133 2.49 -16.37 -7.99
C GLY A 133 3.67 -15.73 -7.29
N THR A 134 3.44 -14.56 -6.70
CA THR A 134 4.49 -13.85 -5.99
C THR A 134 4.44 -14.15 -4.49
N ASN A 135 3.29 -14.62 -4.02
CA ASN A 135 3.13 -14.93 -2.60
C ASN A 135 4.25 -15.84 -2.12
N GLY A 136 5.11 -15.31 -1.24
CA GLY A 136 6.22 -16.08 -0.71
C GLY A 136 7.35 -16.21 -1.74
N HIS A 137 7.45 -15.24 -2.63
CA HIS A 137 8.48 -15.26 -3.67
C HIS A 137 8.36 -14.03 -4.56
N SER A 138 8.97 -14.09 -5.74
CA SER A 138 8.91 -12.97 -6.68
C SER A 138 7.74 -13.16 -7.65
N PRO A 139 7.30 -12.10 -8.27
CA PRO A 139 6.17 -12.18 -9.24
C PRO A 139 6.63 -12.61 -10.63
N ASP A 140 5.94 -13.59 -11.20
CA ASP A 140 6.28 -14.09 -12.52
C ASP A 140 6.41 -12.94 -13.51
N HIS A 141 7.65 -12.61 -13.88
CA HIS A 141 7.89 -11.53 -14.82
C HIS A 141 8.48 -12.06 -16.12
N ALA A 142 8.32 -13.36 -16.36
CA ALA A 142 8.84 -13.97 -17.58
C ALA A 142 8.02 -13.55 -18.79
N ALA A 143 8.70 -13.35 -19.91
CA ALA A 143 8.02 -12.94 -21.14
C ALA A 143 7.40 -14.14 -21.83
N GLY A 144 6.14 -14.00 -22.23
CA GLY A 144 5.43 -15.09 -22.90
C GLY A 144 5.16 -16.23 -21.93
N ASP A 145 5.03 -15.90 -20.65
CA ASP A 145 4.77 -16.91 -19.64
C ASP A 145 3.32 -16.83 -19.16
N HIS A 146 2.46 -16.19 -19.95
CA HIS A 146 1.06 -16.05 -19.59
C HIS A 146 0.27 -17.30 -19.99
N HIS A 147 -0.91 -17.46 -19.42
CA HIS A 147 -1.75 -18.61 -19.72
C HIS A 147 -2.82 -18.24 -20.74
N HIS A 148 -2.50 -18.45 -22.02
CA HIS A 148 -3.45 -18.13 -23.09
C HIS A 148 -3.75 -16.64 -23.10
N GLY A 149 -4.29 -16.17 -24.22
CA GLY A 149 -4.63 -14.75 -24.36
C GLY A 149 -5.46 -14.28 -23.17
N ASP A 150 -4.95 -13.25 -22.47
CA ASP A 150 -5.65 -12.71 -21.32
C ASP A 150 -6.62 -11.61 -21.75
N HIS A 151 -7.69 -11.44 -20.98
CA HIS A 151 -8.68 -10.41 -21.29
C HIS A 151 -9.32 -10.67 -22.65
N HIS A 152 -10.57 -11.12 -22.64
CA HIS A 152 -11.29 -11.40 -23.89
C HIS A 152 -11.66 -10.11 -24.59
N HIS A 153 -11.88 -9.05 -23.81
CA HIS A 153 -12.25 -7.76 -24.38
C HIS A 153 -11.18 -7.28 -25.36
FE HEC B . 6.69 8.29 0.01
CHA HEC B . 7.02 6.00 2.50
CHB HEC B . 3.34 7.85 0.08
CHC HEC B . 6.35 10.58 -2.45
CHD HEC B . 10.05 8.64 -0.10
NA HEC B . 5.45 7.19 1.06
C1A HEC B . 5.76 6.29 2.07
C2A HEC B . 4.57 5.68 2.60
C3A HEC B . 3.53 6.19 1.91
C4A HEC B . 4.08 7.13 0.97
CMA HEC B . 2.09 5.87 2.10
CAA HEC B . 4.50 4.66 3.69
CBA HEC B . 4.46 3.23 3.15
CGA HEC B . 4.88 2.25 4.25
O1A HEC B . 4.28 1.19 4.33
O2A HEC B . 5.80 2.57 4.98
NB HEC B . 5.17 9.06 -0.97
C1B HEC B . 3.84 8.75 -0.82
C2B HEC B . 3.02 9.48 -1.78
C3B HEC B . 3.87 10.23 -2.51
C4B HEC B . 5.20 9.98 -1.98
CMB HEC B . 1.53 9.44 -1.90
CAB HEC B . 3.51 11.09 -3.70
CBB HEC B . 2.37 12.07 -3.39
NC HEC B . 7.93 9.38 -1.02
C1C HEC B . 7.62 10.31 -1.99
C2C HEC B . 8.80 10.94 -2.52
C3C HEC B . 9.86 10.35 -1.90
C4C HEC B . 9.31 9.42 -0.96
CMC HEC B . 8.84 12.07 -3.48
CAC HEC B . 11.30 10.49 -2.28
CBC HEC B . 11.94 11.85 -2.00
ND HEC B . 8.21 7.49 0.97
C1D HEC B . 9.55 7.75 0.81
C2D HEC B . 10.36 6.97 1.72
C3D HEC B . 9.50 6.23 2.45
C4D HEC B . 8.17 6.56 1.99
CMD HEC B . 11.84 6.98 1.82
CAD HEC B . 9.85 5.27 3.54
CBD HEC B . 9.84 5.92 4.92
CGD HEC B . 8.42 5.93 5.47
O1D HEC B . 7.83 7.00 5.52
O2D HEC B . 7.95 4.87 5.85
HHA HEC B . 7.13 5.27 3.30
HHB HEC B . 2.25 7.71 0.11
HHC HEC B . 6.25 11.32 -3.23
HHD HEC B . 11.14 8.76 -0.12
HMA1 HEC B . 1.64 6.57 2.79
HMA2 HEC B . 1.99 4.86 2.50
HMA3 HEC B . 1.58 5.93 1.15
HAA1 HEC B . 3.61 4.84 4.27
HAA2 HEC B . 5.36 4.76 4.33
HBA1 HEC B . 5.14 3.14 2.31
HBA2 HEC B . 3.46 2.99 2.82
HMB1 HEC B . 1.16 8.53 -1.46
HMB2 HEC B . 1.26 9.49 -2.94
HMB3 HEC B . 1.10 10.29 -1.38
HAB HEC B . 4.38 11.64 -4.01
HBB1 HEC B . 2.71 13.08 -3.57
HBB2 HEC B . 2.07 11.97 -2.36
HBB3 HEC B . 1.52 11.85 -4.03
HMC1 HEC B . 8.39 11.75 -4.42
HMC2 HEC B . 9.86 12.38 -3.65
HMC3 HEC B . 8.27 12.90 -3.08
HAC HEC B . 11.88 9.72 -1.80
HBC1 HEC B . 13.01 11.72 -1.82
HBC2 HEC B . 11.48 12.29 -1.12
HBC3 HEC B . 11.79 12.50 -2.85
HMD1 HEC B . 12.19 8.01 1.85
HMD2 HEC B . 12.27 6.49 0.96
HMD3 HEC B . 12.14 6.48 2.72
HAD1 HEC B . 10.84 4.88 3.33
HAD2 HEC B . 9.15 4.45 3.52
HBD1 HEC B . 10.20 6.93 4.84
HBD2 HEC B . 10.48 5.37 5.58
N MET A 1 20.09 -22.57 50.46
CA MET A 1 18.64 -22.29 50.20
C MET A 1 18.25 -20.98 50.87
N ASP A 2 17.10 -20.45 50.48
CA ASP A 2 16.63 -19.18 51.05
C ASP A 2 15.11 -19.08 50.91
N ILE A 3 14.64 -18.97 49.68
CA ILE A 3 13.21 -18.86 49.42
C ILE A 3 12.46 -20.04 50.03
N GLY A 4 11.36 -19.76 50.71
CA GLY A 4 10.56 -20.80 51.34
C GLY A 4 9.50 -21.33 50.38
N ILE A 5 8.98 -20.43 49.54
CA ILE A 5 7.95 -20.82 48.58
C ILE A 5 8.26 -20.24 47.20
N ASN A 6 8.84 -21.06 46.34
CA ASN A 6 9.18 -20.61 45.00
C ASN A 6 7.94 -20.15 44.25
N SER A 7 8.07 -19.06 43.50
CA SER A 7 6.94 -18.53 42.74
C SER A 7 7.34 -17.25 42.02
N ASP A 8 6.75 -17.02 40.85
CA ASP A 8 7.05 -15.82 40.07
C ASP A 8 5.80 -15.35 39.32
N PRO A 9 5.84 -14.14 38.81
CA PRO A 9 4.70 -13.56 38.06
C PRO A 9 4.14 -14.52 37.01
N HIS A 10 3.01 -14.15 36.43
CA HIS A 10 2.39 -14.98 35.41
C HIS A 10 3.23 -15.00 34.13
N PRO A 11 2.99 -15.96 33.26
CA PRO A 11 3.75 -16.10 31.98
C PRO A 11 4.00 -14.74 31.29
N PRO A 12 5.19 -14.20 31.40
CA PRO A 12 5.52 -12.89 30.77
C PRO A 12 5.15 -12.85 29.29
N HIS A 13 4.14 -12.06 28.96
CA HIS A 13 3.69 -11.95 27.57
C HIS A 13 4.71 -11.16 26.74
N HIS A 14 4.49 -11.10 25.44
CA HIS A 14 5.38 -10.36 24.55
C HIS A 14 4.77 -10.22 23.16
N HIS A 15 3.52 -9.75 23.12
CA HIS A 15 2.83 -9.57 21.84
C HIS A 15 2.76 -8.08 21.49
N ASP A 16 3.86 -7.55 20.99
CA ASP A 16 3.90 -6.14 20.60
C ASP A 16 3.38 -5.96 19.19
N HIS A 17 3.48 -4.73 18.67
CA HIS A 17 3.01 -4.44 17.32
C HIS A 17 4.15 -4.60 16.31
N HIS A 18 4.72 -5.80 16.27
CA HIS A 18 5.81 -6.07 15.34
C HIS A 18 5.36 -5.83 13.90
N GLY A 19 6.32 -5.86 12.97
CA GLY A 19 6.02 -5.63 11.57
C GLY A 19 6.16 -4.16 11.20
N HIS A 20 7.37 -3.63 11.37
CA HIS A 20 7.63 -2.23 11.07
C HIS A 20 7.31 -1.94 9.60
N GLY A 21 7.07 -0.67 9.29
CA GLY A 21 6.77 -0.26 7.92
C GLY A 21 5.27 -0.03 7.76
N SER A 22 4.46 -0.89 8.37
CA SER A 22 3.01 -0.77 8.28
C SER A 22 2.39 -0.65 9.67
N GLY A 23 1.06 -0.60 9.72
CA GLY A 23 0.36 -0.48 10.99
C GLY A 23 0.03 0.97 11.30
N TRP A 24 0.05 1.82 10.28
CA TRP A 24 -0.26 3.24 10.47
C TRP A 24 -1.58 3.42 11.20
N GLU A 25 -1.73 4.56 11.86
CA GLU A 25 -2.95 4.86 12.58
C GLU A 25 -4.09 5.16 11.62
N VAL A 26 -5.03 4.23 11.53
CA VAL A 26 -6.18 4.38 10.64
C VAL A 26 -7.39 3.68 11.25
N PRO A 27 -8.29 4.40 11.87
CA PRO A 27 -9.51 3.78 12.48
C PRO A 27 -10.20 2.85 11.50
N GLU A 28 -10.59 1.67 11.97
CA GLU A 28 -11.28 0.71 11.12
C GLU A 28 -12.49 1.36 10.48
N ALA A 29 -13.00 2.40 11.12
CA ALA A 29 -14.17 3.09 10.63
C ALA A 29 -13.85 3.92 9.39
N GLU A 30 -12.61 4.37 9.24
CA GLU A 30 -12.27 5.16 8.06
C GLU A 30 -11.97 4.24 6.91
N ILE A 31 -11.49 3.08 7.27
CA ILE A 31 -11.10 2.07 6.34
C ILE A 31 -12.30 1.44 5.65
N HIS A 32 -13.37 1.31 6.40
CA HIS A 32 -14.58 0.66 5.90
C HIS A 32 -15.79 1.58 5.80
N ARG A 33 -15.64 2.90 5.89
CA ARG A 33 -16.87 3.71 5.86
C ARG A 33 -17.36 4.05 4.46
N GLU A 34 -16.57 4.77 3.67
CA GLU A 34 -16.99 5.09 2.32
C GLU A 34 -15.86 4.90 1.35
N ASN A 35 -16.12 4.17 0.29
CA ASN A 35 -15.11 4.03 -0.69
C ASN A 35 -15.73 3.75 -2.06
N PRO A 36 -15.88 4.76 -2.89
CA PRO A 36 -16.42 4.57 -4.24
C PRO A 36 -15.27 4.28 -5.20
N ILE A 37 -15.14 3.04 -5.61
CA ILE A 37 -14.07 2.66 -6.50
C ILE A 37 -14.61 1.97 -7.76
N PRO A 38 -14.46 2.54 -8.93
CA PRO A 38 -14.92 1.87 -10.18
C PRO A 38 -13.83 0.89 -10.63
N PRO A 39 -14.11 -0.39 -10.76
CA PRO A 39 -13.09 -1.37 -11.20
C PRO A 39 -12.94 -1.42 -12.71
N ASP A 40 -12.06 -0.58 -13.23
CA ASP A 40 -11.83 -0.52 -14.67
C ASP A 40 -10.36 -0.35 -14.97
N ALA A 41 -10.03 -0.45 -16.24
CA ALA A 41 -8.65 -0.28 -16.69
C ALA A 41 -8.27 1.18 -16.66
N ARG A 42 -9.27 2.02 -16.78
CA ARG A 42 -9.08 3.46 -16.79
C ARG A 42 -8.78 3.96 -15.39
N SER A 43 -9.35 3.29 -14.42
CA SER A 43 -9.12 3.63 -13.03
C SER A 43 -7.67 3.29 -12.70
N LEU A 44 -7.23 2.24 -13.36
CA LEU A 44 -5.90 1.71 -13.22
C LEU A 44 -4.89 2.55 -14.01
N ASP A 45 -5.28 2.86 -15.22
CA ASP A 45 -4.43 3.63 -16.13
C ASP A 45 -4.36 5.07 -15.70
N GLN A 46 -5.51 5.71 -15.56
CA GLN A 46 -5.53 7.08 -15.15
C GLN A 46 -5.02 7.16 -13.73
N GLY A 47 -5.36 6.16 -12.97
CA GLY A 47 -4.88 6.10 -11.62
C GLY A 47 -3.42 5.79 -11.64
N GLY A 48 -3.03 5.22 -12.76
CA GLY A 48 -1.66 4.85 -12.98
C GLY A 48 -0.78 6.09 -13.11
N VAL A 49 -1.39 7.21 -13.50
CA VAL A 49 -0.67 8.45 -13.69
C VAL A 49 -0.52 9.22 -12.39
N LEU A 50 -1.47 9.02 -11.50
CA LEU A 50 -1.51 9.74 -10.23
C LEU A 50 -0.19 9.72 -9.46
N TYR A 51 0.25 8.52 -9.13
CA TYR A 51 1.46 8.32 -8.36
C TYR A 51 2.72 8.54 -9.16
N ALA A 52 2.59 8.29 -10.43
CA ALA A 52 3.72 8.33 -11.32
C ALA A 52 4.22 9.74 -11.52
N GLU A 53 3.40 10.69 -11.14
CA GLU A 53 3.73 12.06 -11.27
C GLU A 53 4.79 12.45 -10.27
N HIS A 54 4.62 11.99 -9.03
CA HIS A 54 5.55 12.37 -7.98
C HIS A 54 5.98 11.22 -7.05
N CYS A 55 5.12 10.24 -6.85
CA CYS A 55 5.42 9.14 -5.91
C CYS A 55 6.39 8.08 -6.44
N VAL A 56 6.22 7.63 -7.68
CA VAL A 56 7.08 6.58 -8.23
C VAL A 56 8.53 6.97 -8.25
N ARG A 57 8.76 8.25 -8.48
CA ARG A 57 10.11 8.75 -8.51
C ARG A 57 10.87 8.40 -7.23
N CYS A 58 10.15 7.96 -6.20
CA CYS A 58 10.82 7.57 -4.96
C CYS A 58 10.57 6.12 -4.62
N HIS A 59 9.33 5.63 -4.75
CA HIS A 59 9.13 4.21 -4.47
C HIS A 59 8.11 3.51 -5.37
N GLY A 60 8.57 3.15 -6.56
CA GLY A 60 7.77 2.36 -7.50
C GLY A 60 6.46 3.01 -7.84
N GLU A 61 5.92 2.59 -8.98
CA GLU A 61 4.65 3.12 -9.43
C GLU A 61 3.71 3.19 -8.25
N THR A 62 3.32 2.04 -7.71
CA THR A 62 2.49 2.07 -6.54
C THR A 62 2.81 0.97 -5.54
N LEU A 63 2.98 -0.25 -6.05
CA LEU A 63 3.23 -1.39 -5.19
C LEU A 63 4.63 -1.95 -5.30
N ARG A 64 5.20 -1.86 -6.48
CA ARG A 64 6.50 -2.45 -6.75
C ARG A 64 7.57 -1.88 -5.85
N GLY A 65 7.53 -0.59 -5.67
CA GLY A 65 8.53 0.06 -4.85
C GLY A 65 9.91 -0.16 -5.44
N ASP A 66 10.01 -0.17 -6.76
CA ASP A 66 11.29 -0.37 -7.43
C ASP A 66 12.06 0.95 -7.57
N GLY A 67 11.34 2.06 -7.37
CA GLY A 67 11.89 3.44 -7.42
C GLY A 67 12.97 3.67 -8.51
N PRO A 68 12.72 4.54 -9.47
CA PRO A 68 13.71 4.85 -10.53
C PRO A 68 14.69 5.94 -10.10
N ASP A 69 14.20 6.96 -9.39
CA ASP A 69 15.09 8.04 -8.95
C ASP A 69 15.27 8.04 -7.44
N ALA A 70 15.10 6.88 -6.81
CA ALA A 70 15.27 6.77 -5.37
C ALA A 70 16.72 6.54 -4.99
N HIS A 71 17.57 6.26 -5.97
CA HIS A 71 18.97 6.00 -5.69
C HIS A 71 19.59 7.15 -4.91
N ASP A 72 19.18 8.37 -5.22
CA ASP A 72 19.70 9.54 -4.52
C ASP A 72 18.89 9.76 -3.23
N LEU A 73 17.64 9.35 -3.29
CA LEU A 73 16.74 9.47 -2.15
C LEU A 73 17.08 8.45 -1.08
N ASP A 74 16.40 8.59 0.04
CA ASP A 74 16.58 7.72 1.20
C ASP A 74 16.81 6.26 0.79
N PRO A 75 17.38 5.47 1.68
CA PRO A 75 17.67 4.03 1.43
C PRO A 75 16.55 3.31 0.70
N PRO A 76 16.80 2.12 0.22
CA PRO A 76 15.79 1.33 -0.53
C PRO A 76 14.42 1.39 0.11
N VAL A 77 13.41 1.39 -0.75
CA VAL A 77 12.03 1.47 -0.33
C VAL A 77 11.39 0.08 -0.22
N ALA A 78 10.29 0.00 0.51
CA ALA A 78 9.59 -1.27 0.72
C ALA A 78 8.68 -1.62 -0.46
N ASP A 79 8.25 -2.88 -0.48
CA ASP A 79 7.36 -3.39 -1.53
C ASP A 79 5.93 -3.38 -1.01
N LEU A 80 5.11 -2.50 -1.57
CA LEU A 80 3.73 -2.36 -1.13
C LEU A 80 2.83 -3.49 -1.64
N VAL A 81 3.25 -4.20 -2.68
CA VAL A 81 2.44 -5.28 -3.22
C VAL A 81 2.35 -6.43 -2.23
N GLU A 82 3.40 -6.59 -1.44
CA GLU A 82 3.47 -7.65 -0.45
C GLU A 82 2.68 -7.27 0.79
N HIS A 83 2.66 -5.97 1.08
CA HIS A 83 1.95 -5.45 2.24
C HIS A 83 0.56 -4.95 1.88
N ALA A 84 0.27 -4.93 0.59
CA ALA A 84 -1.03 -4.47 0.11
C ALA A 84 -2.17 -5.27 0.76
N PRO A 85 -2.14 -6.58 0.69
CA PRO A 85 -3.19 -7.42 1.33
C PRO A 85 -3.41 -7.02 2.79
N HIS A 86 -2.42 -6.35 3.38
CA HIS A 86 -2.53 -5.92 4.78
C HIS A 86 -3.23 -4.57 4.88
N HIS A 87 -3.13 -3.79 3.81
CA HIS A 87 -3.76 -2.47 3.78
C HIS A 87 -5.10 -2.52 3.04
N SER A 88 -6.12 -1.92 3.66
CA SER A 88 -7.46 -1.90 3.08
C SER A 88 -7.66 -0.68 2.17
N ASP A 89 -8.85 -0.60 1.56
CA ASP A 89 -9.15 0.51 0.64
C ASP A 89 -9.36 1.84 1.37
N GLY A 90 -10.28 1.88 2.35
CA GLY A 90 -10.52 3.12 3.07
C GLY A 90 -9.22 3.68 3.64
N ASP A 91 -8.33 2.77 4.03
CA ASP A 91 -7.04 3.16 4.58
C ASP A 91 -6.15 3.78 3.51
N LEU A 92 -6.01 3.11 2.38
CA LEU A 92 -5.19 3.63 1.29
C LEU A 92 -5.71 4.99 0.86
N ALA A 93 -7.03 5.12 0.91
CA ALA A 93 -7.70 6.34 0.55
C ALA A 93 -7.54 7.38 1.63
N TYR A 94 -7.40 6.91 2.87
CA TYR A 94 -7.25 7.79 4.02
C TYR A 94 -5.93 8.55 3.98
N ARG A 95 -4.88 7.88 3.52
CA ARG A 95 -3.56 8.52 3.44
C ARG A 95 -3.48 9.49 2.27
N VAL A 96 -4.17 9.16 1.19
CA VAL A 96 -4.13 10.00 0.01
C VAL A 96 -4.96 11.25 0.19
N ARG A 97 -6.00 11.14 1.00
CA ARG A 97 -6.89 12.25 1.20
C ARG A 97 -6.47 13.18 2.35
N ILE A 98 -6.16 12.61 3.51
CA ILE A 98 -5.76 13.43 4.66
C ILE A 98 -4.25 13.33 4.89
N GLY A 99 -3.68 12.17 4.62
CA GLY A 99 -2.25 11.96 4.80
C GLY A 99 -1.76 12.53 6.12
N ARG A 100 -0.45 12.71 6.22
CA ARG A 100 0.15 13.25 7.42
C ARG A 100 0.94 14.53 7.12
N GLY A 101 1.78 14.46 6.10
CA GLY A 101 2.60 15.61 5.73
C GLY A 101 3.70 15.25 4.73
N PRO A 102 4.58 14.35 5.11
CA PRO A 102 5.71 13.89 4.26
C PRO A 102 5.36 13.78 2.77
N MET A 103 4.39 12.91 2.47
CA MET A 103 3.98 12.73 1.08
C MET A 103 2.45 12.61 0.99
N PRO A 104 1.83 11.57 1.53
CA PRO A 104 0.35 11.43 1.48
C PRO A 104 -0.36 12.70 1.87
N GLY A 105 -1.65 12.77 1.58
CA GLY A 105 -2.41 13.95 1.91
C GLY A 105 -2.74 14.76 0.66
N PHE A 106 -2.79 14.07 -0.47
CA PHE A 106 -3.09 14.70 -1.75
C PHE A 106 -4.59 14.83 -1.98
N GLY A 107 -5.36 14.94 -0.91
CA GLY A 107 -6.80 15.08 -1.08
C GLY A 107 -7.10 16.40 -1.79
N ASP A 108 -6.20 17.36 -1.61
CA ASP A 108 -6.35 18.66 -2.24
C ASP A 108 -5.60 18.70 -3.57
N ALA A 109 -4.57 17.88 -3.67
CA ALA A 109 -3.78 17.79 -4.90
C ALA A 109 -4.52 16.97 -5.93
N LEU A 110 -5.31 16.03 -5.44
CA LEU A 110 -6.08 15.16 -6.31
C LEU A 110 -7.53 15.23 -5.91
N ASP A 111 -8.38 14.67 -6.73
CA ASP A 111 -9.78 14.63 -6.43
C ASP A 111 -10.13 13.28 -5.88
N GLU A 112 -11.35 13.13 -5.42
CA GLU A 112 -11.76 11.88 -4.88
C GLU A 112 -11.70 10.80 -5.95
N ARG A 113 -12.14 11.16 -7.14
CA ARG A 113 -12.14 10.24 -8.26
C ARG A 113 -10.74 9.72 -8.51
N ASP A 114 -9.77 10.55 -8.21
CA ASP A 114 -8.38 10.19 -8.36
C ASP A 114 -7.97 9.32 -7.22
N ILE A 115 -8.50 9.67 -6.06
CA ILE A 115 -8.22 8.93 -4.87
C ILE A 115 -8.69 7.48 -5.01
N TRP A 116 -9.83 7.30 -5.67
CA TRP A 116 -10.33 5.95 -5.87
C TRP A 116 -9.54 5.29 -6.96
N ASP A 117 -9.02 6.08 -7.90
CA ASP A 117 -8.20 5.51 -8.96
C ASP A 117 -6.88 5.05 -8.36
N LEU A 118 -6.37 5.83 -7.41
CA LEU A 118 -5.14 5.49 -6.72
C LEU A 118 -5.37 4.19 -5.94
N VAL A 119 -6.60 4.05 -5.44
CA VAL A 119 -6.99 2.88 -4.67
C VAL A 119 -7.24 1.71 -5.61
N ASN A 120 -7.70 2.01 -6.80
CA ASN A 120 -8.01 0.99 -7.80
C ASN A 120 -6.77 0.32 -8.36
N PHE A 121 -5.83 1.14 -8.85
CA PHE A 121 -4.63 0.60 -9.44
C PHE A 121 -3.86 -0.25 -8.42
N MET A 122 -3.91 0.16 -7.16
CA MET A 122 -3.22 -0.54 -6.07
C MET A 122 -3.97 -1.80 -5.68
N ARG A 123 -5.28 -1.69 -5.69
CA ARG A 123 -6.17 -2.77 -5.31
C ARG A 123 -6.22 -3.86 -6.37
N ASP A 124 -6.08 -3.44 -7.62
CA ASP A 124 -6.12 -4.37 -8.71
C ASP A 124 -4.82 -5.11 -8.80
N ARG A 125 -3.76 -4.33 -8.80
CA ARG A 125 -2.41 -4.83 -8.85
C ARG A 125 -2.14 -5.76 -7.67
N ALA A 126 -2.48 -5.28 -6.49
CA ALA A 126 -2.27 -6.06 -5.27
C ALA A 126 -2.93 -7.43 -5.35
N GLN A 127 -4.18 -7.44 -5.79
CA GLN A 127 -4.92 -8.69 -5.91
C GLN A 127 -4.19 -9.64 -6.85
N GLY A 128 -3.67 -9.10 -7.95
CA GLY A 128 -2.93 -9.91 -8.91
C GLY A 128 -1.78 -10.64 -8.23
N ALA A 129 -1.28 -10.06 -7.15
CA ALA A 129 -0.18 -10.65 -6.40
C ALA A 129 -0.68 -11.78 -5.52
N ALA A 130 -1.97 -11.77 -5.24
CA ALA A 130 -2.59 -12.78 -4.40
C ALA A 130 -2.81 -14.05 -5.20
N LEU A 131 -3.02 -13.87 -6.49
CA LEU A 131 -3.23 -14.98 -7.40
C LEU A 131 -2.09 -15.98 -7.29
N ALA A 132 -0.87 -15.46 -7.21
CA ALA A 132 0.31 -16.31 -7.10
C ALA A 132 0.22 -17.17 -5.84
N GLY A 133 -0.51 -16.68 -4.84
CA GLY A 133 -0.66 -17.42 -3.58
C GLY A 133 0.38 -16.97 -2.57
N THR A 134 0.48 -15.66 -2.37
CA THR A 134 1.44 -15.11 -1.42
C THR A 134 0.76 -14.63 -0.15
N ASN A 135 -0.56 -14.84 -0.07
CA ASN A 135 -1.31 -14.42 1.11
C ASN A 135 -0.59 -14.83 2.39
N GLY A 136 -0.09 -13.85 3.12
CA GLY A 136 0.63 -14.12 4.37
C GLY A 136 2.11 -13.77 4.23
N HIS A 137 2.41 -12.89 3.27
CA HIS A 137 3.79 -12.47 3.04
C HIS A 137 4.66 -13.64 2.58
N SER A 138 5.73 -13.33 1.86
CA SER A 138 6.64 -14.35 1.37
C SER A 138 5.96 -15.24 0.32
N PRO A 139 5.82 -14.75 -0.89
CA PRO A 139 5.18 -15.52 -1.99
C PRO A 139 5.85 -16.88 -2.20
N ASP A 140 5.11 -17.81 -2.79
CA ASP A 140 5.65 -19.14 -3.05
C ASP A 140 7.02 -19.05 -3.73
N HIS A 141 8.06 -19.41 -2.98
CA HIS A 141 9.42 -19.37 -3.52
C HIS A 141 9.85 -20.74 -4.02
N ALA A 142 8.88 -21.61 -4.27
CA ALA A 142 9.19 -22.96 -4.74
C ALA A 142 9.45 -22.94 -6.25
N ALA A 143 10.08 -24.00 -6.74
CA ALA A 143 10.39 -24.09 -8.17
C ALA A 143 9.15 -24.46 -8.96
N GLY A 144 9.06 -23.93 -10.18
CA GLY A 144 7.91 -24.21 -11.03
C GLY A 144 6.94 -23.04 -11.04
N ASP A 145 6.96 -22.25 -9.97
CA ASP A 145 6.07 -21.09 -9.86
C ASP A 145 6.34 -20.11 -10.99
N HIS A 146 7.57 -20.11 -11.49
CA HIS A 146 7.95 -19.21 -12.58
C HIS A 146 7.55 -19.80 -13.92
N HIS A 147 7.03 -18.96 -14.81
CA HIS A 147 6.61 -19.40 -16.13
C HIS A 147 7.36 -18.65 -17.22
N HIS A 148 7.54 -19.28 -18.36
CA HIS A 148 8.24 -18.66 -19.48
C HIS A 148 7.27 -18.29 -20.59
N GLY A 149 7.60 -17.24 -21.34
CA GLY A 149 6.74 -16.79 -22.43
C GLY A 149 5.70 -15.79 -21.93
N ASP A 150 4.75 -16.28 -21.14
CA ASP A 150 3.70 -15.43 -20.60
C ASP A 150 2.98 -14.69 -21.72
N HIS A 151 1.89 -15.29 -22.22
CA HIS A 151 1.12 -14.68 -23.30
C HIS A 151 -0.25 -14.24 -22.79
N HIS A 152 -0.26 -13.36 -21.80
CA HIS A 152 -1.51 -12.88 -21.24
C HIS A 152 -1.38 -11.42 -20.81
N HIS A 153 -0.97 -10.57 -21.75
CA HIS A 153 -0.81 -9.15 -21.47
C HIS A 153 -1.89 -8.34 -22.15
FE HEC B . 5.68 7.45 0.04
CHA HEC B . 5.56 5.06 2.44
CHB HEC B . 2.35 7.13 -0.44
CHC HEC B . 5.81 9.86 -2.30
CHD HEC B . 9.03 7.68 0.48
NA HEC B . 4.27 6.35 0.84
C1A HEC B . 4.38 5.40 1.83
C2A HEC B . 3.11 4.80 2.13
C3A HEC B . 2.20 5.38 1.31
C4A HEC B . 2.93 6.33 0.52
CMA HEC B . 0.74 5.08 1.25
CAA HEC B . 2.85 3.73 3.14
CBA HEC B . 2.51 4.30 4.52
CGA HEC B . 2.97 3.35 5.61
O1A HEC B . 3.49 3.81 6.61
O2A HEC B . 2.79 2.14 5.43
NB HEC B . 4.37 8.30 -1.12
C1B HEC B . 3.02 8.05 -1.20
C2B HEC B . 2.39 8.86 -2.20
C3B HEC B . 3.36 9.64 -2.73
C4B HEC B . 4.58 9.28 -2.05
CMB HEC B . 0.94 8.88 -2.56
CAB HEC B . 3.21 10.61 -3.84
CBB HEC B . 2.12 11.65 -3.56
NC HEC B . 7.10 8.54 -0.73
C1C HEC B . 6.99 9.52 -1.69
C2C HEC B . 8.27 10.13 -2.00
C3C HEC B . 9.20 9.46 -1.24
C4C HEC B . 8.46 8.51 -0.45
CMC HEC B . 8.50 11.28 -2.92
CAC HEC B . 10.71 9.52 -1.28
CBC HEC B . 11.33 10.82 -1.81
ND HEC B . 6.99 6.58 1.22
C1D HEC B . 8.36 6.79 1.26
C2D HEC B . 8.98 5.95 2.25
C3D HEC B . 8.01 5.21 2.80
C4D HEC B . 6.77 5.61 2.16
CMD HEC B . 10.44 5.90 2.58
CAD HEC B . 8.16 4.19 3.88
CBD HEC B . 8.11 4.80 5.28
CGD HEC B . 9.16 4.16 6.17
O1D HEC B . 9.24 2.93 6.17
O2D HEC B . 9.87 4.89 6.84
HHA HEC B . 5.51 4.29 3.22
HHB HEC B . 1.28 7.02 -0.60
HHC HEC B . 5.85 10.63 -3.06
HHD HEC B . 10.10 7.75 0.62
HMA1 HEC B . 0.48 4.36 2.01
HMA2 HEC B . 0.49 4.70 0.27
HMA3 HEC B . 0.19 6.00 1.43
HAA1 HEC B . 3.72 3.10 3.23
HAA2 HEC B . 2.02 3.13 2.80
HBA1 HEC B . 1.44 4.45 4.59
HBA2 HEC B . 3.00 5.25 4.64
HMB1 HEC B . 0.81 9.31 -3.53
HMB2 HEC B . 0.39 9.45 -1.83
HMB3 HEC B . 0.57 7.86 -2.57
HAB HEC B . 4.14 11.12 -4.00
HBB1 HEC B . 1.34 11.58 -4.30
HBB2 HEC B . 2.55 12.64 -3.59
HBB3 HEC B . 1.70 11.48 -2.58
HMC1 HEC B . 9.12 12.02 -2.44
HMC2 HEC B . 7.56 11.74 -3.18
HMC3 HEC B . 8.98 10.94 -3.82
HAC HEC B . 11.08 9.37 -0.28
HBC1 HEC B . 11.09 10.94 -2.86
HBC2 HEC B . 12.40 10.78 -1.70
HBC3 HEC B . 10.94 11.66 -1.25
HMD1 HEC B . 11.00 5.72 1.67
HMD2 HEC B . 10.62 5.09 3.27
HMD3 HEC B . 10.74 6.83 3.02
HAD1 HEC B . 9.11 3.69 3.75
HAD2 HEC B . 7.37 3.45 3.78
HBD1 HEC B . 7.12 4.63 5.71
HBD2 HEC B . 8.29 5.86 5.21
N MET A 1 1.46 -19.98 44.16
CA MET A 1 2.54 -18.97 43.97
C MET A 1 2.34 -17.83 44.97
N ASP A 2 3.43 -17.41 45.60
CA ASP A 2 3.36 -16.33 46.57
C ASP A 2 3.63 -14.98 45.90
N ILE A 3 2.69 -14.05 46.05
CA ILE A 3 2.83 -12.73 45.45
C ILE A 3 3.84 -11.90 46.23
N GLY A 4 4.60 -11.08 45.52
CA GLY A 4 5.61 -10.24 46.15
C GLY A 4 5.01 -8.88 46.54
N ILE A 5 4.09 -8.39 45.71
CA ILE A 5 3.46 -7.11 45.98
C ILE A 5 1.95 -7.19 45.75
N ASN A 6 1.21 -7.38 46.84
CA ASN A 6 -0.24 -7.48 46.74
C ASN A 6 -0.87 -6.11 46.47
N SER A 7 -1.67 -6.03 45.42
CA SER A 7 -2.32 -4.78 45.07
C SER A 7 -1.29 -3.70 44.75
N ASP A 8 -1.09 -3.44 43.46
CA ASP A 8 -0.11 -2.44 43.04
C ASP A 8 -0.80 -1.36 42.20
N PRO A 9 -0.14 -0.25 42.01
CA PRO A 9 -0.69 0.89 41.21
C PRO A 9 -0.61 0.62 39.71
N HIS A 10 -1.56 1.18 38.97
CA HIS A 10 -1.60 1.00 37.52
C HIS A 10 -2.10 2.27 36.83
N PRO A 11 -1.32 3.32 36.89
CA PRO A 11 -1.68 4.62 36.27
C PRO A 11 -1.56 4.58 34.74
N PRO A 12 -2.06 5.59 34.08
CA PRO A 12 -2.01 5.68 32.60
C PRO A 12 -0.61 5.42 32.04
N HIS A 13 -0.42 4.22 31.51
CA HIS A 13 0.87 3.84 30.95
C HIS A 13 0.71 2.75 29.90
N HIS A 14 1.55 2.80 28.86
CA HIS A 14 1.49 1.81 27.80
C HIS A 14 2.87 1.22 27.53
N HIS A 15 3.20 0.15 28.26
CA HIS A 15 4.49 -0.50 28.10
C HIS A 15 4.35 -1.77 27.26
N ASP A 16 5.29 -1.96 26.33
CA ASP A 16 5.26 -3.13 25.47
C ASP A 16 4.03 -3.10 24.55
N HIS A 17 4.07 -3.91 23.50
CA HIS A 17 2.95 -3.97 22.56
C HIS A 17 2.86 -5.35 21.92
N HIS A 18 1.64 -5.84 21.77
CA HIS A 18 1.44 -7.15 21.16
C HIS A 18 0.74 -7.03 19.82
N GLY A 19 -0.11 -6.02 19.68
CA GLY A 19 -0.84 -5.79 18.44
C GLY A 19 -0.22 -4.64 17.65
N HIS A 20 0.24 -4.94 16.44
CA HIS A 20 0.86 -3.93 15.59
C HIS A 20 -0.05 -3.61 14.40
N GLY A 21 -0.34 -4.63 13.60
CA GLY A 21 -1.20 -4.45 12.44
C GLY A 21 -0.49 -3.65 11.35
N SER A 22 -1.26 -2.93 10.54
CA SER A 22 -0.69 -2.13 9.46
C SER A 22 0.46 -1.27 9.99
N GLY A 23 0.21 -0.59 11.10
CA GLY A 23 1.23 0.27 11.69
C GLY A 23 0.88 1.74 11.51
N TRP A 24 0.22 2.06 10.40
CA TRP A 24 -0.18 3.44 10.13
C TRP A 24 -1.48 3.78 10.83
N GLU A 25 -1.54 4.98 11.40
CA GLU A 25 -2.74 5.42 12.10
C GLU A 25 -3.92 5.57 11.13
N VAL A 26 -4.88 4.65 11.23
CA VAL A 26 -6.05 4.69 10.36
C VAL A 26 -7.28 4.14 11.09
N PRO A 27 -8.17 4.98 11.57
CA PRO A 27 -9.39 4.50 12.28
C PRO A 27 -10.14 3.46 11.45
N GLU A 28 -10.48 2.33 12.07
CA GLU A 28 -11.20 1.27 11.39
C GLU A 28 -12.49 1.81 10.79
N ALA A 29 -13.00 2.88 11.38
CA ALA A 29 -14.24 3.47 10.92
C ALA A 29 -14.05 4.22 9.60
N GLU A 30 -12.84 4.70 9.32
CA GLU A 30 -12.60 5.42 8.07
C GLU A 30 -12.28 4.45 6.97
N ILE A 31 -11.78 3.31 7.37
CA ILE A 31 -11.36 2.27 6.49
C ILE A 31 -12.52 1.53 5.85
N HIS A 32 -13.58 1.41 6.61
CA HIS A 32 -14.75 0.67 6.16
C HIS A 32 -16.00 1.53 5.98
N ARG A 33 -15.88 2.87 5.96
CA ARG A 33 -17.11 3.64 5.87
C ARG A 33 -17.53 4.01 4.44
N GLU A 34 -16.70 4.75 3.71
CA GLU A 34 -17.07 5.10 2.34
C GLU A 34 -15.93 4.88 1.38
N ASN A 35 -16.23 4.20 0.30
CA ASN A 35 -15.24 4.02 -0.71
C ASN A 35 -15.90 3.80 -2.06
N PRO A 36 -16.03 4.82 -2.87
CA PRO A 36 -16.61 4.67 -4.20
C PRO A 36 -15.50 4.39 -5.19
N ILE A 37 -15.42 3.16 -5.64
CA ILE A 37 -14.38 2.78 -6.58
C ILE A 37 -14.97 2.12 -7.84
N PRO A 38 -14.74 2.69 -9.02
CA PRO A 38 -15.23 2.06 -10.27
C PRO A 38 -14.21 1.03 -10.76
N PRO A 39 -14.59 -0.21 -10.96
CA PRO A 39 -13.63 -1.25 -11.43
C PRO A 39 -13.42 -1.21 -12.94
N ASP A 40 -12.40 -0.47 -13.37
CA ASP A 40 -12.11 -0.34 -14.79
C ASP A 40 -10.60 -0.28 -15.02
N ALA A 41 -10.23 -0.36 -16.28
CA ALA A 41 -8.84 -0.29 -16.67
C ALA A 41 -8.33 1.12 -16.53
N ARG A 42 -9.24 2.07 -16.66
CA ARG A 42 -8.91 3.47 -16.56
C ARG A 42 -8.67 3.86 -15.13
N SER A 43 -9.36 3.20 -14.23
CA SER A 43 -9.21 3.45 -12.81
C SER A 43 -7.84 2.97 -12.42
N LEU A 44 -7.42 1.94 -13.11
CA LEU A 44 -6.15 1.30 -12.93
C LEU A 44 -5.04 2.08 -13.60
N ASP A 45 -5.28 2.44 -14.83
CA ASP A 45 -4.31 3.17 -15.62
C ASP A 45 -4.14 4.58 -15.10
N GLN A 46 -5.24 5.31 -15.04
CA GLN A 46 -5.15 6.66 -14.56
C GLN A 46 -4.77 6.67 -13.10
N GLY A 47 -5.32 5.71 -12.36
CA GLY A 47 -5.00 5.55 -10.95
C GLY A 47 -3.51 5.35 -10.79
N GLY A 48 -2.91 4.92 -11.88
CA GLY A 48 -1.48 4.65 -11.93
C GLY A 48 -0.60 5.87 -12.22
N VAL A 49 -1.15 6.88 -12.91
CA VAL A 49 -0.35 8.04 -13.30
C VAL A 49 -0.15 9.04 -12.18
N LEU A 50 -1.16 9.20 -11.35
CA LEU A 50 -1.12 10.15 -10.26
C LEU A 50 0.13 10.00 -9.40
N TYR A 51 0.31 8.79 -8.89
CA TYR A 51 1.41 8.44 -8.06
C TYR A 51 2.70 8.38 -8.86
N ALA A 52 2.58 8.10 -10.15
CA ALA A 52 3.74 7.98 -11.02
C ALA A 52 4.33 9.35 -11.34
N GLU A 53 3.55 10.38 -11.08
CA GLU A 53 3.98 11.72 -11.36
C GLU A 53 5.08 12.14 -10.41
N HIS A 54 4.90 11.80 -9.14
CA HIS A 54 5.86 12.21 -8.13
C HIS A 54 6.27 11.11 -7.17
N CYS A 55 5.35 10.19 -6.85
CA CYS A 55 5.64 9.13 -5.88
C CYS A 55 6.54 8.01 -6.44
N VAL A 56 6.48 7.74 -7.74
CA VAL A 56 7.30 6.66 -8.31
C VAL A 56 8.74 7.03 -8.40
N ARG A 57 9.00 8.30 -8.62
CA ARG A 57 10.35 8.77 -8.71
C ARG A 57 11.15 8.36 -7.48
N CYS A 58 10.45 7.92 -6.42
CA CYS A 58 11.14 7.49 -5.21
C CYS A 58 10.85 6.02 -4.92
N HIS A 59 9.59 5.59 -5.03
CA HIS A 59 9.33 4.17 -4.81
C HIS A 59 8.23 3.57 -5.69
N GLY A 60 8.63 3.20 -6.90
CA GLY A 60 7.74 2.50 -7.84
C GLY A 60 6.43 3.20 -8.11
N GLU A 61 5.80 2.85 -9.22
CA GLU A 61 4.54 3.45 -9.60
C GLU A 61 3.66 3.53 -8.37
N THR A 62 3.29 2.38 -7.82
CA THR A 62 2.51 2.41 -6.60
C THR A 62 2.87 1.27 -5.65
N LEU A 63 3.02 0.06 -6.19
CA LEU A 63 3.30 -1.10 -5.35
C LEU A 63 4.69 -1.68 -5.51
N ARG A 64 5.19 -1.64 -6.73
CA ARG A 64 6.47 -2.26 -7.03
C ARG A 64 7.58 -1.74 -6.16
N GLY A 65 7.57 -0.45 -5.94
CA GLY A 65 8.61 0.14 -5.13
C GLY A 65 9.97 -0.10 -5.78
N ASP A 66 10.00 -0.13 -7.10
CA ASP A 66 11.26 -0.37 -7.81
C ASP A 66 12.06 0.93 -7.99
N GLY A 67 11.37 2.05 -7.75
CA GLY A 67 11.94 3.41 -7.82
C GLY A 67 12.99 3.62 -8.94
N PRO A 68 12.76 4.51 -9.88
CA PRO A 68 13.73 4.80 -10.96
C PRO A 68 14.76 5.85 -10.53
N ASP A 69 14.34 6.88 -9.78
CA ASP A 69 15.27 7.92 -9.37
C ASP A 69 15.47 7.92 -7.85
N ALA A 70 15.28 6.75 -7.23
CA ALA A 70 15.45 6.64 -5.79
C ALA A 70 16.91 6.38 -5.40
N HIS A 71 17.75 6.09 -6.40
CA HIS A 71 19.15 5.79 -6.13
C HIS A 71 19.81 6.92 -5.33
N ASP A 72 19.56 8.16 -5.73
CA ASP A 72 20.13 9.30 -5.03
C ASP A 72 19.37 9.54 -3.73
N LEU A 73 18.09 9.19 -3.76
CA LEU A 73 17.20 9.32 -2.62
C LEU A 73 17.54 8.29 -1.56
N ASP A 74 16.86 8.45 -0.43
CA ASP A 74 17.03 7.58 0.74
C ASP A 74 17.24 6.11 0.33
N PRO A 75 17.83 5.31 1.18
CA PRO A 75 18.10 3.86 0.90
C PRO A 75 16.92 3.16 0.23
N PRO A 76 17.12 1.97 -0.28
CA PRO A 76 16.07 1.20 -0.99
C PRO A 76 14.72 1.28 -0.31
N VAL A 77 13.69 1.32 -1.14
CA VAL A 77 12.32 1.43 -0.69
C VAL A 77 11.66 0.06 -0.58
N ALA A 78 10.56 -0.01 0.19
CA ALA A 78 9.84 -1.27 0.38
C ALA A 78 8.88 -1.57 -0.76
N ASP A 79 8.39 -2.80 -0.78
CA ASP A 79 7.45 -3.26 -1.79
C ASP A 79 6.03 -3.20 -1.22
N LEU A 80 5.24 -2.30 -1.77
CA LEU A 80 3.87 -2.12 -1.28
C LEU A 80 2.93 -3.21 -1.79
N VAL A 81 3.31 -3.91 -2.85
CA VAL A 81 2.46 -4.97 -3.40
C VAL A 81 2.27 -6.08 -2.38
N GLU A 82 3.27 -6.26 -1.54
CA GLU A 82 3.24 -7.29 -0.52
C GLU A 82 2.39 -6.84 0.68
N HIS A 83 2.43 -5.55 0.97
CA HIS A 83 1.69 -5.01 2.09
C HIS A 83 0.30 -4.50 1.67
N ALA A 84 0.10 -4.40 0.37
CA ALA A 84 -1.17 -3.92 -0.16
C ALA A 84 -2.33 -4.80 0.30
N PRO A 85 -2.29 -6.09 0.09
CA PRO A 85 -3.40 -6.97 0.55
C PRO A 85 -3.62 -6.83 2.06
N HIS A 86 -2.63 -6.27 2.75
CA HIS A 86 -2.72 -6.06 4.19
C HIS A 86 -3.45 -4.74 4.48
N HIS A 87 -3.47 -3.85 3.50
CA HIS A 87 -4.12 -2.55 3.65
C HIS A 87 -5.51 -2.57 3.02
N SER A 88 -6.45 -1.92 3.69
CA SER A 88 -7.84 -1.88 3.22
C SER A 88 -8.07 -0.70 2.25
N ASP A 89 -9.27 -0.65 1.66
CA ASP A 89 -9.62 0.40 0.71
C ASP A 89 -9.77 1.76 1.40
N GLY A 90 -10.59 1.84 2.44
CA GLY A 90 -10.79 3.10 3.15
C GLY A 90 -9.46 3.61 3.70
N ASP A 91 -8.61 2.67 4.09
CA ASP A 91 -7.29 3.01 4.65
C ASP A 91 -6.42 3.68 3.58
N LEU A 92 -6.31 3.05 2.43
CA LEU A 92 -5.50 3.60 1.35
C LEU A 92 -6.05 4.94 0.91
N ALA A 93 -7.38 5.05 0.91
CA ALA A 93 -8.06 6.26 0.54
C ALA A 93 -7.90 7.31 1.61
N TYR A 94 -7.80 6.84 2.85
CA TYR A 94 -7.65 7.72 3.99
C TYR A 94 -6.29 8.41 3.96
N ARG A 95 -5.27 7.66 3.55
CA ARG A 95 -3.91 8.18 3.49
C ARG A 95 -3.73 9.12 2.30
N VAL A 96 -4.43 8.83 1.21
CA VAL A 96 -4.33 9.66 0.01
C VAL A 96 -5.00 11.00 0.22
N ARG A 97 -6.08 10.96 0.97
CA ARG A 97 -6.88 12.15 1.19
C ARG A 97 -6.43 12.98 2.42
N ILE A 98 -6.19 12.32 3.54
CA ILE A 98 -5.80 13.04 4.75
C ILE A 98 -4.28 13.09 4.91
N GLY A 99 -3.62 11.98 4.63
CA GLY A 99 -2.17 11.91 4.75
C GLY A 99 -1.69 12.54 6.04
N ARG A 100 -0.38 12.76 6.12
CA ARG A 100 0.21 13.37 7.31
C ARG A 100 1.00 14.63 6.93
N GLY A 101 1.65 14.59 5.77
CA GLY A 101 2.43 15.74 5.32
C GLY A 101 3.61 15.31 4.44
N PRO A 102 4.53 14.57 4.99
CA PRO A 102 5.74 14.08 4.30
C PRO A 102 5.51 13.71 2.83
N MET A 103 4.49 12.90 2.58
CA MET A 103 4.18 12.51 1.20
C MET A 103 2.66 12.43 0.97
N PRO A 104 1.94 11.54 1.64
CA PRO A 104 0.47 11.45 1.46
C PRO A 104 -0.24 12.74 1.81
N GLY A 105 -1.52 12.81 1.48
CA GLY A 105 -2.28 14.00 1.75
C GLY A 105 -2.62 14.71 0.45
N PHE A 106 -2.71 13.92 -0.62
CA PHE A 106 -3.01 14.45 -1.94
C PHE A 106 -4.53 14.57 -2.16
N GLY A 107 -5.27 14.77 -1.07
CA GLY A 107 -6.71 14.94 -1.20
C GLY A 107 -7.01 16.27 -1.88
N ASP A 108 -6.11 17.23 -1.69
CA ASP A 108 -6.25 18.55 -2.29
C ASP A 108 -5.51 18.59 -3.62
N ALA A 109 -4.48 17.75 -3.72
CA ALA A 109 -3.70 17.66 -4.95
C ALA A 109 -4.44 16.84 -5.99
N LEU A 110 -5.25 15.92 -5.49
CA LEU A 110 -6.02 15.05 -6.36
C LEU A 110 -7.48 15.14 -6.00
N ASP A 111 -8.31 14.59 -6.84
CA ASP A 111 -9.72 14.58 -6.58
C ASP A 111 -10.12 13.23 -6.03
N GLU A 112 -11.36 13.10 -5.60
CA GLU A 112 -11.82 11.86 -5.06
C GLU A 112 -11.74 10.78 -6.12
N ARG A 113 -12.15 11.13 -7.32
CA ARG A 113 -12.11 10.20 -8.43
C ARG A 113 -10.70 9.68 -8.63
N ASP A 114 -9.75 10.53 -8.31
CA ASP A 114 -8.34 10.19 -8.42
C ASP A 114 -7.94 9.34 -7.24
N ILE A 115 -8.64 9.56 -6.15
CA ILE A 115 -8.38 8.83 -4.93
C ILE A 115 -8.88 7.39 -5.06
N TRP A 116 -10.01 7.22 -5.76
CA TRP A 116 -10.56 5.90 -5.96
C TRP A 116 -9.75 5.20 -7.04
N ASP A 117 -9.24 5.98 -8.00
CA ASP A 117 -8.41 5.39 -9.03
C ASP A 117 -7.08 5.00 -8.41
N LEU A 118 -6.58 5.87 -7.53
CA LEU A 118 -5.34 5.60 -6.80
C LEU A 118 -5.52 4.31 -6.00
N VAL A 119 -6.74 4.12 -5.50
CA VAL A 119 -7.10 2.96 -4.71
C VAL A 119 -7.31 1.75 -5.59
N ASN A 120 -7.81 2.00 -6.79
CA ASN A 120 -8.09 0.94 -7.74
C ASN A 120 -6.82 0.33 -8.33
N PHE A 121 -5.94 1.16 -8.83
CA PHE A 121 -4.70 0.68 -9.44
C PHE A 121 -3.89 -0.12 -8.42
N MET A 122 -3.91 0.32 -7.16
CA MET A 122 -3.17 -0.36 -6.10
C MET A 122 -3.87 -1.65 -5.70
N ARG A 123 -5.18 -1.59 -5.66
CA ARG A 123 -6.00 -2.70 -5.28
C ARG A 123 -6.01 -3.78 -6.35
N ASP A 124 -5.90 -3.33 -7.60
CA ASP A 124 -5.91 -4.25 -8.73
C ASP A 124 -4.57 -4.92 -8.85
N ARG A 125 -3.55 -4.10 -8.86
CA ARG A 125 -2.20 -4.54 -8.97
C ARG A 125 -1.85 -5.50 -7.84
N ALA A 126 -2.16 -5.10 -6.63
CA ALA A 126 -1.89 -5.92 -5.46
C ALA A 126 -2.56 -7.27 -5.59
N GLN A 127 -3.76 -7.27 -6.14
CA GLN A 127 -4.51 -8.51 -6.34
C GLN A 127 -3.92 -9.33 -7.48
N GLY A 128 -3.31 -8.64 -8.43
CA GLY A 128 -2.71 -9.32 -9.58
C GLY A 128 -1.51 -10.17 -9.15
N ALA A 129 -0.77 -9.67 -8.17
CA ALA A 129 0.39 -10.38 -7.65
C ALA A 129 -0.04 -11.49 -6.72
N ALA A 130 -1.21 -11.30 -6.11
CA ALA A 130 -1.78 -12.27 -5.20
C ALA A 130 -2.45 -13.37 -6.00
N LEU A 131 -2.96 -12.97 -7.15
CA LEU A 131 -3.63 -13.88 -8.05
C LEU A 131 -2.71 -15.05 -8.40
N ALA A 132 -1.43 -14.74 -8.56
CA ALA A 132 -0.44 -15.77 -8.90
C ALA A 132 -0.39 -16.85 -7.82
N GLY A 133 -0.92 -16.54 -6.64
CA GLY A 133 -0.92 -17.50 -5.55
C GLY A 133 0.30 -17.30 -4.64
N THR A 134 0.50 -16.06 -4.22
CA THR A 134 1.63 -15.72 -3.36
C THR A 134 1.17 -15.02 -2.09
N ASN A 135 -0.13 -14.76 -1.97
CA ASN A 135 -0.66 -14.08 -0.79
C ASN A 135 -0.09 -14.67 0.49
N GLY A 136 0.52 -13.81 1.30
CA GLY A 136 1.12 -14.25 2.56
C GLY A 136 2.63 -14.11 2.52
N HIS A 137 3.20 -14.04 1.32
CA HIS A 137 4.64 -13.90 1.16
C HIS A 137 4.99 -13.53 -0.27
N SER A 138 6.28 -13.44 -0.56
CA SER A 138 6.73 -13.10 -1.92
C SER A 138 6.45 -14.26 -2.86
N PRO A 139 6.31 -14.00 -4.15
CA PRO A 139 6.05 -15.06 -5.16
C PRO A 139 7.33 -15.73 -5.63
N ASP A 140 7.20 -16.95 -6.14
CA ASP A 140 8.35 -17.69 -6.63
C ASP A 140 8.95 -17.02 -7.86
N HIS A 141 10.14 -16.46 -7.70
CA HIS A 141 10.81 -15.78 -8.81
C HIS A 141 11.82 -16.69 -9.48
N ALA A 142 11.67 -18.00 -9.28
CA ALA A 142 12.57 -18.97 -9.87
C ALA A 142 12.40 -19.00 -11.40
N ALA A 143 13.50 -19.26 -12.10
CA ALA A 143 13.46 -19.31 -13.55
C ALA A 143 12.69 -20.53 -14.04
N GLY A 144 11.78 -20.32 -14.97
CA GLY A 144 10.98 -21.42 -15.51
C GLY A 144 9.59 -21.44 -14.87
N ASP A 145 9.49 -20.89 -13.66
CA ASP A 145 8.21 -20.86 -12.96
C ASP A 145 7.39 -19.65 -13.40
N HIS A 146 8.08 -18.59 -13.81
CA HIS A 146 7.40 -17.38 -14.26
C HIS A 146 6.48 -17.68 -15.44
N HIS A 147 5.29 -17.09 -15.43
CA HIS A 147 4.34 -17.30 -16.52
C HIS A 147 4.96 -16.94 -17.86
N HIS A 148 4.86 -17.85 -18.81
CA HIS A 148 5.41 -17.61 -20.15
C HIS A 148 4.31 -17.60 -21.20
N GLY A 149 4.63 -17.10 -22.39
CA GLY A 149 3.66 -17.04 -23.47
C GLY A 149 3.88 -18.16 -24.48
N ASP A 150 5.08 -18.74 -24.47
CA ASP A 150 5.41 -19.82 -25.40
C ASP A 150 5.42 -19.31 -26.84
N HIS A 151 6.15 -18.22 -27.07
CA HIS A 151 6.24 -17.65 -28.40
C HIS A 151 7.24 -16.50 -28.42
N HIS A 152 8.44 -16.77 -28.92
CA HIS A 152 9.48 -15.75 -28.98
C HIS A 152 9.80 -15.22 -27.59
N HIS A 153 10.44 -16.04 -26.77
CA HIS A 153 10.80 -15.64 -25.42
C HIS A 153 9.57 -15.10 -24.68
FE HEC B . 6.36 7.46 -0.02
CHA HEC B . 6.40 4.93 2.24
CHB HEC B . 2.99 7.22 -0.21
CHC HEC B . 6.32 9.92 -2.33
CHD HEC B . 9.73 7.66 0.16
NA HEC B . 5.00 6.33 0.83
C1A HEC B . 5.18 5.32 1.76
C2A HEC B . 3.93 4.73 2.15
C3A HEC B . 2.96 5.39 1.46
C4A HEC B . 3.63 6.37 0.64
CMA HEC B . 1.50 5.14 1.53
CAA HEC B . 3.74 3.62 3.11
CBA HEC B . 4.06 4.02 4.56
CGA HEC B . 5.06 3.04 5.16
O1A HEC B . 4.72 1.87 5.24
O2A HEC B . 6.14 3.46 5.54
NB HEC B . 4.97 8.37 -1.04
C1B HEC B . 3.60 8.15 -1.01
C2B HEC B . 2.90 8.98 -1.93
C3B HEC B . 3.84 9.73 -2.57
C4B HEC B . 5.11 9.36 -1.99
CMB HEC B . 1.43 9.03 -2.17
CAB HEC B . 3.59 10.71 -3.66
CBB HEC B . 2.52 11.75 -3.31
NC HEC B . 7.72 8.58 -0.86
C1C HEC B . 7.55 9.57 -1.80
C2C HEC B . 8.81 10.17 -2.19
C3C HEC B . 9.78 9.48 -1.50
C4C HEC B . 9.09 8.53 -0.68
CMC HEC B . 8.98 11.32 -3.12
CAC HEC B . 11.29 9.54 -1.61
CBC HEC B . 11.87 10.82 -2.24
ND HEC B . 7.75 6.51 0.98
C1D HEC B . 9.11 6.71 0.93
C2D HEC B . 9.82 5.81 1.80
C3D HEC B . 8.88 5.03 2.40
C4D HEC B . 7.60 5.47 1.88
CMD HEC B . 11.29 5.74 2.02
CAD HEC B . 9.11 3.93 3.37
CBD HEC B . 9.00 4.41 4.83
CGD HEC B . 10.23 5.24 5.19
O1D HEC B . 11.28 4.66 5.39
O2D HEC B . 10.09 6.45 5.28
HHA HEC B . 6.42 4.11 2.97
HHB HEC B . 1.90 7.14 -0.27
HHC HEC B . 6.31 10.71 -3.08
HHD HEC B . 10.81 7.72 0.22
HMA1 HEC B . 1.04 5.43 0.60
HMA2 HEC B . 1.08 5.71 2.34
HMA3 HEC B . 1.32 4.08 1.70
HAA1 HEC B . 4.38 2.79 2.82
HAA2 HEC B . 2.70 3.29 3.08
HBA1 HEC B . 3.16 4.03 5.14
HBA2 HEC B . 4.50 5.01 4.55
HMB1 HEC B . 1.23 9.51 -3.11
HMB2 HEC B . 0.95 9.59 -1.37
HMB3 HEC B . 1.04 8.03 -2.18
HAB HEC B . 4.51 11.23 -3.89
HBB1 HEC B . 1.60 11.52 -3.84
HBB2 HEC B . 2.86 12.74 -3.58
HBB3 HEC B . 2.33 11.72 -2.24
HMC1 HEC B . 9.64 12.06 -2.67
HMC2 HEC B . 8.03 11.79 -3.32
HMC3 HEC B . 9.40 10.98 -4.05
HAC HEC B . 11.70 9.43 -0.62
HBC1 HEC B . 11.56 10.91 -3.26
HBC2 HEC B . 12.95 10.78 -2.19
HBC3 HEC B . 11.53 11.68 -1.69
HMD1 HEC B . 11.66 6.72 2.29
HMD2 HEC B . 11.76 5.41 1.11
HMD3 HEC B . 11.51 5.04 2.81
HAD1 HEC B . 10.10 3.52 3.21
HAD2 HEC B . 8.38 3.16 3.21
HBD1 HEC B . 8.95 3.56 5.48
HBD2 HEC B . 8.11 5.02 4.94
N MET A 1 -8.89 -3.39 58.30
CA MET A 1 -7.99 -2.21 58.47
C MET A 1 -8.02 -1.37 57.20
N ASP A 2 -7.22 -0.31 57.19
CA ASP A 2 -7.15 0.57 56.03
C ASP A 2 -6.02 0.16 55.10
N ILE A 3 -6.35 -0.19 53.87
CA ILE A 3 -5.35 -0.60 52.89
C ILE A 3 -4.76 0.61 52.20
N GLY A 4 -3.43 0.63 52.05
CA GLY A 4 -2.76 1.74 51.40
C GLY A 4 -2.64 1.50 49.90
N ILE A 5 -2.46 0.23 49.52
CA ILE A 5 -2.34 -0.13 48.11
C ILE A 5 -3.13 -1.39 47.81
N ASN A 6 -4.31 -1.22 47.22
CA ASN A 6 -5.16 -2.36 46.88
C ASN A 6 -4.36 -3.39 46.09
N SER A 7 -4.73 -4.66 46.26
CA SER A 7 -4.05 -5.75 45.55
C SER A 7 -4.99 -6.40 44.54
N ASP A 8 -5.94 -5.62 44.04
CA ASP A 8 -6.90 -6.14 43.06
C ASP A 8 -7.47 -5.00 42.22
N PRO A 9 -6.66 -4.41 41.39
CA PRO A 9 -7.08 -3.28 40.51
C PRO A 9 -8.39 -3.60 39.77
N HIS A 10 -9.39 -2.74 39.96
CA HIS A 10 -10.68 -2.93 39.31
C HIS A 10 -10.52 -3.07 37.80
N PRO A 11 -9.92 -2.12 37.12
CA PRO A 11 -9.73 -2.18 35.65
C PRO A 11 -8.61 -3.14 35.26
N PRO A 12 -8.53 -3.49 34.00
CA PRO A 12 -7.48 -4.42 33.48
C PRO A 12 -6.09 -3.79 33.53
N HIS A 13 -6.04 -2.47 33.61
CA HIS A 13 -4.76 -1.76 33.66
C HIS A 13 -3.98 -1.98 32.37
N HIS A 14 -2.87 -1.26 32.23
CA HIS A 14 -2.04 -1.39 31.04
C HIS A 14 -2.85 -1.07 29.79
N HIS A 15 -2.81 0.19 29.36
CA HIS A 15 -3.55 0.60 28.17
C HIS A 15 -2.66 0.53 26.94
N ASP A 16 -2.60 -0.65 26.33
CA ASP A 16 -1.78 -0.84 25.13
C ASP A 16 -2.64 -1.28 23.96
N HIS A 17 -2.53 -0.56 22.85
CA HIS A 17 -3.31 -0.88 21.65
C HIS A 17 -2.46 -1.69 20.66
N HIS A 18 -2.46 -3.01 20.83
CA HIS A 18 -1.69 -3.88 19.95
C HIS A 18 -2.00 -3.57 18.49
N GLY A 19 -0.97 -3.19 17.74
CA GLY A 19 -1.14 -2.86 16.33
C GLY A 19 -0.25 -3.73 15.45
N HIS A 20 -0.64 -4.99 15.30
CA HIS A 20 0.13 -5.92 14.47
C HIS A 20 -0.52 -6.11 13.11
N GLY A 21 -0.47 -5.07 12.30
CA GLY A 21 -1.05 -5.12 10.96
C GLY A 21 -0.52 -3.99 10.07
N SER A 22 -1.35 -2.97 9.86
CA SER A 22 -0.96 -1.84 9.04
C SER A 22 0.22 -1.10 9.67
N GLY A 23 -0.03 -0.50 10.83
CA GLY A 23 1.01 0.24 11.52
C GLY A 23 0.75 1.74 11.47
N TRP A 24 0.19 2.20 10.36
CA TRP A 24 -0.11 3.62 10.20
C TRP A 24 -1.39 3.98 10.95
N GLU A 25 -1.40 5.18 11.53
CA GLU A 25 -2.57 5.63 12.28
C GLU A 25 -3.77 5.83 11.36
N VAL A 26 -4.70 4.90 11.41
CA VAL A 26 -5.89 4.97 10.57
C VAL A 26 -7.07 4.30 11.29
N PRO A 27 -7.98 5.04 11.87
CA PRO A 27 -9.15 4.44 12.58
C PRO A 27 -9.86 3.41 11.70
N GLU A 28 -10.12 2.23 12.27
CA GLU A 28 -10.80 1.17 11.53
C GLU A 28 -12.10 1.69 10.94
N ALA A 29 -12.64 2.73 11.56
CA ALA A 29 -13.88 3.29 11.10
C ALA A 29 -13.74 4.04 9.79
N GLU A 30 -12.55 4.59 9.50
CA GLU A 30 -12.36 5.31 8.24
C GLU A 30 -12.01 4.35 7.14
N ILE A 31 -11.46 3.23 7.55
CA ILE A 31 -11.01 2.21 6.67
C ILE A 31 -12.16 1.45 6.03
N HIS A 32 -13.21 1.28 6.80
CA HIS A 32 -14.35 0.51 6.36
C HIS A 32 -15.62 1.34 6.20
N ARG A 33 -15.56 2.68 6.21
CA ARG A 33 -16.82 3.41 6.13
C ARG A 33 -17.21 3.84 4.72
N GLU A 34 -16.38 4.62 4.03
CA GLU A 34 -16.73 5.02 2.68
C GLU A 34 -15.56 4.84 1.74
N ASN A 35 -15.80 4.12 0.67
CA ASN A 35 -14.79 3.97 -0.31
C ASN A 35 -15.44 3.67 -1.65
N PRO A 36 -15.62 4.64 -2.50
CA PRO A 36 -16.21 4.42 -3.82
C PRO A 36 -15.11 4.11 -4.81
N ILE A 37 -15.02 2.88 -5.24
CA ILE A 37 -13.98 2.49 -6.19
C ILE A 37 -14.59 1.79 -7.42
N PRO A 38 -14.50 2.39 -8.60
CA PRO A 38 -15.00 1.72 -9.83
C PRO A 38 -13.93 0.77 -10.36
N PRO A 39 -14.20 -0.51 -10.51
CA PRO A 39 -13.18 -1.47 -11.01
C PRO A 39 -13.07 -1.46 -12.53
N ASP A 40 -12.23 -0.58 -13.04
CA ASP A 40 -12.04 -0.48 -14.48
C ASP A 40 -10.56 -0.33 -14.82
N ALA A 41 -10.26 -0.45 -16.10
CA ALA A 41 -8.90 -0.33 -16.57
C ALA A 41 -8.48 1.12 -16.55
N ARG A 42 -9.46 2.01 -16.67
CA ARG A 42 -9.22 3.44 -16.67
C ARG A 42 -8.88 3.94 -15.29
N SER A 43 -9.44 3.27 -14.30
CA SER A 43 -9.17 3.63 -12.92
C SER A 43 -7.73 3.26 -12.63
N LEU A 44 -7.32 2.20 -13.30
CA LEU A 44 -5.99 1.65 -13.20
C LEU A 44 -4.99 2.44 -14.02
N ASP A 45 -5.41 2.76 -15.24
CA ASP A 45 -4.57 3.50 -16.17
C ASP A 45 -4.45 4.95 -15.77
N GLN A 46 -5.58 5.62 -15.60
CA GLN A 46 -5.55 6.99 -15.22
C GLN A 46 -5.01 7.08 -13.82
N GLY A 47 -5.37 6.10 -13.02
CA GLY A 47 -4.87 6.06 -11.69
C GLY A 47 -3.41 5.71 -11.74
N GLY A 48 -3.06 5.10 -12.86
CA GLY A 48 -1.71 4.70 -13.13
C GLY A 48 -0.80 5.92 -13.25
N VAL A 49 -1.39 7.05 -13.62
CA VAL A 49 -0.63 8.28 -13.79
C VAL A 49 -0.47 9.05 -12.49
N LEU A 50 -1.43 8.89 -11.60
CA LEU A 50 -1.45 9.62 -10.33
C LEU A 50 -0.14 9.56 -9.55
N TYR A 51 0.24 8.36 -9.18
CA TYR A 51 1.42 8.13 -8.38
C TYR A 51 2.71 8.27 -9.14
N ALA A 52 2.62 7.99 -10.40
CA ALA A 52 3.78 7.98 -11.24
C ALA A 52 4.35 9.37 -11.43
N GLU A 53 3.55 10.36 -11.08
CA GLU A 53 3.92 11.72 -11.19
C GLU A 53 4.93 12.11 -10.15
N HIS A 54 4.67 11.70 -8.92
CA HIS A 54 5.53 12.09 -7.81
C HIS A 54 5.90 10.94 -6.85
N CYS A 55 5.05 9.94 -6.75
CA CYS A 55 5.30 8.83 -5.82
C CYS A 55 6.29 7.77 -6.34
N VAL A 56 6.39 7.62 -7.66
CA VAL A 56 7.30 6.61 -8.23
C VAL A 56 8.71 7.10 -8.23
N ARG A 57 8.84 8.40 -8.35
CA ARG A 57 10.13 9.02 -8.34
C ARG A 57 10.90 8.67 -7.07
N CYS A 58 10.22 8.08 -6.08
CA CYS A 58 10.89 7.72 -4.84
C CYS A 58 10.74 6.24 -4.51
N HIS A 59 9.54 5.68 -4.66
CA HIS A 59 9.41 4.24 -4.38
C HIS A 59 8.44 3.50 -5.28
N GLY A 60 8.90 3.16 -6.49
CA GLY A 60 8.11 2.36 -7.41
C GLY A 60 6.81 2.99 -7.78
N GLU A 61 6.29 2.58 -8.93
CA GLU A 61 5.04 3.12 -9.40
C GLU A 61 4.07 3.13 -8.24
N THR A 62 3.67 1.96 -7.76
CA THR A 62 2.82 1.93 -6.60
C THR A 62 3.13 0.78 -5.66
N LEU A 63 3.34 -0.41 -6.23
CA LEU A 63 3.57 -1.59 -5.42
C LEU A 63 4.98 -2.15 -5.46
N ARG A 64 5.59 -2.06 -6.63
CA ARG A 64 6.91 -2.65 -6.83
C ARG A 64 7.95 -2.02 -5.93
N GLY A 65 7.87 -0.72 -5.78
CA GLY A 65 8.83 -0.03 -4.95
C GLY A 65 10.24 -0.21 -5.51
N ASP A 66 10.35 -0.16 -6.84
CA ASP A 66 11.65 -0.33 -7.47
C ASP A 66 12.40 1.00 -7.54
N GLY A 67 11.68 2.09 -7.30
CA GLY A 67 12.23 3.47 -7.28
C GLY A 67 13.32 3.74 -8.34
N PRO A 68 13.08 4.61 -9.30
CA PRO A 68 14.10 4.95 -10.32
C PRO A 68 15.03 6.08 -9.86
N ASP A 69 14.47 7.07 -9.13
CA ASP A 69 15.29 8.18 -8.66
C ASP A 69 15.46 8.14 -7.15
N ALA A 70 15.28 6.97 -6.56
CA ALA A 70 15.42 6.83 -5.12
C ALA A 70 16.86 6.58 -4.70
N HIS A 71 17.73 6.31 -5.67
CA HIS A 71 19.12 6.03 -5.34
C HIS A 71 19.73 7.17 -4.55
N ASP A 72 19.17 8.37 -4.71
CA ASP A 72 19.66 9.54 -3.97
C ASP A 72 18.76 9.83 -2.77
N LEU A 73 17.50 9.42 -2.90
CA LEU A 73 16.52 9.61 -1.85
C LEU A 73 16.77 8.68 -0.67
N ASP A 74 15.98 8.90 0.36
CA ASP A 74 16.06 8.14 1.62
C ASP A 74 16.38 6.65 1.37
N PRO A 75 16.83 5.97 2.41
CA PRO A 75 17.20 4.51 2.35
C PRO A 75 16.21 3.68 1.52
N PRO A 76 16.58 2.46 1.21
CA PRO A 76 15.74 1.55 0.38
C PRO A 76 14.26 1.61 0.74
N VAL A 77 13.44 1.48 -0.28
CA VAL A 77 12.00 1.54 -0.15
C VAL A 77 11.41 0.14 -0.02
N ALA A 78 10.18 0.05 0.48
CA ALA A 78 9.52 -1.24 0.67
C ALA A 78 8.69 -1.66 -0.54
N ASP A 79 8.28 -2.93 -0.52
CA ASP A 79 7.47 -3.50 -1.57
C ASP A 79 6.01 -3.50 -1.13
N LEU A 80 5.22 -2.63 -1.74
CA LEU A 80 3.81 -2.50 -1.36
C LEU A 80 2.95 -3.63 -1.91
N VAL A 81 3.41 -4.32 -2.94
CA VAL A 81 2.60 -5.42 -3.49
C VAL A 81 2.40 -6.49 -2.43
N GLU A 82 3.41 -6.64 -1.58
CA GLU A 82 3.38 -7.60 -0.51
C GLU A 82 2.59 -7.09 0.70
N HIS A 83 2.68 -5.77 0.92
CA HIS A 83 2.02 -5.14 2.05
C HIS A 83 0.62 -4.63 1.70
N ALA A 84 0.27 -4.70 0.43
CA ALA A 84 -1.04 -4.23 -0.02
C ALA A 84 -2.15 -5.04 0.65
N PRO A 85 -2.13 -6.36 0.56
CA PRO A 85 -3.15 -7.21 1.21
C PRO A 85 -3.30 -6.87 2.70
N HIS A 86 -2.29 -6.20 3.26
CA HIS A 86 -2.32 -5.83 4.67
C HIS A 86 -3.04 -4.49 4.85
N HIS A 87 -3.03 -3.67 3.81
CA HIS A 87 -3.68 -2.37 3.86
C HIS A 87 -5.05 -2.41 3.21
N SER A 88 -6.03 -1.82 3.87
CA SER A 88 -7.41 -1.79 3.35
C SER A 88 -7.62 -0.58 2.45
N ASP A 89 -8.79 -0.54 1.79
CA ASP A 89 -9.11 0.55 0.86
C ASP A 89 -9.36 1.87 1.59
N GLY A 90 -10.25 1.88 2.59
CA GLY A 90 -10.55 3.11 3.32
C GLY A 90 -9.28 3.77 3.83
N ASP A 91 -8.31 2.94 4.23
CA ASP A 91 -7.05 3.45 4.74
C ASP A 91 -6.26 4.15 3.65
N LEU A 92 -6.10 3.48 2.52
CA LEU A 92 -5.36 4.04 1.39
C LEU A 92 -6.04 5.31 0.89
N ALA A 93 -7.36 5.29 0.94
CA ALA A 93 -8.16 6.42 0.50
C ALA A 93 -8.15 7.52 1.55
N TYR A 94 -7.96 7.12 2.80
CA TYR A 94 -7.95 8.05 3.93
C TYR A 94 -6.63 8.77 4.03
N ARG A 95 -5.59 8.03 3.79
CA ARG A 95 -4.25 8.53 3.88
C ARG A 95 -3.89 9.43 2.69
N VAL A 96 -4.44 9.13 1.53
CA VAL A 96 -4.15 9.92 0.34
C VAL A 96 -4.90 11.24 0.40
N ARG A 97 -6.07 11.21 1.02
CA ARG A 97 -6.89 12.39 1.10
C ARG A 97 -6.54 13.28 2.29
N ILE A 98 -6.40 12.70 3.47
CA ILE A 98 -6.09 13.50 4.66
C ILE A 98 -4.59 13.53 4.92
N GLY A 99 -3.92 12.41 4.64
CA GLY A 99 -2.48 12.32 4.83
C GLY A 99 -2.04 12.98 6.14
N ARG A 100 -0.76 13.32 6.22
CA ARG A 100 -0.23 13.97 7.40
C ARG A 100 0.38 15.32 7.03
N GLY A 101 0.87 15.40 5.79
CA GLY A 101 1.47 16.64 5.31
C GLY A 101 2.77 16.37 4.55
N PRO A 102 3.75 15.85 5.22
CA PRO A 102 5.08 15.54 4.63
C PRO A 102 4.99 14.87 3.27
N MET A 103 4.46 13.65 3.23
CA MET A 103 4.34 12.91 1.98
C MET A 103 2.88 12.76 1.53
N PRO A 104 2.01 12.16 2.32
CA PRO A 104 0.58 11.99 1.95
C PRO A 104 -0.23 13.24 2.16
N GLY A 105 -1.46 13.23 1.67
CA GLY A 105 -2.31 14.39 1.83
C GLY A 105 -2.65 15.04 0.50
N PHE A 106 -2.68 14.23 -0.56
CA PHE A 106 -2.99 14.73 -1.89
C PHE A 106 -4.49 14.83 -2.13
N GLY A 107 -5.26 15.03 -1.07
CA GLY A 107 -6.69 15.16 -1.22
C GLY A 107 -7.00 16.46 -1.95
N ASP A 108 -6.11 17.43 -1.80
CA ASP A 108 -6.27 18.72 -2.45
C ASP A 108 -5.52 18.72 -3.79
N ALA A 109 -4.50 17.87 -3.88
CA ALA A 109 -3.71 17.75 -5.10
C ALA A 109 -4.47 16.92 -6.11
N LEU A 110 -5.26 15.98 -5.60
CA LEU A 110 -6.05 15.11 -6.45
C LEU A 110 -7.50 15.19 -6.05
N ASP A 111 -8.35 14.65 -6.88
CA ASP A 111 -9.76 14.62 -6.57
C ASP A 111 -10.13 13.25 -6.05
N GLU A 112 -11.33 13.13 -5.54
CA GLU A 112 -11.78 11.87 -5.01
C GLU A 112 -11.77 10.84 -6.12
N ARG A 113 -12.09 11.30 -7.30
CA ARG A 113 -12.13 10.44 -8.47
C ARG A 113 -10.77 9.85 -8.74
N ASP A 114 -9.75 10.62 -8.41
CA ASP A 114 -8.38 10.19 -8.60
C ASP A 114 -8.00 9.30 -7.45
N ILE A 115 -8.47 9.66 -6.29
CA ILE A 115 -8.20 8.93 -5.08
C ILE A 115 -8.67 7.49 -5.19
N TRP A 116 -9.83 7.27 -5.80
CA TRP A 116 -10.29 5.91 -5.95
C TRP A 116 -9.49 5.24 -7.04
N ASP A 117 -8.98 6.04 -7.98
CA ASP A 117 -8.17 5.48 -9.04
C ASP A 117 -6.84 5.05 -8.45
N LEU A 118 -6.36 5.84 -7.49
CA LEU A 118 -5.12 5.53 -6.81
C LEU A 118 -5.31 4.26 -6.01
N VAL A 119 -6.52 4.10 -5.47
CA VAL A 119 -6.87 2.94 -4.67
C VAL A 119 -7.13 1.74 -5.56
N ASN A 120 -7.62 2.01 -6.75
CA ASN A 120 -7.95 0.96 -7.70
C ASN A 120 -6.72 0.29 -8.30
N PHE A 121 -5.81 1.09 -8.82
CA PHE A 121 -4.61 0.55 -9.45
C PHE A 121 -3.84 -0.37 -8.50
N MET A 122 -3.73 0.03 -7.23
CA MET A 122 -2.99 -0.77 -6.25
C MET A 122 -3.79 -1.98 -5.80
N ARG A 123 -5.08 -1.77 -5.67
CA ARG A 123 -5.99 -2.78 -5.24
C ARG A 123 -6.13 -3.88 -6.29
N ASP A 124 -6.03 -3.47 -7.54
CA ASP A 124 -6.14 -4.40 -8.64
C ASP A 124 -4.84 -5.16 -8.81
N ARG A 125 -3.78 -4.38 -8.89
CA ARG A 125 -2.44 -4.91 -9.05
C ARG A 125 -2.06 -5.85 -7.93
N ALA A 126 -2.25 -5.40 -6.70
CA ALA A 126 -1.90 -6.20 -5.54
C ALA A 126 -2.63 -7.54 -5.57
N GLN A 127 -3.84 -7.53 -6.07
CA GLN A 127 -4.63 -8.75 -6.16
C GLN A 127 -4.05 -9.67 -7.22
N GLY A 128 -3.79 -9.12 -8.40
CA GLY A 128 -3.22 -9.90 -9.50
C GLY A 128 -1.89 -10.52 -9.08
N ALA A 129 -1.22 -9.87 -8.14
CA ALA A 129 0.06 -10.37 -7.64
C ALA A 129 -0.16 -11.53 -6.67
N ALA A 130 -1.36 -11.60 -6.13
CA ALA A 130 -1.71 -12.64 -5.18
C ALA A 130 -1.98 -13.94 -5.93
N LEU A 131 -2.52 -13.78 -7.13
CA LEU A 131 -2.84 -14.90 -7.98
C LEU A 131 -1.58 -15.75 -8.21
N ALA A 132 -0.47 -15.08 -8.47
CA ALA A 132 0.79 -15.78 -8.70
C ALA A 132 1.19 -16.58 -7.46
N GLY A 133 0.77 -16.10 -6.30
CA GLY A 133 1.09 -16.78 -5.04
C GLY A 133 2.24 -16.08 -4.32
N THR A 134 2.26 -14.76 -4.40
CA THR A 134 3.31 -13.98 -3.75
C THR A 134 3.08 -13.91 -2.25
N ASN A 135 1.84 -14.10 -1.82
CA ASN A 135 1.52 -14.07 -0.41
C ASN A 135 2.40 -15.04 0.37
N GLY A 136 3.28 -14.48 1.20
CA GLY A 136 4.19 -15.30 1.99
C GLY A 136 5.62 -15.18 1.48
N HIS A 137 5.92 -14.07 0.81
CA HIS A 137 7.26 -13.85 0.27
C HIS A 137 7.73 -15.06 -0.52
N SER A 138 6.88 -15.57 -1.40
CA SER A 138 7.23 -16.72 -2.21
C SER A 138 6.31 -16.83 -3.42
N PRO A 139 6.48 -15.98 -4.39
CA PRO A 139 5.66 -15.97 -5.62
C PRO A 139 6.17 -16.98 -6.66
N ASP A 140 5.36 -17.22 -7.69
CA ASP A 140 5.74 -18.16 -8.74
C ASP A 140 6.70 -17.50 -9.71
N HIS A 141 7.92 -18.05 -9.79
CA HIS A 141 8.92 -17.51 -10.69
C HIS A 141 9.03 -18.36 -11.96
N ALA A 142 8.68 -19.63 -11.83
CA ALA A 142 8.74 -20.54 -12.96
C ALA A 142 7.97 -19.98 -14.15
N ALA A 143 8.70 -19.70 -15.23
CA ALA A 143 8.07 -19.15 -16.43
C ALA A 143 7.15 -20.18 -17.09
N GLY A 144 6.25 -19.71 -17.94
CA GLY A 144 5.33 -20.60 -18.62
C GLY A 144 3.96 -20.61 -17.92
N ASP A 145 3.66 -19.53 -17.22
CA ASP A 145 2.39 -19.42 -16.51
C ASP A 145 1.40 -18.57 -17.30
N HIS A 146 1.93 -17.63 -18.08
CA HIS A 146 1.08 -16.76 -18.89
C HIS A 146 0.21 -17.58 -19.85
N HIS A 147 -0.87 -16.97 -20.31
CA HIS A 147 -1.77 -17.66 -21.24
C HIS A 147 -2.14 -19.03 -20.71
N HIS A 148 -2.75 -19.85 -21.56
CA HIS A 148 -3.15 -21.19 -21.15
C HIS A 148 -2.43 -22.24 -21.99
N GLY A 149 -1.11 -22.16 -22.03
CA GLY A 149 -0.31 -23.11 -22.79
C GLY A 149 0.14 -24.28 -21.92
N ASP A 150 0.71 -23.96 -20.76
CA ASP A 150 1.18 -24.98 -19.84
C ASP A 150 2.27 -25.82 -20.49
N HIS A 151 3.51 -25.63 -20.04
CA HIS A 151 4.63 -26.38 -20.59
C HIS A 151 4.82 -26.06 -22.07
N HIS A 152 5.89 -25.34 -22.39
CA HIS A 152 6.16 -24.98 -23.78
C HIS A 152 7.46 -25.64 -24.24
N HIS A 153 7.99 -25.15 -25.36
CA HIS A 153 9.22 -25.69 -25.91
C HIS A 153 9.07 -27.19 -26.20
FE HEC B . 5.70 7.23 0.09
CHA HEC B . 5.67 4.82 2.47
CHB HEC B . 2.42 6.66 -0.52
CHC HEC B . 5.71 9.69 -2.22
CHD HEC B . 9.01 7.67 0.58
NA HEC B . 4.35 6.00 0.80
C1A HEC B . 4.49 5.07 1.81
C2A HEC B . 3.27 4.39 2.08
C3A HEC B . 2.35 4.88 1.21
C4A HEC B . 3.03 5.89 0.44
CMA HEC B . 0.94 4.43 1.05
CAA HEC B . 3.02 3.37 3.15
CBA HEC B . 3.22 1.95 2.64
CGA HEC B . 4.23 1.21 3.52
O1A HEC B . 5.40 1.24 3.17
O2A HEC B . 3.82 0.65 4.51
NB HEC B . 4.36 8.02 -1.10
C1B HEC B . 3.03 7.65 -1.23
C2B HEC B . 2.37 8.45 -2.23
C3B HEC B . 3.29 9.30 -2.71
C4B HEC B . 4.52 9.03 -2.00
CMB HEC B . 0.93 8.36 -2.63
CAB HEC B . 3.10 10.29 -3.83
CBB HEC B . 2.00 11.31 -3.50
NC HEC B . 7.06 8.44 -0.64
C1C HEC B . 6.90 9.42 -1.58
C2C HEC B . 8.15 10.09 -1.88
C3C HEC B . 9.11 9.47 -1.11
C4C HEC B . 8.40 8.48 -0.34
CMC HEC B . 8.33 11.26 -2.80
CAC HEC B . 10.62 9.62 -1.14
CBC HEC B . 11.17 10.96 -1.66
ND HEC B . 7.04 6.43 1.27
C1D HEC B . 8.39 6.72 1.34
C2D HEC B . 9.05 5.91 2.33
C3D HEC B . 8.10 5.12 2.88
C4D HEC B . 6.86 5.44 2.22
CMD HEC B . 10.50 5.94 2.68
CAD HEC B . 8.30 4.12 3.96
CBD HEC B . 8.55 2.71 3.41
CGD HEC B . 8.67 1.71 4.56
O1D HEC B . 9.68 1.76 5.25
O2D HEC B . 7.75 0.94 4.74
HHA HEC B . 5.66 4.05 3.24
HHB HEC B . 1.37 6.47 -0.72
HHC HEC B . 5.71 10.49 -2.95
HHD HEC B . 10.08 7.79 0.74
HMA1 HEC B . 0.54 4.16 2.02
HMA2 HEC B . 0.91 3.56 0.41
HMA3 HEC B . 0.36 5.22 0.61
HAA1 HEC B . 2.01 3.48 3.51
HAA2 HEC B . 3.71 3.55 3.95
HBA1 HEC B . 3.57 1.96 1.62
HBA2 HEC B . 2.27 1.42 2.68
HMB1 HEC B . 0.31 8.63 -1.79
HMB2 HEC B . 0.71 7.35 -2.94
HMB3 HEC B . 0.74 9.03 -3.45
HAB HEC B . 4.02 10.81 -4.00
HBB1 HEC B . 2.44 12.28 -3.39
HBB2 HEC B . 1.51 11.03 -2.58
HBB3 HEC B . 1.28 11.33 -4.30
HMC1 HEC B . 7.37 11.66 -3.07
HMC2 HEC B . 8.85 10.95 -3.69
HMC3 HEC B . 8.90 12.03 -2.30
HAC HEC B . 10.98 9.47 -0.13
HBC1 HEC B . 10.72 11.76 -1.10
HBC2 HEC B . 10.94 11.07 -2.70
HBC3 HEC B . 12.24 10.98 -1.52
HMD1 HEC B . 10.67 6.69 3.44
HMD2 HEC B . 11.07 6.17 1.80
HMD3 HEC B . 10.80 4.97 3.07
HAD1 HEC B . 7.41 4.09 4.57
HAD2 HEC B . 9.14 4.41 4.57
HBD1 HEC B . 9.48 2.71 2.85
HBD2 HEC B . 7.73 2.42 2.77
N MET A 1 -15.19 8.12 50.49
CA MET A 1 -14.16 8.29 51.57
C MET A 1 -14.14 7.05 52.45
N ASP A 2 -15.28 6.40 52.57
CA ASP A 2 -15.37 5.19 53.40
C ASP A 2 -15.35 3.95 52.52
N ILE A 3 -14.18 3.64 51.97
CA ILE A 3 -14.03 2.46 51.11
C ILE A 3 -13.67 1.25 51.94
N GLY A 4 -14.25 0.10 51.59
CA GLY A 4 -13.97 -1.14 52.31
C GLY A 4 -12.79 -1.87 51.69
N ILE A 5 -12.60 -1.71 50.39
CA ILE A 5 -11.51 -2.36 49.69
C ILE A 5 -10.99 -1.47 48.57
N ASN A 6 -9.87 -0.80 48.81
CA ASN A 6 -9.28 0.08 47.81
C ASN A 6 -9.01 -0.68 46.52
N SER A 7 -9.04 0.03 45.39
CA SER A 7 -8.79 -0.59 44.11
C SER A 7 -7.34 -0.40 43.68
N ASP A 8 -6.66 -1.50 43.37
CA ASP A 8 -5.27 -1.44 42.95
C ASP A 8 -5.15 -0.82 41.56
N PRO A 9 -3.96 -0.44 41.17
CA PRO A 9 -3.71 0.17 39.84
C PRO A 9 -4.40 -0.60 38.71
N HIS A 10 -4.46 0.01 37.53
CA HIS A 10 -5.09 -0.63 36.39
C HIS A 10 -4.27 -0.39 35.13
N PRO A 11 -3.15 -1.06 35.00
CA PRO A 11 -2.26 -0.92 33.81
C PRO A 11 -2.97 -1.25 32.49
N PRO A 12 -3.66 -2.36 32.38
CA PRO A 12 -4.36 -2.74 31.11
C PRO A 12 -5.69 -1.99 30.96
N HIS A 13 -5.61 -0.68 30.76
CA HIS A 13 -6.81 0.13 30.60
C HIS A 13 -7.30 0.07 29.15
N HIS A 14 -8.53 0.55 28.93
CA HIS A 14 -9.10 0.55 27.59
C HIS A 14 -9.02 1.94 26.97
N HIS A 15 -8.06 2.12 26.07
CA HIS A 15 -7.88 3.41 25.42
C HIS A 15 -8.59 3.42 24.06
N ASP A 16 -8.97 4.62 23.61
CA ASP A 16 -9.66 4.75 22.33
C ASP A 16 -8.79 4.23 21.19
N HIS A 17 -7.60 4.79 21.06
CA HIS A 17 -6.68 4.37 20.01
C HIS A 17 -6.15 2.97 20.28
N HIS A 18 -6.80 1.97 19.70
CA HIS A 18 -6.40 0.57 19.89
C HIS A 18 -5.40 0.17 18.83
N GLY A 19 -4.99 -1.11 18.86
CA GLY A 19 -4.04 -1.61 17.88
C GLY A 19 -4.74 -2.35 16.75
N HIS A 20 -4.39 -2.00 15.52
CA HIS A 20 -5.01 -2.63 14.35
C HIS A 20 -3.95 -2.99 13.32
N GLY A 21 -4.32 -3.82 12.36
CA GLY A 21 -3.39 -4.23 11.31
C GLY A 21 -2.92 -3.03 10.49
N SER A 22 -2.30 -3.31 9.34
CA SER A 22 -1.79 -2.26 8.45
C SER A 22 -0.51 -1.64 9.01
N GLY A 23 -0.56 -1.16 10.25
CA GLY A 23 0.61 -0.55 10.87
C GLY A 23 0.43 0.96 11.01
N TRP A 24 -0.25 1.56 10.04
CA TRP A 24 -0.48 3.00 10.07
C TRP A 24 -1.73 3.33 10.88
N GLU A 25 -1.71 4.48 11.54
CA GLU A 25 -2.85 4.91 12.35
C GLU A 25 -4.04 5.23 11.44
N VAL A 26 -5.03 4.34 11.45
CA VAL A 26 -6.22 4.52 10.64
C VAL A 26 -7.44 3.89 11.32
N PRO A 27 -8.38 4.66 11.84
CA PRO A 27 -9.58 4.08 12.50
C PRO A 27 -10.29 3.09 11.59
N GLU A 28 -10.67 1.94 12.15
CA GLU A 28 -11.37 0.93 11.38
C GLU A 28 -12.59 1.55 10.72
N ALA A 29 -13.11 2.61 11.34
CA ALA A 29 -14.27 3.27 10.81
C ALA A 29 -13.97 4.08 9.55
N GLU A 30 -12.73 4.56 9.40
CA GLU A 30 -12.40 5.32 8.20
C GLU A 30 -12.07 4.39 7.06
N ILE A 31 -11.65 3.21 7.44
CA ILE A 31 -11.26 2.19 6.51
C ILE A 31 -12.44 1.54 5.81
N HIS A 32 -13.53 1.42 6.54
CA HIS A 32 -14.72 0.77 6.04
C HIS A 32 -15.92 1.71 5.90
N ARG A 33 -15.76 3.03 5.97
CA ARG A 33 -16.98 3.84 5.91
C ARG A 33 -17.41 4.24 4.50
N GLU A 34 -16.57 4.95 3.75
CA GLU A 34 -16.94 5.32 2.40
C GLU A 34 -15.80 5.10 1.44
N ASN A 35 -16.06 4.38 0.39
CA ASN A 35 -15.06 4.21 -0.59
C ASN A 35 -15.67 3.91 -1.95
N PRO A 36 -15.82 4.89 -2.80
CA PRO A 36 -16.37 4.69 -4.15
C PRO A 36 -15.24 4.38 -5.10
N ILE A 37 -15.13 3.14 -5.50
CA ILE A 37 -14.06 2.74 -6.41
C ILE A 37 -14.63 2.03 -7.65
N PRO A 38 -14.48 2.59 -8.84
CA PRO A 38 -14.95 1.91 -10.06
C PRO A 38 -13.88 0.90 -10.51
N PRO A 39 -14.18 -0.37 -10.60
CA PRO A 39 -13.18 -1.38 -11.01
C PRO A 39 -13.06 -1.48 -12.53
N ASP A 40 -12.12 -0.74 -13.09
CA ASP A 40 -11.92 -0.77 -14.53
C ASP A 40 -10.46 -0.55 -14.89
N ALA A 41 -10.20 -0.50 -16.18
CA ALA A 41 -8.85 -0.31 -16.69
C ALA A 41 -8.46 1.14 -16.64
N ARG A 42 -9.46 2.00 -16.75
CA ARG A 42 -9.21 3.43 -16.76
C ARG A 42 -8.88 3.92 -15.36
N SER A 43 -9.41 3.24 -14.37
CA SER A 43 -9.15 3.59 -13.00
C SER A 43 -7.72 3.21 -12.68
N LEU A 44 -7.30 2.15 -13.33
CA LEU A 44 -5.98 1.59 -13.21
C LEU A 44 -4.97 2.38 -14.01
N ASP A 45 -5.36 2.70 -15.22
CA ASP A 45 -4.50 3.44 -16.15
C ASP A 45 -4.38 4.89 -15.74
N GLN A 46 -5.52 5.55 -15.59
CA GLN A 46 -5.48 6.92 -15.20
C GLN A 46 -4.97 7.01 -13.79
N GLY A 47 -5.33 6.02 -13.01
CA GLY A 47 -4.87 5.97 -11.66
C GLY A 47 -3.40 5.64 -11.68
N GLY A 48 -3.01 5.06 -12.78
CA GLY A 48 -1.64 4.67 -13.00
C GLY A 48 -0.75 5.90 -13.15
N VAL A 49 -1.36 7.01 -13.57
CA VAL A 49 -0.60 8.25 -13.78
C VAL A 49 -0.47 9.06 -12.51
N LEU A 50 -1.41 8.89 -11.61
CA LEU A 50 -1.45 9.65 -10.37
C LEU A 50 -0.13 9.69 -9.60
N TYR A 51 0.31 8.52 -9.20
CA TYR A 51 1.52 8.37 -8.41
C TYR A 51 2.78 8.51 -9.23
N ALA A 52 2.66 8.15 -10.47
CA ALA A 52 3.80 8.12 -11.36
C ALA A 52 4.32 9.51 -11.65
N GLU A 53 3.53 10.48 -11.32
CA GLU A 53 3.88 11.85 -11.52
C GLU A 53 4.99 12.26 -10.58
N HIS A 54 4.83 11.90 -9.32
CA HIS A 54 5.80 12.30 -8.32
C HIS A 54 6.20 11.20 -7.31
N CYS A 55 5.30 10.27 -7.04
CA CYS A 55 5.57 9.23 -6.04
C CYS A 55 6.54 8.13 -6.53
N VAL A 56 6.41 7.68 -7.77
CA VAL A 56 7.27 6.61 -8.29
C VAL A 56 8.71 7.02 -8.33
N ARG A 57 8.92 8.29 -8.60
CA ARG A 57 10.26 8.81 -8.65
C ARG A 57 11.02 8.50 -7.36
N CYS A 58 10.31 8.09 -6.31
CA CYS A 58 10.98 7.77 -5.06
C CYS A 58 10.76 6.31 -4.67
N HIS A 59 9.53 5.79 -4.79
CA HIS A 59 9.34 4.38 -4.45
C HIS A 59 8.36 3.63 -5.35
N GLY A 60 8.82 3.26 -6.54
CA GLY A 60 8.04 2.44 -7.46
C GLY A 60 6.71 3.06 -7.80
N GLU A 61 6.14 2.59 -8.91
CA GLU A 61 4.86 3.10 -9.34
C GLU A 61 3.97 3.19 -8.12
N THR A 62 3.58 2.05 -7.58
CA THR A 62 2.80 2.08 -6.37
C THR A 62 3.12 0.92 -5.43
N LEU A 63 3.29 -0.27 -6.01
CA LEU A 63 3.51 -1.46 -5.22
C LEU A 63 4.93 -2.02 -5.28
N ARG A 64 5.50 -1.96 -6.46
CA ARG A 64 6.81 -2.54 -6.69
C ARG A 64 7.88 -1.90 -5.84
N GLY A 65 7.83 -0.59 -5.76
CA GLY A 65 8.82 0.13 -4.98
C GLY A 65 10.21 -0.05 -5.59
N ASP A 66 10.27 -0.05 -6.93
CA ASP A 66 11.55 -0.23 -7.60
C ASP A 66 12.30 1.10 -7.73
N GLY A 67 11.57 2.20 -7.50
CA GLY A 67 12.12 3.58 -7.52
C GLY A 67 13.18 3.83 -8.62
N PRO A 68 12.94 4.72 -9.56
CA PRO A 68 13.93 5.04 -10.62
C PRO A 68 14.92 6.12 -10.16
N ASP A 69 14.43 7.12 -9.42
CA ASP A 69 15.32 8.19 -8.96
C ASP A 69 15.47 8.17 -7.43
N ALA A 70 15.33 6.99 -6.84
CA ALA A 70 15.46 6.87 -5.39
C ALA A 70 16.90 6.69 -4.96
N HIS A 71 17.80 6.47 -5.93
CA HIS A 71 19.20 6.27 -5.60
C HIS A 71 19.75 7.43 -4.77
N ASP A 72 19.44 8.65 -5.20
CA ASP A 72 19.89 9.84 -4.46
C ASP A 72 18.99 10.09 -3.25
N LEU A 73 17.83 9.44 -3.24
CA LEU A 73 16.87 9.57 -2.16
C LEU A 73 17.20 8.60 -1.05
N ASP A 74 16.45 8.77 0.02
CA ASP A 74 16.59 7.95 1.22
C ASP A 74 16.85 6.48 0.88
N PRO A 75 17.40 5.72 1.80
CA PRO A 75 17.70 4.27 1.61
C PRO A 75 16.60 3.52 0.85
N PRO A 76 16.88 2.32 0.40
CA PRO A 76 15.92 1.50 -0.37
C PRO A 76 14.51 1.56 0.19
N VAL A 77 13.56 1.52 -0.71
CA VAL A 77 12.15 1.59 -0.37
C VAL A 77 11.53 0.19 -0.25
N ALA A 78 10.39 0.09 0.43
CA ALA A 78 9.72 -1.19 0.63
C ALA A 78 8.79 -1.54 -0.53
N ASP A 79 8.35 -2.79 -0.55
CA ASP A 79 7.45 -3.29 -1.56
C ASP A 79 6.01 -3.29 -1.04
N LEU A 80 5.20 -2.43 -1.61
CA LEU A 80 3.81 -2.30 -1.17
C LEU A 80 2.93 -3.43 -1.68
N VAL A 81 3.36 -4.13 -2.72
CA VAL A 81 2.55 -5.23 -3.27
C VAL A 81 2.34 -6.31 -2.22
N GLU A 82 3.33 -6.45 -1.35
CA GLU A 82 3.28 -7.45 -0.29
C GLU A 82 2.41 -6.98 0.87
N HIS A 83 2.44 -5.68 1.13
CA HIS A 83 1.68 -5.10 2.23
C HIS A 83 0.30 -4.61 1.78
N ALA A 84 0.09 -4.57 0.48
CA ALA A 84 -1.19 -4.12 -0.08
C ALA A 84 -2.35 -4.99 0.40
N PRO A 85 -2.30 -6.29 0.21
CA PRO A 85 -3.40 -7.17 0.67
C PRO A 85 -3.67 -7.00 2.17
N HIS A 86 -2.70 -6.41 2.87
CA HIS A 86 -2.84 -6.19 4.31
C HIS A 86 -3.55 -4.86 4.57
N HIS A 87 -3.51 -3.97 3.58
CA HIS A 87 -4.14 -2.66 3.71
C HIS A 87 -5.51 -2.64 3.03
N SER A 88 -6.47 -1.99 3.68
CA SER A 88 -7.84 -1.91 3.15
C SER A 88 -8.00 -0.70 2.23
N ASP A 89 -9.18 -0.57 1.63
CA ASP A 89 -9.47 0.54 0.72
C ASP A 89 -9.61 1.88 1.44
N GLY A 90 -10.48 1.94 2.47
CA GLY A 90 -10.67 3.18 3.20
C GLY A 90 -9.35 3.70 3.76
N ASP A 91 -8.48 2.78 4.17
CA ASP A 91 -7.20 3.14 4.74
C ASP A 91 -6.27 3.77 3.71
N LEU A 92 -6.17 3.13 2.54
CA LEU A 92 -5.32 3.65 1.48
C LEU A 92 -5.85 4.99 1.01
N ALA A 93 -7.17 5.10 1.00
CA ALA A 93 -7.84 6.32 0.58
C ALA A 93 -7.72 7.37 1.67
N TYR A 94 -7.69 6.90 2.91
CA TYR A 94 -7.60 7.78 4.07
C TYR A 94 -6.24 8.45 4.16
N ARG A 95 -5.19 7.70 3.86
CA ARG A 95 -3.84 8.23 3.92
C ARG A 95 -3.55 9.17 2.76
N VAL A 96 -4.15 8.91 1.60
CA VAL A 96 -3.92 9.76 0.45
C VAL A 96 -4.68 11.07 0.57
N ARG A 97 -5.83 11.00 1.22
CA ARG A 97 -6.67 12.17 1.36
C ARG A 97 -6.32 13.02 2.58
N ILE A 98 -6.12 12.38 3.73
CA ILE A 98 -5.83 13.12 4.96
C ILE A 98 -4.33 13.28 5.19
N GLY A 99 -3.57 12.23 4.93
CA GLY A 99 -2.12 12.27 5.12
C GLY A 99 -1.74 12.72 6.53
N ARG A 100 -0.48 12.52 6.89
CA ARG A 100 0.00 12.92 8.21
C ARG A 100 1.23 13.80 8.06
N GLY A 101 2.20 13.32 7.28
CA GLY A 101 3.42 14.06 7.05
C GLY A 101 3.34 14.89 5.78
N PRO A 102 4.42 15.53 5.42
CA PRO A 102 4.51 16.39 4.21
C PRO A 102 4.47 15.61 2.89
N MET A 103 4.30 14.28 2.96
CA MET A 103 4.26 13.49 1.74
C MET A 103 2.81 13.13 1.37
N PRO A 104 2.11 12.33 2.15
CA PRO A 104 0.69 12.00 1.85
C PRO A 104 -0.21 13.19 2.11
N GLY A 105 -1.46 13.09 1.66
CA GLY A 105 -2.37 14.19 1.86
C GLY A 105 -2.71 14.85 0.53
N PHE A 106 -2.64 14.05 -0.53
CA PHE A 106 -2.93 14.53 -1.88
C PHE A 106 -4.42 14.68 -2.14
N GLY A 107 -5.21 14.88 -1.09
CA GLY A 107 -6.64 15.06 -1.27
C GLY A 107 -6.91 16.40 -1.92
N ASP A 108 -5.98 17.34 -1.72
CA ASP A 108 -6.09 18.67 -2.30
C ASP A 108 -5.37 18.70 -3.64
N ALA A 109 -4.39 17.83 -3.79
CA ALA A 109 -3.62 17.73 -5.03
C ALA A 109 -4.39 16.90 -6.05
N LEU A 110 -5.20 15.98 -5.54
CA LEU A 110 -5.99 15.12 -6.40
C LEU A 110 -7.44 15.20 -5.99
N ASP A 111 -8.30 14.66 -6.81
CA ASP A 111 -9.70 14.63 -6.49
C ASP A 111 -10.06 13.27 -5.95
N GLU A 112 -11.26 13.14 -5.45
CA GLU A 112 -11.70 11.88 -4.92
C GLU A 112 -11.62 10.82 -6.00
N ARG A 113 -12.06 11.21 -7.17
CA ARG A 113 -12.06 10.32 -8.32
C ARG A 113 -10.68 9.77 -8.58
N ASP A 114 -9.69 10.57 -8.26
CA ASP A 114 -8.30 10.17 -8.42
C ASP A 114 -7.90 9.33 -7.25
N ILE A 115 -8.44 9.67 -6.11
CA ILE A 115 -8.18 8.95 -4.90
C ILE A 115 -8.66 7.52 -5.02
N TRP A 116 -9.79 7.33 -5.69
CA TRP A 116 -10.31 5.99 -5.87
C TRP A 116 -9.51 5.30 -6.95
N ASP A 117 -8.99 6.08 -7.90
CA ASP A 117 -8.18 5.50 -8.95
C ASP A 117 -6.86 5.03 -8.35
N LEU A 118 -6.33 5.82 -7.42
CA LEU A 118 -5.11 5.46 -6.72
C LEU A 118 -5.35 4.18 -5.92
N VAL A 119 -6.57 4.05 -5.43
CA VAL A 119 -6.98 2.90 -4.65
C VAL A 119 -7.24 1.72 -5.56
N ASN A 120 -7.70 2.01 -6.76
CA ASN A 120 -8.02 0.98 -7.73
C ASN A 120 -6.78 0.30 -8.32
N PHE A 121 -5.86 1.11 -8.83
CA PHE A 121 -4.65 0.57 -9.45
C PHE A 121 -3.87 -0.30 -8.45
N MET A 122 -3.86 0.12 -7.18
CA MET A 122 -3.13 -0.60 -6.13
C MET A 122 -3.88 -1.87 -5.72
N ARG A 123 -5.19 -1.72 -5.61
CA ARG A 123 -6.05 -2.79 -5.21
C ARG A 123 -6.13 -3.87 -6.26
N ASP A 124 -6.02 -3.45 -7.51
CA ASP A 124 -6.10 -4.38 -8.62
C ASP A 124 -4.79 -5.12 -8.76
N ARG A 125 -3.74 -4.32 -8.81
CA ARG A 125 -2.39 -4.83 -8.95
C ARG A 125 -2.03 -5.78 -7.82
N ALA A 126 -2.27 -5.34 -6.58
CA ALA A 126 -1.95 -6.16 -5.42
C ALA A 126 -2.65 -7.51 -5.51
N GLN A 127 -3.90 -7.48 -5.94
CA GLN A 127 -4.68 -8.70 -6.08
C GLN A 127 -4.10 -9.60 -7.16
N GLY A 128 -3.68 -9.00 -8.27
CA GLY A 128 -3.10 -9.75 -9.37
C GLY A 128 -1.92 -10.59 -8.89
N ALA A 129 -1.25 -10.10 -7.85
CA ALA A 129 -0.10 -10.82 -7.29
C ALA A 129 -0.56 -11.99 -6.43
N ALA A 130 -1.80 -11.90 -5.97
CA ALA A 130 -2.38 -12.95 -5.14
C ALA A 130 -2.84 -14.08 -6.02
N LEU A 131 -3.25 -13.72 -7.23
CA LEU A 131 -3.73 -14.69 -8.20
C LEU A 131 -2.60 -15.61 -8.63
N ALA A 132 -1.39 -15.10 -8.59
CA ALA A 132 -0.21 -15.88 -8.97
C ALA A 132 0.09 -16.94 -7.92
N GLY A 133 -0.36 -16.70 -6.69
CA GLY A 133 -0.13 -17.65 -5.60
C GLY A 133 0.97 -17.15 -4.67
N THR A 134 0.85 -15.90 -4.23
CA THR A 134 1.84 -15.32 -3.33
C THR A 134 1.23 -15.01 -1.96
N ASN A 135 -0.10 -15.08 -1.88
CA ASN A 135 -0.79 -14.81 -0.61
C ASN A 135 -0.49 -15.90 0.42
N GLY A 136 0.24 -15.54 1.47
CA GLY A 136 0.57 -16.50 2.52
C GLY A 136 2.02 -16.97 2.42
N HIS A 137 2.61 -16.82 1.24
CA HIS A 137 3.99 -17.24 1.02
C HIS A 137 4.52 -16.67 -0.28
N SER A 138 5.83 -16.45 -0.36
CA SER A 138 6.43 -15.90 -1.57
C SER A 138 5.92 -16.65 -2.81
N PRO A 139 5.89 -16.00 -3.96
CA PRO A 139 5.39 -16.64 -5.20
C PRO A 139 6.48 -17.47 -5.90
N ASP A 140 6.09 -18.60 -6.45
CA ASP A 140 7.04 -19.48 -7.14
C ASP A 140 7.89 -18.69 -8.13
N HIS A 141 9.19 -18.60 -7.84
CA HIS A 141 10.11 -17.87 -8.70
C HIS A 141 11.11 -18.82 -9.35
N ALA A 142 10.77 -20.11 -9.36
CA ALA A 142 11.65 -21.11 -9.97
C ALA A 142 11.68 -20.96 -11.48
N ALA A 143 12.69 -21.56 -12.11
CA ALA A 143 12.82 -21.50 -13.56
C ALA A 143 11.62 -22.16 -14.23
N GLY A 144 11.22 -21.60 -15.37
CA GLY A 144 10.09 -22.15 -16.11
C GLY A 144 8.79 -21.42 -15.74
N ASP A 145 8.93 -20.18 -15.29
CA ASP A 145 7.77 -19.38 -14.91
C ASP A 145 7.21 -18.61 -16.10
N HIS A 146 7.57 -19.04 -17.31
CA HIS A 146 7.10 -18.38 -18.52
C HIS A 146 5.60 -18.60 -18.69
N HIS A 147 4.98 -17.76 -19.53
CA HIS A 147 3.55 -17.88 -19.77
C HIS A 147 3.18 -19.30 -20.17
N HIS A 148 2.35 -19.94 -19.36
CA HIS A 148 1.93 -21.32 -19.63
C HIS A 148 0.48 -21.52 -19.21
N GLY A 149 -0.32 -22.09 -20.10
CA GLY A 149 -1.72 -22.34 -19.80
C GLY A 149 -2.62 -21.29 -20.44
N ASP A 150 -2.13 -20.05 -20.48
CA ASP A 150 -2.90 -18.96 -21.06
C ASP A 150 -4.16 -18.68 -20.25
N HIS A 151 -4.57 -17.42 -20.22
CA HIS A 151 -5.77 -17.05 -19.47
C HIS A 151 -6.97 -17.85 -19.95
N HIS A 152 -7.12 -17.96 -21.27
CA HIS A 152 -8.23 -18.70 -21.85
C HIS A 152 -7.86 -20.16 -22.05
N HIS A 153 -8.84 -21.05 -21.89
CA HIS A 153 -8.60 -22.48 -22.05
C HIS A 153 -7.61 -22.98 -21.01
FE HEC B . 5.87 7.80 -0.09
CHA HEC B . 5.71 5.48 2.36
CHB HEC B . 2.53 7.49 -0.59
CHC HEC B . 6.00 10.18 -2.50
CHD HEC B . 9.21 8.04 0.34
NA HEC B . 4.44 6.72 0.71
C1A HEC B . 4.55 5.80 1.73
C2A HEC B . 3.27 5.22 2.06
C3A HEC B . 2.37 5.79 1.21
C4A HEC B . 3.10 6.71 0.39
CMA HEC B . 0.91 5.49 1.14
CAA HEC B . 2.99 4.21 3.10
CBA HEC B . 3.09 2.78 2.58
CGA HEC B . 3.86 1.91 3.55
O1A HEC B . 3.27 1.01 4.13
O2A HEC B . 5.05 2.15 3.73
NB HEC B . 4.55 8.64 -1.28
C1B HEC B . 3.20 8.39 -1.37
C2B HEC B . 2.58 9.19 -2.38
C3B HEC B . 3.55 9.94 -2.94
C4B HEC B . 4.77 9.61 -2.24
CMB HEC B . 1.12 9.22 -2.73
CAB HEC B . 3.42 10.85 -4.11
CBB HEC B . 2.36 11.93 -3.89
NC HEC B . 7.30 8.89 -0.89
C1C HEC B . 7.18 9.85 -1.87
C2C HEC B . 8.46 10.43 -2.19
C3C HEC B . 9.39 9.78 -1.41
C4C HEC B . 8.64 8.85 -0.62
CMC HEC B . 8.69 11.59 -3.13
CAC HEC B . 10.90 9.85 -1.45
CBC HEC B . 11.50 11.14 -2.01
ND HEC B . 7.17 6.95 1.09
C1D HEC B . 8.53 7.16 1.13
C2D HEC B . 9.15 6.34 2.14
C3D HEC B . 8.18 5.62 2.72
C4D HEC B . 6.95 6.00 2.06
CMD HEC B . 10.61 6.28 2.47
CAD HEC B . 8.32 4.63 3.82
CBD HEC B . 8.34 5.28 5.20
CGD HEC B . 7.75 4.34 6.23
O1D HEC B . 8.45 3.44 6.66
O2D HEC B . 6.60 4.54 6.60
HHA HEC B . 5.66 4.73 3.16
HHB HEC B . 1.46 7.39 -0.75
HHC HEC B . 6.04 10.94 -3.26
HHD HEC B . 10.29 8.10 0.47
HMA1 HEC B . 0.62 5.33 0.12
HMA2 HEC B . 0.36 6.34 1.53
HMA3 HEC B . 0.69 4.63 1.73
HAA1 HEC B . 1.99 4.37 3.50
HAA2 HEC B . 3.71 4.34 3.91
HBA1 HEC B . 3.59 2.78 1.62
HBA2 HEC B . 2.09 2.38 2.45
HMB1 HEC B . 0.59 9.81 -1.99
HMB2 HEC B . 0.74 8.21 -2.72
HMB3 HEC B . 0.99 9.65 -3.70
HAB HEC B . 4.36 11.32 -4.32
HBB1 HEC B . 2.20 12.08 -2.83
HBB2 HEC B . 1.42 11.62 -4.35
HBB3 HEC B . 2.68 12.86 -4.33
HMC1 HEC B . 9.29 12.33 -2.64
HMC2 HEC B . 7.75 12.02 -3.42
HMC3 HEC B . 9.20 11.23 -4.01
HAC HEC B . 11.26 9.72 -0.45
HBC1 HEC B . 11.27 11.23 -3.05
HBC2 HEC B . 12.58 11.12 -1.86
HBC3 HEC B . 11.09 11.99 -1.48
HMD1 HEC B . 10.91 7.21 2.93
HMD2 HEC B . 11.18 6.14 1.57
HMD3 HEC B . 10.79 5.46 3.14
HAD1 HEC B . 9.24 4.09 3.67
HAD2 HEC B . 7.50 3.93 3.78
HBD1 HEC B . 7.77 6.20 5.17
HBD2 HEC B . 9.36 5.52 5.47
N MET A 1 11.88 -34.39 8.78
CA MET A 1 11.45 -35.11 10.02
C MET A 1 10.37 -36.13 9.67
N ASP A 2 10.64 -37.39 9.99
CA ASP A 2 9.68 -38.46 9.70
C ASP A 2 8.89 -38.83 10.96
N ILE A 3 7.67 -38.33 11.06
CA ILE A 3 6.82 -38.61 12.21
C ILE A 3 6.11 -39.95 12.03
N GLY A 4 5.59 -40.48 13.13
CA GLY A 4 4.88 -41.76 13.08
C GLY A 4 3.39 -41.54 12.80
N ILE A 5 2.84 -40.46 13.34
CA ILE A 5 1.43 -40.15 13.14
C ILE A 5 1.25 -38.69 12.74
N ASN A 6 1.09 -38.45 11.44
CA ASN A 6 0.91 -37.10 10.94
C ASN A 6 -0.38 -36.50 11.47
N SER A 7 -0.36 -35.19 11.74
CA SER A 7 -1.54 -34.51 12.26
C SER A 7 -1.64 -33.11 11.67
N ASP A 8 -1.08 -32.92 10.47
CA ASP A 8 -1.11 -31.62 9.82
C ASP A 8 -2.55 -31.10 9.70
N PRO A 9 -3.45 -31.84 9.10
CA PRO A 9 -4.86 -31.39 8.95
C PRO A 9 -5.65 -31.54 10.25
N HIS A 10 -6.86 -30.98 10.27
CA HIS A 10 -7.70 -31.05 11.46
C HIS A 10 -9.18 -30.95 11.07
N PRO A 11 -10.06 -31.31 11.96
CA PRO A 11 -11.54 -31.26 11.73
C PRO A 11 -11.96 -29.99 10.99
N PRO A 12 -12.24 -30.05 9.70
CA PRO A 12 -12.66 -28.85 8.92
C PRO A 12 -13.75 -28.06 9.64
N HIS A 13 -13.35 -27.00 10.32
CA HIS A 13 -14.30 -26.16 11.04
C HIS A 13 -14.13 -24.69 10.67
N HIS A 14 -14.89 -23.81 11.31
CA HIS A 14 -14.80 -22.39 11.04
C HIS A 14 -13.40 -21.88 11.32
N HIS A 15 -12.72 -21.41 10.27
CA HIS A 15 -11.36 -20.89 10.41
C HIS A 15 -11.38 -19.37 10.50
N ASP A 16 -12.43 -18.83 11.12
CA ASP A 16 -12.55 -17.38 11.27
C ASP A 16 -12.66 -16.71 9.91
N HIS A 17 -12.76 -15.38 9.90
CA HIS A 17 -12.87 -14.63 8.66
C HIS A 17 -12.63 -13.15 8.91
N HIS A 18 -12.53 -12.38 7.82
CA HIS A 18 -12.31 -10.95 7.94
C HIS A 18 -10.99 -10.67 8.66
N GLY A 19 -9.92 -10.45 7.88
CA GLY A 19 -8.61 -10.17 8.45
C GLY A 19 -8.40 -8.68 8.62
N HIS A 20 -8.48 -8.20 9.86
CA HIS A 20 -8.29 -6.78 10.14
C HIS A 20 -6.86 -6.51 10.59
N GLY A 21 -6.37 -5.31 10.28
CA GLY A 21 -5.01 -4.94 10.65
C GLY A 21 -4.27 -4.29 9.49
N SER A 22 -3.62 -3.17 9.76
CA SER A 22 -2.89 -2.46 8.73
C SER A 22 -1.53 -2.01 9.26
N GLY A 23 -1.49 -1.60 10.52
CA GLY A 23 -0.25 -1.15 11.15
C GLY A 23 -0.28 0.36 11.38
N TRP A 24 -0.89 1.09 10.46
CA TRP A 24 -0.99 2.54 10.61
C TRP A 24 -2.22 2.93 11.40
N GLU A 25 -2.17 4.08 12.04
CA GLU A 25 -3.31 4.56 12.82
C GLU A 25 -4.45 4.95 11.92
N VAL A 26 -5.41 4.05 11.82
CA VAL A 26 -6.59 4.26 11.01
C VAL A 26 -7.77 3.49 11.59
N PRO A 27 -8.68 4.13 12.30
CA PRO A 27 -9.85 3.44 12.87
C PRO A 27 -10.54 2.56 11.84
N GLU A 28 -10.94 1.36 12.25
CA GLU A 28 -11.62 0.45 11.34
C GLU A 28 -12.83 1.15 10.73
N ALA A 29 -13.34 2.14 11.44
CA ALA A 29 -14.50 2.87 10.99
C ALA A 29 -14.20 3.78 9.79
N GLU A 30 -12.94 4.20 9.62
CA GLU A 30 -12.60 5.06 8.49
C GLU A 30 -12.36 4.20 7.27
N ILE A 31 -11.78 3.06 7.55
CA ILE A 31 -11.41 2.11 6.56
C ILE A 31 -12.60 1.55 5.81
N HIS A 32 -13.71 1.47 6.50
CA HIS A 32 -14.93 0.91 5.95
C HIS A 32 -16.06 1.92 5.83
N ARG A 33 -15.79 3.22 5.90
CA ARG A 33 -16.92 4.15 5.87
C ARG A 33 -17.42 4.49 4.46
N GLU A 34 -16.58 5.08 3.64
CA GLU A 34 -17.00 5.42 2.29
C GLU A 34 -15.91 5.11 1.30
N ASN A 35 -16.24 4.37 0.28
CA ASN A 35 -15.27 4.13 -0.72
C ASN A 35 -15.93 3.84 -2.06
N PRO A 36 -16.06 4.83 -2.90
CA PRO A 36 -16.66 4.64 -4.23
C PRO A 36 -15.55 4.34 -5.21
N ILE A 37 -15.47 3.10 -5.65
CA ILE A 37 -14.42 2.71 -6.59
C ILE A 37 -15.01 2.07 -7.85
N PRO A 38 -14.84 2.66 -9.02
CA PRO A 38 -15.32 2.04 -10.27
C PRO A 38 -14.28 1.03 -10.77
N PRO A 39 -14.63 -0.21 -11.00
CA PRO A 39 -13.64 -1.22 -11.48
C PRO A 39 -13.44 -1.16 -12.98
N ASP A 40 -12.46 -0.37 -13.41
CA ASP A 40 -12.16 -0.23 -14.81
C ASP A 40 -10.66 -0.19 -15.05
N ALA A 41 -10.29 -0.26 -16.32
CA ALA A 41 -8.90 -0.21 -16.71
C ALA A 41 -8.38 1.20 -16.57
N ARG A 42 -9.29 2.15 -16.69
CA ARG A 42 -8.93 3.56 -16.58
C ARG A 42 -8.69 3.94 -15.14
N SER A 43 -9.39 3.28 -14.25
CA SER A 43 -9.22 3.52 -12.83
C SER A 43 -7.86 3.02 -12.45
N LEU A 44 -7.47 1.97 -13.15
CA LEU A 44 -6.20 1.31 -12.97
C LEU A 44 -5.09 2.09 -13.63
N ASP A 45 -5.34 2.49 -14.86
CA ASP A 45 -4.35 3.21 -15.63
C ASP A 45 -4.17 4.60 -15.10
N GLN A 46 -5.26 5.36 -15.04
CA GLN A 46 -5.16 6.69 -14.54
C GLN A 46 -4.81 6.69 -13.07
N GLY A 47 -5.38 5.74 -12.35
CA GLY A 47 -5.08 5.56 -10.93
C GLY A 47 -3.60 5.28 -10.77
N GLY A 48 -3.02 4.85 -11.85
CA GLY A 48 -1.61 4.50 -11.90
C GLY A 48 -0.68 5.68 -12.17
N VAL A 49 -1.17 6.72 -12.83
CA VAL A 49 -0.31 7.85 -13.18
C VAL A 49 -0.08 8.80 -12.02
N LEU A 50 -1.11 9.05 -11.25
CA LEU A 50 -1.02 9.98 -10.13
C LEU A 50 0.21 9.72 -9.29
N TYR A 51 0.35 8.48 -8.89
CA TYR A 51 1.45 8.03 -8.07
C TYR A 51 2.74 8.00 -8.88
N ALA A 52 2.61 7.75 -10.17
CA ALA A 52 3.75 7.64 -11.04
C ALA A 52 4.29 8.98 -11.49
N GLU A 53 3.49 10.01 -11.30
CA GLU A 53 3.88 11.33 -11.69
C GLU A 53 4.95 11.87 -10.79
N HIS A 54 4.79 11.61 -9.51
CA HIS A 54 5.73 12.14 -8.53
C HIS A 54 6.20 11.11 -7.49
N CYS A 55 5.35 10.15 -7.16
CA CYS A 55 5.68 9.16 -6.12
C CYS A 55 6.56 8.00 -6.61
N VAL A 56 6.55 7.67 -7.90
CA VAL A 56 7.36 6.56 -8.41
C VAL A 56 8.78 6.97 -8.57
N ARG A 57 8.97 8.23 -8.86
CA ARG A 57 10.27 8.76 -9.01
C ARG A 57 11.12 8.48 -7.78
N CYS A 58 10.47 8.07 -6.69
CA CYS A 58 11.18 7.75 -5.47
C CYS A 58 10.88 6.33 -5.01
N HIS A 59 9.60 5.91 -5.04
CA HIS A 59 9.32 4.53 -4.66
C HIS A 59 8.23 3.83 -5.48
N GLY A 60 8.66 3.28 -6.61
CA GLY A 60 7.81 2.46 -7.49
C GLY A 60 6.52 3.11 -7.94
N GLU A 61 6.01 2.61 -9.08
CA GLU A 61 4.77 3.11 -9.64
C GLU A 61 3.75 3.26 -8.52
N THR A 62 3.32 2.14 -7.95
CA THR A 62 2.40 2.24 -6.83
C THR A 62 2.68 1.21 -5.74
N LEU A 63 2.92 -0.04 -6.15
CA LEU A 63 3.15 -1.11 -5.17
C LEU A 63 4.58 -1.64 -5.15
N ARG A 64 5.16 -1.74 -6.33
CA ARG A 64 6.48 -2.33 -6.48
C ARG A 64 7.49 -1.70 -5.55
N GLY A 65 7.48 -0.40 -5.52
CA GLY A 65 8.42 0.32 -4.71
C GLY A 65 9.80 0.01 -5.23
N ASP A 66 9.89 -0.13 -6.54
CA ASP A 66 11.14 -0.47 -7.20
C ASP A 66 11.99 0.78 -7.47
N GLY A 67 11.36 1.94 -7.34
CA GLY A 67 12.00 3.25 -7.53
C GLY A 67 13.05 3.30 -8.67
N PRO A 68 12.83 4.10 -9.70
CA PRO A 68 13.81 4.24 -10.80
C PRO A 68 14.88 5.29 -10.51
N ASP A 69 14.48 6.41 -9.87
CA ASP A 69 15.45 7.47 -9.57
C ASP A 69 15.69 7.61 -8.07
N ALA A 70 15.47 6.52 -7.32
CA ALA A 70 15.66 6.57 -5.88
C ALA A 70 17.11 6.28 -5.49
N HIS A 71 17.93 5.85 -6.44
CA HIS A 71 19.31 5.52 -6.13
C HIS A 71 20.04 6.69 -5.45
N ASP A 72 19.62 7.91 -5.76
CA ASP A 72 20.23 9.09 -5.15
C ASP A 72 19.35 9.61 -4.02
N LEU A 73 18.09 9.22 -4.03
CA LEU A 73 17.12 9.62 -3.03
C LEU A 73 17.32 8.86 -1.74
N ASP A 74 16.54 9.25 -0.74
CA ASP A 74 16.57 8.67 0.60
C ASP A 74 16.80 7.15 0.57
N PRO A 75 17.22 6.59 1.67
CA PRO A 75 17.51 5.12 1.80
C PRO A 75 16.48 4.24 1.11
N PRO A 76 16.77 2.98 0.95
CA PRO A 76 15.87 2.02 0.24
C PRO A 76 14.42 2.18 0.64
N VAL A 77 13.57 1.99 -0.34
CA VAL A 77 12.13 2.12 -0.17
C VAL A 77 11.47 0.76 0.08
N ALA A 78 10.25 0.78 0.61
CA ALA A 78 9.53 -0.45 0.92
C ALA A 78 8.68 -0.93 -0.25
N ASP A 79 8.25 -2.19 -0.17
CA ASP A 79 7.42 -2.83 -1.19
C ASP A 79 5.96 -2.81 -0.73
N LEU A 80 5.15 -2.00 -1.40
CA LEU A 80 3.74 -1.87 -1.04
C LEU A 80 2.88 -3.05 -1.51
N VAL A 81 3.34 -3.79 -2.49
CA VAL A 81 2.54 -4.93 -2.99
C VAL A 81 2.48 -6.03 -1.96
N GLU A 82 3.52 -6.11 -1.16
CA GLU A 82 3.60 -7.13 -0.12
C GLU A 82 2.74 -6.74 1.08
N HIS A 83 2.63 -5.44 1.29
CA HIS A 83 1.84 -4.91 2.41
C HIS A 83 0.45 -4.46 1.95
N ALA A 84 0.22 -4.49 0.65
CA ALA A 84 -1.06 -4.09 0.09
C ALA A 84 -2.22 -4.93 0.64
N PRO A 85 -2.17 -6.24 0.49
CA PRO A 85 -3.27 -7.10 1.01
C PRO A 85 -3.49 -6.90 2.52
N HIS A 86 -2.52 -6.26 3.17
CA HIS A 86 -2.63 -5.99 4.60
C HIS A 86 -3.31 -4.64 4.83
N HIS A 87 -3.27 -3.78 3.82
CA HIS A 87 -3.90 -2.46 3.92
C HIS A 87 -5.25 -2.46 3.21
N SER A 88 -6.24 -1.84 3.85
CA SER A 88 -7.58 -1.78 3.28
C SER A 88 -7.76 -0.56 2.37
N ASP A 89 -8.90 -0.49 1.70
CA ASP A 89 -9.19 0.61 0.78
C ASP A 89 -9.45 1.93 1.52
N GLY A 90 -10.32 1.93 2.52
CA GLY A 90 -10.63 3.15 3.25
C GLY A 90 -9.37 3.74 3.90
N ASP A 91 -8.46 2.87 4.34
CA ASP A 91 -7.24 3.33 4.99
C ASP A 91 -6.31 4.00 3.99
N LEU A 92 -6.11 3.36 2.85
CA LEU A 92 -5.25 3.91 1.82
C LEU A 92 -5.90 5.15 1.21
N ALA A 93 -7.22 5.11 1.13
CA ALA A 93 -7.97 6.24 0.62
C ALA A 93 -7.96 7.34 1.64
N TYR A 94 -7.87 6.95 2.92
CA TYR A 94 -7.84 7.90 4.03
C TYR A 94 -6.51 8.65 4.05
N ARG A 95 -5.44 7.96 3.69
CA ARG A 95 -4.11 8.57 3.68
C ARG A 95 -3.93 9.47 2.47
N VAL A 96 -4.42 9.02 1.32
CA VAL A 96 -4.25 9.81 0.10
C VAL A 96 -5.04 11.09 0.20
N ARG A 97 -6.14 11.02 0.93
CA ARG A 97 -6.99 12.17 1.06
C ARG A 97 -6.61 13.06 2.24
N ILE A 98 -6.39 12.48 3.41
CA ILE A 98 -6.04 13.28 4.57
C ILE A 98 -4.57 13.12 4.93
N GLY A 99 -4.07 11.89 4.79
CA GLY A 99 -2.68 11.61 5.12
C GLY A 99 -2.42 11.89 6.59
N ARG A 100 -1.55 11.11 7.18
CA ARG A 100 -1.23 11.28 8.59
C ARG A 100 0.27 11.43 8.78
N GLY A 101 1.02 10.49 8.22
CA GLY A 101 2.47 10.53 8.31
C GLY A 101 3.01 11.71 7.53
N PRO A 102 4.30 11.89 7.55
CA PRO A 102 4.99 13.00 6.83
C PRO A 102 5.05 12.82 5.31
N MET A 103 4.10 12.08 4.72
CA MET A 103 4.13 11.88 3.27
C MET A 103 2.73 12.01 2.63
N PRO A 104 1.79 11.11 2.89
CA PRO A 104 0.43 11.19 2.29
C PRO A 104 -0.31 12.48 2.58
N GLY A 105 -1.49 12.61 1.99
CA GLY A 105 -2.29 13.81 2.18
C GLY A 105 -2.54 14.52 0.85
N PHE A 106 -2.62 13.74 -0.23
CA PHE A 106 -2.83 14.28 -1.56
C PHE A 106 -4.33 14.52 -1.85
N GLY A 107 -5.11 14.76 -0.81
CA GLY A 107 -6.54 15.01 -1.00
C GLY A 107 -6.74 16.38 -1.63
N ASP A 108 -5.80 17.27 -1.36
CA ASP A 108 -5.84 18.62 -1.92
C ASP A 108 -5.14 18.64 -3.26
N ALA A 109 -4.22 17.71 -3.44
CA ALA A 109 -3.47 17.58 -4.68
C ALA A 109 -4.26 16.79 -5.72
N LEU A 110 -5.09 15.87 -5.22
CA LEU A 110 -5.90 15.05 -6.11
C LEU A 110 -7.36 15.15 -5.71
N ASP A 111 -8.21 14.66 -6.58
CA ASP A 111 -9.63 14.65 -6.30
C ASP A 111 -10.07 13.27 -5.87
N GLU A 112 -11.31 13.16 -5.42
CA GLU A 112 -11.83 11.89 -5.00
C GLU A 112 -11.76 10.91 -6.14
N ARG A 113 -12.05 11.41 -7.32
CA ARG A 113 -12.02 10.59 -8.53
C ARG A 113 -10.64 10.01 -8.75
N ASP A 114 -9.65 10.77 -8.35
CA ASP A 114 -8.25 10.35 -8.48
C ASP A 114 -7.90 9.41 -7.35
N ILE A 115 -8.58 9.61 -6.24
CA ILE A 115 -8.37 8.82 -5.06
C ILE A 115 -8.94 7.42 -5.24
N TRP A 116 -10.11 7.28 -5.87
CA TRP A 116 -10.65 5.96 -6.06
C TRP A 116 -9.81 5.26 -7.11
N ASP A 117 -9.27 6.02 -8.05
CA ASP A 117 -8.44 5.45 -9.08
C ASP A 117 -7.12 5.01 -8.45
N LEU A 118 -6.57 5.87 -7.59
CA LEU A 118 -5.35 5.55 -6.87
C LEU A 118 -5.58 4.26 -6.08
N VAL A 119 -6.82 4.12 -5.62
CA VAL A 119 -7.26 2.97 -4.83
C VAL A 119 -7.52 1.77 -5.72
N ASN A 120 -7.94 2.05 -6.93
CA ASN A 120 -8.26 0.99 -7.88
C ASN A 120 -7.01 0.31 -8.43
N PHE A 121 -6.07 1.09 -8.92
CA PHE A 121 -4.85 0.53 -9.50
C PHE A 121 -4.03 -0.22 -8.45
N MET A 122 -4.03 0.29 -7.22
CA MET A 122 -3.28 -0.34 -6.14
C MET A 122 -3.98 -1.62 -5.71
N ARG A 123 -5.29 -1.57 -5.77
CA ARG A 123 -6.13 -2.70 -5.40
C ARG A 123 -6.11 -3.76 -6.48
N ASP A 124 -5.95 -3.32 -7.71
CA ASP A 124 -5.90 -4.23 -8.84
C ASP A 124 -4.55 -4.88 -8.90
N ARG A 125 -3.54 -4.04 -8.86
CA ARG A 125 -2.16 -4.45 -8.90
C ARG A 125 -1.81 -5.43 -7.78
N ALA A 126 -2.19 -5.07 -6.56
CA ALA A 126 -1.89 -5.90 -5.41
C ALA A 126 -2.39 -7.33 -5.61
N GLN A 127 -3.61 -7.44 -6.12
CA GLN A 127 -4.19 -8.75 -6.37
C GLN A 127 -3.54 -9.42 -7.57
N GLY A 128 -3.38 -8.65 -8.64
CA GLY A 128 -2.76 -9.16 -9.86
C GLY A 128 -1.34 -9.65 -9.60
N ALA A 129 -0.72 -9.08 -8.58
CA ALA A 129 0.64 -9.46 -8.22
C ALA A 129 0.66 -10.80 -7.49
N ALA A 130 -0.47 -11.16 -6.93
CA ALA A 130 -0.61 -12.41 -6.20
C ALA A 130 -0.82 -13.54 -7.20
N LEU A 131 -1.42 -13.18 -8.33
CA LEU A 131 -1.69 -14.15 -9.38
C LEU A 131 -0.38 -14.60 -10.03
N ALA A 132 0.60 -13.72 -10.03
CA ALA A 132 1.90 -14.04 -10.62
C ALA A 132 2.62 -15.11 -9.79
N GLY A 133 2.24 -15.22 -8.52
CA GLY A 133 2.87 -16.20 -7.64
C GLY A 133 4.17 -15.66 -7.06
N THR A 134 4.23 -14.34 -6.87
CA THR A 134 5.43 -13.71 -6.34
C THR A 134 5.77 -14.28 -4.97
N ASN A 135 4.77 -14.82 -4.28
CA ASN A 135 4.99 -15.38 -2.96
C ASN A 135 6.01 -16.51 -3.04
N GLY A 136 7.18 -16.28 -2.44
CA GLY A 136 8.24 -17.29 -2.46
C GLY A 136 9.29 -16.95 -3.51
N HIS A 137 8.93 -16.14 -4.49
CA HIS A 137 9.86 -15.77 -5.54
C HIS A 137 9.94 -14.25 -5.67
N SER A 138 10.69 -13.77 -6.66
CA SER A 138 10.84 -12.33 -6.87
C SER A 138 10.63 -11.97 -8.34
N PRO A 139 9.43 -12.14 -8.83
CA PRO A 139 9.09 -11.81 -10.25
C PRO A 139 9.61 -10.44 -10.66
N ASP A 140 10.35 -10.40 -11.77
CA ASP A 140 10.91 -9.15 -12.26
C ASP A 140 9.80 -8.18 -12.65
N HIS A 141 9.62 -7.16 -11.83
CA HIS A 141 8.59 -6.15 -12.08
C HIS A 141 9.21 -4.79 -12.38
N ALA A 142 10.50 -4.78 -12.73
CA ALA A 142 11.19 -3.54 -13.02
C ALA A 142 11.01 -3.15 -14.49
N ALA A 143 10.31 -2.04 -14.71
CA ALA A 143 10.07 -1.57 -16.08
C ALA A 143 11.29 -0.83 -16.61
N GLY A 144 11.39 -0.74 -17.93
CA GLY A 144 12.52 -0.05 -18.55
C GLY A 144 13.81 -0.83 -18.36
N ASP A 145 13.69 -2.15 -18.18
CA ASP A 145 14.86 -2.99 -17.98
C ASP A 145 15.76 -2.96 -19.22
N HIS A 146 15.16 -2.69 -20.37
CA HIS A 146 15.92 -2.64 -21.61
C HIS A 146 16.90 -1.47 -21.59
N HIS A 147 18.15 -1.73 -21.97
CA HIS A 147 19.17 -0.70 -21.98
C HIS A 147 19.43 -0.18 -20.57
N HIS A 148 20.57 0.50 -20.39
CA HIS A 148 20.91 1.05 -19.08
C HIS A 148 22.13 1.96 -19.20
N GLY A 149 21.87 3.26 -19.32
CA GLY A 149 22.94 4.24 -19.43
C GLY A 149 22.54 5.57 -18.81
N ASP A 150 23.53 6.36 -18.40
CA ASP A 150 23.27 7.65 -17.79
C ASP A 150 22.56 7.48 -16.45
N HIS A 151 23.00 8.24 -15.46
CA HIS A 151 22.40 8.16 -14.13
C HIS A 151 22.45 9.52 -13.43
N HIS A 152 23.66 10.07 -13.34
CA HIS A 152 23.85 11.37 -12.69
C HIS A 152 23.56 12.50 -13.67
N HIS A 153 23.20 13.67 -13.14
CA HIS A 153 22.92 14.82 -13.98
C HIS A 153 24.18 15.32 -14.66
FE HEC B . 6.86 8.68 -0.17
CHA HEC B . 7.23 6.77 2.61
CHB HEC B . 3.52 8.23 -0.01
CHC HEC B . 6.49 10.63 -2.89
CHD HEC B . 10.22 9.02 -0.35
NA HEC B . 5.64 7.74 1.05
C1A HEC B . 5.96 6.99 2.16
C2A HEC B . 4.77 6.45 2.79
C3A HEC B . 3.73 6.85 2.04
C4A HEC B . 4.27 7.64 0.97
CMA HEC B . 2.29 6.55 2.28
CAA HEC B . 4.72 5.61 4.01
CBA HEC B . 4.47 6.45 5.28
CGA HEC B . 4.63 5.58 6.51
O1A HEC B . 4.04 4.52 6.55
O2A HEC B . 5.33 6.00 7.42
NB HEC B . 5.33 9.30 -1.22
C1B HEC B . 4.00 9.00 -1.03
C2B HEC B . 3.17 9.60 -2.04
C3B HEC B . 4.01 10.28 -2.88
C4B HEC B . 5.34 10.09 -2.34
CMB HEC B . 1.69 9.51 -2.14
CAB HEC B . 3.62 11.03 -4.11
CBB HEC B . 2.47 12.03 -3.85
NC HEC B . 8.09 9.62 -1.36
C1C HEC B . 7.77 10.43 -2.43
C2C HEC B . 8.96 11.00 -3.03
C3C HEC B . 10.02 10.50 -2.32
C4C HEC B . 9.46 9.67 -1.30
CMC HEC B . 9.00 11.96 -4.19
CAC HEC B . 11.51 10.66 -2.54
CBC HEC B . 11.95 11.82 -3.45
ND HEC B . 8.38 8.02 0.88
C1D HEC B . 9.72 8.26 0.66
C2D HEC B . 10.54 7.61 1.66
C3D HEC B . 9.70 6.99 2.51
C4D HEC B . 8.36 7.24 2.01
CMD HEC B . 12.03 7.64 1.75
CAD HEC B . 10.07 6.20 3.72
CBD HEC B . 9.68 6.90 5.02
CGD HEC B . 10.52 6.37 6.18
O1D HEC B . 10.93 7.17 6.99
O2D HEC B . 10.74 5.17 6.21
HHA HEC B . 7.35 6.16 3.51
HHB HEC B . 2.44 8.07 0.03
HHC HEC B . 6.36 11.28 -3.75
HHD HEC B . 11.30 9.14 -0.41
HMA1 HEC B . 1.68 7.37 1.92
HMA2 HEC B . 2.12 6.42 3.35
HMA3 HEC B . 2.02 5.64 1.76
HAA1 HEC B . 5.66 5.09 4.14
HAA2 HEC B . 3.93 4.89 3.91
HBA1 HEC B . 3.47 6.85 5.24
HBA2 HEC B . 5.18 7.26 5.31
HMB1 HEC B . 1.38 9.67 -3.17
HMB2 HEC B . 1.23 10.26 -1.51
HMB3 HEC B . 1.36 8.53 -1.82
HAB HEC B . 4.48 11.57 -4.49
HBB1 HEC B . 2.19 11.99 -2.80
HBB2 HEC B . 1.62 11.76 -4.46
HBB3 HEC B . 2.80 13.01 -4.10
HMC1 HEC B . 9.63 11.56 -4.96
HMC2 HEC B . 9.39 12.90 -3.86
HMC3 HEC B . 8.01 12.10 -4.58
HAC HEC B . 11.99 10.80 -1.57
HBC1 HEC B . 13.01 11.94 -3.38
HBC2 HEC B . 11.46 12.72 -3.11
HBC3 HEC B . 11.65 11.61 -4.46
HMD1 HEC B . 12.33 7.64 2.78
HMD2 HEC B . 12.40 8.53 1.26
HMD3 HEC B . 12.44 6.77 1.26
HAD1 HEC B . 11.14 6.03 3.71
HAD2 HEC B . 9.57 5.24 3.67
HBD1 HEC B . 8.64 6.73 5.22
HBD2 HEC B . 9.85 7.96 4.91
N MET A 1 -23.39 -51.85 34.52
CA MET A 1 -21.99 -51.77 35.03
C MET A 1 -21.37 -50.45 34.58
N ASP A 2 -20.37 -49.99 35.32
CA ASP A 2 -19.70 -48.73 34.98
C ASP A 2 -18.78 -48.91 33.78
N ILE A 3 -18.60 -47.84 33.02
CA ILE A 3 -17.73 -47.89 31.84
C ILE A 3 -16.27 -47.87 32.25
N GLY A 4 -15.50 -48.80 31.71
CA GLY A 4 -14.08 -48.88 32.04
C GLY A 4 -13.26 -48.05 31.06
N ILE A 5 -13.72 -47.97 29.81
CA ILE A 5 -13.02 -47.20 28.79
C ILE A 5 -14.01 -46.39 27.96
N ASN A 6 -14.15 -45.11 28.30
CA ASN A 6 -15.07 -44.24 27.57
C ASN A 6 -14.72 -44.22 26.08
N SER A 7 -15.71 -43.90 25.25
CA SER A 7 -15.51 -43.85 23.81
C SER A 7 -16.16 -42.60 23.23
N ASP A 8 -16.07 -42.46 21.91
CA ASP A 8 -16.65 -41.31 21.23
C ASP A 8 -16.04 -40.02 21.74
N PRO A 9 -14.77 -39.83 21.51
CA PRO A 9 -14.04 -38.62 21.96
C PRO A 9 -14.39 -37.38 21.12
N HIS A 10 -13.99 -36.21 21.60
CA HIS A 10 -14.28 -34.97 20.88
C HIS A 10 -13.13 -34.64 19.93
N PRO A 11 -13.38 -33.78 18.97
CA PRO A 11 -12.34 -33.37 17.98
C PRO A 11 -11.42 -32.30 18.52
N PRO A 12 -10.33 -32.04 17.84
CA PRO A 12 -9.34 -31.01 18.26
C PRO A 12 -9.81 -29.59 17.95
N HIS A 13 -10.99 -29.25 18.44
CA HIS A 13 -11.55 -27.92 18.22
C HIS A 13 -11.51 -27.58 16.73
N HIS A 14 -11.79 -26.30 16.42
CA HIS A 14 -11.77 -25.86 15.04
C HIS A 14 -11.56 -24.34 14.97
N HIS A 15 -10.37 -23.95 14.51
CA HIS A 15 -10.05 -22.53 14.40
C HIS A 15 -10.03 -22.09 12.94
N ASP A 16 -9.71 -20.82 12.71
CA ASP A 16 -9.66 -20.29 11.35
C ASP A 16 -8.84 -19.01 11.31
N HIS A 17 -9.42 -17.93 11.86
CA HIS A 17 -8.74 -16.64 11.87
C HIS A 17 -8.52 -16.12 10.46
N HIS A 18 -8.33 -14.81 10.34
CA HIS A 18 -8.12 -14.20 9.02
C HIS A 18 -7.16 -13.02 9.14
N GLY A 19 -7.67 -11.88 9.59
CA GLY A 19 -6.85 -10.69 9.74
C GLY A 19 -7.61 -9.58 10.45
N HIS A 20 -6.91 -8.51 10.79
CA HIS A 20 -7.54 -7.38 11.48
C HIS A 20 -6.54 -6.24 11.67
N GLY A 21 -5.27 -6.59 11.82
CA GLY A 21 -4.23 -5.59 12.01
C GLY A 21 -3.75 -5.03 10.68
N SER A 22 -2.77 -4.14 10.73
CA SER A 22 -2.22 -3.54 9.52
C SER A 22 -0.91 -2.83 9.83
N GLY A 23 -0.87 -2.12 10.95
CA GLY A 23 0.34 -1.40 11.34
C GLY A 23 0.16 0.11 11.22
N TRP A 24 -0.58 0.53 10.18
CA TRP A 24 -0.82 1.95 9.98
C TRP A 24 -2.06 2.40 10.74
N GLU A 25 -1.94 3.50 11.46
CA GLU A 25 -3.07 4.03 12.22
C GLU A 25 -4.22 4.43 11.30
N VAL A 26 -5.24 3.59 11.27
CA VAL A 26 -6.40 3.86 10.43
C VAL A 26 -7.66 3.25 11.07
N PRO A 27 -8.49 4.03 11.73
CA PRO A 27 -9.73 3.51 12.36
C PRO A 27 -10.53 2.64 11.38
N GLU A 28 -10.99 1.49 11.86
CA GLU A 28 -11.78 0.59 11.02
C GLU A 28 -12.95 1.33 10.43
N ALA A 29 -13.38 2.39 11.11
CA ALA A 29 -14.52 3.16 10.66
C ALA A 29 -14.18 4.00 9.42
N GLU A 30 -12.91 4.34 9.24
CA GLU A 30 -12.50 5.13 8.07
C GLU A 30 -12.27 4.23 6.88
N ILE A 31 -11.91 3.00 7.20
CA ILE A 31 -11.58 2.00 6.23
C ILE A 31 -12.80 1.44 5.51
N HIS A 32 -13.88 1.34 6.25
CA HIS A 32 -15.11 0.75 5.74
C HIS A 32 -16.26 1.76 5.61
N ARG A 33 -16.01 3.07 5.71
CA ARG A 33 -17.16 3.96 5.67
C ARG A 33 -17.69 4.26 4.26
N GLU A 34 -16.91 4.95 3.44
CA GLU A 34 -17.35 5.25 2.09
C GLU A 34 -16.23 5.06 1.10
N ASN A 35 -16.49 4.35 0.02
CA ASN A 35 -15.47 4.22 -0.96
C ASN A 35 -16.08 4.02 -2.34
N PRO A 36 -16.17 5.06 -3.14
CA PRO A 36 -16.68 4.92 -4.51
C PRO A 36 -15.53 4.61 -5.44
N ILE A 37 -15.44 3.39 -5.87
CA ILE A 37 -14.36 2.99 -6.76
C ILE A 37 -14.89 2.31 -8.04
N PRO A 38 -14.63 2.84 -9.22
CA PRO A 38 -15.07 2.18 -10.47
C PRO A 38 -14.04 1.10 -10.83
N PRO A 39 -14.42 -0.15 -10.94
CA PRO A 39 -13.46 -1.23 -11.28
C PRO A 39 -13.23 -1.37 -12.78
N ASP A 40 -12.18 -0.72 -13.28
CA ASP A 40 -11.86 -0.79 -14.70
C ASP A 40 -10.36 -0.63 -14.92
N ALA A 41 -9.99 -0.61 -16.18
CA ALA A 41 -8.60 -0.46 -16.57
C ALA A 41 -8.18 0.99 -16.51
N ARG A 42 -9.13 1.87 -16.68
CA ARG A 42 -8.87 3.28 -16.68
C ARG A 42 -8.59 3.78 -15.28
N SER A 43 -9.17 3.14 -14.30
CA SER A 43 -8.97 3.51 -12.91
C SER A 43 -7.58 3.06 -12.50
N LEU A 44 -7.21 1.95 -13.10
CA LEU A 44 -5.94 1.32 -12.87
C LEU A 44 -4.84 2.09 -13.57
N ASP A 45 -5.11 2.41 -14.82
CA ASP A 45 -4.16 3.13 -15.65
C ASP A 45 -4.05 4.58 -15.22
N GLN A 46 -5.20 5.26 -15.19
CA GLN A 46 -5.19 6.65 -14.82
C GLN A 46 -4.80 6.80 -13.37
N GLY A 47 -5.22 5.84 -12.58
CA GLY A 47 -4.87 5.86 -11.18
C GLY A 47 -3.40 5.57 -11.04
N GLY A 48 -2.88 4.95 -12.07
CA GLY A 48 -1.48 4.61 -12.11
C GLY A 48 -0.61 5.84 -12.37
N VAL A 49 -1.21 6.86 -12.99
CA VAL A 49 -0.45 8.08 -13.31
C VAL A 49 -0.39 9.02 -12.12
N LEU A 50 -1.40 8.96 -11.29
CA LEU A 50 -1.50 9.84 -10.13
C LEU A 50 -0.20 9.92 -9.33
N TYR A 51 0.19 8.77 -8.83
CA TYR A 51 1.38 8.62 -8.03
C TYR A 51 2.64 8.54 -8.88
N ALA A 52 2.48 8.13 -10.13
CA ALA A 52 3.61 7.96 -11.01
C ALA A 52 4.18 9.29 -11.45
N GLU A 53 3.43 10.34 -11.22
CA GLU A 53 3.84 11.65 -11.59
C GLU A 53 5.02 12.09 -10.76
N HIS A 54 4.93 11.81 -9.48
CA HIS A 54 5.98 12.25 -8.57
C HIS A 54 6.43 11.20 -7.55
N CYS A 55 5.51 10.31 -7.14
CA CYS A 55 5.84 9.31 -6.12
C CYS A 55 6.64 8.11 -6.67
N VAL A 56 6.55 7.81 -7.97
CA VAL A 56 7.28 6.66 -8.52
C VAL A 56 8.70 6.99 -8.76
N ARG A 57 8.95 8.24 -9.02
CA ARG A 57 10.28 8.71 -9.23
C ARG A 57 11.16 8.39 -8.03
N CYS A 58 10.53 8.02 -6.91
CA CYS A 58 11.30 7.68 -5.73
C CYS A 58 11.02 6.25 -5.27
N HIS A 59 9.74 5.83 -5.24
CA HIS A 59 9.49 4.45 -4.85
C HIS A 59 8.29 3.81 -5.56
N GLY A 60 8.54 3.33 -6.78
CA GLY A 60 7.55 2.60 -7.56
C GLY A 60 6.25 3.35 -7.77
N GLU A 61 5.52 2.95 -8.81
CA GLU A 61 4.25 3.59 -9.12
C GLU A 61 3.46 3.77 -7.84
N THR A 62 3.06 2.66 -7.21
CA THR A 62 2.36 2.77 -5.95
C THR A 62 2.73 1.63 -5.00
N LEU A 63 2.79 0.41 -5.55
CA LEU A 63 3.06 -0.76 -4.73
C LEU A 63 4.47 -1.30 -4.89
N ARG A 64 4.94 -1.26 -6.12
CA ARG A 64 6.24 -1.82 -6.46
C ARG A 64 7.30 -1.32 -5.53
N GLY A 65 7.30 -0.02 -5.31
CA GLY A 65 8.29 0.55 -4.45
C GLY A 65 9.67 0.21 -4.98
N ASP A 66 9.76 -0.03 -6.30
CA ASP A 66 11.05 -0.41 -6.90
C ASP A 66 11.87 0.82 -7.29
N GLY A 67 11.21 1.98 -7.31
CA GLY A 67 11.83 3.28 -7.63
C GLY A 67 12.90 3.24 -8.74
N PRO A 68 12.70 3.94 -9.84
CA PRO A 68 13.70 3.98 -10.94
C PRO A 68 14.79 5.03 -10.72
N ASP A 69 14.42 6.20 -10.18
CA ASP A 69 15.41 7.25 -9.95
C ASP A 69 15.71 7.43 -8.47
N ALA A 70 15.53 6.37 -7.68
CA ALA A 70 15.79 6.45 -6.25
C ALA A 70 17.26 6.15 -5.92
N HIS A 71 18.01 5.67 -6.89
CA HIS A 71 19.40 5.31 -6.65
C HIS A 71 20.18 6.50 -6.07
N ASP A 72 19.72 7.72 -6.37
CA ASP A 72 20.38 8.93 -5.86
C ASP A 72 19.61 9.47 -4.66
N LEU A 73 18.31 9.22 -4.67
CA LEU A 73 17.41 9.66 -3.62
C LEU A 73 17.70 8.93 -2.32
N ASP A 74 16.98 9.35 -1.29
CA ASP A 74 17.10 8.80 0.06
C ASP A 74 17.33 7.28 0.05
N PRO A 75 17.80 6.74 1.16
CA PRO A 75 18.10 5.27 1.29
C PRO A 75 17.04 4.38 0.63
N PRO A 76 17.36 3.11 0.48
CA PRO A 76 16.46 2.15 -0.19
C PRO A 76 15.00 2.28 0.25
N VAL A 77 14.13 2.06 -0.72
CA VAL A 77 12.70 2.18 -0.52
C VAL A 77 12.07 0.81 -0.26
N ALA A 78 10.86 0.80 0.32
CA ALA A 78 10.17 -0.46 0.62
C ALA A 78 9.14 -0.78 -0.47
N ASP A 79 8.70 -2.05 -0.49
CA ASP A 79 7.72 -2.50 -1.45
C ASP A 79 6.34 -2.58 -0.80
N LEU A 80 5.42 -1.80 -1.32
CA LEU A 80 4.08 -1.75 -0.76
C LEU A 80 3.19 -2.90 -1.22
N VAL A 81 3.51 -3.50 -2.35
CA VAL A 81 2.69 -4.60 -2.88
C VAL A 81 2.60 -5.72 -1.86
N GLU A 82 3.60 -5.83 -1.04
CA GLU A 82 3.65 -6.86 -0.02
C GLU A 82 2.66 -6.56 1.10
N HIS A 83 2.44 -5.27 1.34
CA HIS A 83 1.51 -4.83 2.38
C HIS A 83 0.18 -4.39 1.81
N ALA A 84 0.12 -4.27 0.49
CA ALA A 84 -1.09 -3.84 -0.18
C ALA A 84 -2.27 -4.80 0.06
N PRO A 85 -2.12 -6.10 -0.16
CA PRO A 85 -3.23 -7.06 0.10
C PRO A 85 -3.67 -7.01 1.55
N HIS A 86 -2.82 -6.42 2.40
CA HIS A 86 -3.13 -6.31 3.82
C HIS A 86 -3.86 -5.00 4.13
N HIS A 87 -3.83 -4.06 3.17
CA HIS A 87 -4.49 -2.78 3.36
C HIS A 87 -5.84 -2.76 2.67
N SER A 88 -6.82 -2.13 3.32
CA SER A 88 -8.18 -2.04 2.78
C SER A 88 -8.36 -0.82 1.89
N ASP A 89 -9.56 -0.70 1.31
CA ASP A 89 -9.87 0.41 0.41
C ASP A 89 -9.99 1.75 1.15
N GLY A 90 -10.82 1.81 2.19
CA GLY A 90 -10.99 3.05 2.95
C GLY A 90 -9.65 3.52 3.52
N ASP A 91 -8.80 2.56 3.89
CA ASP A 91 -7.49 2.88 4.46
C ASP A 91 -6.60 3.50 3.40
N LEU A 92 -6.50 2.86 2.24
CA LEU A 92 -5.67 3.37 1.16
C LEU A 92 -6.16 4.77 0.76
N ALA A 93 -7.47 4.94 0.79
CA ALA A 93 -8.09 6.20 0.44
C ALA A 93 -7.89 7.20 1.55
N TYR A 94 -7.89 6.69 2.78
CA TYR A 94 -7.73 7.50 3.96
C TYR A 94 -6.33 8.10 4.05
N ARG A 95 -5.34 7.31 3.68
CA ARG A 95 -3.95 7.77 3.75
C ARG A 95 -3.65 8.78 2.66
N VAL A 96 -4.28 8.63 1.50
CA VAL A 96 -4.04 9.56 0.40
C VAL A 96 -4.73 10.88 0.67
N ARG A 97 -5.91 10.79 1.24
CA ARG A 97 -6.73 11.97 1.49
C ARG A 97 -6.35 12.71 2.77
N ILE A 98 -6.20 11.99 3.89
CA ILE A 98 -5.86 12.63 5.15
C ILE A 98 -4.36 12.56 5.41
N GLY A 99 -3.74 11.49 4.95
CA GLY A 99 -2.31 11.30 5.12
C GLY A 99 -1.83 11.67 6.52
N ARG A 100 -0.52 11.84 6.66
CA ARG A 100 0.06 12.22 7.94
C ARG A 100 0.81 13.54 7.83
N GLY A 101 1.43 13.76 6.67
CA GLY A 101 2.18 15.00 6.45
C GLY A 101 3.34 14.80 5.47
N PRO A 102 4.28 13.96 5.81
CA PRO A 102 5.48 13.67 4.98
C PRO A 102 5.22 13.68 3.48
N MET A 103 4.36 12.77 3.02
CA MET A 103 4.01 12.71 1.60
C MET A 103 2.51 12.58 1.40
N PRO A 104 1.86 11.52 1.86
CA PRO A 104 0.40 11.37 1.68
C PRO A 104 -0.35 12.62 2.07
N GLY A 105 -1.63 12.66 1.71
CA GLY A 105 -2.43 13.82 2.01
C GLY A 105 -2.70 14.60 0.74
N PHE A 106 -2.67 13.88 -0.40
CA PHE A 106 -2.89 14.48 -1.71
C PHE A 106 -4.37 14.64 -2.00
N GLY A 107 -5.20 14.78 -0.97
CA GLY A 107 -6.62 14.97 -1.18
C GLY A 107 -6.89 16.34 -1.80
N ASP A 108 -5.94 17.25 -1.60
CA ASP A 108 -6.04 18.58 -2.16
C ASP A 108 -5.32 18.65 -3.49
N ALA A 109 -4.33 17.79 -3.63
CA ALA A 109 -3.55 17.70 -4.86
C ALA A 109 -4.31 16.87 -5.90
N LEU A 110 -5.13 15.97 -5.41
CA LEU A 110 -5.92 15.11 -6.28
C LEU A 110 -7.37 15.23 -5.88
N ASP A 111 -8.23 14.70 -6.71
CA ASP A 111 -9.65 14.72 -6.41
C ASP A 111 -10.06 13.37 -5.88
N GLU A 112 -11.30 13.26 -5.46
CA GLU A 112 -11.78 12.02 -4.95
C GLU A 112 -11.72 10.96 -6.03
N ARG A 113 -12.13 11.35 -7.21
CA ARG A 113 -12.13 10.46 -8.36
C ARG A 113 -10.75 9.89 -8.58
N ASP A 114 -9.76 10.68 -8.24
CA ASP A 114 -8.38 10.28 -8.38
C ASP A 114 -8.03 9.39 -7.22
N ILE A 115 -8.56 9.75 -6.07
CA ILE A 115 -8.33 9.01 -4.88
C ILE A 115 -8.85 7.59 -5.03
N TRP A 116 -9.96 7.44 -5.74
CA TRP A 116 -10.52 6.13 -5.95
C TRP A 116 -9.70 5.41 -7.02
N ASP A 117 -9.09 6.18 -7.91
CA ASP A 117 -8.26 5.57 -8.93
C ASP A 117 -6.97 5.07 -8.27
N LEU A 118 -6.39 5.90 -7.41
CA LEU A 118 -5.20 5.51 -6.67
C LEU A 118 -5.50 4.22 -5.91
N VAL A 119 -6.75 4.12 -5.44
CA VAL A 119 -7.20 2.97 -4.68
C VAL A 119 -7.42 1.78 -5.60
N ASN A 120 -7.87 2.07 -6.80
CA ASN A 120 -8.13 1.04 -7.78
C ASN A 120 -6.86 0.41 -8.31
N PHE A 121 -5.93 1.24 -8.75
CA PHE A 121 -4.67 0.75 -9.28
C PHE A 121 -3.92 -0.07 -8.22
N MET A 122 -4.04 0.36 -6.96
CA MET A 122 -3.39 -0.32 -5.85
C MET A 122 -4.12 -1.61 -5.51
N ARG A 123 -5.44 -1.54 -5.59
CA ARG A 123 -6.30 -2.64 -5.30
C ARG A 123 -6.20 -3.71 -6.37
N ASP A 124 -5.94 -3.28 -7.57
CA ASP A 124 -5.81 -4.20 -8.69
C ASP A 124 -4.46 -4.88 -8.65
N ARG A 125 -3.46 -4.03 -8.53
CA ARG A 125 -2.08 -4.44 -8.49
C ARG A 125 -1.76 -5.35 -7.30
N ALA A 126 -2.21 -4.95 -6.12
CA ALA A 126 -1.93 -5.70 -4.90
C ALA A 126 -2.29 -7.17 -5.03
N GLN A 127 -3.56 -7.41 -5.27
CA GLN A 127 -4.06 -8.76 -5.43
C GLN A 127 -3.72 -9.32 -6.80
N GLY A 128 -3.60 -8.44 -7.77
CA GLY A 128 -3.26 -8.83 -9.14
C GLY A 128 -1.83 -9.36 -9.21
N ALA A 129 -0.99 -8.90 -8.28
CA ALA A 129 0.40 -9.31 -8.24
C ALA A 129 0.52 -10.75 -7.75
N ALA A 130 -0.51 -11.19 -7.06
CA ALA A 130 -0.55 -12.55 -6.53
C ALA A 130 -0.94 -13.51 -7.64
N LEU A 131 -1.67 -12.99 -8.62
CA LEU A 131 -2.11 -13.77 -9.75
C LEU A 131 -0.96 -14.03 -10.72
N ALA A 132 0.04 -13.17 -10.68
CA ALA A 132 1.19 -13.31 -11.56
C ALA A 132 1.90 -14.64 -11.33
N GLY A 133 1.84 -15.13 -10.09
CA GLY A 133 2.47 -16.40 -9.76
C GLY A 133 3.77 -16.19 -8.98
N THR A 134 3.69 -15.37 -7.93
CA THR A 134 4.86 -15.08 -7.11
C THR A 134 4.68 -15.66 -5.70
N ASN A 135 3.43 -15.89 -5.32
CA ASN A 135 3.16 -16.44 -4.00
C ASN A 135 3.60 -17.89 -3.92
N GLY A 136 4.64 -18.16 -3.14
CA GLY A 136 5.14 -19.53 -2.97
C GLY A 136 6.40 -19.77 -3.79
N HIS A 137 6.63 -18.95 -4.81
CA HIS A 137 7.81 -19.12 -5.66
C HIS A 137 8.08 -17.86 -6.46
N SER A 138 9.26 -17.77 -7.06
CA SER A 138 9.62 -16.59 -7.85
C SER A 138 8.48 -16.23 -8.81
N PRO A 139 8.18 -14.95 -9.01
CA PRO A 139 7.08 -14.54 -9.92
C PRO A 139 7.28 -15.08 -11.33
N ASP A 140 6.25 -14.95 -12.17
CA ASP A 140 6.32 -15.44 -13.54
C ASP A 140 7.60 -14.97 -14.21
N HIS A 141 8.23 -15.88 -14.96
CA HIS A 141 9.46 -15.55 -15.66
C HIS A 141 9.21 -15.25 -17.14
N ALA A 142 7.95 -14.95 -17.47
CA ALA A 142 7.59 -14.65 -18.85
C ALA A 142 8.47 -13.52 -19.40
N ALA A 143 8.56 -13.44 -20.72
CA ALA A 143 9.36 -12.41 -21.37
C ALA A 143 9.03 -11.04 -20.80
N GLY A 144 9.95 -10.09 -20.97
CA GLY A 144 9.74 -8.74 -20.46
C GLY A 144 10.55 -8.50 -19.20
N ASP A 145 11.69 -9.19 -19.09
CA ASP A 145 12.56 -9.05 -17.92
C ASP A 145 13.19 -7.66 -17.90
N HIS A 146 13.32 -7.05 -19.07
CA HIS A 146 13.92 -5.73 -19.16
C HIS A 146 13.18 -4.74 -18.26
N HIS A 147 13.94 -3.90 -17.56
CA HIS A 147 13.34 -2.91 -16.66
C HIS A 147 12.39 -3.59 -15.69
N HIS A 148 12.82 -4.70 -15.11
CA HIS A 148 11.98 -5.43 -14.16
C HIS A 148 12.83 -6.47 -13.41
N GLY A 149 12.57 -6.59 -12.11
CA GLY A 149 13.30 -7.55 -11.29
C GLY A 149 14.70 -7.03 -10.97
N ASP A 150 14.98 -6.86 -9.68
CA ASP A 150 16.29 -6.37 -9.26
C ASP A 150 16.45 -6.50 -7.74
N HIS A 151 17.68 -6.66 -7.29
CA HIS A 151 17.96 -6.79 -5.86
C HIS A 151 17.10 -7.90 -5.26
N HIS A 152 17.59 -9.13 -5.38
CA HIS A 152 16.86 -10.28 -4.84
C HIS A 152 17.79 -11.16 -4.01
N HIS A 153 17.22 -11.85 -3.03
CA HIS A 153 18.01 -12.72 -2.17
C HIS A 153 17.46 -14.15 -2.21
FE HEC B . 7.21 8.50 -0.25
CHA HEC B . 7.65 6.44 2.41
CHB HEC B . 3.86 8.06 -0.02
CHC HEC B . 6.78 10.62 -2.83
CHD HEC B . 10.57 8.81 -0.54
NA HEC B . 6.02 7.48 0.94
C1A HEC B . 6.37 6.68 2.00
C2A HEC B . 5.21 6.10 2.62
C3A HEC B . 4.13 6.55 1.93
C4A HEC B . 4.65 7.40 0.89
CMA HEC B . 2.71 6.23 2.19
CAA HEC B . 5.19 5.20 3.81
CBA HEC B . 5.93 3.89 3.56
CGA HEC B . 6.89 3.59 4.71
O1A HEC B . 8.09 3.66 4.50
O2A HEC B . 6.40 3.29 5.79
NB HEC B . 5.66 9.19 -1.20
C1B HEC B . 4.33 8.90 -1.00
C2B HEC B . 3.48 9.59 -1.93
C3B HEC B . 4.30 10.31 -2.73
C4B HEC B . 5.65 10.07 -2.27
CMB HEC B . 2.00 9.53 -1.99
CAB HEC B . 3.89 11.17 -3.89
CBB HEC B . 2.76 12.16 -3.52
NC HEC B . 8.41 9.51 -1.42
C1C HEC B . 8.08 10.36 -2.44
C2C HEC B . 9.26 10.92 -3.07
C3C HEC B . 10.33 10.36 -2.44
C4C HEC B . 9.79 9.51 -1.42
CMC HEC B . 9.26 11.92 -4.19
CAC HEC B . 11.82 10.51 -2.72
CBC HEC B . 12.22 11.70 -3.59
ND HEC B . 8.76 7.78 0.70
C1D HEC B . 10.10 8.00 0.45
C2D HEC B . 10.94 7.31 1.40
C3D HEC B . 10.12 6.64 2.24
C4D HEC B . 8.77 6.94 1.80
CMD HEC B . 12.43 7.32 1.44
CAD HEC B . 10.52 5.79 3.38
CBD HEC B . 10.74 6.61 4.66
CGD HEC B . 11.31 5.73 5.76
O1D HEC B . 11.40 4.52 5.54
O2D HEC B . 11.67 6.26 6.80
HHA HEC B . 7.79 5.79 3.27
HHB HEC B . 2.79 7.91 0.04
HHC HEC B . 6.63 11.31 -3.64
HHD HEC B . 11.66 8.89 -0.64
HMA1 HEC B . 2.55 6.10 3.25
HMA2 HEC B . 2.45 5.31 1.68
HMA3 HEC B . 2.08 7.03 1.82
HAA1 HEC B . 4.16 4.98 4.06
HAA2 HEC B . 5.66 5.70 4.64
HBA1 HEC B . 6.50 3.97 2.64
HBA2 HEC B . 5.22 3.08 3.47
HMB1 HEC B . 1.67 9.87 -2.96
HMB2 HEC B . 1.57 10.16 -1.22
HMB3 HEC B . 1.67 8.51 -1.85
HAB HEC B . 4.75 11.74 -4.21
HBB1 HEC B . 2.52 12.05 -2.47
HBB2 HEC B . 1.87 11.94 -4.12
HBB3 HEC B . 3.09 13.16 -3.72
HMC1 HEC B . 8.27 12.05 -4.59
HMC2 HEC B . 9.90 11.58 -4.98
HMC3 HEC B . 9.63 12.87 -3.83
HAC HEC B . 12.33 10.60 -1.77
HBC1 HEC B . 11.73 12.59 -3.24
HBC2 HEC B . 11.95 11.51 -4.61
HBC3 HEC B . 13.30 11.83 -3.53
HMD1 HEC B . 12.82 6.51 0.83
HMD2 HEC B . 12.76 7.18 2.47
HMD3 HEC B . 12.79 8.26 1.07
HAD1 HEC B . 11.43 5.28 3.14
HAD2 HEC B . 9.74 5.07 3.57
HBD1 HEC B . 9.79 7.02 4.99
HBD2 HEC B . 11.42 7.43 4.45
N MET A 1 4.50 3.34 47.11
CA MET A 1 5.72 4.20 47.32
C MET A 1 5.72 5.34 46.31
N ASP A 2 5.78 4.98 45.04
CA ASP A 2 5.78 5.98 43.97
C ASP A 2 7.06 6.83 44.04
N ILE A 3 7.61 7.16 42.88
CA ILE A 3 8.82 7.96 42.82
C ILE A 3 8.48 9.45 42.89
N GLY A 4 9.16 10.15 43.79
CA GLY A 4 8.93 11.59 43.96
C GLY A 4 9.77 12.40 42.97
N ILE A 5 10.98 11.91 42.70
CA ILE A 5 11.88 12.59 41.78
C ILE A 5 12.86 11.60 41.16
N ASN A 6 12.61 11.24 39.89
CA ASN A 6 13.49 10.30 39.20
C ASN A 6 14.87 10.92 38.99
N SER A 7 15.88 10.06 38.87
CA SER A 7 17.25 10.53 38.68
C SER A 7 18.01 9.56 37.78
N ASP A 8 17.31 8.96 36.83
CA ASP A 8 17.94 8.01 35.91
C ASP A 8 18.33 8.71 34.61
N PRO A 9 19.15 8.08 33.82
CA PRO A 9 19.63 8.65 32.53
C PRO A 9 18.56 8.58 31.44
N HIS A 10 18.19 7.37 31.05
CA HIS A 10 17.19 7.17 30.01
C HIS A 10 16.85 5.69 29.84
N PRO A 11 16.11 5.15 30.79
CA PRO A 11 15.70 3.71 30.77
C PRO A 11 15.28 3.24 29.37
N PRO A 12 16.13 2.53 28.65
CA PRO A 12 15.80 2.03 27.28
C PRO A 12 14.44 1.33 27.24
N HIS A 13 13.86 1.24 26.05
CA HIS A 13 12.57 0.60 25.89
C HIS A 13 12.66 -0.53 24.87
N HIS A 14 12.00 -1.65 25.17
CA HIS A 14 12.02 -2.80 24.28
C HIS A 14 11.15 -2.54 23.06
N HIS A 15 11.40 -3.29 21.98
CA HIS A 15 10.64 -3.14 20.76
C HIS A 15 10.18 -4.49 20.22
N ASP A 16 9.24 -5.11 20.92
CA ASP A 16 8.72 -6.42 20.51
C ASP A 16 8.31 -6.39 19.04
N HIS A 17 8.36 -7.55 18.39
CA HIS A 17 7.99 -7.65 16.99
C HIS A 17 6.57 -8.17 16.84
N HIS A 18 6.00 -8.01 15.66
CA HIS A 18 4.64 -8.47 15.40
C HIS A 18 4.38 -8.55 13.90
N GLY A 19 4.75 -7.50 13.18
CA GLY A 19 4.55 -7.47 11.73
C GLY A 19 5.26 -6.27 11.11
N HIS A 20 6.43 -6.52 10.52
CA HIS A 20 7.20 -5.45 9.89
C HIS A 20 6.45 -4.91 8.68
N GLY A 21 6.06 -3.64 8.75
CA GLY A 21 5.34 -3.02 7.65
C GLY A 21 5.02 -1.56 7.96
N SER A 22 3.74 -1.27 8.15
CA SER A 22 3.31 0.09 8.45
C SER A 22 2.57 0.15 9.78
N GLY A 23 1.32 -0.31 9.77
CA GLY A 23 0.51 -0.30 10.99
C GLY A 23 0.04 1.11 11.31
N TRP A 24 0.05 1.99 10.31
CA TRP A 24 -0.37 3.37 10.50
C TRP A 24 -1.66 3.46 11.30
N GLU A 25 -1.91 4.63 11.88
CA GLU A 25 -3.10 4.85 12.67
C GLU A 25 -4.29 5.22 11.77
N VAL A 26 -5.19 4.28 11.60
CA VAL A 26 -6.37 4.50 10.78
C VAL A 26 -7.54 3.67 11.32
N PRO A 27 -8.45 4.27 12.06
CA PRO A 27 -9.62 3.54 12.61
C PRO A 27 -10.28 2.66 11.55
N GLU A 28 -10.58 1.42 11.90
CA GLU A 28 -11.21 0.51 10.96
C GLU A 28 -12.47 1.13 10.39
N ALA A 29 -13.04 2.08 11.13
CA ALA A 29 -14.24 2.73 10.69
C ALA A 29 -13.98 3.61 9.47
N GLU A 30 -12.72 4.03 9.29
CA GLU A 30 -12.38 4.86 8.14
C GLU A 30 -12.15 3.99 6.93
N ILE A 31 -11.63 2.81 7.20
CA ILE A 31 -11.31 1.85 6.19
C ILE A 31 -12.55 1.40 5.42
N HIS A 32 -13.63 1.24 6.15
CA HIS A 32 -14.87 0.75 5.59
C HIS A 32 -15.98 1.79 5.55
N ARG A 33 -15.67 3.07 5.73
CA ARG A 33 -16.77 4.02 5.76
C ARG A 33 -17.35 4.28 4.37
N GLU A 34 -16.51 4.75 3.45
CA GLU A 34 -16.94 4.99 2.09
C GLU A 34 -15.91 4.51 1.11
N ASN A 35 -16.35 3.89 0.04
CA ASN A 35 -15.41 3.50 -0.95
C ASN A 35 -16.06 3.46 -2.32
N PRO A 36 -16.10 4.57 -2.99
CA PRO A 36 -16.64 4.64 -4.35
C PRO A 36 -15.52 4.56 -5.38
N ILE A 37 -15.37 3.42 -6.00
CA ILE A 37 -14.36 3.27 -7.03
C ILE A 37 -14.96 2.66 -8.29
N PRO A 38 -14.66 3.15 -9.46
CA PRO A 38 -15.16 2.51 -10.69
C PRO A 38 -14.21 1.34 -11.04
N PRO A 39 -14.69 0.12 -11.11
CA PRO A 39 -13.82 -1.04 -11.43
C PRO A 39 -13.54 -1.13 -12.91
N ASP A 40 -12.46 -0.48 -13.35
CA ASP A 40 -12.11 -0.49 -14.75
C ASP A 40 -10.62 -0.38 -14.94
N ALA A 41 -10.21 -0.47 -16.21
CA ALA A 41 -8.82 -0.36 -16.58
C ALA A 41 -8.35 1.08 -16.47
N ARG A 42 -9.30 1.99 -16.61
CA ARG A 42 -9.01 3.40 -16.55
C ARG A 42 -8.77 3.84 -15.13
N SER A 43 -9.44 3.19 -14.20
CA SER A 43 -9.28 3.49 -12.79
C SER A 43 -7.91 3.01 -12.38
N LEU A 44 -7.51 1.94 -13.03
CA LEU A 44 -6.25 1.30 -12.80
C LEU A 44 -5.12 2.07 -13.47
N ASP A 45 -5.35 2.42 -14.72
CA ASP A 45 -4.37 3.14 -15.49
C ASP A 45 -4.23 4.55 -15.00
N GLN A 46 -5.34 5.28 -14.97
CA GLN A 46 -5.28 6.63 -14.51
C GLN A 46 -4.91 6.68 -13.04
N GLY A 47 -5.47 5.75 -12.27
CA GLY A 47 -5.16 5.62 -10.86
C GLY A 47 -3.66 5.38 -10.70
N GLY A 48 -3.08 4.91 -11.78
CA GLY A 48 -1.66 4.59 -11.83
C GLY A 48 -0.76 5.78 -12.13
N VAL A 49 -1.27 6.80 -12.82
CA VAL A 49 -0.42 7.92 -13.20
C VAL A 49 -0.17 8.89 -12.04
N LEU A 50 -1.21 9.14 -11.28
CA LEU A 50 -1.12 10.06 -10.15
C LEU A 50 0.10 9.77 -9.29
N TYR A 51 0.20 8.52 -8.93
CA TYR A 51 1.26 8.02 -8.09
C TYR A 51 2.59 8.04 -8.85
N ALA A 52 2.50 7.82 -10.16
CA ALA A 52 3.66 7.75 -11.02
C ALA A 52 4.20 9.13 -11.41
N GLU A 53 3.37 10.13 -11.23
CA GLU A 53 3.74 11.47 -11.60
C GLU A 53 4.85 11.99 -10.73
N HIS A 54 4.73 11.72 -9.44
CA HIS A 54 5.72 12.23 -8.50
C HIS A 54 6.22 11.22 -7.48
N CYS A 55 5.37 10.29 -7.08
CA CYS A 55 5.74 9.32 -6.05
C CYS A 55 6.66 8.19 -6.55
N VAL A 56 6.47 7.72 -7.78
CA VAL A 56 7.27 6.62 -8.30
C VAL A 56 8.71 7.00 -8.42
N ARG A 57 8.95 8.25 -8.70
CA ARG A 57 10.30 8.73 -8.81
C ARG A 57 11.08 8.43 -7.54
N CYS A 58 10.38 8.06 -6.46
CA CYS A 58 11.07 7.73 -5.22
C CYS A 58 10.79 6.30 -4.80
N HIS A 59 9.53 5.84 -4.86
CA HIS A 59 9.28 4.45 -4.51
C HIS A 59 8.20 3.77 -5.35
N GLY A 60 8.59 3.33 -6.55
CA GLY A 60 7.70 2.56 -7.44
C GLY A 60 6.37 3.25 -7.72
N GLU A 61 5.73 2.81 -8.81
CA GLU A 61 4.45 3.38 -9.16
C GLU A 61 3.59 3.41 -7.93
N THR A 62 3.21 2.23 -7.43
CA THR A 62 2.44 2.19 -6.20
C THR A 62 2.81 1.00 -5.32
N LEU A 63 2.98 -0.17 -5.94
CA LEU A 63 3.25 -1.39 -5.19
C LEU A 63 4.67 -1.91 -5.32
N ARG A 64 5.19 -1.82 -6.52
CA ARG A 64 6.50 -2.37 -6.81
C ARG A 64 7.58 -1.77 -5.96
N GLY A 65 7.52 -0.46 -5.81
CA GLY A 65 8.52 0.22 -5.03
C GLY A 65 9.89 -0.01 -5.64
N ASP A 66 9.94 -0.02 -6.97
CA ASP A 66 11.21 -0.26 -7.65
C ASP A 66 12.00 1.05 -7.80
N GLY A 67 11.31 2.17 -7.61
CA GLY A 67 11.91 3.52 -7.67
C GLY A 67 12.99 3.71 -8.76
N PRO A 68 12.80 4.57 -9.74
CA PRO A 68 13.81 4.81 -10.79
C PRO A 68 14.85 5.86 -10.37
N ASP A 69 14.41 6.91 -9.65
CA ASP A 69 15.34 7.95 -9.22
C ASP A 69 15.53 7.94 -7.71
N ALA A 70 15.38 6.78 -7.10
CA ALA A 70 15.54 6.68 -5.65
C ALA A 70 17.01 6.46 -5.26
N HIS A 71 17.86 6.22 -6.24
CA HIS A 71 19.26 5.98 -5.95
C HIS A 71 19.87 7.11 -5.13
N ASP A 72 19.58 8.35 -5.51
CA ASP A 72 20.10 9.51 -4.78
C ASP A 72 19.24 9.78 -3.55
N LEU A 73 18.01 9.29 -3.59
CA LEU A 73 17.07 9.46 -2.49
C LEU A 73 17.39 8.52 -1.36
N ASP A 74 16.66 8.71 -0.27
CA ASP A 74 16.81 7.91 0.95
C ASP A 74 17.03 6.43 0.62
N PRO A 75 17.55 5.67 1.57
CA PRO A 75 17.84 4.21 1.39
C PRO A 75 16.73 3.47 0.63
N PRO A 76 17.02 2.28 0.20
CA PRO A 76 16.04 1.46 -0.58
C PRO A 76 14.63 1.51 0.01
N VAL A 77 13.68 1.50 -0.91
CA VAL A 77 12.27 1.57 -0.56
C VAL A 77 11.66 0.17 -0.51
N ALA A 78 10.51 0.04 0.15
CA ALA A 78 9.84 -1.26 0.27
C ALA A 78 8.82 -1.49 -0.84
N ASP A 79 8.40 -2.76 -0.96
CA ASP A 79 7.42 -3.16 -1.95
C ASP A 79 6.05 -3.30 -1.29
N LEU A 80 5.12 -2.46 -1.70
CA LEU A 80 3.79 -2.45 -1.13
C LEU A 80 2.91 -3.58 -1.64
N VAL A 81 3.26 -4.17 -2.77
CA VAL A 81 2.46 -5.25 -3.33
C VAL A 81 2.24 -6.36 -2.31
N GLU A 82 3.22 -6.50 -1.44
CA GLU A 82 3.18 -7.52 -0.39
C GLU A 82 2.32 -7.08 0.79
N HIS A 83 2.45 -5.81 1.14
CA HIS A 83 1.72 -5.26 2.29
C HIS A 83 0.35 -4.71 1.90
N ALA A 84 0.08 -4.67 0.61
CA ALA A 84 -1.20 -4.16 0.12
C ALA A 84 -2.35 -4.98 0.68
N PRO A 85 -2.34 -6.28 0.52
CA PRO A 85 -3.42 -7.14 1.09
C PRO A 85 -3.65 -6.85 2.58
N HIS A 86 -2.66 -6.23 3.22
CA HIS A 86 -2.76 -5.90 4.64
C HIS A 86 -3.40 -4.53 4.83
N HIS A 87 -3.29 -3.69 3.81
CA HIS A 87 -3.86 -2.34 3.86
C HIS A 87 -5.21 -2.31 3.14
N SER A 88 -6.19 -1.67 3.77
CA SER A 88 -7.52 -1.57 3.20
C SER A 88 -7.65 -0.36 2.29
N ASP A 89 -8.75 -0.28 1.56
CA ASP A 89 -8.98 0.83 0.63
C ASP A 89 -9.28 2.12 1.37
N GLY A 90 -10.24 2.09 2.29
CA GLY A 90 -10.61 3.30 3.03
C GLY A 90 -9.39 3.91 3.69
N ASP A 91 -8.47 3.06 4.12
CA ASP A 91 -7.26 3.52 4.78
C ASP A 91 -6.31 4.18 3.77
N LEU A 92 -6.02 3.49 2.68
CA LEU A 92 -5.15 4.05 1.67
C LEU A 92 -5.74 5.34 1.14
N ALA A 93 -7.06 5.38 1.08
CA ALA A 93 -7.78 6.55 0.63
C ALA A 93 -7.72 7.61 1.71
N TYR A 94 -7.68 7.16 2.95
CA TYR A 94 -7.60 8.07 4.09
C TYR A 94 -6.26 8.80 4.10
N ARG A 95 -5.21 8.09 3.70
CA ARG A 95 -3.87 8.66 3.67
C ARG A 95 -3.68 9.57 2.45
N VAL A 96 -4.32 9.22 1.35
CA VAL A 96 -4.19 10.00 0.13
C VAL A 96 -4.99 11.29 0.23
N ARG A 97 -6.05 11.25 1.00
CA ARG A 97 -6.91 12.41 1.12
C ARG A 97 -6.47 13.36 2.24
N ILE A 98 -6.22 12.84 3.43
CA ILE A 98 -5.81 13.69 4.55
C ILE A 98 -4.30 13.64 4.75
N GLY A 99 -3.74 12.45 4.59
CA GLY A 99 -2.30 12.26 4.71
C GLY A 99 -1.73 12.74 6.05
N ARG A 100 -0.57 12.21 6.41
CA ARG A 100 0.08 12.61 7.64
C ARG A 100 1.55 12.92 7.38
N GLY A 101 2.18 12.05 6.59
CA GLY A 101 3.59 12.20 6.28
C GLY A 101 3.82 13.29 5.22
N PRO A 102 5.06 13.66 5.04
CA PRO A 102 5.48 14.69 4.05
C PRO A 102 4.96 14.49 2.62
N MET A 103 4.35 13.33 2.33
CA MET A 103 3.86 13.09 0.96
C MET A 103 2.36 12.89 0.92
N PRO A 104 1.80 11.98 1.67
CA PRO A 104 0.34 11.74 1.64
C PRO A 104 -0.41 13.04 1.87
N GLY A 105 -1.70 13.07 1.56
CA GLY A 105 -2.48 14.28 1.76
C GLY A 105 -2.77 14.91 0.41
N PHE A 106 -2.81 14.09 -0.61
CA PHE A 106 -3.07 14.55 -1.97
C PHE A 106 -4.57 14.74 -2.22
N GLY A 107 -5.34 15.00 -1.18
CA GLY A 107 -6.77 15.22 -1.34
C GLY A 107 -7.01 16.57 -2.01
N ASP A 108 -6.07 17.48 -1.79
CA ASP A 108 -6.15 18.80 -2.39
C ASP A 108 -5.41 18.82 -3.72
N ALA A 109 -4.44 17.93 -3.83
CA ALA A 109 -3.65 17.81 -5.05
C ALA A 109 -4.40 16.97 -6.08
N LEU A 110 -5.25 16.07 -5.57
CA LEU A 110 -6.02 15.20 -6.42
C LEU A 110 -7.49 15.33 -6.09
N ASP A 111 -8.31 14.74 -6.93
CA ASP A 111 -9.72 14.74 -6.69
C ASP A 111 -10.13 13.42 -6.10
N GLU A 112 -11.40 13.28 -5.81
CA GLU A 112 -11.88 12.04 -5.25
C GLU A 112 -11.73 10.92 -6.25
N ARG A 113 -12.12 11.20 -7.48
CA ARG A 113 -12.04 10.24 -8.55
C ARG A 113 -10.62 9.73 -8.71
N ASP A 114 -9.69 10.61 -8.37
CA ASP A 114 -8.27 10.30 -8.45
C ASP A 114 -7.87 9.45 -7.27
N ILE A 115 -8.52 9.74 -6.16
CA ILE A 115 -8.28 9.03 -4.93
C ILE A 115 -8.78 7.61 -5.03
N TRP A 116 -9.93 7.45 -5.67
CA TRP A 116 -10.52 6.14 -5.84
C TRP A 116 -9.77 5.37 -6.90
N ASP A 117 -9.32 6.04 -7.96
CA ASP A 117 -8.56 5.35 -8.97
C ASP A 117 -7.20 4.99 -8.36
N LEU A 118 -6.68 5.90 -7.53
CA LEU A 118 -5.43 5.66 -6.84
C LEU A 118 -5.58 4.37 -6.04
N VAL A 119 -6.80 4.18 -5.52
CA VAL A 119 -7.14 3.02 -4.71
C VAL A 119 -7.37 1.79 -5.56
N ASN A 120 -7.90 1.98 -6.74
CA ASN A 120 -8.19 0.86 -7.62
C ASN A 120 -6.93 0.29 -8.27
N PHE A 121 -6.01 1.15 -8.70
CA PHE A 121 -4.79 0.66 -9.34
C PHE A 121 -3.97 -0.19 -8.37
N MET A 122 -3.89 0.24 -7.11
CA MET A 122 -3.14 -0.48 -6.09
C MET A 122 -3.87 -1.75 -5.69
N ARG A 123 -5.18 -1.64 -5.69
CA ARG A 123 -6.07 -2.71 -5.32
C ARG A 123 -6.09 -3.79 -6.40
N ASP A 124 -5.95 -3.34 -7.63
CA ASP A 124 -5.96 -4.26 -8.76
C ASP A 124 -4.61 -4.95 -8.86
N ARG A 125 -3.59 -4.11 -8.85
CA ARG A 125 -2.23 -4.56 -8.95
C ARG A 125 -1.87 -5.54 -7.83
N ALA A 126 -2.18 -5.15 -6.61
CA ALA A 126 -1.89 -6.01 -5.46
C ALA A 126 -2.55 -7.36 -5.61
N GLN A 127 -3.72 -7.37 -6.22
CA GLN A 127 -4.46 -8.61 -6.43
C GLN A 127 -3.80 -9.44 -7.52
N GLY A 128 -3.49 -8.81 -8.65
CA GLY A 128 -2.85 -9.51 -9.76
C GLY A 128 -1.55 -10.17 -9.30
N ALA A 129 -0.92 -9.57 -8.30
CA ALA A 129 0.32 -10.09 -7.76
C ALA A 129 0.07 -11.25 -6.82
N ALA A 130 -1.16 -11.35 -6.34
CA ALA A 130 -1.55 -12.40 -5.43
C ALA A 130 -1.81 -13.68 -6.20
N LEU A 131 -2.23 -13.51 -7.45
CA LEU A 131 -2.53 -14.63 -8.32
C LEU A 131 -1.33 -15.56 -8.41
N ALA A 132 -0.13 -15.00 -8.23
CA ALA A 132 1.09 -15.79 -8.29
C ALA A 132 1.18 -16.76 -7.11
N GLY A 133 0.60 -16.36 -5.98
CA GLY A 133 0.60 -17.19 -4.79
C GLY A 133 1.61 -16.68 -3.78
N THR A 134 1.68 -15.35 -3.64
CA THR A 134 2.62 -14.75 -2.70
C THR A 134 2.09 -14.85 -1.26
N ASN A 135 0.78 -15.01 -1.13
CA ASN A 135 0.17 -15.14 0.20
C ASN A 135 0.86 -16.24 0.99
N GLY A 136 1.57 -15.85 2.05
CA GLY A 136 2.26 -16.82 2.88
C GLY A 136 3.77 -16.71 2.71
N HIS A 137 4.23 -15.54 2.26
CA HIS A 137 5.66 -15.33 2.06
C HIS A 137 6.28 -16.47 1.27
N SER A 138 5.81 -16.64 0.04
CA SER A 138 6.33 -17.71 -0.82
C SER A 138 5.62 -17.70 -2.18
N PRO A 139 5.93 -16.74 -3.00
CA PRO A 139 5.32 -16.61 -4.35
C PRO A 139 6.03 -17.48 -5.39
N ASP A 140 5.24 -18.05 -6.30
CA ASP A 140 5.80 -18.90 -7.35
C ASP A 140 6.52 -18.06 -8.40
N HIS A 141 7.85 -18.11 -8.38
CA HIS A 141 8.64 -17.35 -9.34
C HIS A 141 9.09 -18.24 -10.50
N ALA A 142 8.40 -19.37 -10.69
CA ALA A 142 8.74 -20.29 -11.77
C ALA A 142 8.56 -19.61 -13.13
N ALA A 143 9.17 -20.19 -14.16
CA ALA A 143 9.06 -19.63 -15.50
C ALA A 143 7.66 -19.83 -16.06
N GLY A 144 7.04 -18.74 -16.50
CA GLY A 144 5.70 -18.80 -17.06
C GLY A 144 4.67 -18.38 -16.02
N ASP A 145 5.08 -17.52 -15.09
CA ASP A 145 4.18 -17.05 -14.05
C ASP A 145 3.17 -16.06 -14.63
N HIS A 146 3.55 -15.40 -15.71
CA HIS A 146 2.67 -14.42 -16.35
C HIS A 146 1.43 -15.12 -16.91
N HIS A 147 0.28 -14.44 -16.81
CA HIS A 147 -0.96 -15.01 -17.31
C HIS A 147 -1.28 -16.32 -16.61
N HIS A 148 -2.31 -17.01 -17.09
CA HIS A 148 -2.71 -18.28 -16.50
C HIS A 148 -2.32 -19.44 -17.40
N GLY A 149 -2.66 -19.33 -18.68
CA GLY A 149 -2.35 -20.38 -19.65
C GLY A 149 -2.61 -19.92 -21.07
N ASP A 150 -1.58 -19.97 -21.90
CA ASP A 150 -1.71 -19.54 -23.29
C ASP A 150 -1.48 -20.72 -24.23
N HIS A 151 -2.55 -21.15 -24.90
CA HIS A 151 -2.46 -22.26 -25.83
C HIS A 151 -3.74 -22.38 -26.66
N HIS A 152 -4.32 -21.24 -26.98
CA HIS A 152 -5.55 -21.22 -27.78
C HIS A 152 -5.24 -20.89 -29.23
N HIS A 153 -5.18 -21.92 -30.07
CA HIS A 153 -4.89 -21.72 -31.48
C HIS A 153 -6.16 -21.33 -32.24
FE HEC B . 6.21 8.09 0.00
CHA HEC B . 6.23 5.89 2.58
CHB HEC B . 2.85 7.76 -0.24
CHC HEC B . 6.19 10.30 -2.55
CHD HEC B . 9.58 8.34 0.20
NA HEC B . 4.84 7.07 0.96
C1A HEC B . 5.02 6.21 2.01
C2A HEC B . 3.77 5.64 2.45
C3A HEC B . 2.81 6.17 1.65
C4A HEC B . 3.48 7.04 0.74
CMA HEC B . 1.35 5.89 1.71
CAA HEC B . 3.56 4.68 3.57
CBA HEC B . 3.46 3.24 3.08
CGA HEC B . 4.83 2.75 2.64
O1A HEC B . 5.41 1.95 3.35
O2A HEC B . 5.28 3.17 1.58
NB HEC B . 4.82 8.87 -1.14
C1B HEC B . 3.46 8.62 -1.12
C2B HEC B . 2.78 9.36 -2.15
C3B HEC B . 3.71 10.08 -2.80
C4B HEC B . 4.98 9.77 -2.16
CMB HEC B . 1.31 9.33 -2.43
CAB HEC B . 3.49 10.96 -3.97
CBB HEC B . 2.34 11.95 -3.76
NC HEC B . 7.58 9.11 -0.96
C1C HEC B . 7.41 10.01 -1.99
C2C HEC B . 8.68 10.58 -2.42
C3C HEC B . 9.65 9.97 -1.65
C4C HEC B . 8.95 9.09 -0.76
CMC HEC B . 8.85 11.66 -3.44
CAC HEC B . 11.15 10.06 -1.75
CBC HEC B . 11.72 11.31 -2.42
ND HEC B . 7.59 7.29 1.13
C1D HEC B . 8.95 7.50 1.08
C2D HEC B . 9.64 6.74 2.09
C3D HEC B . 8.69 6.05 2.76
C4D HEC B . 7.43 6.40 2.17
CMD HEC B . 11.11 6.71 2.35
CAD HEC B . 8.92 5.12 3.91
CBD HEC B . 8.89 5.85 5.26
CGD HEC B . 7.45 6.14 5.66
O1D HEC B . 6.75 5.21 6.01
O2D HEC B . 7.07 7.31 5.62
HHA HEC B . 6.23 5.20 3.41
HHB HEC B . 1.77 7.65 -0.32
HHC HEC B . 6.19 11.02 -3.36
HHD HEC B . 10.66 8.41 0.26
HMA1 HEC B . 1.09 5.49 2.68
HMA2 HEC B . 1.08 5.18 0.94
HMA3 HEC B . 0.80 6.81 1.55
HAA1 HEC B . 2.65 4.94 4.08
HAA2 HEC B . 4.39 4.76 4.26
HBA1 HEC B . 2.77 3.18 2.25
HBA2 HEC B . 3.10 2.61 3.89
HMB1 HEC B . 0.83 10.16 -1.94
HMB2 HEC B . 0.89 8.40 -2.07
HMB3 HEC B . 1.15 9.40 -3.50
HAB HEC B . 4.39 11.51 -4.19
HBB1 HEC B . 2.67 12.95 -3.99
HBB2 HEC B . 2.02 11.91 -2.72
HBB3 HEC B . 1.50 11.69 -4.40
HMC1 HEC B . 9.30 11.25 -4.32
HMC2 HEC B . 9.48 12.44 -3.04
HMC3 HEC B . 7.88 12.09 -3.69
HAC HEC B . 11.56 10.00 -0.76
HBC1 HEC B . 11.45 11.32 -3.46
HBC2 HEC B . 12.79 11.31 -2.33
HBC3 HEC B . 11.32 12.19 -1.93
HMD1 HEC B . 11.57 5.94 1.74
HMD2 HEC B . 11.29 6.51 3.39
HMD3 HEC B . 11.54 7.67 2.09
HAD1 HEC B . 9.87 4.64 3.79
HAD2 HEC B . 8.13 4.38 3.91
HBD1 HEC B . 9.44 6.77 5.18
HBD2 HEC B . 9.35 5.22 6.01
#